data_6WRF
#
_entry.id   6WRF
#
loop_
_entity.id
_entity.type
_entity.pdbx_description
1 polymer 'ATP-dependent Clp protease ATP-binding subunit ClpX'
2 polymer 'ATP-dependent Clp protease proteolytic subunit'
3 polymer 'Green fluorescent protein'
4 non-polymer 'PHOSPHOTHIOPHOSPHORIC ACID-ADENYLATE ESTER'
5 non-polymer 'MAGNESIUM ION'
6 non-polymer "ADENOSINE-5'-DIPHOSPHATE"
7 water water
#
loop_
_entity_poly.entity_id
_entity_poly.type
_entity_poly.pdbx_seq_one_letter_code
_entity_poly.pdbx_strand_id
1 'polypeptide(L)'
;MGSSHHHHHHDYDIPTTENLYFQGSSALPTPHEIRNHLDDYVIGQEQAKKVLAVAVYNHYKRLRNGDTSNGVELGKSNIL
LIGPTGSGKTLLAETLARLLDVPFTMADATTLTEAGYVGEDVENIIQKLLQKSDYDVQKAQRGIVYIDEIDKISRKSDNP
SITRDVSGEGVQQALLKLIEGTVAAVPPQGGRKHPQQEFLQVDTSKILFICGGAFAGLDKVISHRVETGSGIGFGATVKA
KSDKASEGELLAQVEPEDLIKFGLIPEFIGRLPVVATLNELSEEALIQILKEPKNALTKQYQALFNLEGVDLEFRDEALD
AIAKKAMARKTGARGLRSIVEAALLDTMYDLPSMEDVEKVVIDESVIDGQSEPLLIYGKPEAQQASGE
;
B,C,D,E,F,A
2 'polypeptide(L)'
;LVPMVIEQTSRGERSFDIYSRLLKERVIFLTGQVEDHMANLIVAQMLFLEAENPEKDIYLYINSPGGVITAGMSIYDTMQ
FIKPDVSTICMGQAASMGAFLLTAGAKGKRFCLPNSRVMIHQPLGGYQGQATDIEIHAREILKVKGRMNELMALHTGQSL
EQIERDTERDRFLSAPEAVEYGLVDSILTHRNENLYFQSLEHHHHHH
;
H,I,J,K,L,M,N
3 'polypeptide(L)'
;MGSSHHHHHHDYDIPTTENLYFQGSRKGEELFTGVVPILVELDGDVNGHKFSVSGEGEGDATYGKLTLKFICTTGKLPVP
WPTLVTTFGYGVQCFARYPDHMKQHDFFKSAMPEGYVQERTIFFKDDGNYKTRAEVKFEGDTLVNRIELKGIDFKEDGNI
LGHKLEYNYNSHNVYIMADKQKNGIKVNFKIRHNIEDGSVQLADHYQQNTPIGDGPVLLPDNHYLSTQSALSKDPNEKRD
HMVLLEFVTAAGIGGGYGGGGGGGGGSENYALAA
;
S
#
# COMPACT_ATOMS: atom_id res chain seq x y z
N ALA A 27 -19.87 -57.20 32.43
CA ALA A 27 -20.79 -56.15 32.07
C ALA A 27 -20.08 -55.04 31.28
N LEU A 28 -20.78 -53.94 31.04
CA LEU A 28 -20.27 -52.80 30.31
C LEU A 28 -20.31 -51.55 31.17
N PRO A 29 -19.23 -50.77 31.27
CA PRO A 29 -19.31 -49.53 32.05
C PRO A 29 -20.30 -48.57 31.44
N THR A 30 -21.18 -48.05 32.26
CA THR A 30 -22.17 -47.11 31.76
C THR A 30 -21.59 -45.71 31.78
N PRO A 31 -22.19 -44.78 31.02
CA PRO A 31 -21.67 -43.41 31.01
C PRO A 31 -21.61 -42.75 32.37
N HIS A 32 -22.55 -43.07 33.25
CA HIS A 32 -22.52 -42.49 34.59
C HIS A 32 -21.26 -42.91 35.32
N GLU A 33 -20.89 -44.18 35.20
CA GLU A 33 -19.68 -44.67 35.84
C GLU A 33 -18.45 -44.01 35.25
N ILE A 34 -18.42 -43.89 33.93
CA ILE A 34 -17.29 -43.24 33.26
C ILE A 34 -17.17 -41.79 33.70
N ARG A 35 -18.30 -41.08 33.79
CA ARG A 35 -18.24 -39.69 34.17
C ARG A 35 -17.78 -39.51 35.61
N ASN A 36 -18.14 -40.44 36.49
CA ASN A 36 -17.71 -40.34 37.87
C ASN A 36 -16.19 -40.42 37.96
N HIS A 37 -15.59 -41.35 37.22
CA HIS A 37 -14.14 -41.47 37.20
C HIS A 37 -13.50 -40.23 36.63
N LEU A 38 -14.15 -39.58 35.67
CA LEU A 38 -13.62 -38.35 35.12
C LEU A 38 -13.79 -37.20 36.11
N ASP A 39 -14.89 -37.22 36.86
CA ASP A 39 -15.16 -36.17 37.84
C ASP A 39 -14.09 -36.14 38.93
N ASP A 40 -13.52 -37.29 39.26
CA ASP A 40 -12.49 -37.35 40.29
C ASP A 40 -11.31 -36.44 39.98
N TYR A 41 -10.97 -36.30 38.70
CA TYR A 41 -9.85 -35.48 38.26
C TYR A 41 -10.25 -34.19 37.57
N VAL A 42 -11.43 -34.14 36.96
CA VAL A 42 -11.89 -32.98 36.20
C VAL A 42 -13.04 -32.34 36.96
N ILE A 43 -13.18 -31.03 36.78
CA ILE A 43 -14.18 -30.24 37.49
C ILE A 43 -14.86 -29.27 36.53
N GLY A 44 -16.20 -29.34 36.47
CA GLY A 44 -17.01 -28.38 35.75
C GLY A 44 -17.35 -28.63 34.29
N GLN A 45 -16.68 -29.56 33.62
CA GLN A 45 -16.97 -29.82 32.20
C GLN A 45 -17.98 -30.94 32.08
N GLU A 46 -19.25 -30.57 32.26
CA GLU A 46 -20.32 -31.56 32.22
C GLU A 46 -20.63 -32.01 30.80
N GLN A 47 -20.79 -31.08 29.87
CA GLN A 47 -21.13 -31.45 28.50
C GLN A 47 -20.03 -32.29 27.87
N ALA A 48 -18.78 -31.85 27.98
CA ALA A 48 -17.68 -32.60 27.41
C ALA A 48 -17.56 -33.98 28.03
N LYS A 49 -17.77 -34.08 29.34
CA LYS A 49 -17.71 -35.37 30.00
C LYS A 49 -18.78 -36.31 29.47
N LYS A 50 -19.98 -35.78 29.23
CA LYS A 50 -21.06 -36.58 28.69
C LYS A 50 -20.71 -37.13 27.32
N VAL A 51 -20.18 -36.27 26.46
CA VAL A 51 -19.84 -36.66 25.09
C VAL A 51 -18.81 -37.78 25.10
N LEU A 52 -17.76 -37.63 25.88
CA LEU A 52 -16.72 -38.65 25.94
C LEU A 52 -17.26 -39.94 26.52
N ALA A 53 -18.09 -39.84 27.55
CA ALA A 53 -18.66 -41.03 28.16
C ALA A 53 -19.54 -41.79 27.17
N VAL A 54 -20.37 -41.07 26.42
CA VAL A 54 -21.25 -41.69 25.45
C VAL A 54 -20.46 -42.35 24.33
N ALA A 55 -19.41 -41.68 23.87
CA ALA A 55 -18.60 -42.21 22.78
C ALA A 55 -17.90 -43.48 23.20
N VAL A 56 -17.33 -43.47 24.40
CA VAL A 56 -16.61 -44.63 24.91
C VAL A 56 -17.58 -45.79 25.10
N TYR A 57 -18.80 -45.50 25.54
CA TYR A 57 -19.78 -46.56 25.71
C TYR A 57 -20.18 -47.13 24.37
N ASN A 58 -20.42 -46.26 23.39
CA ASN A 58 -20.77 -46.73 22.06
C ASN A 58 -19.61 -47.48 21.44
N HIS A 59 -18.39 -47.02 21.68
CA HIS A 59 -17.21 -47.69 21.15
C HIS A 59 -17.11 -49.10 21.71
N TYR A 60 -17.36 -49.26 23.00
CA TYR A 60 -17.32 -50.58 23.60
C TYR A 60 -18.44 -51.45 23.04
N LYS A 61 -19.62 -50.85 22.84
CA LYS A 61 -20.75 -51.60 22.30
C LYS A 61 -20.41 -52.15 20.92
N ARG A 62 -19.77 -51.34 20.09
CA ARG A 62 -19.36 -51.79 18.76
C ARG A 62 -18.30 -52.88 18.88
N LEU A 63 -17.36 -52.71 19.82
CA LEU A 63 -16.29 -53.68 20.00
C LEU A 63 -16.85 -55.03 20.39
N ARG A 64 -17.87 -55.04 21.24
CA ARG A 64 -18.47 -56.31 21.64
C ARG A 64 -19.20 -56.93 20.45
N ASN A 65 -20.11 -56.16 19.84
CA ASN A 65 -20.85 -56.62 18.67
C ASN A 65 -20.03 -56.47 17.40
N GLY A 66 -18.85 -57.08 17.41
CA GLY A 66 -18.00 -57.05 16.22
C GLY A 66 -18.61 -57.83 15.07
N ASP A 67 -19.24 -58.96 15.39
CA ASP A 67 -19.87 -59.77 14.36
C ASP A 67 -20.98 -59.00 13.68
N THR A 68 -21.80 -58.28 14.46
CA THR A 68 -22.88 -57.45 13.92
C THR A 68 -23.82 -58.26 13.04
N SER A 69 -24.46 -59.26 13.66
CA SER A 69 -25.36 -60.14 12.92
C SER A 69 -26.65 -59.36 12.63
N ASN A 70 -26.52 -58.51 11.61
CA ASN A 70 -27.56 -57.63 11.08
C ASN A 70 -26.93 -56.97 9.87
N GLY A 71 -27.78 -56.45 8.99
CA GLY A 71 -27.29 -55.79 7.80
C GLY A 71 -27.06 -54.31 8.03
N VAL A 72 -26.31 -53.97 9.07
CA VAL A 72 -26.03 -52.57 9.40
C VAL A 72 -24.60 -52.45 9.91
N GLU A 73 -23.86 -51.49 9.35
CA GLU A 73 -22.50 -51.19 9.76
C GLU A 73 -22.55 -49.98 10.68
N LEU A 74 -22.23 -50.17 11.95
CA LEU A 74 -22.27 -49.10 12.93
C LEU A 74 -21.10 -48.16 12.73
N GLY A 75 -21.38 -47.01 12.11
CA GLY A 75 -20.33 -46.04 11.86
C GLY A 75 -20.01 -45.22 13.09
N LYS A 76 -18.74 -44.84 13.19
CA LYS A 76 -18.26 -44.04 14.29
C LYS A 76 -18.55 -42.56 14.09
N SER A 77 -18.45 -41.82 15.19
CA SER A 77 -18.62 -40.37 15.19
C SER A 77 -17.42 -39.80 15.92
N ASN A 78 -16.57 -39.08 15.20
CA ASN A 78 -15.39 -38.50 15.82
C ASN A 78 -15.78 -37.25 16.59
N ILE A 79 -14.99 -36.94 17.59
CA ILE A 79 -15.22 -35.83 18.50
C ILE A 79 -14.20 -34.74 18.25
N LEU A 80 -14.61 -33.51 18.56
CA LEU A 80 -13.77 -32.32 18.45
C LEU A 80 -13.95 -31.51 19.71
N LEU A 81 -12.92 -31.47 20.55
CA LEU A 81 -12.96 -30.73 21.79
C LEU A 81 -12.43 -29.33 21.57
N ILE A 82 -13.22 -28.35 21.99
CA ILE A 82 -12.86 -26.95 21.86
C ILE A 82 -13.01 -26.32 23.23
N GLY A 83 -12.01 -25.56 23.64
CA GLY A 83 -12.08 -24.90 24.90
C GLY A 83 -10.90 -23.99 25.16
N PRO A 84 -11.02 -23.08 26.11
CA PRO A 84 -9.88 -22.22 26.41
C PRO A 84 -8.75 -22.95 27.09
N THR A 85 -7.70 -22.22 27.42
CA THR A 85 -6.55 -22.81 28.09
C THR A 85 -6.90 -23.13 29.53
N GLY A 86 -6.36 -24.25 30.01
CA GLY A 86 -6.61 -24.67 31.37
C GLY A 86 -8.04 -25.06 31.63
N SER A 87 -8.72 -25.58 30.62
CA SER A 87 -10.11 -25.99 30.76
C SER A 87 -10.27 -27.45 31.15
N GLY A 88 -9.37 -28.32 30.70
CA GLY A 88 -9.43 -29.73 31.02
C GLY A 88 -9.50 -30.67 29.83
N LYS A 89 -9.05 -30.22 28.66
CA LYS A 89 -9.11 -31.09 27.48
C LYS A 89 -8.08 -32.19 27.58
N THR A 90 -6.80 -31.83 27.66
CA THR A 90 -5.74 -32.80 27.78
C THR A 90 -5.92 -33.65 29.03
N LEU A 91 -6.40 -33.04 30.11
CA LEU A 91 -6.64 -33.76 31.34
C LEU A 91 -7.73 -34.80 31.17
N LEU A 92 -8.77 -34.46 30.41
CA LEU A 92 -9.83 -35.43 30.17
C LEU A 92 -9.28 -36.65 29.44
N ALA A 93 -8.44 -36.41 28.44
CA ALA A 93 -7.84 -37.50 27.69
C ALA A 93 -6.96 -38.36 28.57
N GLU A 94 -6.19 -37.75 29.47
CA GLU A 94 -5.31 -38.49 30.35
C GLU A 94 -6.12 -39.37 31.30
N THR A 95 -7.17 -38.81 31.90
CA THR A 95 -8.02 -39.56 32.79
C THR A 95 -8.67 -40.72 32.05
N LEU A 96 -9.06 -40.48 30.82
CA LEU A 96 -9.69 -41.49 30.00
C LEU A 96 -8.75 -42.66 29.77
N ALA A 97 -7.48 -42.37 29.49
CA ALA A 97 -6.49 -43.42 29.26
C ALA A 97 -6.38 -44.35 30.45
N ARG A 98 -6.47 -43.81 31.66
CA ARG A 98 -6.39 -44.64 32.87
C ARG A 98 -7.53 -45.64 32.93
N LEU A 99 -8.70 -45.25 32.45
CA LEU A 99 -9.91 -46.05 32.50
C LEU A 99 -10.23 -46.80 31.22
N LEU A 100 -9.39 -46.71 30.20
CA LEU A 100 -9.64 -47.34 28.92
C LEU A 100 -8.92 -48.68 28.83
N ASP A 101 -9.68 -49.74 28.59
CA ASP A 101 -9.09 -51.06 28.40
C ASP A 101 -8.47 -51.16 27.01
N VAL A 102 -9.14 -50.59 26.02
CA VAL A 102 -8.68 -50.61 24.64
C VAL A 102 -7.48 -49.68 24.48
N PRO A 103 -6.67 -49.85 23.43
CA PRO A 103 -5.52 -48.96 23.24
C PRO A 103 -5.90 -47.50 23.07
N PHE A 104 -5.13 -46.65 23.74
CA PHE A 104 -5.30 -45.21 23.68
C PHE A 104 -3.93 -44.58 23.52
N THR A 105 -3.83 -43.62 22.62
CA THR A 105 -2.60 -42.89 22.39
C THR A 105 -2.91 -41.42 22.24
N MET A 106 -1.94 -40.59 22.62
CA MET A 106 -2.05 -39.14 22.54
C MET A 106 -1.02 -38.66 21.53
N ALA A 107 -1.47 -37.92 20.55
CA ALA A 107 -0.62 -37.39 19.50
C ALA A 107 -0.69 -35.88 19.48
N ASP A 108 0.37 -35.29 18.94
CA ASP A 108 0.52 -33.85 18.80
C ASP A 108 0.51 -33.51 17.32
N ALA A 109 -0.38 -32.62 16.93
CA ALA A 109 -0.48 -32.24 15.52
C ALA A 109 0.67 -31.38 15.06
N THR A 110 1.36 -30.71 15.98
CA THR A 110 2.47 -29.85 15.63
C THR A 110 3.57 -30.63 14.91
N THR A 111 3.88 -31.83 15.41
CA THR A 111 4.96 -32.62 14.84
C THR A 111 4.62 -33.19 13.47
N LEU A 112 3.34 -33.36 13.18
CA LEU A 112 2.93 -33.96 11.92
C LEU A 112 3.15 -33.03 10.74
N THR A 113 3.46 -33.64 9.60
CA THR A 113 3.65 -32.93 8.34
C THR A 113 3.08 -33.75 7.19
N GLU A 114 2.79 -33.07 6.09
CA GLU A 114 2.29 -33.74 4.91
C GLU A 114 3.38 -34.62 4.33
N ALA A 115 2.95 -35.73 3.72
CA ALA A 115 3.86 -36.70 3.13
C ALA A 115 4.88 -36.07 2.21
N GLY A 116 6.12 -36.54 2.33
CA GLY A 116 7.24 -36.08 1.55
C GLY A 116 8.06 -35.00 2.19
N TYR A 117 7.78 -34.65 3.44
CA TYR A 117 8.49 -33.60 4.13
C TYR A 117 9.24 -34.11 5.35
N VAL A 118 10.18 -33.27 5.76
CA VAL A 118 11.13 -33.56 6.83
C VAL A 118 10.46 -33.84 8.17
N GLY A 119 9.38 -33.14 8.48
CA GLY A 119 8.84 -33.28 9.81
C GLY A 119 8.40 -34.62 10.34
N GLU A 120 7.40 -35.24 9.72
CA GLU A 120 6.90 -36.51 10.21
C GLU A 120 5.84 -36.99 9.23
N ASP A 121 5.37 -38.21 9.47
CA ASP A 121 4.31 -38.83 8.70
C ASP A 121 3.13 -39.03 9.63
N VAL A 122 1.94 -38.76 9.11
CA VAL A 122 0.72 -38.87 9.89
C VAL A 122 0.51 -40.31 10.38
N GLU A 123 0.88 -41.28 9.56
CA GLU A 123 0.72 -42.70 9.91
C GLU A 123 1.42 -43.08 11.21
N ASN A 124 2.40 -42.30 11.65
CA ASN A 124 3.13 -42.60 12.88
C ASN A 124 2.21 -42.78 14.07
N ILE A 125 1.08 -42.06 14.10
CA ILE A 125 0.13 -42.19 15.19
C ILE A 125 -0.29 -43.64 15.36
N ILE A 126 -0.67 -44.28 14.25
CA ILE A 126 -1.10 -45.66 14.31
C ILE A 126 0.02 -46.55 14.84
N GLN A 127 1.26 -46.29 14.41
CA GLN A 127 2.38 -47.05 14.93
C GLN A 127 2.46 -46.91 16.43
N LYS A 128 2.33 -45.68 16.92
CA LYS A 128 2.32 -45.40 18.35
C LYS A 128 1.18 -46.15 19.02
N LEU A 129 0.08 -46.34 18.31
CA LEU A 129 -1.07 -47.06 18.86
C LEU A 129 -0.81 -48.56 18.93
N LEU A 130 -0.18 -49.12 17.90
CA LEU A 130 0.12 -50.55 17.91
C LEU A 130 1.00 -50.92 19.08
N GLN A 131 1.96 -50.06 19.42
CA GLN A 131 2.84 -50.32 20.55
C GLN A 131 2.04 -50.50 21.82
N LYS A 132 0.97 -49.72 21.99
CA LYS A 132 0.12 -49.84 23.16
C LYS A 132 -0.62 -51.16 23.17
N SER A 133 -0.91 -51.72 21.99
CA SER A 133 -1.63 -52.98 21.85
C SER A 133 -0.71 -54.16 21.63
N ASP A 134 0.61 -54.00 21.79
CA ASP A 134 1.58 -55.08 21.60
C ASP A 134 1.46 -55.66 20.19
N TYR A 135 1.30 -54.78 19.22
CA TYR A 135 1.19 -55.12 17.80
C TYR A 135 0.12 -56.18 17.55
N ASP A 136 -1.11 -55.83 17.90
CA ASP A 136 -2.29 -56.65 17.72
C ASP A 136 -3.22 -55.77 16.88
N VAL A 137 -3.07 -55.89 15.56
CA VAL A 137 -3.84 -55.08 14.61
C VAL A 137 -5.33 -55.10 14.93
N GLN A 138 -5.88 -56.30 15.10
CA GLN A 138 -7.31 -56.42 15.42
C GLN A 138 -7.67 -55.62 16.66
N LYS A 139 -6.78 -55.57 17.64
CA LYS A 139 -7.00 -54.81 18.85
C LYS A 139 -6.78 -53.32 18.62
N ALA A 140 -5.83 -52.95 17.77
CA ALA A 140 -5.55 -51.55 17.51
C ALA A 140 -6.66 -50.89 16.72
N GLN A 141 -7.20 -51.59 15.71
CA GLN A 141 -8.30 -51.06 14.91
C GLN A 141 -9.43 -50.56 15.78
N ARG A 142 -9.70 -51.27 16.87
CA ARG A 142 -10.72 -50.87 17.83
C ARG A 142 -10.06 -50.10 18.97
N GLY A 143 -9.51 -48.94 18.59
CA GLY A 143 -8.79 -48.10 19.52
C GLY A 143 -9.25 -46.65 19.44
N ILE A 144 -8.79 -45.88 20.41
CA ILE A 144 -9.09 -44.46 20.53
C ILE A 144 -7.80 -43.69 20.35
N VAL A 145 -7.90 -42.52 19.72
CA VAL A 145 -6.77 -41.64 19.48
C VAL A 145 -7.19 -40.23 19.86
N TYR A 146 -6.29 -39.51 20.52
CA TYR A 146 -6.52 -38.13 20.92
C TYR A 146 -5.44 -37.28 20.29
N ILE A 147 -5.84 -36.47 19.32
CA ILE A 147 -4.92 -35.57 18.60
C ILE A 147 -5.03 -34.22 19.25
N ASP A 148 -4.01 -33.83 20.01
CA ASP A 148 -3.98 -32.56 20.69
C ASP A 148 -3.42 -31.49 19.78
N GLU A 149 -3.73 -30.25 20.13
CA GLU A 149 -3.28 -29.08 19.39
C GLU A 149 -3.71 -29.14 17.93
N ILE A 150 -4.96 -29.54 17.70
CA ILE A 150 -5.49 -29.62 16.35
C ILE A 150 -5.73 -28.25 15.75
N ASP A 151 -5.78 -27.20 16.56
CA ASP A 151 -6.01 -25.87 16.03
C ASP A 151 -4.75 -25.24 15.47
N LYS A 152 -3.61 -25.89 15.65
CA LYS A 152 -2.33 -25.37 15.22
C LYS A 152 -1.91 -25.91 13.86
N ILE A 153 -2.79 -26.65 13.19
CA ILE A 153 -2.56 -27.13 11.84
C ILE A 153 -3.60 -26.49 10.95
N SER A 154 -4.05 -25.31 11.32
CA SER A 154 -5.10 -24.61 10.60
C SER A 154 -4.53 -23.46 9.77
N ARG A 155 -5.28 -23.12 8.74
CA ARG A 155 -4.93 -22.03 7.87
C ARG A 155 -5.25 -20.71 8.57
N LYS A 156 -4.71 -19.63 8.04
CA LYS A 156 -4.97 -18.33 8.62
C LYS A 156 -6.31 -17.74 8.20
N SER A 157 -6.79 -18.09 7.00
CA SER A 157 -8.02 -17.55 6.48
C SER A 157 -8.81 -18.61 5.73
N ASP A 158 -10.03 -18.23 5.34
CA ASP A 158 -10.90 -19.11 4.57
C ASP A 158 -10.32 -19.42 3.20
N ASN A 159 -9.49 -18.51 2.67
CA ASN A 159 -8.88 -18.70 1.36
C ASN A 159 -8.12 -20.04 1.35
N PRO A 160 -8.03 -20.72 0.19
CA PRO A 160 -7.40 -22.04 0.19
C PRO A 160 -5.96 -22.02 0.69
N SER A 161 -5.09 -21.26 0.04
CA SER A 161 -3.71 -21.09 0.48
C SER A 161 -3.02 -20.14 -0.48
N ILE A 162 -1.80 -19.79 -0.12
CA ILE A 162 -0.91 -19.01 -0.98
C ILE A 162 0.43 -19.71 -1.17
N THR A 163 0.81 -20.60 -0.27
CA THR A 163 2.04 -21.37 -0.33
C THR A 163 1.73 -22.74 0.26
N ARG A 164 2.67 -23.66 0.05
CA ARG A 164 2.50 -25.02 0.56
C ARG A 164 2.54 -24.98 2.09
N ASP A 165 1.40 -25.22 2.72
CA ASP A 165 1.27 -25.18 4.19
C ASP A 165 1.49 -26.60 4.71
N VAL A 166 2.77 -26.96 4.79
CA VAL A 166 3.16 -28.28 5.28
C VAL A 166 2.63 -28.50 6.69
N SER A 167 3.02 -27.65 7.63
CA SER A 167 2.56 -27.71 9.01
C SER A 167 1.28 -26.87 9.09
N GLY A 168 0.23 -27.43 8.50
CA GLY A 168 -1.04 -26.76 8.38
C GLY A 168 -1.99 -27.59 7.57
N GLU A 169 -2.67 -26.96 6.62
CA GLU A 169 -3.63 -27.65 5.76
C GLU A 169 -3.09 -28.97 5.21
N GLY A 170 -1.79 -29.05 4.96
CA GLY A 170 -1.21 -30.29 4.48
C GLY A 170 -1.45 -31.43 5.44
N VAL A 171 -1.41 -31.16 6.73
CA VAL A 171 -1.69 -32.19 7.73
C VAL A 171 -3.16 -32.53 7.73
N GLN A 172 -4.02 -31.52 7.54
CA GLN A 172 -5.45 -31.78 7.50
C GLN A 172 -5.81 -32.64 6.31
N GLN A 173 -5.23 -32.33 5.16
CA GLN A 173 -5.49 -33.10 3.95
C GLN A 173 -5.07 -34.55 4.14
N ALA A 174 -3.98 -34.76 4.85
CA ALA A 174 -3.47 -36.11 5.10
C ALA A 174 -4.33 -36.84 6.11
N LEU A 175 -4.86 -36.14 7.10
CA LEU A 175 -5.67 -36.78 8.13
C LEU A 175 -7.03 -37.23 7.63
N LEU A 176 -7.54 -36.66 6.54
CA LEU A 176 -8.87 -36.99 6.05
C LEU A 176 -9.05 -38.49 5.87
N LYS A 177 -8.15 -39.12 5.14
CA LYS A 177 -8.24 -40.56 4.93
C LYS A 177 -8.07 -41.32 6.22
N LEU A 178 -7.23 -40.81 7.12
CA LEU A 178 -7.00 -41.49 8.39
C LEU A 178 -8.25 -41.51 9.26
N ILE A 179 -9.05 -40.44 9.21
CA ILE A 179 -10.24 -40.34 10.03
C ILE A 179 -11.39 -41.12 9.41
N GLU A 180 -11.70 -40.83 8.15
CA GLU A 180 -12.78 -41.48 7.44
C GLU A 180 -12.65 -42.99 7.47
N GLY A 181 -11.43 -43.50 7.31
CA GLY A 181 -11.17 -44.92 7.29
C GLY A 181 -10.39 -45.34 6.07
N THR A 182 -9.28 -46.02 6.31
CA THR A 182 -8.41 -46.52 5.25
C THR A 182 -7.41 -47.48 5.87
N VAL A 183 -6.56 -48.05 5.04
CA VAL A 183 -5.52 -48.99 5.46
C VAL A 183 -4.20 -48.25 5.40
N ALA A 184 -3.51 -48.22 6.53
CA ALA A 184 -2.23 -47.55 6.67
C ALA A 184 -1.11 -48.57 6.84
N ALA A 185 0.03 -48.30 6.21
CA ALA A 185 1.17 -49.18 6.34
C ALA A 185 1.91 -48.85 7.61
N VAL A 186 2.56 -49.86 8.18
CA VAL A 186 3.26 -49.68 9.45
C VAL A 186 4.42 -50.68 9.56
N PRO A 187 5.63 -50.26 9.94
CA PRO A 187 6.70 -51.23 10.12
C PRO A 187 6.56 -51.93 11.46
N PRO A 188 6.54 -53.26 11.51
CA PRO A 188 6.35 -53.92 12.82
C PRO A 188 7.45 -53.64 13.84
N GLN A 189 8.71 -53.93 13.52
CA GLN A 189 9.82 -53.70 14.44
C GLN A 189 10.83 -52.69 13.93
N GLY A 190 11.34 -52.89 12.72
CA GLY A 190 12.33 -51.99 12.15
C GLY A 190 12.29 -51.92 10.64
N GLY A 191 12.34 -50.71 10.10
CA GLY A 191 12.35 -50.54 8.67
C GLY A 191 13.61 -51.07 8.01
N ARG A 192 14.74 -51.02 8.73
CA ARG A 192 16.03 -51.45 8.17
C ARG A 192 16.30 -52.94 8.29
N LYS A 193 15.48 -53.69 9.05
CA LYS A 193 15.74 -55.12 9.18
C LYS A 193 15.62 -55.83 7.84
N HIS A 194 14.66 -55.41 7.02
CA HIS A 194 14.39 -55.98 5.72
C HIS A 194 14.07 -54.84 4.75
N PRO A 195 14.23 -55.06 3.44
CA PRO A 195 13.91 -53.97 2.50
C PRO A 195 12.45 -53.57 2.57
N GLN A 196 11.53 -54.54 2.49
CA GLN A 196 10.10 -54.27 2.61
C GLN A 196 9.58 -54.55 4.01
N GLN A 197 10.12 -55.58 4.67
CA GLN A 197 9.76 -55.98 6.03
C GLN A 197 8.30 -56.39 6.17
N GLU A 198 7.57 -56.58 5.07
CA GLU A 198 6.16 -56.97 5.08
C GLU A 198 5.34 -56.07 6.00
N PHE A 199 5.36 -54.76 5.66
CA PHE A 199 4.62 -53.75 6.39
C PHE A 199 3.20 -54.19 6.68
N LEU A 200 2.76 -53.91 7.90
CA LEU A 200 1.43 -54.29 8.34
C LEU A 200 0.38 -53.33 7.80
N GLN A 201 -0.78 -53.87 7.47
CA GLN A 201 -1.90 -53.10 6.99
C GLN A 201 -2.94 -53.08 8.10
N VAL A 202 -3.22 -51.89 8.61
CA VAL A 202 -4.15 -51.69 9.71
C VAL A 202 -5.22 -50.71 9.28
N ASP A 203 -6.47 -51.08 9.50
CA ASP A 203 -7.59 -50.24 9.15
C ASP A 203 -7.84 -49.21 10.25
N THR A 204 -8.53 -48.14 9.88
CA THR A 204 -8.87 -47.06 10.81
C THR A 204 -10.33 -46.69 10.74
N SER A 205 -11.14 -47.40 9.94
CA SER A 205 -12.56 -47.11 9.84
C SER A 205 -13.28 -47.22 11.18
N LYS A 206 -12.72 -47.97 12.12
CA LYS A 206 -13.30 -48.15 13.45
C LYS A 206 -12.58 -47.37 14.53
N ILE A 207 -11.37 -46.88 14.27
CA ILE A 207 -10.63 -46.14 15.27
C ILE A 207 -11.34 -44.82 15.55
N LEU A 208 -11.48 -44.49 16.82
CA LEU A 208 -12.11 -43.26 17.25
C LEU A 208 -11.06 -42.19 17.43
N PHE A 209 -11.39 -40.98 17.00
CA PHE A 209 -10.49 -39.85 17.07
C PHE A 209 -11.14 -38.73 17.86
N ILE A 210 -10.35 -38.14 18.76
CA ILE A 210 -10.79 -37.04 19.61
C ILE A 210 -9.78 -35.93 19.38
N CYS A 211 -10.12 -35.00 18.50
CA CYS A 211 -9.24 -33.90 18.17
C CYS A 211 -9.53 -32.73 19.10
N GLY A 212 -8.56 -32.38 19.92
CA GLY A 212 -8.72 -31.32 20.89
C GLY A 212 -7.76 -30.17 20.71
N GLY A 213 -8.32 -28.97 20.60
CA GLY A 213 -7.50 -27.78 20.44
C GLY A 213 -8.16 -26.57 21.06
N ALA A 214 -7.32 -25.65 21.53
CA ALA A 214 -7.76 -24.41 22.15
C ALA A 214 -7.75 -23.36 21.05
N PHE A 215 -8.86 -23.29 20.33
CA PHE A 215 -8.97 -22.36 19.23
C PHE A 215 -8.93 -20.93 19.76
N ALA A 216 -7.92 -20.19 19.33
CA ALA A 216 -7.72 -18.81 19.73
C ALA A 216 -8.13 -17.90 18.60
N GLY A 217 -9.03 -16.98 18.89
CA GLY A 217 -9.58 -16.08 17.90
C GLY A 217 -10.88 -16.55 17.33
N LEU A 218 -11.35 -17.74 17.72
CA LEU A 218 -12.62 -18.24 17.23
C LEU A 218 -13.77 -17.42 17.82
N ASP A 219 -13.62 -16.98 19.06
CA ASP A 219 -14.65 -16.15 19.68
C ASP A 219 -14.86 -14.87 18.87
N LYS A 220 -13.78 -14.29 18.36
CA LYS A 220 -13.89 -13.10 17.54
C LYS A 220 -14.66 -13.38 16.27
N VAL A 221 -14.45 -14.55 15.68
CA VAL A 221 -15.14 -14.92 14.45
C VAL A 221 -16.64 -15.05 14.71
N ILE A 222 -17.00 -15.70 15.81
CA ILE A 222 -18.40 -15.89 16.15
C ILE A 222 -19.06 -14.55 16.45
N SER A 223 -18.34 -13.64 17.10
CA SER A 223 -18.90 -12.33 17.42
C SER A 223 -19.30 -11.60 16.15
N HIS A 224 -18.44 -11.65 15.13
CA HIS A 224 -18.74 -11.00 13.86
C HIS A 224 -20.01 -11.55 13.24
N ARG A 225 -20.25 -12.85 13.42
CA ARG A 225 -21.42 -13.50 12.85
C ARG A 225 -22.66 -13.37 13.73
N VAL A 226 -22.49 -13.23 15.04
CA VAL A 226 -23.61 -13.15 15.99
C VAL A 226 -23.87 -11.73 16.45
N GLU A 227 -22.83 -11.04 16.93
CA GLU A 227 -22.98 -9.69 17.46
C GLU A 227 -23.01 -8.68 16.32
N THR A 228 -24.16 -8.64 15.65
CA THR A 228 -24.38 -7.69 14.57
C THR A 228 -24.86 -6.37 15.15
N GLY A 229 -24.98 -5.36 14.29
CA GLY A 229 -25.40 -4.05 14.75
C GLY A 229 -24.41 -3.46 15.72
N SER A 230 -23.16 -3.41 15.30
CA SER A 230 -22.03 -2.91 16.09
C SER A 230 -21.46 -1.66 15.45
N GLY A 231 -22.34 -0.80 14.96
CA GLY A 231 -21.93 0.42 14.31
C GLY A 231 -21.55 1.56 15.23
N ILE A 232 -21.94 2.77 14.85
CA ILE A 232 -21.58 3.98 15.57
C ILE A 232 -22.77 4.79 16.04
N GLY A 233 -23.93 4.67 15.41
CA GLY A 233 -25.05 5.49 15.79
C GLY A 233 -25.71 5.10 17.10
N PHE A 234 -26.91 5.66 17.28
CA PHE A 234 -27.70 5.35 18.45
C PHE A 234 -28.16 3.90 18.43
N GLY A 235 -28.68 3.45 17.29
CA GLY A 235 -29.15 2.07 17.18
C GLY A 235 -28.07 1.05 17.42
N ALA A 236 -26.81 1.39 17.16
CA ALA A 236 -25.73 0.46 17.39
C ALA A 236 -25.58 0.15 18.86
N THR A 237 -25.20 -1.09 19.15
CA THR A 237 -25.01 -1.56 20.51
C THR A 237 -23.53 -1.59 20.86
N VAL A 238 -23.18 -1.02 22.01
CA VAL A 238 -21.81 -1.00 22.52
C VAL A 238 -21.87 -1.56 23.93
N LYS A 239 -21.12 -2.64 24.18
CA LYS A 239 -21.16 -3.35 25.45
C LYS A 239 -20.06 -2.98 26.43
N ALA A 240 -18.98 -2.35 25.98
CA ALA A 240 -17.89 -1.92 26.87
C ALA A 240 -17.23 -3.08 27.63
N LYS A 241 -17.06 -4.21 26.96
CA LYS A 241 -16.39 -5.41 27.50
C LYS A 241 -16.90 -5.82 28.89
N SER A 242 -18.16 -5.53 29.19
CA SER A 242 -18.80 -5.94 30.44
C SER A 242 -19.95 -6.89 30.18
N ASP A 243 -20.86 -6.50 29.29
CA ASP A 243 -21.98 -7.34 28.92
C ASP A 243 -21.55 -8.40 27.91
N LYS A 244 -20.51 -8.10 27.11
CA LYS A 244 -19.96 -8.99 26.10
C LYS A 244 -19.84 -10.42 26.60
N ALA A 245 -20.37 -11.35 25.80
CA ALA A 245 -20.33 -12.75 26.18
C ALA A 245 -18.91 -13.27 26.10
N SER A 246 -18.53 -14.06 27.11
CA SER A 246 -17.21 -14.61 27.18
C SER A 246 -17.04 -15.76 26.18
N GLU A 247 -15.79 -16.20 26.04
CA GLU A 247 -15.46 -17.28 25.11
C GLU A 247 -16.26 -18.53 25.41
N GLY A 248 -16.44 -18.86 26.68
CA GLY A 248 -17.19 -20.04 27.05
C GLY A 248 -18.62 -20.01 26.55
N GLU A 249 -19.28 -18.87 26.69
CA GLU A 249 -20.66 -18.73 26.26
C GLU A 249 -20.74 -18.59 24.74
N LEU A 250 -19.77 -17.89 24.16
CA LEU A 250 -19.76 -17.68 22.72
C LEU A 250 -19.44 -18.97 21.96
N LEU A 251 -18.47 -19.74 22.44
CA LEU A 251 -18.10 -20.97 21.77
C LEU A 251 -19.26 -21.95 21.70
N ALA A 252 -20.17 -21.90 22.67
CA ALA A 252 -21.34 -22.76 22.66
C ALA A 252 -22.13 -22.61 21.38
N GLN A 253 -22.11 -21.42 20.77
CA GLN A 253 -22.82 -21.14 19.53
C GLN A 253 -21.94 -21.38 18.31
N VAL A 254 -20.91 -22.21 18.44
CA VAL A 254 -20.03 -22.48 17.32
C VAL A 254 -20.73 -23.36 16.30
N GLU A 255 -20.45 -23.09 15.03
CA GLU A 255 -20.98 -23.84 13.91
C GLU A 255 -19.81 -24.08 12.97
N PRO A 256 -19.95 -25.03 12.03
CA PRO A 256 -18.83 -25.30 11.12
C PRO A 256 -18.37 -24.10 10.31
N GLU A 257 -19.28 -23.23 9.90
CA GLU A 257 -18.89 -22.07 9.10
C GLU A 257 -17.92 -21.18 9.84
N ASP A 258 -18.03 -21.10 11.16
CA ASP A 258 -17.09 -20.32 11.95
C ASP A 258 -15.71 -20.95 11.89
N LEU A 259 -15.66 -22.28 11.93
CA LEU A 259 -14.39 -22.98 11.86
C LEU A 259 -13.72 -22.81 10.50
N ILE A 260 -14.52 -22.77 9.43
CA ILE A 260 -13.94 -22.58 8.10
C ILE A 260 -13.17 -21.28 8.04
N LYS A 261 -13.75 -20.21 8.59
CA LYS A 261 -13.07 -18.92 8.61
C LYS A 261 -11.83 -18.97 9.47
N PHE A 262 -11.85 -19.77 10.53
CA PHE A 262 -10.68 -19.87 11.40
C PHE A 262 -9.51 -20.51 10.69
N GLY A 263 -9.78 -21.38 9.71
CA GLY A 263 -8.73 -22.04 8.97
C GLY A 263 -8.94 -23.50 8.68
N LEU A 264 -9.94 -24.12 9.29
CA LEU A 264 -10.17 -25.53 9.02
C LEU A 264 -10.82 -25.73 7.66
N ILE A 265 -10.62 -26.92 7.13
CA ILE A 265 -11.09 -27.33 5.82
C ILE A 265 -12.49 -27.90 5.98
N PRO A 266 -13.45 -27.61 5.09
CA PRO A 266 -14.78 -28.22 5.25
C PRO A 266 -14.72 -29.72 5.28
N GLU A 267 -13.83 -30.28 4.48
CA GLU A 267 -13.65 -31.72 4.40
C GLU A 267 -13.20 -32.30 5.73
N PHE A 268 -12.47 -31.51 6.53
CA PHE A 268 -11.96 -31.98 7.81
C PHE A 268 -12.99 -31.93 8.92
N ILE A 269 -13.94 -31.00 8.86
CA ILE A 269 -14.94 -30.89 9.91
C ILE A 269 -15.98 -31.99 9.77
N GLY A 270 -16.41 -32.26 8.54
CA GLY A 270 -17.37 -33.33 8.30
C GLY A 270 -16.94 -34.64 8.91
N ARG A 271 -15.64 -34.88 8.99
CA ARG A 271 -15.14 -36.09 9.62
C ARG A 271 -15.24 -36.02 11.14
N LEU A 272 -15.45 -34.83 11.69
CA LEU A 272 -15.58 -34.58 13.13
C LEU A 272 -16.97 -34.00 13.38
N PRO A 273 -18.02 -34.81 13.36
CA PRO A 273 -19.35 -34.24 13.56
C PRO A 273 -19.61 -33.75 14.95
N VAL A 274 -19.23 -34.53 15.96
CA VAL A 274 -19.45 -34.15 17.34
C VAL A 274 -18.48 -33.05 17.72
N VAL A 275 -19.00 -31.91 18.11
CA VAL A 275 -18.22 -30.76 18.51
C VAL A 275 -18.62 -30.45 19.94
N ALA A 276 -17.79 -30.88 20.89
CA ALA A 276 -18.02 -30.64 22.29
C ALA A 276 -17.20 -29.43 22.70
N THR A 277 -17.81 -28.56 23.50
CA THR A 277 -17.19 -27.33 23.94
C THR A 277 -17.04 -27.34 25.44
N LEU A 278 -15.92 -26.80 25.90
CA LEU A 278 -15.60 -26.69 27.31
C LEU A 278 -15.78 -25.24 27.73
N ASN A 279 -16.43 -25.04 28.86
CA ASN A 279 -16.69 -23.69 29.34
C ASN A 279 -15.49 -23.13 30.08
N GLU A 280 -15.42 -21.81 30.11
CA GLU A 280 -14.36 -21.12 30.81
C GLU A 280 -14.54 -21.37 32.31
N LEU A 281 -13.43 -21.58 32.99
CA LEU A 281 -13.49 -21.90 34.41
C LEU A 281 -13.82 -20.67 35.24
N SER A 282 -14.90 -20.77 36.01
CA SER A 282 -15.34 -19.70 36.88
C SER A 282 -14.55 -19.72 38.18
N GLU A 283 -14.74 -18.68 38.98
CA GLU A 283 -14.05 -18.58 40.26
C GLU A 283 -14.41 -19.74 41.18
N GLU A 284 -15.68 -20.14 41.17
CA GLU A 284 -16.10 -21.25 42.02
C GLU A 284 -15.43 -22.55 41.60
N ALA A 285 -15.28 -22.77 40.30
CA ALA A 285 -14.64 -23.99 39.82
C ALA A 285 -13.17 -24.04 40.23
N LEU A 286 -12.49 -22.90 40.20
CA LEU A 286 -11.09 -22.87 40.57
C LEU A 286 -10.90 -23.23 42.03
N ILE A 287 -11.82 -22.77 42.88
CA ILE A 287 -11.75 -23.09 44.30
C ILE A 287 -11.88 -24.60 44.49
N GLN A 288 -12.70 -25.24 43.68
CA GLN A 288 -12.87 -26.68 43.75
C GLN A 288 -11.63 -27.40 43.28
N ILE A 289 -11.00 -26.87 42.22
CA ILE A 289 -9.81 -27.49 41.64
C ILE A 289 -8.67 -27.52 42.63
N LEU A 290 -8.59 -26.51 43.49
CA LEU A 290 -7.50 -26.42 44.45
C LEU A 290 -7.51 -27.58 45.44
N LYS A 291 -8.68 -28.02 45.88
CA LYS A 291 -8.77 -29.06 46.91
C LYS A 291 -9.45 -30.37 46.51
N GLU A 292 -10.57 -30.34 45.80
CA GLU A 292 -11.30 -31.58 45.55
C GLU A 292 -10.64 -32.66 44.67
N PRO A 293 -9.97 -32.34 43.56
CA PRO A 293 -9.41 -33.39 42.73
C PRO A 293 -8.35 -34.23 43.41
N LYS A 294 -8.08 -35.39 42.78
CA LYS A 294 -7.12 -36.35 43.31
C LYS A 294 -5.71 -35.78 43.36
N ASN A 295 -5.32 -35.01 42.34
CA ASN A 295 -3.99 -34.42 42.25
C ASN A 295 -4.09 -32.90 42.29
N ALA A 296 -4.95 -32.42 43.17
CA ALA A 296 -5.18 -31.00 43.34
C ALA A 296 -3.91 -30.27 43.70
N LEU A 297 -3.85 -29.01 43.28
CA LEU A 297 -2.68 -28.17 43.49
C LEU A 297 -2.28 -28.09 44.96
N THR A 298 -3.25 -27.88 45.84
CA THR A 298 -2.94 -27.79 47.26
C THR A 298 -2.34 -29.08 47.78
N LYS A 299 -2.87 -30.21 47.33
CA LYS A 299 -2.35 -31.51 47.75
C LYS A 299 -0.91 -31.69 47.32
N GLN A 300 -0.55 -31.15 46.16
CA GLN A 300 0.82 -31.26 45.69
C GLN A 300 1.78 -30.53 46.60
N TYR A 301 1.42 -29.31 46.99
CA TYR A 301 2.28 -28.53 47.89
C TYR A 301 2.30 -29.14 49.27
N GLN A 302 1.18 -29.69 49.72
CA GLN A 302 1.15 -30.34 51.02
C GLN A 302 2.09 -31.53 51.03
N ALA A 303 2.11 -32.29 49.94
CA ALA A 303 3.00 -33.44 49.83
C ALA A 303 4.44 -33.01 49.79
N LEU A 304 4.72 -31.91 49.10
CA LEU A 304 6.09 -31.40 49.03
C LEU A 304 6.60 -31.04 50.42
N PHE A 305 5.76 -30.41 51.21
CA PHE A 305 6.12 -30.04 52.58
C PHE A 305 6.12 -31.27 53.48
N ASN A 306 5.18 -32.20 53.26
CA ASN A 306 5.07 -33.38 54.11
C ASN A 306 6.34 -34.23 54.08
N LEU A 307 6.95 -34.40 52.91
CA LEU A 307 8.19 -35.15 52.85
C LEU A 307 9.33 -34.38 53.49
N GLU A 308 9.16 -33.08 53.66
CA GLU A 308 10.12 -32.20 54.30
C GLU A 308 9.94 -32.16 55.81
N GLY A 309 8.88 -32.78 56.33
CA GLY A 309 8.60 -32.79 57.75
C GLY A 309 7.66 -31.71 58.22
N VAL A 310 7.05 -30.96 57.29
CA VAL A 310 6.14 -29.86 57.62
C VAL A 310 4.75 -30.19 57.12
N ASP A 311 3.76 -29.55 57.75
CA ASP A 311 2.35 -29.68 57.41
C ASP A 311 1.87 -28.34 56.87
N LEU A 312 1.26 -28.36 55.70
CA LEU A 312 0.77 -27.16 55.05
C LEU A 312 -0.74 -27.10 55.13
N GLU A 313 -1.26 -25.99 55.64
CA GLU A 313 -2.69 -25.77 55.79
C GLU A 313 -3.08 -24.52 55.02
N PHE A 314 -4.13 -24.64 54.21
CA PHE A 314 -4.68 -23.55 53.42
C PHE A 314 -6.04 -23.18 53.99
N ARG A 315 -6.23 -21.90 54.30
CA ARG A 315 -7.54 -21.48 54.78
C ARG A 315 -8.48 -21.31 53.59
N ASP A 316 -9.77 -21.41 53.87
CA ASP A 316 -10.78 -21.28 52.82
C ASP A 316 -10.73 -19.90 52.20
N GLU A 317 -10.48 -18.87 53.01
CA GLU A 317 -10.42 -17.50 52.51
C GLU A 317 -9.29 -17.34 51.51
N ALA A 318 -8.17 -18.02 51.74
CA ALA A 318 -7.03 -17.93 50.83
C ALA A 318 -7.38 -18.48 49.45
N LEU A 319 -8.09 -19.61 49.42
CA LEU A 319 -8.43 -20.23 48.15
C LEU A 319 -9.32 -19.33 47.32
N ASP A 320 -10.24 -18.61 47.97
CA ASP A 320 -11.09 -17.69 47.24
C ASP A 320 -10.26 -16.56 46.65
N ALA A 321 -9.26 -16.09 47.40
CA ALA A 321 -8.40 -15.02 46.92
C ALA A 321 -7.55 -15.47 45.75
N ILE A 322 -7.03 -16.69 45.83
CA ILE A 322 -6.19 -17.22 44.75
C ILE A 322 -6.99 -17.34 43.47
N ALA A 323 -8.26 -17.74 43.58
CA ALA A 323 -9.10 -17.90 42.40
C ALA A 323 -9.34 -16.57 41.70
N LYS A 324 -9.55 -15.50 42.47
CA LYS A 324 -9.78 -14.19 41.86
C LYS A 324 -8.54 -13.72 41.12
N LYS A 325 -7.36 -13.91 41.71
CA LYS A 325 -6.13 -13.50 41.07
C LYS A 325 -5.86 -14.32 39.82
N ALA A 326 -6.09 -15.63 39.89
CA ALA A 326 -5.85 -16.50 38.76
C ALA A 326 -6.77 -16.18 37.59
N MET A 327 -8.01 -15.81 37.89
CA MET A 327 -8.96 -15.48 36.83
C MET A 327 -8.47 -14.30 36.01
N ALA A 328 -7.85 -13.32 36.67
CA ALA A 328 -7.34 -12.14 35.97
C ALA A 328 -6.26 -12.48 34.96
N ARG A 329 -5.42 -13.47 35.28
CA ARG A 329 -4.33 -13.86 34.39
C ARG A 329 -4.85 -14.35 33.04
N LYS A 330 -6.04 -14.94 33.02
CA LYS A 330 -6.67 -15.47 31.81
C LYS A 330 -5.81 -16.56 31.18
N THR A 331 -5.17 -17.35 32.02
CA THR A 331 -4.38 -18.51 31.60
C THR A 331 -5.03 -19.81 32.04
N GLY A 332 -6.28 -19.76 32.48
CA GLY A 332 -6.95 -20.96 32.92
C GLY A 332 -6.61 -21.30 34.36
N ALA A 333 -6.66 -22.60 34.65
CA ALA A 333 -6.33 -23.10 35.97
C ALA A 333 -4.83 -23.08 36.24
N ARG A 334 -4.01 -23.00 35.20
CA ARG A 334 -2.57 -22.96 35.39
C ARG A 334 -2.16 -21.72 36.16
N GLY A 335 -2.94 -20.65 36.03
CA GLY A 335 -2.66 -19.43 36.77
C GLY A 335 -2.53 -19.65 38.26
N LEU A 336 -3.31 -20.60 38.79
CA LEU A 336 -3.28 -20.90 40.22
C LEU A 336 -1.88 -21.25 40.69
N ARG A 337 -1.15 -22.02 39.89
CA ARG A 337 0.20 -22.40 40.28
C ARG A 337 1.09 -21.17 40.43
N SER A 338 0.90 -20.19 39.57
CA SER A 338 1.71 -18.98 39.65
C SER A 338 1.42 -18.21 40.93
N ILE A 339 0.15 -18.12 41.31
CA ILE A 339 -0.24 -17.40 42.52
C ILE A 339 0.27 -18.11 43.76
N VAL A 340 0.14 -19.43 43.79
CA VAL A 340 0.55 -20.21 44.96
C VAL A 340 2.06 -20.23 45.08
N GLU A 341 2.76 -20.47 43.97
CA GLU A 341 4.22 -20.52 44.00
C GLU A 341 4.81 -19.19 44.46
N ALA A 342 4.22 -18.09 44.00
CA ALA A 342 4.72 -16.78 44.38
C ALA A 342 4.54 -16.52 45.87
N ALA A 343 3.43 -17.00 46.44
CA ALA A 343 3.15 -16.78 47.85
C ALA A 343 4.05 -17.61 48.75
N LEU A 344 4.40 -18.82 48.31
CA LEU A 344 5.23 -19.74 49.08
C LEU A 344 6.71 -19.67 48.69
N LEU A 345 7.08 -18.74 47.81
CA LEU A 345 8.46 -18.63 47.38
C LEU A 345 9.39 -18.30 48.54
N ASP A 346 9.02 -17.29 49.32
CA ASP A 346 9.85 -16.90 50.45
C ASP A 346 9.89 -17.98 51.51
N THR A 347 8.75 -18.61 51.77
CA THR A 347 8.70 -19.66 52.78
C THR A 347 9.50 -20.88 52.36
N MET A 348 9.34 -21.31 51.11
CA MET A 348 10.07 -22.50 50.65
C MET A 348 11.56 -22.25 50.63
N TYR A 349 11.98 -21.01 50.39
CA TYR A 349 13.40 -20.68 50.35
C TYR A 349 14.06 -20.83 51.71
N ASP A 350 13.41 -20.32 52.76
CA ASP A 350 13.98 -20.34 54.11
C ASP A 350 13.41 -21.42 55.02
N LEU A 351 12.50 -22.26 54.55
CA LEU A 351 11.94 -23.29 55.40
C LEU A 351 12.95 -24.39 55.73
N PRO A 352 13.76 -24.90 54.79
CA PRO A 352 14.72 -25.93 55.16
C PRO A 352 15.74 -25.45 56.16
N SER A 353 16.16 -24.19 56.05
CA SER A 353 17.10 -23.63 57.01
C SER A 353 16.50 -23.62 58.40
N MET A 354 15.21 -23.32 58.49
CA MET A 354 14.51 -23.31 59.77
C MET A 354 14.41 -24.72 60.31
N GLU A 355 14.45 -24.83 61.64
CA GLU A 355 14.37 -26.10 62.32
C GLU A 355 13.25 -26.03 63.35
N ASP A 356 12.71 -27.20 63.68
CA ASP A 356 11.64 -27.38 64.65
C ASP A 356 10.29 -26.85 64.15
N VAL A 357 10.17 -26.60 62.85
CA VAL A 357 8.93 -26.09 62.28
C VAL A 357 8.11 -27.29 61.83
N GLU A 358 6.89 -27.41 62.38
CA GLU A 358 6.01 -28.53 62.09
C GLU A 358 4.77 -28.18 61.28
N LYS A 359 4.32 -26.93 61.29
CA LYS A 359 3.13 -26.55 60.54
C LYS A 359 3.24 -25.14 59.98
N VAL A 360 2.66 -24.96 58.79
CA VAL A 360 2.63 -23.68 58.09
C VAL A 360 1.18 -23.36 57.77
N VAL A 361 0.78 -22.12 58.05
CA VAL A 361 -0.59 -21.66 57.82
C VAL A 361 -0.56 -20.47 56.88
N ILE A 362 -1.42 -20.49 55.87
CA ILE A 362 -1.55 -19.43 54.89
C ILE A 362 -2.91 -18.76 55.08
N ASP A 363 -2.87 -17.47 55.35
CA ASP A 363 -4.06 -16.65 55.54
C ASP A 363 -4.38 -15.88 54.28
N GLU A 364 -5.53 -15.20 54.29
CA GLU A 364 -5.96 -14.41 53.14
C GLU A 364 -4.98 -13.29 52.84
N SER A 365 -4.43 -12.67 53.89
CA SER A 365 -3.50 -11.56 53.70
C SER A 365 -2.24 -12.00 52.98
N VAL A 366 -1.80 -13.24 53.19
CA VAL A 366 -0.57 -13.74 52.57
C VAL A 366 -0.64 -13.65 51.06
N ILE A 367 -1.81 -13.94 50.49
CA ILE A 367 -1.95 -13.90 49.04
C ILE A 367 -1.77 -12.47 48.54
N ASP A 368 -2.33 -11.51 49.27
CA ASP A 368 -2.19 -10.11 48.89
C ASP A 368 -0.74 -9.66 48.98
N GLY A 369 0.01 -10.22 49.92
CA GLY A 369 1.39 -9.87 50.15
C GLY A 369 1.60 -8.95 51.32
N GLN A 370 0.53 -8.48 51.95
CA GLN A 370 0.65 -7.60 53.10
C GLN A 370 1.25 -8.33 54.29
N SER A 371 0.88 -9.59 54.48
CA SER A 371 1.32 -10.41 55.59
C SER A 371 2.33 -11.45 55.16
N GLU A 372 2.87 -12.12 56.17
CA GLU A 372 3.82 -13.20 56.11
C GLU A 372 3.16 -14.47 56.65
N PRO A 373 3.34 -15.62 56.00
CA PRO A 373 2.65 -16.83 56.49
C PRO A 373 3.06 -17.22 57.89
N LEU A 374 2.04 -17.49 58.72
CA LEU A 374 2.25 -17.88 60.10
C LEU A 374 2.91 -19.25 60.17
N LEU A 375 3.82 -19.40 61.12
CA LEU A 375 4.57 -20.63 61.33
C LEU A 375 4.33 -21.16 62.73
N ILE A 376 4.35 -22.49 62.86
CA ILE A 376 4.16 -23.18 64.12
C ILE A 376 5.42 -23.98 64.40
N TYR A 377 5.93 -23.88 65.63
CA TYR A 377 7.15 -24.54 66.04
C TYR A 377 6.86 -25.63 67.05
N GLY A 378 7.50 -26.78 66.89
CA GLY A 378 7.31 -27.90 67.79
C GLY A 378 7.70 -29.22 67.15
N SER B 26 23.10 -38.23 52.58
CA SER B 26 22.85 -37.76 51.22
C SER B 26 21.78 -36.67 51.23
N ALA B 27 21.81 -35.84 52.27
CA ALA B 27 20.86 -34.74 52.39
C ALA B 27 21.00 -33.78 51.22
N LEU B 28 19.87 -33.29 50.74
CA LEU B 28 19.87 -32.40 49.59
C LEU B 28 20.33 -30.99 49.98
N PRO B 29 20.92 -30.25 49.05
CA PRO B 29 21.32 -28.87 49.37
C PRO B 29 20.12 -27.95 49.45
N THR B 30 20.11 -27.10 50.45
CA THR B 30 19.01 -26.17 50.66
C THR B 30 19.15 -24.96 49.75
N PRO B 31 18.08 -24.18 49.59
CA PRO B 31 18.18 -22.98 48.76
C PRO B 31 19.20 -21.98 49.23
N HIS B 32 19.36 -21.84 50.55
CA HIS B 32 20.36 -20.91 51.08
C HIS B 32 21.73 -21.29 50.58
N GLU B 33 22.03 -22.59 50.57
CA GLU B 33 23.29 -23.07 50.07
C GLU B 33 23.45 -22.78 48.59
N ILE B 34 22.39 -22.99 47.82
CA ILE B 34 22.44 -22.74 46.38
C ILE B 34 22.61 -21.25 46.10
N ARG B 35 21.88 -20.40 46.83
CA ARG B 35 22.00 -18.96 46.61
C ARG B 35 23.41 -18.49 46.95
N ASN B 36 24.01 -19.09 47.97
CA ASN B 36 25.37 -18.75 48.33
C ASN B 36 26.32 -19.07 47.18
N HIS B 37 26.10 -20.20 46.53
CA HIS B 37 26.95 -20.58 45.40
C HIS B 37 26.79 -19.62 44.24
N LEU B 38 25.55 -19.20 43.95
CA LEU B 38 25.32 -18.27 42.86
C LEU B 38 25.90 -16.90 43.17
N ASP B 39 25.85 -16.48 44.43
CA ASP B 39 26.38 -15.17 44.82
C ASP B 39 27.85 -15.01 44.45
N ASP B 40 28.61 -16.11 44.47
CA ASP B 40 30.01 -16.05 44.12
C ASP B 40 30.22 -15.50 42.72
N TYR B 41 29.36 -15.88 41.78
CA TYR B 41 29.46 -15.47 40.39
C TYR B 41 28.46 -14.39 39.99
N VAL B 42 27.34 -14.26 40.69
CA VAL B 42 26.29 -13.31 40.34
C VAL B 42 26.11 -12.31 41.47
N ILE B 43 25.82 -11.07 41.10
CA ILE B 43 25.70 -9.96 42.03
C ILE B 43 24.45 -9.14 41.70
N GLY B 44 23.56 -8.99 42.68
CA GLY B 44 22.42 -8.12 42.54
C GLY B 44 21.08 -8.65 42.09
N GLN B 45 20.85 -9.96 42.11
CA GLN B 45 19.56 -10.52 41.68
C GLN B 45 19.07 -11.47 42.77
N GLU B 46 18.32 -10.94 43.74
CA GLU B 46 17.84 -11.74 44.85
C GLU B 46 16.61 -12.54 44.49
N GLN B 47 15.62 -11.91 43.88
CA GLN B 47 14.39 -12.62 43.54
C GLN B 47 14.64 -13.74 42.55
N ALA B 48 15.45 -13.48 41.53
CA ALA B 48 15.76 -14.51 40.56
C ALA B 48 16.53 -15.66 41.18
N LYS B 49 17.52 -15.35 42.02
CA LYS B 49 18.29 -16.41 42.66
C LYS B 49 17.42 -17.25 43.56
N LYS B 50 16.48 -16.61 44.26
CA LYS B 50 15.54 -17.35 45.11
C LYS B 50 14.71 -18.32 44.29
N VAL B 51 14.21 -17.85 43.15
CA VAL B 51 13.36 -18.65 42.29
C VAL B 51 14.11 -19.88 41.77
N LEU B 52 15.32 -19.67 41.29
CA LEU B 52 16.12 -20.78 40.77
C LEU B 52 16.49 -21.75 41.88
N ALA B 53 16.85 -21.24 43.04
CA ALA B 53 17.24 -22.10 44.14
C ALA B 53 16.07 -22.96 44.61
N VAL B 54 14.91 -22.34 44.76
CA VAL B 54 13.73 -23.07 45.20
C VAL B 54 13.32 -24.10 44.16
N ALA B 55 13.38 -23.73 42.89
CA ALA B 55 13.00 -24.65 41.82
C ALA B 55 13.92 -25.84 41.76
N VAL B 56 15.22 -25.62 41.90
CA VAL B 56 16.17 -26.72 41.86
C VAL B 56 15.99 -27.62 43.06
N TYR B 57 15.76 -27.04 44.24
CA TYR B 57 15.54 -27.85 45.43
C TYR B 57 14.31 -28.71 45.28
N ASN B 58 13.22 -28.12 44.80
CA ASN B 58 11.99 -28.87 44.58
C ASN B 58 12.19 -29.95 43.54
N HIS B 59 13.02 -29.69 42.54
CA HIS B 59 13.30 -30.67 41.51
C HIS B 59 13.92 -31.91 42.11
N TYR B 60 14.88 -31.73 43.01
CA TYR B 60 15.50 -32.86 43.68
C TYR B 60 14.49 -33.60 44.54
N LYS B 61 13.60 -32.85 45.20
CA LYS B 61 12.59 -33.47 46.05
C LYS B 61 11.66 -34.36 45.25
N ARG B 62 11.24 -33.90 44.07
CA ARG B 62 10.38 -34.70 43.22
C ARG B 62 11.11 -35.96 42.77
N LEU B 63 12.38 -35.80 42.42
CA LEU B 63 13.20 -36.94 42.00
C LEU B 63 13.39 -37.92 43.14
N ARG B 64 13.60 -37.39 44.35
CA ARG B 64 13.82 -38.23 45.52
C ARG B 64 12.67 -39.20 45.73
N ASN B 65 11.43 -38.71 45.68
CA ASN B 65 10.27 -39.58 45.86
C ASN B 65 9.79 -40.05 44.48
N GLY B 66 10.60 -40.91 43.87
CA GLY B 66 10.25 -41.47 42.58
C GLY B 66 8.97 -42.28 42.66
N ASP B 67 8.83 -43.09 43.71
CA ASP B 67 7.63 -43.88 43.89
C ASP B 67 6.42 -42.99 44.14
N THR B 68 6.61 -41.93 44.93
CA THR B 68 5.54 -40.99 45.27
C THR B 68 4.38 -41.75 45.90
N SER B 69 4.67 -42.36 47.05
CA SER B 69 3.66 -43.14 47.76
C SER B 69 2.74 -42.15 48.44
N ASN B 70 1.74 -41.72 47.67
CA ASN B 70 0.70 -40.76 48.01
C ASN B 70 -0.24 -40.75 46.82
N GLY B 71 -1.43 -40.19 47.00
CA GLY B 71 -2.37 -40.08 45.91
C GLY B 71 -2.19 -38.76 45.20
N VAL B 72 -0.96 -38.41 44.86
CA VAL B 72 -0.65 -37.14 44.20
C VAL B 72 0.53 -37.32 43.27
N GLU B 73 0.40 -36.76 42.07
CA GLU B 73 1.46 -36.75 41.07
C GLU B 73 1.96 -35.32 41.03
N LEU B 74 3.15 -35.10 41.58
CA LEU B 74 3.71 -33.77 41.66
C LEU B 74 3.95 -33.19 40.27
N GLY B 75 3.56 -31.93 40.10
CA GLY B 75 3.68 -31.23 38.84
C GLY B 75 4.73 -30.13 38.94
N LYS B 76 5.56 -30.07 37.90
CA LYS B 76 6.62 -29.07 37.83
C LYS B 76 6.08 -27.69 37.53
N SER B 77 6.82 -26.69 38.01
CA SER B 77 6.53 -25.29 37.79
C SER B 77 7.71 -24.71 37.02
N ASN B 78 7.48 -24.41 35.75
CA ASN B 78 8.54 -23.88 34.91
C ASN B 78 8.75 -22.39 35.20
N ILE B 79 9.95 -21.94 34.88
CA ILE B 79 10.40 -20.59 35.19
C ILE B 79 10.57 -19.77 33.92
N LEU B 80 10.44 -18.46 34.06
CA LEU B 80 10.63 -17.50 33.00
C LEU B 80 11.43 -16.35 33.57
N LEU B 81 12.60 -16.08 33.00
CA LEU B 81 13.49 -15.03 33.46
C LEU B 81 13.38 -13.84 32.52
N ILE B 82 12.88 -12.73 33.05
CA ILE B 82 12.72 -11.51 32.30
C ILE B 82 13.67 -10.49 32.89
N GLY B 83 14.60 -10.00 32.10
CA GLY B 83 15.52 -9.01 32.56
C GLY B 83 16.12 -8.23 31.41
N PRO B 84 16.76 -7.11 31.70
CA PRO B 84 17.38 -6.33 30.63
C PRO B 84 18.69 -6.97 30.21
N THR B 85 19.28 -6.39 29.18
CA THR B 85 20.56 -6.85 28.69
C THR B 85 21.62 -6.71 29.78
N GLY B 86 22.53 -7.67 29.83
CA GLY B 86 23.58 -7.71 30.80
C GLY B 86 23.12 -7.58 32.23
N SER B 87 22.23 -8.48 32.63
CA SER B 87 21.68 -8.50 33.98
C SER B 87 21.96 -9.77 34.75
N GLY B 88 22.38 -10.86 34.10
CA GLY B 88 22.70 -12.09 34.79
C GLY B 88 21.84 -13.30 34.47
N LYS B 89 21.07 -13.26 33.38
CA LYS B 89 20.22 -14.40 33.06
C LYS B 89 21.05 -15.60 32.63
N THR B 90 21.82 -15.44 31.56
CA THR B 90 22.66 -16.53 31.09
C THR B 90 23.71 -16.91 32.12
N LEU B 91 24.21 -15.92 32.85
CA LEU B 91 25.21 -16.19 33.88
C LEU B 91 24.65 -17.08 34.97
N LEU B 92 23.41 -16.84 35.36
CA LEU B 92 22.77 -17.65 36.40
C LEU B 92 22.66 -19.10 35.94
N ALA B 93 22.28 -19.29 34.68
CA ALA B 93 22.15 -20.63 34.13
C ALA B 93 23.50 -21.36 34.13
N GLU B 94 24.57 -20.67 33.75
CA GLU B 94 25.88 -21.29 33.73
C GLU B 94 26.30 -21.73 35.11
N THR B 95 26.05 -20.88 36.11
CA THR B 95 26.41 -21.21 37.49
C THR B 95 25.69 -22.46 37.97
N LEU B 96 24.42 -22.61 37.58
CA LEU B 96 23.66 -23.79 37.99
C LEU B 96 24.29 -25.06 37.45
N ALA B 97 24.71 -25.03 36.19
CA ALA B 97 25.32 -26.20 35.56
C ALA B 97 26.50 -26.72 36.38
N ARG B 98 27.27 -25.81 36.96
CA ARG B 98 28.40 -26.21 37.79
C ARG B 98 27.94 -26.92 39.05
N LEU B 99 26.84 -26.44 39.64
CA LEU B 99 26.29 -26.94 40.89
C LEU B 99 25.18 -27.97 40.72
N LEU B 100 24.82 -28.34 39.49
CA LEU B 100 23.72 -29.26 39.24
C LEU B 100 24.23 -30.66 38.95
N ASP B 101 23.79 -31.61 39.78
CA ASP B 101 24.14 -33.00 39.55
C ASP B 101 23.39 -33.57 38.37
N VAL B 102 22.12 -33.20 38.22
CA VAL B 102 21.29 -33.66 37.12
C VAL B 102 21.76 -33.01 35.81
N PRO B 103 21.48 -33.60 34.66
CA PRO B 103 21.90 -32.99 33.40
C PRO B 103 21.28 -31.62 33.15
N PHE B 104 22.09 -30.71 32.64
CA PHE B 104 21.68 -29.35 32.32
C PHE B 104 22.16 -29.02 30.92
N THR B 105 21.24 -28.60 30.05
CA THR B 105 21.55 -28.19 28.70
C THR B 105 21.03 -26.78 28.48
N MET B 106 21.80 -25.98 27.75
CA MET B 106 21.47 -24.61 27.43
C MET B 106 21.19 -24.53 25.94
N ALA B 107 19.96 -24.17 25.59
CA ALA B 107 19.50 -24.10 24.22
C ALA B 107 19.22 -22.66 23.79
N ASP B 108 19.23 -22.48 22.48
CA ASP B 108 18.96 -21.19 21.84
C ASP B 108 17.66 -21.32 21.06
N ALA B 109 16.68 -20.49 21.40
CA ALA B 109 15.40 -20.50 20.71
C ALA B 109 15.47 -19.97 19.29
N THR B 110 16.47 -19.15 18.99
CA THR B 110 16.56 -18.56 17.66
C THR B 110 16.75 -19.61 16.59
N THR B 111 17.60 -20.59 16.82
CA THR B 111 17.85 -21.62 15.82
C THR B 111 16.66 -22.54 15.59
N LEU B 112 15.72 -22.61 16.53
CA LEU B 112 14.58 -23.49 16.41
C LEU B 112 13.58 -22.97 15.39
N THR B 113 12.80 -23.90 14.83
CA THR B 113 11.76 -23.58 13.87
C THR B 113 10.69 -24.66 13.93
N GLU B 114 9.56 -24.36 13.31
CA GLU B 114 8.44 -25.28 13.26
C GLU B 114 8.78 -26.50 12.42
N ALA B 115 8.19 -27.63 12.80
CA ALA B 115 8.40 -28.90 12.12
C ALA B 115 8.07 -28.82 10.64
N GLY B 116 8.92 -29.47 9.84
CA GLY B 116 8.77 -29.53 8.41
C GLY B 116 9.57 -28.50 7.64
N TYR B 117 10.26 -27.61 8.33
CA TYR B 117 11.07 -26.57 7.71
C TYR B 117 12.55 -26.84 7.91
N VAL B 118 13.36 -26.13 7.13
CA VAL B 118 14.81 -26.35 7.07
C VAL B 118 15.54 -26.14 8.38
N GLY B 119 15.02 -25.33 9.27
CA GLY B 119 15.70 -25.08 10.52
C GLY B 119 15.64 -26.25 11.48
N GLU B 120 16.48 -26.14 12.51
CA GLU B 120 16.55 -27.17 13.54
C GLU B 120 15.20 -27.34 14.24
N ASP B 121 14.87 -28.58 14.57
CA ASP B 121 13.62 -28.89 15.23
C ASP B 121 13.73 -28.64 16.73
N VAL B 122 12.56 -28.64 17.38
CA VAL B 122 12.48 -28.37 18.81
C VAL B 122 12.86 -29.58 19.67
N GLU B 123 12.83 -30.78 19.11
CA GLU B 123 13.20 -31.95 19.88
C GLU B 123 14.70 -32.07 20.04
N ASN B 124 15.48 -31.33 19.24
CA ASN B 124 16.94 -31.34 19.35
C ASN B 124 17.41 -31.00 20.75
N ILE B 125 16.64 -30.17 21.47
CA ILE B 125 16.98 -29.82 22.84
C ILE B 125 17.20 -31.08 23.67
N ILE B 126 16.23 -32.00 23.60
CA ILE B 126 16.34 -33.25 24.35
C ILE B 126 17.58 -34.01 23.92
N GLN B 127 17.90 -33.99 22.62
CA GLN B 127 19.09 -34.68 22.14
C GLN B 127 20.33 -34.17 22.85
N LYS B 128 20.47 -32.85 22.95
CA LYS B 128 21.60 -32.27 23.66
C LYS B 128 21.63 -32.76 25.10
N LEU B 129 20.47 -32.82 25.73
CA LEU B 129 20.37 -33.32 27.09
C LEU B 129 20.85 -34.75 27.19
N LEU B 130 20.54 -35.57 26.18
CA LEU B 130 20.98 -36.97 26.19
C LEU B 130 22.50 -37.06 26.17
N GLN B 131 23.16 -36.16 25.43
CA GLN B 131 24.62 -36.16 25.40
C GLN B 131 25.20 -36.01 26.80
N LYS B 132 24.62 -35.12 27.59
CA LYS B 132 25.10 -34.89 28.95
C LYS B 132 24.91 -36.11 29.83
N SER B 133 23.87 -36.91 29.57
CA SER B 133 23.53 -38.07 30.37
C SER B 133 24.00 -39.39 29.75
N ASP B 134 24.95 -39.34 28.82
CA ASP B 134 25.49 -40.54 28.16
C ASP B 134 24.37 -41.40 27.56
N TYR B 135 23.37 -40.72 27.00
CA TYR B 135 22.22 -41.37 26.36
C TYR B 135 21.44 -42.25 27.33
N ASP B 136 21.30 -41.78 28.57
CA ASP B 136 20.52 -42.48 29.59
C ASP B 136 19.21 -41.73 29.68
N VAL B 137 18.19 -42.28 29.01
CA VAL B 137 16.87 -41.65 28.96
C VAL B 137 16.34 -41.40 30.37
N GLN B 138 16.43 -42.40 31.24
CA GLN B 138 15.94 -42.26 32.60
C GLN B 138 16.62 -41.12 33.34
N LYS B 139 17.89 -40.86 33.03
CA LYS B 139 18.62 -39.78 33.67
C LYS B 139 18.30 -38.44 33.03
N ALA B 140 17.96 -38.43 31.74
CA ALA B 140 17.63 -37.19 31.05
C ALA B 140 16.24 -36.69 31.37
N GLN B 141 15.28 -37.59 31.61
CA GLN B 141 13.92 -37.21 31.92
C GLN B 141 13.81 -36.34 33.17
N ARG B 142 14.82 -36.39 34.05
CA ARG B 142 14.85 -35.62 35.27
C ARG B 142 15.75 -34.40 35.20
N GLY B 143 16.13 -34.00 33.99
CA GLY B 143 17.04 -32.89 33.81
C GLY B 143 16.44 -31.52 33.87
N ILE B 144 17.34 -30.54 33.78
CA ILE B 144 17.05 -29.12 33.77
C ILE B 144 17.37 -28.63 32.36
N VAL B 145 16.59 -27.67 31.87
CA VAL B 145 16.80 -27.10 30.55
C VAL B 145 16.62 -25.59 30.64
N TYR B 146 17.50 -24.86 29.98
CA TYR B 146 17.46 -23.40 29.93
C TYR B 146 17.38 -23.00 28.46
N ILE B 147 16.28 -22.40 28.07
CA ILE B 147 16.05 -21.95 26.70
C ILE B 147 16.28 -20.45 26.70
N ASP B 148 17.43 -20.03 26.21
CA ASP B 148 17.76 -18.62 26.16
C ASP B 148 17.14 -17.97 24.93
N GLU B 149 17.09 -16.65 24.97
CA GLU B 149 16.55 -15.86 23.88
C GLU B 149 15.14 -16.29 23.51
N ILE B 150 14.28 -16.42 24.53
CA ILE B 150 12.90 -16.83 24.31
C ILE B 150 12.04 -15.66 23.86
N ASP B 151 12.58 -14.44 23.85
CA ASP B 151 11.87 -13.27 23.38
C ASP B 151 12.04 -13.06 21.88
N LYS B 152 12.83 -13.90 21.24
CA LYS B 152 13.04 -13.84 19.80
C LYS B 152 11.99 -14.63 19.06
N ILE B 153 11.10 -15.30 19.76
CA ILE B 153 10.00 -16.04 19.18
C ILE B 153 8.74 -15.38 19.72
N SER B 154 8.22 -14.42 18.96
CA SER B 154 7.05 -13.68 19.40
C SER B 154 6.21 -13.29 18.20
N ARG B 155 4.89 -13.41 18.36
CA ARG B 155 3.99 -13.05 17.28
C ARG B 155 4.15 -11.58 16.90
N LYS B 156 4.16 -11.34 15.60
CA LYS B 156 4.19 -9.99 15.06
C LYS B 156 2.74 -9.56 14.93
N SER B 157 2.22 -8.93 15.99
CA SER B 157 0.84 -8.45 16.04
C SER B 157 0.39 -7.78 14.74
N ASP B 158 1.15 -6.77 14.30
CA ASP B 158 0.85 -6.06 13.05
C ASP B 158 1.64 -6.77 11.95
N ASN B 159 1.03 -7.78 11.35
CA ASN B 159 1.68 -8.54 10.28
C ASN B 159 0.60 -9.04 9.34
N PRO B 160 0.96 -9.48 8.13
CA PRO B 160 -0.07 -10.01 7.23
C PRO B 160 -0.72 -11.24 7.85
N SER B 161 -2.05 -11.28 7.78
CA SER B 161 -2.80 -12.41 8.32
C SER B 161 -2.40 -13.72 7.66
N ILE B 162 -2.47 -13.77 6.33
CA ILE B 162 -2.15 -14.99 5.60
C ILE B 162 -0.63 -15.07 5.47
N THR B 163 -0.01 -15.80 6.40
CA THR B 163 1.42 -16.06 6.44
C THR B 163 1.60 -17.02 7.62
N ARG B 164 2.81 -17.53 7.79
CA ARG B 164 3.09 -18.45 8.89
C ARG B 164 4.42 -18.08 9.51
N ASP B 165 4.41 -17.81 10.82
CA ASP B 165 5.62 -17.46 11.55
C ASP B 165 6.19 -18.76 12.08
N VAL B 166 6.91 -19.46 11.20
CA VAL B 166 7.51 -20.73 11.56
C VAL B 166 8.58 -20.54 12.60
N SER B 167 9.34 -19.45 12.50
CA SER B 167 10.41 -19.21 13.45
C SER B 167 9.88 -18.83 14.82
N GLY B 168 8.97 -17.87 14.90
CA GLY B 168 8.47 -17.43 16.18
C GLY B 168 7.22 -18.05 16.76
N GLU B 169 6.13 -18.08 16.02
CA GLU B 169 4.91 -18.66 16.57
C GLU B 169 4.96 -20.18 16.54
N GLY B 170 5.47 -20.75 15.46
CA GLY B 170 5.57 -22.19 15.35
C GLY B 170 6.38 -22.82 16.47
N VAL B 171 7.47 -22.17 16.86
CA VAL B 171 8.31 -22.69 17.93
C VAL B 171 7.53 -22.72 19.23
N GLN B 172 6.76 -21.66 19.51
CA GLN B 172 5.97 -21.65 20.73
C GLN B 172 4.95 -22.77 20.71
N GLN B 173 4.24 -22.92 19.59
CA GLN B 173 3.28 -23.98 19.42
C GLN B 173 3.90 -25.34 19.66
N ALA B 174 5.10 -25.54 19.14
CA ALA B 174 5.79 -26.82 19.26
C ALA B 174 6.23 -27.09 20.69
N LEU B 175 6.70 -26.07 21.39
CA LEU B 175 7.21 -26.26 22.74
C LEU B 175 6.12 -26.55 23.76
N LEU B 176 4.85 -26.27 23.43
CA LEU B 176 3.76 -26.44 24.38
C LEU B 176 3.70 -27.83 24.99
N LYS B 177 3.59 -28.85 24.15
CA LYS B 177 3.53 -30.21 24.68
C LYS B 177 4.85 -30.61 25.32
N LEU B 178 5.95 -30.03 24.85
CA LEU B 178 7.26 -30.35 25.41
C LEU B 178 7.38 -29.85 26.84
N ILE B 179 7.03 -28.59 27.07
CA ILE B 179 7.11 -28.02 28.41
C ILE B 179 6.13 -28.70 29.35
N GLU B 180 4.88 -28.83 28.92
CA GLU B 180 3.85 -29.46 29.74
C GLU B 180 4.18 -30.92 30.02
N GLY B 181 4.74 -31.61 29.04
CA GLY B 181 5.09 -33.00 29.15
C GLY B 181 4.45 -33.89 28.11
N THR B 182 5.28 -34.59 27.34
CA THR B 182 4.83 -35.49 26.31
C THR B 182 5.95 -36.47 26.00
N VAL B 183 5.60 -37.55 25.30
CA VAL B 183 6.56 -38.57 24.91
C VAL B 183 7.11 -38.12 23.56
N ALA B 184 8.17 -37.34 23.62
CA ALA B 184 8.76 -36.76 22.42
C ALA B 184 9.70 -37.72 21.71
N ALA B 185 9.69 -37.64 20.39
CA ALA B 185 10.58 -38.42 19.56
C ALA B 185 11.90 -37.69 19.50
N VAL B 186 12.99 -38.39 19.78
CA VAL B 186 14.30 -37.77 19.83
C VAL B 186 15.29 -38.55 18.95
N PRO B 187 15.67 -38.04 17.78
CA PRO B 187 16.69 -38.73 17.00
C PRO B 187 17.97 -38.81 17.81
N PRO B 188 18.69 -39.94 17.79
CA PRO B 188 19.94 -40.00 18.58
C PRO B 188 20.90 -38.86 18.28
N GLN B 189 21.13 -38.57 17.00
CA GLN B 189 22.01 -37.46 16.61
C GLN B 189 21.29 -36.12 16.68
N GLY B 190 20.07 -36.05 16.17
CA GLY B 190 19.29 -34.84 16.23
C GLY B 190 19.51 -33.83 15.13
N GLY B 191 20.27 -34.16 14.10
CA GLY B 191 20.52 -33.20 13.05
C GLY B 191 19.26 -32.83 12.29
N ARG B 192 18.47 -33.83 11.92
CA ARG B 192 17.22 -33.60 11.19
C ARG B 192 16.26 -34.72 11.53
N LYS B 193 14.98 -34.43 11.31
CA LYS B 193 13.91 -35.38 11.56
C LYS B 193 13.55 -36.06 10.24
N HIS B 194 13.50 -37.38 10.25
CA HIS B 194 13.12 -38.15 9.10
C HIS B 194 11.95 -39.03 9.51
N PRO B 195 10.85 -39.09 8.75
CA PRO B 195 9.73 -39.91 9.20
C PRO B 195 10.06 -41.39 9.31
N GLN B 196 10.80 -41.95 8.37
CA GLN B 196 11.17 -43.35 8.39
C GLN B 196 12.55 -43.53 9.02
N GLN B 197 12.64 -43.19 10.30
CA GLN B 197 13.87 -43.29 11.07
C GLN B 197 13.55 -43.71 12.48
N GLU B 198 14.47 -44.45 13.09
CA GLU B 198 14.31 -44.89 14.47
C GLU B 198 14.41 -43.70 15.41
N PHE B 199 13.48 -43.60 16.34
CA PHE B 199 13.43 -42.51 17.31
C PHE B 199 13.47 -43.05 18.73
N LEU B 200 14.10 -42.26 19.60
CA LEU B 200 14.24 -42.59 21.01
C LEU B 200 13.19 -41.81 21.77
N GLN B 201 12.16 -42.50 22.25
CA GLN B 201 11.07 -41.86 22.96
C GLN B 201 11.52 -41.37 24.33
N VAL B 202 11.32 -40.07 24.57
CA VAL B 202 11.68 -39.42 25.84
C VAL B 202 10.46 -38.70 26.37
N ASP B 203 10.30 -38.71 27.68
CA ASP B 203 9.18 -38.09 28.37
C ASP B 203 9.65 -36.83 29.08
N THR B 204 9.05 -35.70 28.73
CA THR B 204 9.42 -34.41 29.30
C THR B 204 8.46 -33.97 30.39
N SER B 205 7.75 -34.90 31.01
CA SER B 205 6.82 -34.52 32.07
C SER B 205 7.53 -34.14 33.35
N LYS B 206 8.75 -34.64 33.56
CA LYS B 206 9.54 -34.33 34.74
C LYS B 206 10.67 -33.36 34.48
N ILE B 207 10.96 -33.04 33.22
CA ILE B 207 12.04 -32.12 32.90
C ILE B 207 11.61 -30.70 33.22
N LEU B 208 12.50 -29.96 33.86
CA LEU B 208 12.25 -28.57 34.20
C LEU B 208 12.83 -27.69 33.12
N PHE B 209 12.11 -26.64 32.79
CA PHE B 209 12.49 -25.70 31.76
C PHE B 209 12.57 -24.32 32.38
N ILE B 210 13.63 -23.60 32.05
CA ILE B 210 13.88 -22.26 32.56
C ILE B 210 14.08 -21.39 31.33
N CYS B 211 13.02 -20.76 30.87
CA CYS B 211 13.12 -19.91 29.72
C CYS B 211 13.58 -18.53 30.14
N GLY B 212 14.31 -17.87 29.26
CA GLY B 212 14.79 -16.55 29.53
C GLY B 212 14.78 -15.72 28.26
N GLY B 213 15.06 -14.44 28.45
CA GLY B 213 15.09 -13.52 27.34
C GLY B 213 14.81 -12.10 27.73
N ALA B 214 15.56 -11.19 27.12
CA ALA B 214 15.44 -9.76 27.35
C ALA B 214 14.32 -9.25 26.48
N PHE B 215 13.16 -9.08 27.07
CA PHE B 215 12.02 -8.60 26.32
C PHE B 215 12.21 -7.12 26.07
N ALA B 216 12.29 -6.74 24.81
CA ALA B 216 12.49 -5.37 24.39
C ALA B 216 11.16 -4.78 23.96
N GLY B 217 10.80 -3.66 24.57
CA GLY B 217 9.54 -3.03 24.32
C GLY B 217 8.45 -3.46 25.28
N LEU B 218 8.77 -4.30 26.25
CA LEU B 218 7.77 -4.70 27.23
C LEU B 218 7.46 -3.56 28.18
N ASP B 219 8.46 -2.74 28.49
CA ASP B 219 8.25 -1.60 29.36
C ASP B 219 7.26 -0.63 28.74
N LYS B 220 7.25 -0.53 27.42
CA LYS B 220 6.29 0.34 26.75
C LYS B 220 4.88 -0.24 26.85
N VAL B 221 4.78 -1.57 26.69
CA VAL B 221 3.49 -2.24 26.77
C VAL B 221 2.90 -2.08 28.16
N ILE B 222 3.73 -2.20 29.18
CA ILE B 222 3.26 -2.08 30.56
C ILE B 222 2.83 -0.65 30.87
N SER B 223 3.58 0.32 30.35
CA SER B 223 3.26 1.72 30.62
C SER B 223 1.90 2.08 30.06
N HIS B 224 1.61 1.65 28.84
CA HIS B 224 0.32 1.93 28.22
C HIS B 224 -0.82 1.39 29.06
N ARG B 225 -0.63 0.19 29.61
CA ARG B 225 -1.64 -0.43 30.46
C ARG B 225 -1.77 0.25 31.81
N VAL B 226 -0.66 0.67 32.40
CA VAL B 226 -0.65 1.20 33.75
C VAL B 226 -0.64 2.71 33.86
N GLU B 227 0.35 3.35 33.25
CA GLU B 227 0.54 4.80 33.39
C GLU B 227 -0.71 5.62 33.15
N THR B 228 -1.49 5.31 32.11
CA THR B 228 -2.64 6.16 31.75
C THR B 228 -2.09 7.57 31.59
N GLY B 229 -1.19 7.67 30.63
CA GLY B 229 -0.36 8.83 30.38
C GLY B 229 -0.74 9.80 29.28
N SER B 230 -0.09 9.63 28.13
CA SER B 230 -0.18 10.56 27.02
C SER B 230 -1.62 10.94 26.70
N GLY B 231 -1.74 12.15 26.18
CA GLY B 231 -2.98 12.83 25.89
C GLY B 231 -2.65 14.29 25.74
N ILE B 232 -3.63 15.05 25.26
CA ILE B 232 -3.38 16.45 24.94
C ILE B 232 -4.24 17.41 25.76
N GLY B 233 -5.39 16.97 26.22
CA GLY B 233 -6.26 17.86 26.93
C GLY B 233 -5.75 18.30 28.28
N PHE B 234 -6.58 19.11 28.94
CA PHE B 234 -6.28 19.57 30.29
C PHE B 234 -6.28 18.39 31.25
N GLY B 235 -7.37 17.63 31.24
CA GLY B 235 -7.48 16.46 32.10
C GLY B 235 -6.39 15.43 31.85
N ALA B 236 -5.86 15.39 30.64
CA ALA B 236 -4.82 14.43 30.30
C ALA B 236 -3.56 14.71 31.12
N THR B 237 -2.87 13.62 31.48
CA THR B 237 -1.67 13.71 32.29
C THR B 237 -0.42 13.75 31.44
N VAL B 238 0.54 14.54 31.89
CA VAL B 238 1.84 14.70 31.24
C VAL B 238 2.85 14.90 32.37
N LYS B 239 3.90 14.09 32.38
CA LYS B 239 4.88 14.11 33.46
C LYS B 239 6.26 14.63 33.10
N ALA B 240 6.61 14.69 31.81
CA ALA B 240 7.88 15.23 31.33
C ALA B 240 9.08 14.33 31.57
N LYS B 241 8.85 13.06 31.92
CA LYS B 241 9.87 12.03 32.21
C LYS B 241 10.46 12.22 33.61
N SER B 242 10.05 13.24 34.36
CA SER B 242 10.56 13.41 35.72
C SER B 242 9.94 12.38 36.64
N ASP B 243 8.63 12.16 36.52
CA ASP B 243 7.89 11.21 37.33
C ASP B 243 7.58 9.92 36.59
N LYS B 244 8.16 9.72 35.40
CA LYS B 244 7.91 8.49 34.64
C LYS B 244 8.68 7.34 35.28
N ALA B 245 8.11 6.15 35.19
CA ALA B 245 8.72 4.98 35.78
C ALA B 245 9.82 4.42 34.87
N SER B 246 10.81 3.81 35.50
CA SER B 246 11.94 3.21 34.80
C SER B 246 11.57 1.83 34.27
N GLU B 247 12.44 1.33 33.39
CA GLU B 247 12.24 0.00 32.81
C GLU B 247 12.11 -1.06 33.89
N GLY B 248 13.00 -1.04 34.88
CA GLY B 248 12.91 -2.02 35.95
C GLY B 248 11.68 -1.85 36.81
N GLU B 249 11.31 -0.60 37.08
CA GLU B 249 10.10 -0.33 37.86
C GLU B 249 8.86 -0.87 37.16
N LEU B 250 8.85 -0.82 35.83
CA LEU B 250 7.72 -1.30 35.06
C LEU B 250 7.70 -2.82 34.96
N LEU B 251 8.86 -3.43 34.70
CA LEU B 251 8.92 -4.88 34.56
C LEU B 251 8.47 -5.58 35.83
N ALA B 252 8.61 -4.95 36.99
CA ALA B 252 8.11 -5.54 38.21
C ALA B 252 6.61 -5.75 38.13
N GLN B 253 5.90 -4.83 37.47
CA GLN B 253 4.46 -4.92 37.29
C GLN B 253 4.15 -5.60 35.96
N VAL B 254 4.67 -6.80 35.80
CA VAL B 254 4.48 -7.59 34.59
C VAL B 254 3.45 -8.68 34.86
N GLU B 255 2.47 -8.77 33.98
CA GLU B 255 1.42 -9.76 34.04
C GLU B 255 1.33 -10.46 32.69
N PRO B 256 0.66 -11.61 32.62
CA PRO B 256 0.55 -12.31 31.34
C PRO B 256 -0.05 -11.50 30.22
N GLU B 257 -1.00 -10.64 30.52
CA GLU B 257 -1.62 -9.83 29.49
C GLU B 257 -0.59 -8.94 28.81
N ASP B 258 0.38 -8.44 29.57
CA ASP B 258 1.43 -7.62 28.98
C ASP B 258 2.29 -8.45 28.03
N LEU B 259 2.59 -9.68 28.40
CA LEU B 259 3.38 -10.56 27.56
C LEU B 259 2.62 -10.98 26.32
N ILE B 260 1.31 -11.10 26.42
CA ILE B 260 0.51 -11.51 25.26
C ILE B 260 0.56 -10.43 24.19
N LYS B 261 0.51 -9.16 24.60
CA LYS B 261 0.63 -8.08 23.64
C LYS B 261 2.01 -8.07 23.01
N PHE B 262 3.03 -8.44 23.77
CA PHE B 262 4.40 -8.47 23.26
C PHE B 262 4.53 -9.43 22.09
N GLY B 263 3.79 -10.53 22.12
CA GLY B 263 3.84 -11.52 21.06
C GLY B 263 3.76 -12.96 21.50
N LEU B 264 3.82 -13.21 22.79
CA LEU B 264 3.68 -14.57 23.28
C LEU B 264 2.21 -14.96 23.27
N ILE B 265 1.96 -16.25 23.09
CA ILE B 265 0.60 -16.75 23.06
C ILE B 265 0.17 -17.11 24.47
N PRO B 266 -1.13 -17.15 24.77
CA PRO B 266 -1.54 -17.47 26.15
C PRO B 266 -1.12 -18.85 26.62
N GLU B 267 -1.17 -19.84 25.73
CA GLU B 267 -0.80 -21.19 26.09
C GLU B 267 0.63 -21.26 26.63
N PHE B 268 1.57 -20.65 25.91
CA PHE B 268 2.97 -20.69 26.30
C PHE B 268 3.21 -20.13 27.69
N ILE B 269 2.55 -19.03 28.02
CA ILE B 269 2.74 -18.41 29.33
C ILE B 269 2.30 -19.35 30.44
N GLY B 270 1.10 -19.92 30.30
CA GLY B 270 0.57 -20.82 31.31
C GLY B 270 1.53 -21.93 31.65
N ARG B 271 2.21 -22.47 30.64
CA ARG B 271 3.20 -23.50 30.88
C ARG B 271 4.35 -22.99 31.74
N LEU B 272 4.57 -21.67 31.77
CA LEU B 272 5.62 -21.00 32.54
C LEU B 272 4.98 -20.15 33.64
N PRO B 273 4.55 -20.73 34.75
CA PRO B 273 3.89 -19.92 35.78
C PRO B 273 4.82 -18.98 36.50
N VAL B 274 5.98 -19.46 36.89
CA VAL B 274 6.94 -18.65 37.65
C VAL B 274 7.59 -17.65 36.71
N VAL B 275 7.51 -16.39 37.07
CA VAL B 275 8.05 -15.29 36.30
C VAL B 275 8.98 -14.53 37.23
N ALA B 276 10.28 -14.77 37.09
CA ALA B 276 11.30 -14.12 37.88
C ALA B 276 11.84 -12.96 37.10
N THR B 277 11.83 -11.78 37.70
CA THR B 277 12.29 -10.57 37.07
C THR B 277 13.63 -10.13 37.64
N LEU B 278 14.50 -9.67 36.76
CA LEU B 278 15.83 -9.21 37.10
C LEU B 278 15.87 -7.70 37.04
N ASN B 279 16.35 -7.09 38.11
CA ASN B 279 16.43 -5.64 38.16
C ASN B 279 17.64 -5.15 37.37
N GLU B 280 17.53 -3.93 36.87
CA GLU B 280 18.63 -3.34 36.13
C GLU B 280 19.78 -3.06 37.08
N LEU B 281 20.99 -3.30 36.61
CA LEU B 281 22.17 -3.13 37.42
C LEU B 281 22.44 -1.66 37.73
N SER B 282 22.48 -1.33 39.02
CA SER B 282 22.75 0.01 39.45
C SER B 282 24.24 0.27 39.49
N GLU B 283 24.62 1.53 39.70
CA GLU B 283 26.02 1.90 39.74
C GLU B 283 26.75 1.19 40.86
N GLU B 284 26.11 1.04 42.02
CA GLU B 284 26.75 0.36 43.14
C GLU B 284 27.00 -1.11 42.83
N ALA B 285 26.05 -1.76 42.16
CA ALA B 285 26.23 -3.16 41.81
C ALA B 285 27.37 -3.35 40.83
N LEU B 286 27.47 -2.46 39.85
CA LEU B 286 28.53 -2.56 38.85
C LEU B 286 29.90 -2.48 39.51
N ILE B 287 30.03 -1.69 40.57
CA ILE B 287 31.29 -1.59 41.28
C ILE B 287 31.65 -2.92 41.92
N GLN B 288 30.65 -3.65 42.41
CA GLN B 288 30.91 -4.94 43.02
C GLN B 288 31.27 -5.97 41.95
N ILE B 289 30.65 -5.85 40.78
CA ILE B 289 30.90 -6.77 39.68
C ILE B 289 32.34 -6.71 39.22
N LEU B 290 32.94 -5.54 39.29
CA LEU B 290 34.31 -5.36 38.84
C LEU B 290 35.30 -6.17 39.66
N LYS B 291 35.07 -6.29 40.97
CA LYS B 291 36.00 -6.98 41.86
C LYS B 291 35.47 -8.21 42.58
N GLU B 292 34.27 -8.17 43.14
CA GLU B 292 33.81 -9.29 43.97
C GLU B 292 33.64 -10.65 43.28
N PRO B 293 33.10 -10.77 42.07
CA PRO B 293 32.91 -12.11 41.50
C PRO B 293 34.21 -12.88 41.26
N LYS B 294 34.05 -14.18 41.09
CA LYS B 294 35.17 -15.08 40.87
C LYS B 294 35.90 -14.81 39.57
N ASN B 295 35.16 -14.47 38.52
CA ASN B 295 35.70 -14.20 37.20
C ASN B 295 35.44 -12.75 36.82
N ALA B 296 35.63 -11.88 37.81
CA ALA B 296 35.40 -10.46 37.67
C ALA B 296 36.28 -9.86 36.58
N LEU B 297 35.76 -8.79 36.00
CA LEU B 297 36.45 -8.10 34.91
C LEU B 297 37.84 -7.65 35.30
N THR B 298 37.98 -7.06 36.48
CA THR B 298 39.29 -6.59 36.91
C THR B 298 40.25 -7.76 37.09
N LYS B 299 39.75 -8.87 37.63
CA LYS B 299 40.57 -10.05 37.83
C LYS B 299 41.06 -10.60 36.51
N GLN B 300 40.23 -10.50 35.46
CA GLN B 300 40.63 -10.99 34.15
C GLN B 300 41.82 -10.21 33.61
N TYR B 301 41.74 -8.89 33.67
CA TYR B 301 42.84 -8.07 33.18
C TYR B 301 44.09 -8.25 34.03
N GLN B 302 43.92 -8.40 35.34
CA GLN B 302 45.08 -8.64 36.19
C GLN B 302 45.76 -9.93 35.81
N ALA B 303 44.98 -10.97 35.52
CA ALA B 303 45.54 -12.24 35.08
C ALA B 303 46.23 -12.09 33.74
N LEU B 304 45.64 -11.27 32.86
CA LEU B 304 46.21 -11.02 31.56
C LEU B 304 47.57 -10.34 31.69
N PHE B 305 47.66 -9.37 32.60
CA PHE B 305 48.91 -8.68 32.85
C PHE B 305 49.86 -9.56 33.66
N ASN B 306 49.32 -10.33 34.60
CA ASN B 306 50.16 -11.16 35.47
C ASN B 306 50.92 -12.21 34.68
N LEU B 307 50.29 -12.81 33.67
CA LEU B 307 51.03 -13.79 32.88
C LEU B 307 52.09 -13.11 32.03
N GLU B 308 51.97 -11.81 31.81
CA GLU B 308 52.96 -11.02 31.11
C GLU B 308 54.08 -10.55 32.01
N GLY B 309 53.96 -10.77 33.32
CA GLY B 309 54.96 -10.35 34.28
C GLY B 309 54.69 -9.00 34.91
N VAL B 310 53.53 -8.40 34.64
CA VAL B 310 53.18 -7.10 35.16
C VAL B 310 52.05 -7.25 36.19
N ASP B 311 51.99 -6.29 37.10
CA ASP B 311 50.99 -6.25 38.15
C ASP B 311 50.04 -5.09 37.84
N LEU B 312 48.76 -5.37 37.82
CA LEU B 312 47.74 -4.39 37.50
C LEU B 312 46.96 -4.05 38.77
N GLU B 313 46.88 -2.75 39.06
CA GLU B 313 46.19 -2.25 40.24
C GLU B 313 45.12 -1.27 39.80
N PHE B 314 43.91 -1.46 40.32
CA PHE B 314 42.76 -0.60 40.04
C PHE B 314 42.41 0.15 41.31
N ARG B 315 42.36 1.46 41.24
CA ARG B 315 42.00 2.25 42.40
C ARG B 315 40.49 2.22 42.57
N ASP B 316 40.06 2.42 43.82
CA ASP B 316 38.63 2.41 44.12
C ASP B 316 37.89 3.51 43.38
N GLU B 317 38.53 4.67 43.24
CA GLU B 317 37.91 5.79 42.55
C GLU B 317 37.70 5.45 41.07
N ALA B 318 38.65 4.73 40.48
CA ALA B 318 38.56 4.36 39.07
C ALA B 318 37.34 3.50 38.80
N LEU B 319 37.06 2.56 39.69
CA LEU B 319 35.92 1.66 39.50
C LEU B 319 34.61 2.44 39.48
N ASP B 320 34.47 3.43 40.35
CA ASP B 320 33.26 4.23 40.38
C ASP B 320 33.07 4.98 39.07
N ALA B 321 34.16 5.50 38.51
CA ALA B 321 34.08 6.20 37.24
C ALA B 321 33.68 5.27 36.12
N ILE B 322 34.27 4.07 36.09
CA ILE B 322 33.94 3.10 35.04
C ILE B 322 32.47 2.71 35.12
N ALA B 323 31.97 2.55 36.34
CA ALA B 323 30.57 2.19 36.52
C ALA B 323 29.64 3.28 36.04
N LYS B 324 30.00 4.54 36.28
CA LYS B 324 29.17 5.65 35.86
C LYS B 324 29.07 5.73 34.35
N LYS B 325 30.20 5.55 33.66
CA LYS B 325 30.19 5.60 32.21
C LYS B 325 29.45 4.42 31.62
N ALA B 326 29.63 3.23 32.20
CA ALA B 326 28.97 2.03 31.70
C ALA B 326 27.46 2.12 31.84
N MET B 327 26.99 2.68 32.95
CA MET B 327 25.55 2.82 33.14
C MET B 327 24.95 3.73 32.06
N ALA B 328 25.69 4.75 31.66
CA ALA B 328 25.22 5.66 30.62
C ALA B 328 25.04 4.94 29.29
N ARG B 329 25.89 3.96 28.99
CA ARG B 329 25.79 3.23 27.73
C ARG B 329 24.47 2.49 27.61
N LYS B 330 23.89 2.08 28.74
CA LYS B 330 22.62 1.36 28.77
C LYS B 330 22.72 0.04 28.03
N THR B 331 23.87 -0.62 28.19
CA THR B 331 24.14 -1.93 27.63
C THR B 331 24.35 -2.96 28.73
N GLY B 332 24.13 -2.58 29.99
CA GLY B 332 24.29 -3.47 31.11
C GLY B 332 25.71 -3.53 31.63
N ALA B 333 26.08 -4.67 32.19
CA ALA B 333 27.42 -4.85 32.71
C ALA B 333 28.45 -4.99 31.61
N ARG B 334 28.02 -5.31 30.40
CA ARG B 334 28.94 -5.45 29.28
C ARG B 334 29.63 -4.13 28.97
N GLY B 335 28.98 -3.01 29.28
CA GLY B 335 29.58 -1.71 29.05
C GLY B 335 30.92 -1.56 29.72
N LEU B 336 31.09 -2.17 30.89
CA LEU B 336 32.34 -2.08 31.64
C LEU B 336 33.53 -2.53 30.81
N ARG B 337 33.37 -3.62 30.07
CA ARG B 337 34.46 -4.12 29.24
C ARG B 337 34.88 -3.07 28.21
N SER B 338 33.93 -2.32 27.68
CA SER B 338 34.24 -1.31 26.69
C SER B 338 35.05 -0.17 27.30
N ILE B 339 34.76 0.18 28.55
CA ILE B 339 35.46 1.27 29.21
C ILE B 339 36.85 0.83 29.65
N VAL B 340 36.92 -0.30 30.35
CA VAL B 340 38.19 -0.80 30.86
C VAL B 340 39.19 -1.03 29.74
N GLU B 341 38.72 -1.59 28.62
CA GLU B 341 39.62 -1.88 27.52
C GLU B 341 40.12 -0.63 26.82
N ALA B 342 39.23 0.35 26.62
CA ALA B 342 39.65 1.57 25.95
C ALA B 342 40.70 2.31 26.76
N ALA B 343 40.50 2.40 28.07
CA ALA B 343 41.46 3.08 28.93
C ALA B 343 42.83 2.42 28.89
N LEU B 344 42.86 1.10 28.76
CA LEU B 344 44.08 0.31 28.72
C LEU B 344 44.52 -0.02 27.30
N LEU B 345 43.83 0.48 26.29
CA LEU B 345 44.19 0.19 24.92
C LEU B 345 45.61 0.63 24.59
N ASP B 346 45.99 1.83 25.00
CA ASP B 346 47.31 2.33 24.71
C ASP B 346 48.36 1.63 25.54
N THR B 347 48.05 1.34 26.80
CA THR B 347 49.00 0.68 27.67
C THR B 347 49.32 -0.72 27.18
N MET B 348 48.31 -1.51 26.83
CA MET B 348 48.55 -2.86 26.38
C MET B 348 49.33 -2.89 25.07
N TYR B 349 49.16 -1.87 24.24
CA TYR B 349 49.88 -1.82 22.98
C TYR B 349 51.39 -1.69 23.19
N ASP B 350 51.81 -0.85 24.12
CA ASP B 350 53.23 -0.59 24.37
C ASP B 350 53.80 -1.29 25.60
N LEU B 351 53.00 -2.05 26.33
CA LEU B 351 53.53 -2.72 27.51
C LEU B 351 54.51 -3.84 27.17
N PRO B 352 54.25 -4.70 26.17
CA PRO B 352 55.24 -5.76 25.87
C PRO B 352 56.58 -5.22 25.43
N SER B 353 56.57 -4.15 24.64
CA SER B 353 57.83 -3.55 24.20
C SER B 353 58.59 -3.00 25.40
N MET B 354 57.87 -2.42 26.35
CA MET B 354 58.50 -1.88 27.55
C MET B 354 59.14 -3.01 28.34
N GLU B 355 60.28 -2.70 28.94
CA GLU B 355 61.04 -3.64 29.74
C GLU B 355 61.26 -3.06 31.12
N ASP B 356 61.43 -3.95 32.10
CA ASP B 356 61.66 -3.61 33.49
C ASP B 356 60.43 -3.00 34.16
N VAL B 357 59.25 -3.21 33.59
CA VAL B 357 58.00 -2.68 34.15
C VAL B 357 57.39 -3.78 35.01
N GLU B 358 57.20 -3.49 36.29
CA GLU B 358 56.66 -4.44 37.25
C GLU B 358 55.23 -4.17 37.67
N LYS B 359 54.74 -2.94 37.59
CA LYS B 359 53.39 -2.64 38.05
C LYS B 359 52.79 -1.48 37.28
N VAL B 360 51.46 -1.52 37.13
CA VAL B 360 50.67 -0.50 36.44
C VAL B 360 49.55 -0.06 37.37
N VAL B 361 49.35 1.25 37.48
CA VAL B 361 48.33 1.84 38.34
C VAL B 361 47.40 2.69 37.49
N ILE B 362 46.10 2.51 37.68
CA ILE B 362 45.05 3.26 36.97
C ILE B 362 44.37 4.19 37.96
N ASP B 363 44.42 5.48 37.68
CA ASP B 363 43.78 6.50 38.49
C ASP B 363 42.44 6.86 37.87
N GLU B 364 41.66 7.66 38.60
CA GLU B 364 40.35 8.09 38.09
C GLU B 364 40.49 8.96 36.85
N SER B 365 41.57 9.75 36.79
CA SER B 365 41.78 10.63 35.66
C SER B 365 41.96 9.86 34.36
N VAL B 366 42.53 8.65 34.44
CA VAL B 366 42.75 7.84 33.25
C VAL B 366 41.44 7.55 32.53
N ILE B 367 40.39 7.26 33.30
CA ILE B 367 39.11 6.97 32.69
C ILE B 367 38.56 8.20 31.98
N ASP B 368 38.74 9.37 32.58
CA ASP B 368 38.29 10.61 31.97
C ASP B 368 39.04 10.92 30.68
N GLY B 369 40.28 10.45 30.58
CA GLY B 369 41.13 10.69 29.43
C GLY B 369 42.09 11.84 29.59
N GLN B 370 42.14 12.46 30.77
CA GLN B 370 43.04 13.57 31.03
C GLN B 370 44.38 13.13 31.60
N SER B 371 44.59 11.83 31.81
CA SER B 371 45.83 11.33 32.38
C SER B 371 46.26 10.05 31.67
N GLU B 372 47.48 9.65 32.00
CA GLU B 372 48.16 8.46 31.54
C GLU B 372 48.38 7.53 32.74
N PRO B 373 48.20 6.22 32.60
CA PRO B 373 48.42 5.33 33.74
C PRO B 373 49.85 5.40 34.24
N LEU B 374 49.99 5.49 35.55
CA LEU B 374 51.29 5.61 36.21
C LEU B 374 52.02 4.28 36.21
N LEU B 375 52.95 4.12 35.28
CA LEU B 375 53.74 2.91 35.21
C LEU B 375 54.83 2.93 36.27
N ILE B 376 55.11 1.77 36.85
CA ILE B 376 56.13 1.60 37.88
C ILE B 376 57.21 0.67 37.33
N TYR B 377 58.46 1.10 37.43
CA TYR B 377 59.61 0.35 36.97
C TYR B 377 60.35 -0.28 38.15
N GLY B 378 61.09 -1.34 37.86
CA GLY B 378 61.85 -2.03 38.86
C GLY B 378 63.09 -1.27 39.28
N SER C 26 59.74 -19.60 22.22
CA SER C 26 58.37 -19.58 21.70
C SER C 26 57.66 -18.30 22.11
N ALA C 27 58.26 -17.16 21.77
CA ALA C 27 57.68 -15.87 22.10
C ALA C 27 56.53 -15.55 21.17
N LEU C 28 55.69 -14.62 21.61
CA LEU C 28 54.52 -14.16 20.88
C LEU C 28 54.81 -12.83 20.20
N PRO C 29 54.36 -12.60 18.96
CA PRO C 29 54.61 -11.30 18.34
C PRO C 29 53.87 -10.20 19.09
N THR C 30 54.58 -9.13 19.37
CA THR C 30 54.00 -8.02 20.10
C THR C 30 53.15 -7.16 19.18
N PRO C 31 52.32 -6.27 19.75
CA PRO C 31 51.49 -5.42 18.90
C PRO C 31 52.30 -4.54 17.97
N HIS C 32 53.49 -4.10 18.39
CA HIS C 32 54.32 -3.29 17.52
C HIS C 32 54.67 -4.06 16.26
N GLU C 33 55.02 -5.34 16.41
CA GLU C 33 55.34 -6.15 15.25
C GLU C 33 54.12 -6.34 14.37
N ILE C 34 52.97 -6.59 14.98
CA ILE C 34 51.74 -6.78 14.22
C ILE C 34 51.39 -5.50 13.47
N ARG C 35 51.54 -4.35 14.12
CA ARG C 35 51.24 -3.08 13.47
C ARG C 35 52.18 -2.84 12.31
N ASN C 36 53.44 -3.25 12.44
CA ASN C 36 54.39 -3.04 11.37
C ASN C 36 53.97 -3.82 10.13
N HIS C 37 53.55 -5.07 10.32
CA HIS C 37 53.08 -5.87 9.20
C HIS C 37 51.85 -5.23 8.57
N LEU C 38 50.94 -4.73 9.40
CA LEU C 38 49.74 -4.08 8.89
C LEU C 38 50.08 -2.78 8.18
N ASP C 39 51.08 -2.06 8.69
CA ASP C 39 51.45 -0.79 8.09
C ASP C 39 52.00 -0.99 6.68
N ASP C 40 52.62 -2.14 6.42
CA ASP C 40 53.14 -2.43 5.09
C ASP C 40 52.07 -2.35 4.03
N TYR C 41 50.83 -2.74 4.36
CA TYR C 41 49.73 -2.76 3.43
C TYR C 41 48.63 -1.75 3.74
N VAL C 42 48.64 -1.12 4.90
CA VAL C 42 47.60 -0.17 5.29
C VAL C 42 48.27 1.13 5.72
N ILE C 43 47.66 2.24 5.32
CA ILE C 43 48.19 3.58 5.58
C ILE C 43 47.16 4.45 6.27
N GLY C 44 47.50 4.98 7.45
CA GLY C 44 46.71 5.98 8.12
C GLY C 44 45.76 5.54 9.21
N GLN C 45 45.46 4.26 9.35
CA GLN C 45 44.51 3.80 10.36
C GLN C 45 45.26 3.37 11.61
N GLU C 46 45.69 4.38 12.37
CA GLU C 46 46.46 4.12 13.58
C GLU C 46 45.61 3.52 14.68
N GLN C 47 44.44 4.11 14.94
CA GLN C 47 43.59 3.62 16.02
C GLN C 47 43.13 2.20 15.76
N ALA C 48 42.67 1.92 14.54
CA ALA C 48 42.20 0.59 14.21
C ALA C 48 43.32 -0.43 14.30
N LYS C 49 44.51 -0.07 13.82
CA LYS C 49 45.63 -0.99 13.87
C LYS C 49 46.00 -1.34 15.30
N LYS C 50 45.96 -0.37 16.20
CA LYS C 50 46.26 -0.63 17.60
C LYS C 50 45.25 -1.58 18.20
N VAL C 51 43.97 -1.35 17.93
CA VAL C 51 42.90 -2.18 18.47
C VAL C 51 43.04 -3.63 18.01
N LEU C 52 43.22 -3.82 16.71
CA LEU C 52 43.36 -5.17 16.18
C LEU C 52 44.62 -5.85 16.69
N ALA C 53 45.73 -5.12 16.75
CA ALA C 53 46.96 -5.71 17.24
C ALA C 53 46.84 -6.16 18.69
N VAL C 54 46.24 -5.32 19.52
CA VAL C 54 46.06 -5.66 20.92
C VAL C 54 45.17 -6.87 21.08
N ALA C 55 44.07 -6.91 20.31
CA ALA C 55 43.15 -8.02 20.40
C ALA C 55 43.79 -9.33 19.96
N VAL C 56 44.58 -9.27 18.89
CA VAL C 56 45.26 -10.47 18.42
C VAL C 56 46.27 -10.95 19.45
N TYR C 57 47.04 -10.02 20.02
CA TYR C 57 48.02 -10.38 21.03
C TYR C 57 47.35 -11.00 22.23
N ASN C 58 46.25 -10.39 22.70
CA ASN C 58 45.52 -10.93 23.84
C ASN C 58 44.96 -12.30 23.51
N HIS C 59 44.50 -12.48 22.27
CA HIS C 59 43.99 -13.76 21.83
C HIS C 59 45.04 -14.83 21.97
N TYR C 60 46.28 -14.52 21.58
CA TYR C 60 47.36 -15.47 21.72
C TYR C 60 47.64 -15.77 23.18
N LYS C 61 47.59 -14.74 24.02
CA LYS C 61 47.85 -14.93 25.45
C LYS C 61 46.83 -15.86 26.09
N ARG C 62 45.57 -15.73 25.68
CA ARG C 62 44.53 -16.60 26.21
C ARG C 62 44.73 -18.04 25.75
N LEU C 63 45.26 -18.22 24.55
CA LEU C 63 45.49 -19.55 24.01
C LEU C 63 46.63 -20.26 24.73
N ARG C 64 47.66 -19.52 25.14
CA ARG C 64 48.80 -20.12 25.81
C ARG C 64 48.38 -20.77 27.11
N ASN C 65 47.55 -20.09 27.91
CA ASN C 65 47.08 -20.64 29.17
C ASN C 65 45.76 -21.39 28.94
N GLY C 66 45.90 -22.50 28.22
CA GLY C 66 44.75 -23.36 27.97
C GLY C 66 44.16 -23.88 29.27
N ASP C 67 45.02 -24.38 30.15
CA ASP C 67 44.57 -24.87 31.45
C ASP C 67 44.04 -23.71 32.29
N THR C 68 44.75 -22.59 32.31
CA THR C 68 44.35 -21.42 33.08
C THR C 68 44.23 -21.78 34.56
N SER C 69 45.36 -22.21 35.14
CA SER C 69 45.30 -22.60 36.54
C SER C 69 45.19 -21.35 37.39
N ASN C 70 43.94 -21.00 37.68
CA ASN C 70 43.52 -19.87 38.49
C ASN C 70 42.00 -20.00 38.57
N GLY C 71 41.41 -19.21 39.46
CA GLY C 71 39.97 -19.18 39.56
C GLY C 71 39.43 -18.08 38.66
N VAL C 72 39.94 -17.99 37.44
CA VAL C 72 39.57 -16.93 36.50
C VAL C 72 39.50 -17.47 35.09
N GLU C 73 38.39 -17.18 34.41
CA GLU C 73 38.18 -17.55 33.02
C GLU C 73 38.20 -16.25 32.22
N LEU C 74 39.17 -16.13 31.32
CA LEU C 74 39.32 -14.91 30.55
C LEU C 74 38.30 -14.84 29.43
N GLY C 75 37.57 -13.73 29.37
CA GLY C 75 36.54 -13.51 28.38
C GLY C 75 37.02 -12.61 27.25
N LYS C 76 36.67 -13.00 26.04
CA LYS C 76 37.05 -12.27 24.84
C LYS C 76 36.25 -10.98 24.70
N SER C 77 36.88 -10.00 24.06
CA SER C 77 36.28 -8.72 23.73
C SER C 77 36.25 -8.59 22.22
N ASN C 78 35.07 -8.63 21.63
CA ASN C 78 34.96 -8.56 20.19
C ASN C 78 35.10 -7.12 19.72
N ILE C 79 35.41 -6.98 18.43
CA ILE C 79 35.69 -5.70 17.80
C ILE C 79 34.62 -5.34 16.78
N LEU C 80 34.41 -4.04 16.63
CA LEU C 80 33.46 -3.47 15.68
C LEU C 80 34.19 -2.37 14.92
N LEU C 81 34.46 -2.61 13.64
CA LEU C 81 35.14 -1.63 12.80
C LEU C 81 34.12 -0.79 12.06
N ILE C 82 34.26 0.53 12.18
CA ILE C 82 33.38 1.48 11.52
C ILE C 82 34.25 2.40 10.71
N GLY C 83 33.86 2.65 9.47
CA GLY C 83 34.60 3.53 8.63
C GLY C 83 33.94 3.71 7.29
N PRO C 84 34.32 4.74 6.56
CA PRO C 84 33.69 4.96 5.26
C PRO C 84 34.19 3.98 4.22
N THR C 85 33.74 4.15 2.99
CA THR C 85 34.16 3.28 1.91
C THR C 85 35.61 3.56 1.55
N GLY C 86 36.30 2.51 1.13
CA GLY C 86 37.70 2.60 0.75
C GLY C 86 38.60 3.12 1.84
N SER C 87 38.37 2.67 3.07
CA SER C 87 39.14 3.10 4.23
C SER C 87 40.19 2.09 4.66
N GLY C 88 39.93 0.79 4.52
CA GLY C 88 40.86 -0.24 4.91
C GLY C 88 40.33 -1.29 5.86
N LYS C 89 39.01 -1.40 5.98
CA LYS C 89 38.43 -2.39 6.88
C LYS C 89 38.70 -3.80 6.37
N THR C 90 38.21 -4.11 5.18
CA THR C 90 38.41 -5.42 4.59
C THR C 90 39.89 -5.69 4.37
N LEU C 91 40.66 -4.66 4.05
CA LEU C 91 42.09 -4.84 3.82
C LEU C 91 42.81 -5.22 5.10
N LEU C 92 42.44 -4.61 6.21
CA LEU C 92 43.06 -4.93 7.49
C LEU C 92 42.87 -6.40 7.81
N ALA C 93 41.68 -6.92 7.55
CA ALA C 93 41.40 -8.33 7.79
C ALA C 93 42.25 -9.23 6.92
N GLU C 94 42.37 -8.90 5.64
CA GLU C 94 43.17 -9.71 4.72
C GLU C 94 44.62 -9.73 5.17
N THR C 95 45.17 -8.58 5.52
CA THR C 95 46.54 -8.50 5.99
C THR C 95 46.73 -9.33 7.24
N LEU C 96 45.75 -9.29 8.13
CA LEU C 96 45.81 -10.05 9.38
C LEU C 96 45.91 -11.53 9.11
N ALA C 97 45.15 -12.02 8.13
CA ALA C 97 45.16 -13.43 7.79
C ALA C 97 46.53 -13.90 7.33
N ARG C 98 47.30 -13.02 6.71
CA ARG C 98 48.62 -13.39 6.24
C ARG C 98 49.54 -13.77 7.39
N LEU C 99 49.47 -13.03 8.50
CA LEU C 99 50.33 -13.25 9.66
C LEU C 99 49.62 -13.91 10.83
N LEU C 100 48.46 -14.52 10.62
CA LEU C 100 47.71 -15.17 11.69
C LEU C 100 47.89 -16.67 11.61
N ASP C 101 48.48 -17.25 12.66
CA ASP C 101 48.64 -18.69 12.70
C ASP C 101 47.31 -19.39 12.91
N VAL C 102 46.48 -18.84 13.79
CA VAL C 102 45.17 -19.41 14.12
C VAL C 102 44.20 -19.22 12.94
N PRO C 103 43.29 -20.17 12.70
CA PRO C 103 42.35 -20.04 11.57
C PRO C 103 41.53 -18.76 11.51
N PHE C 104 41.70 -18.01 10.43
CA PHE C 104 40.98 -16.77 10.17
C PHE C 104 40.08 -16.98 8.97
N THR C 105 38.78 -16.71 9.15
CA THR C 105 37.80 -16.79 8.08
C THR C 105 37.09 -15.45 7.94
N MET C 106 36.61 -15.18 6.74
CA MET C 106 35.90 -13.95 6.41
C MET C 106 34.49 -14.32 5.96
N ALA C 107 33.50 -13.64 6.52
CA ALA C 107 32.11 -13.90 6.22
C ALA C 107 31.39 -12.64 5.79
N ASP C 108 30.34 -12.83 4.99
CA ASP C 108 29.49 -11.77 4.48
C ASP C 108 28.14 -11.90 5.18
N ALA C 109 27.74 -10.85 5.88
CA ALA C 109 26.48 -10.86 6.62
C ALA C 109 25.25 -10.77 5.77
N THR C 110 25.36 -10.37 4.51
CA THR C 110 24.17 -10.23 3.67
C THR C 110 23.50 -11.57 3.42
N THR C 111 24.30 -12.61 3.22
CA THR C 111 23.80 -13.95 2.90
C THR C 111 23.07 -14.64 4.04
N LEU C 112 23.29 -14.22 5.28
CA LEU C 112 22.71 -14.89 6.43
C LEU C 112 21.20 -14.68 6.51
N THR C 113 20.52 -15.60 7.22
CA THR C 113 19.08 -15.55 7.41
C THR C 113 18.71 -15.97 8.84
N GLU C 114 17.41 -15.93 9.11
CA GLU C 114 16.85 -16.18 10.44
C GLU C 114 16.46 -17.62 10.75
N ALA C 115 17.40 -18.55 10.60
CA ALA C 115 17.22 -19.92 11.07
C ALA C 115 15.90 -20.58 10.66
N GLY C 116 15.74 -20.79 9.36
CA GLY C 116 14.51 -21.37 8.86
C GLY C 116 14.09 -20.84 7.50
N TYR C 117 14.77 -19.82 7.03
CA TYR C 117 14.52 -19.25 5.71
C TYR C 117 15.57 -19.75 4.74
N VAL C 118 15.29 -19.55 3.45
CA VAL C 118 16.09 -20.10 2.35
C VAL C 118 17.52 -19.61 2.29
N GLY C 119 17.79 -18.39 2.70
CA GLY C 119 19.13 -17.86 2.50
C GLY C 119 20.34 -18.61 3.00
N GLU C 120 20.51 -18.73 4.29
CA GLU C 120 21.69 -19.39 4.84
C GLU C 120 21.49 -19.48 6.35
N ASP C 121 22.45 -20.12 7.02
CA ASP C 121 22.45 -20.26 8.47
C ASP C 121 23.73 -19.62 8.97
N VAL C 122 23.66 -19.16 10.22
CA VAL C 122 24.80 -18.49 10.83
C VAL C 122 25.92 -19.48 11.11
N GLU C 123 25.56 -20.70 11.49
CA GLU C 123 26.54 -21.74 11.79
C GLU C 123 27.49 -21.99 10.63
N ASN C 124 27.06 -21.73 9.40
CA ASN C 124 27.91 -21.90 8.22
C ASN C 124 29.28 -21.25 8.41
N ILE C 125 29.33 -20.09 9.07
CA ILE C 125 30.58 -19.41 9.36
C ILE C 125 31.58 -20.38 9.98
N ILE C 126 31.18 -21.05 11.04
CA ILE C 126 32.05 -22.01 11.72
C ILE C 126 32.52 -23.09 10.76
N GLN C 127 31.64 -23.52 9.84
CA GLN C 127 32.02 -24.51 8.85
C GLN C 127 33.24 -24.06 8.07
N LYS C 128 33.21 -22.82 7.57
CA LYS C 128 34.34 -22.26 6.86
C LYS C 128 35.59 -22.27 7.74
N LEU C 129 35.42 -21.94 9.01
CA LEU C 129 36.54 -21.95 9.94
C LEU C 129 37.16 -23.33 10.04
N LEU C 130 36.32 -24.37 10.12
CA LEU C 130 36.84 -25.73 10.19
C LEU C 130 37.64 -26.09 8.95
N GLN C 131 37.21 -25.62 7.78
CA GLN C 131 37.92 -25.91 6.55
C GLN C 131 39.36 -25.40 6.62
N LYS C 132 39.55 -24.23 7.20
CA LYS C 132 40.89 -23.67 7.33
C LYS C 132 41.74 -24.50 8.28
N SER C 133 41.13 -25.09 9.29
CA SER C 133 41.82 -25.89 10.28
C SER C 133 41.77 -27.38 10.00
N ASP C 134 41.36 -27.78 8.78
CA ASP C 134 41.28 -29.18 8.39
C ASP C 134 40.39 -29.95 9.36
N TYR C 135 39.24 -29.35 9.68
CA TYR C 135 38.24 -29.92 10.57
C TYR C 135 38.84 -30.39 11.90
N ASP C 136 39.70 -29.55 12.47
CA ASP C 136 40.32 -29.77 13.76
C ASP C 136 39.60 -28.82 14.70
N VAL C 137 38.57 -29.33 15.38
CA VAL C 137 37.73 -28.54 16.27
C VAL C 137 38.56 -27.73 17.26
N GLN C 138 39.41 -28.41 18.03
CA GLN C 138 40.24 -27.76 19.03
C GLN C 138 41.08 -26.63 18.45
N LYS C 139 41.39 -26.71 17.16
CA LYS C 139 42.15 -25.68 16.48
C LYS C 139 41.28 -24.55 15.94
N ALA C 140 39.97 -24.77 15.86
CA ALA C 140 39.01 -23.78 15.37
C ALA C 140 38.43 -22.93 16.49
N GLN C 141 38.12 -23.56 17.62
CA GLN C 141 37.56 -22.87 18.78
C GLN C 141 38.38 -21.68 19.22
N ARG C 142 39.67 -21.65 18.90
CA ARG C 142 40.57 -20.56 19.24
C ARG C 142 40.85 -19.66 18.04
N GLY C 143 40.03 -19.72 17.01
CA GLY C 143 40.22 -18.95 15.81
C GLY C 143 39.72 -17.52 15.88
N ILE C 144 39.82 -16.86 14.73
CA ILE C 144 39.40 -15.50 14.51
C ILE C 144 38.36 -15.53 13.42
N VAL C 145 37.41 -14.59 13.47
CA VAL C 145 36.35 -14.49 12.49
C VAL C 145 36.13 -13.01 12.19
N TYR C 146 35.86 -12.72 10.93
CA TYR C 146 35.60 -11.36 10.47
C TYR C 146 34.30 -11.37 9.69
N ILE C 147 33.32 -10.64 10.18
CA ILE C 147 32.00 -10.55 9.58
C ILE C 147 31.92 -9.19 8.90
N ASP C 148 32.03 -9.19 7.58
CA ASP C 148 31.98 -7.96 6.82
C ASP C 148 30.53 -7.58 6.53
N GLU C 149 30.36 -6.34 6.12
CA GLU C 149 29.05 -5.78 5.82
C GLU C 149 28.07 -6.02 6.96
N ILE C 150 28.50 -5.65 8.16
CA ILE C 150 27.67 -5.84 9.34
C ILE C 150 26.59 -4.77 9.44
N ASP C 151 26.72 -3.67 8.68
CA ASP C 151 25.70 -2.64 8.68
C ASP C 151 24.55 -2.99 7.77
N LYS C 152 24.71 -4.02 6.95
CA LYS C 152 23.65 -4.46 6.06
C LYS C 152 22.57 -5.20 6.82
N ILE C 153 22.86 -5.65 8.03
CA ILE C 153 21.89 -6.33 8.88
C ILE C 153 21.51 -5.35 9.98
N SER C 154 20.42 -4.63 9.77
CA SER C 154 20.04 -3.66 10.78
C SER C 154 18.61 -3.24 10.57
N ARG C 155 17.91 -3.05 11.70
CA ARG C 155 16.57 -2.53 11.64
C ARG C 155 16.60 -1.19 10.93
N LYS C 156 15.56 -0.89 10.17
CA LYS C 156 15.50 0.37 9.45
C LYS C 156 15.00 1.50 10.37
N SER C 157 15.72 1.68 11.47
CA SER C 157 15.38 2.68 12.49
C SER C 157 13.93 2.53 12.93
N ASP C 158 13.52 1.28 13.13
CA ASP C 158 12.15 0.96 13.55
C ASP C 158 12.21 0.04 14.76
N ASN C 159 11.73 0.54 15.89
CA ASN C 159 11.68 -0.21 17.14
C ASN C 159 10.52 -1.21 17.16
N PRO C 160 9.31 -0.82 16.71
CA PRO C 160 8.20 -1.78 16.74
C PRO C 160 8.45 -3.05 15.94
N SER C 161 9.17 -2.98 14.82
CA SER C 161 9.45 -4.16 14.00
C SER C 161 8.14 -4.83 13.56
N ILE C 162 7.37 -4.07 12.77
CA ILE C 162 6.06 -4.53 12.25
C ILE C 162 6.15 -5.94 11.71
N THR C 163 7.14 -6.20 10.85
CA THR C 163 7.37 -7.50 10.26
C THR C 163 8.79 -7.95 10.58
N ARG C 164 8.98 -9.25 10.73
CA ARG C 164 10.30 -9.75 11.08
C ARG C 164 11.25 -9.63 9.90
N ASP C 165 12.43 -9.07 10.18
CA ASP C 165 13.48 -8.91 9.18
C ASP C 165 14.33 -10.17 9.25
N VAL C 166 14.07 -11.10 8.33
CA VAL C 166 14.83 -12.35 8.33
C VAL C 166 16.27 -12.11 7.92
N SER C 167 16.52 -11.14 7.05
CA SER C 167 17.87 -10.82 6.61
C SER C 167 18.55 -9.77 7.47
N GLY C 168 17.80 -9.08 8.31
CA GLY C 168 18.34 -8.05 9.18
C GLY C 168 18.34 -8.44 10.63
N GLU C 169 17.37 -7.89 11.37
CA GLU C 169 17.18 -8.13 12.79
C GLU C 169 17.30 -9.59 13.15
N GLY C 170 16.67 -10.46 12.35
CA GLY C 170 16.75 -11.89 12.61
C GLY C 170 18.17 -12.40 12.64
N VAL C 171 19.03 -11.85 11.79
CA VAL C 171 20.43 -12.26 11.77
C VAL C 171 21.10 -11.86 13.07
N GLN C 172 20.86 -10.62 13.52
CA GLN C 172 21.47 -10.15 14.75
C GLN C 172 21.05 -11.01 15.93
N GLN C 173 19.78 -11.36 15.99
CA GLN C 173 19.28 -12.22 17.06
C GLN C 173 19.99 -13.56 17.07
N ALA C 174 20.27 -14.09 15.89
CA ALA C 174 20.95 -15.38 15.78
C ALA C 174 22.40 -15.28 16.19
N LEU C 175 23.07 -14.20 15.82
CA LEU C 175 24.48 -14.04 16.13
C LEU C 175 24.76 -13.80 17.60
N LEU C 176 23.77 -13.33 18.37
CA LEU C 176 23.95 -13.02 19.79
C LEU C 176 24.68 -14.13 20.54
N LYS C 177 24.10 -15.32 20.53
CA LYS C 177 24.71 -16.41 21.27
C LYS C 177 25.93 -16.97 20.58
N LEU C 178 26.07 -16.77 19.27
CA LEU C 178 27.26 -17.27 18.57
C LEU C 178 28.49 -16.49 19.02
N ILE C 179 28.31 -15.20 19.26
CA ILE C 179 29.40 -14.34 19.70
C ILE C 179 29.68 -14.60 21.18
N GLU C 180 28.63 -14.56 22.00
CA GLU C 180 28.75 -14.80 23.43
C GLU C 180 29.38 -16.14 23.74
N GLY C 181 29.09 -17.16 22.92
CA GLY C 181 29.62 -18.49 23.12
C GLY C 181 28.63 -19.61 23.33
N THR C 182 28.64 -20.59 22.44
CA THR C 182 27.78 -21.76 22.51
C THR C 182 28.31 -22.80 21.54
N VAL C 183 27.68 -23.97 21.54
CA VAL C 183 28.07 -25.07 20.69
C VAL C 183 27.29 -24.97 19.38
N ALA C 184 28.00 -25.12 18.26
CA ALA C 184 27.41 -25.06 16.94
C ALA C 184 27.54 -26.42 16.27
N ALA C 185 26.45 -26.85 15.64
CA ALA C 185 26.40 -28.14 14.96
C ALA C 185 26.76 -27.96 13.49
N VAL C 186 27.81 -28.64 13.05
CA VAL C 186 28.26 -28.55 11.66
C VAL C 186 28.67 -29.92 11.12
N PRO C 187 28.40 -30.24 9.85
CA PRO C 187 28.81 -31.54 9.30
C PRO C 187 30.22 -31.49 8.73
N PRO C 188 31.12 -32.46 9.03
CA PRO C 188 32.48 -32.36 8.45
C PRO C 188 32.54 -32.45 6.93
N GLN C 189 32.00 -33.53 6.36
CA GLN C 189 31.98 -33.74 4.91
C GLN C 189 30.69 -34.52 4.65
N GLY C 190 29.62 -33.81 4.29
CA GLY C 190 28.36 -34.51 4.14
C GLY C 190 27.76 -34.99 5.45
N GLY C 191 28.42 -34.71 6.57
CA GLY C 191 28.04 -35.11 7.92
C GLY C 191 28.51 -36.52 8.16
N ARG C 192 27.78 -37.46 7.59
CA ARG C 192 28.05 -38.89 7.60
C ARG C 192 26.90 -39.47 6.78
N LYS C 193 26.95 -40.78 6.54
CA LYS C 193 25.81 -41.44 5.92
C LYS C 193 24.58 -41.09 6.74
N HIS C 194 23.43 -40.91 6.08
CA HIS C 194 22.18 -40.49 6.72
C HIS C 194 21.93 -41.10 8.10
N PRO C 195 22.13 -42.41 8.31
CA PRO C 195 21.97 -42.94 9.68
C PRO C 195 23.18 -42.54 10.51
N GLN C 196 22.93 -42.04 11.71
CA GLN C 196 23.98 -41.61 12.64
C GLN C 196 24.91 -40.57 11.99
N GLN C 197 24.33 -39.43 11.61
CA GLN C 197 25.11 -38.36 11.00
C GLN C 197 26.22 -37.86 11.91
N GLU C 198 25.95 -37.76 13.21
CA GLU C 198 26.93 -37.33 14.22
C GLU C 198 27.55 -35.96 13.88
N PHE C 199 26.69 -34.95 13.83
CA PHE C 199 27.13 -33.58 13.60
C PHE C 199 28.19 -33.14 14.61
N LEU C 200 29.22 -32.47 14.12
CA LEU C 200 30.29 -31.98 14.98
C LEU C 200 29.85 -30.77 15.78
N GLN C 201 30.32 -30.67 17.01
CA GLN C 201 29.97 -29.58 17.91
C GLN C 201 31.21 -28.70 18.10
N VAL C 202 31.05 -27.41 17.82
CA VAL C 202 32.11 -26.43 17.92
C VAL C 202 31.69 -25.32 18.88
N ASP C 203 32.52 -25.06 19.87
CA ASP C 203 32.26 -24.01 20.86
C ASP C 203 32.88 -22.70 20.38
N THR C 204 32.09 -21.63 20.43
CA THR C 204 32.51 -20.31 20.01
C THR C 204 32.79 -19.37 21.17
N SER C 205 32.92 -19.90 22.38
CA SER C 205 33.16 -19.04 23.53
C SER C 205 34.50 -18.33 23.45
N LYS C 206 35.48 -18.95 22.81
CA LYS C 206 36.82 -18.40 22.69
C LYS C 206 37.17 -17.89 21.30
N ILE C 207 36.20 -17.82 20.39
CA ILE C 207 36.44 -17.36 19.04
C ILE C 207 36.25 -15.85 19.00
N LEU C 208 37.26 -15.14 18.53
CA LEU C 208 37.20 -13.70 18.41
C LEU C 208 36.46 -13.33 17.14
N PHE C 209 35.60 -12.32 17.25
CA PHE C 209 34.80 -11.84 16.15
C PHE C 209 35.12 -10.38 15.91
N ILE C 210 35.33 -10.03 14.65
CA ILE C 210 35.67 -8.67 14.25
C ILE C 210 34.63 -8.27 13.22
N CYS C 211 33.67 -7.48 13.62
CA CYS C 211 32.63 -7.03 12.71
C CYS C 211 33.05 -5.73 12.07
N GLY C 212 32.63 -5.55 10.82
CA GLY C 212 32.98 -4.38 10.07
C GLY C 212 31.93 -3.91 9.09
N GLY C 213 31.72 -2.60 9.01
CA GLY C 213 30.76 -2.08 8.09
C GLY C 213 30.76 -0.58 7.94
N ALA C 214 30.37 -0.11 6.75
CA ALA C 214 30.27 1.30 6.46
C ALA C 214 28.88 1.73 6.90
N PHE C 215 28.79 2.25 8.12
CA PHE C 215 27.49 2.64 8.66
C PHE C 215 27.11 3.97 8.00
N ALA C 216 26.53 3.84 6.82
CA ALA C 216 26.10 5.01 6.06
C ALA C 216 24.93 5.67 6.76
N GLY C 217 25.02 6.97 6.94
CA GLY C 217 23.98 7.71 7.61
C GLY C 217 24.16 7.80 9.11
N LEU C 218 25.23 7.22 9.64
CA LEU C 218 25.48 7.28 11.08
C LEU C 218 25.92 8.66 11.51
N ASP C 219 26.66 9.36 10.65
CA ASP C 219 27.11 10.71 10.99
C ASP C 219 25.92 11.61 11.31
N LYS C 220 24.84 11.47 10.55
CA LYS C 220 23.64 12.26 10.81
C LYS C 220 23.05 11.89 12.15
N VAL C 221 23.05 10.61 12.49
CA VAL C 221 22.51 10.16 13.76
C VAL C 221 23.34 10.69 14.91
N ILE C 222 24.62 10.95 14.67
CA ILE C 222 25.51 11.50 15.70
C ILE C 222 25.40 13.01 15.76
N SER C 223 25.22 13.66 14.60
CA SER C 223 25.12 15.11 14.57
C SER C 223 23.87 15.59 15.28
N HIS C 224 22.80 14.81 15.21
CA HIS C 224 21.56 15.18 15.89
C HIS C 224 21.79 15.23 17.40
N ARG C 225 22.38 14.17 17.95
CA ARG C 225 22.64 14.09 19.37
C ARG C 225 23.76 15.03 19.82
N VAL C 226 24.79 15.19 19.00
CA VAL C 226 25.96 15.97 19.41
C VAL C 226 25.83 17.47 19.15
N GLU C 227 24.90 17.90 18.34
CA GLU C 227 24.78 19.32 18.04
C GLU C 227 23.77 19.98 18.97
N THR C 228 23.98 21.27 19.19
CA THR C 228 23.10 22.05 20.07
C THR C 228 21.66 21.98 19.59
N GLY C 229 21.46 21.93 18.28
CA GLY C 229 20.15 21.90 17.69
C GLY C 229 19.74 23.29 17.26
N SER C 230 18.92 23.36 16.23
CA SER C 230 18.48 24.63 15.67
C SER C 230 16.97 24.68 15.61
N GLY C 231 16.47 25.92 15.61
CA GLY C 231 15.07 26.21 15.51
C GLY C 231 14.89 27.22 14.41
N ILE C 232 13.77 27.92 14.41
CA ILE C 232 13.49 28.92 13.38
C ILE C 232 13.14 30.28 13.94
N GLY C 233 12.69 30.39 15.17
CA GLY C 233 12.28 31.67 15.71
C GLY C 233 13.41 32.61 16.07
N PHE C 234 13.02 33.70 16.74
CA PHE C 234 13.98 34.69 17.20
C PHE C 234 14.85 34.11 18.29
N GLY C 235 14.23 33.61 19.35
CA GLY C 235 14.98 33.02 20.44
C GLY C 235 15.80 31.81 20.02
N ALA C 236 15.34 31.12 18.98
CA ALA C 236 16.03 29.94 18.49
C ALA C 236 17.40 30.29 17.93
N THR C 237 18.34 29.36 18.12
CA THR C 237 19.70 29.50 17.64
C THR C 237 19.82 28.81 16.29
N VAL C 238 20.68 29.36 15.44
CA VAL C 238 20.89 28.83 14.10
C VAL C 238 22.37 28.64 13.87
N LYS C 239 22.70 27.69 13.00
CA LYS C 239 24.07 27.37 12.65
C LYS C 239 24.22 27.40 11.14
N ALA C 240 25.36 27.89 10.67
CA ALA C 240 25.60 27.95 9.25
C ALA C 240 25.81 26.55 8.68
N LYS C 241 25.48 26.39 7.40
CA LYS C 241 25.66 25.10 6.75
C LYS C 241 27.14 24.73 6.68
N SER C 242 27.99 25.71 6.40
CA SER C 242 29.43 25.46 6.29
C SER C 242 30.03 25.03 7.62
N ASP C 243 29.54 25.59 8.73
CA ASP C 243 30.08 25.28 10.05
C ASP C 243 29.36 24.04 10.62
N LYS C 244 29.69 22.90 10.01
CA LYS C 244 29.16 21.61 10.40
C LYS C 244 30.32 20.63 10.56
N ALA C 245 30.16 19.70 11.50
CA ALA C 245 31.20 18.72 11.77
C ALA C 245 31.33 17.72 10.62
N SER C 246 32.57 17.27 10.41
CA SER C 246 32.90 16.32 9.37
C SER C 246 32.45 14.91 9.74
N GLU C 247 32.36 14.05 8.71
CA GLU C 247 31.95 12.67 8.94
C GLU C 247 32.94 11.94 9.83
N GLY C 248 34.24 12.17 9.61
CA GLY C 248 35.24 11.50 10.42
C GLY C 248 35.21 11.98 11.87
N GLU C 249 35.02 13.29 12.06
CA GLU C 249 34.96 13.82 13.42
C GLU C 249 33.75 13.30 14.18
N LEU C 250 32.61 13.19 13.50
CA LEU C 250 31.41 12.70 14.15
C LEU C 250 31.53 11.22 14.53
N LEU C 251 32.11 10.41 13.65
CA LEU C 251 32.25 9.00 13.93
C LEU C 251 33.16 8.74 15.13
N ALA C 252 34.08 9.65 15.41
CA ALA C 252 34.96 9.47 16.55
C ALA C 252 34.20 9.60 17.88
N GLN C 253 33.02 10.20 17.85
CA GLN C 253 32.19 10.37 19.04
C GLN C 253 31.07 9.34 19.09
N VAL C 254 31.12 8.32 18.22
CA VAL C 254 30.10 7.30 18.19
C VAL C 254 29.98 6.61 19.53
N GLU C 255 28.74 6.39 19.95
CA GLU C 255 28.41 5.71 21.19
C GLU C 255 27.35 4.67 20.87
N PRO C 256 27.08 3.75 21.81
CA PRO C 256 26.08 2.71 21.53
C PRO C 256 24.70 3.23 21.17
N GLU C 257 24.24 4.31 21.82
CA GLU C 257 22.92 4.85 21.52
C GLU C 257 22.82 5.26 20.06
N ASP C 258 23.91 5.78 19.50
CA ASP C 258 23.91 6.18 18.09
C ASP C 258 23.70 4.98 17.19
N LEU C 259 24.33 3.86 17.51
CA LEU C 259 24.17 2.65 16.72
C LEU C 259 22.78 2.07 16.87
N ILE C 260 22.21 2.14 18.07
CA ILE C 260 20.87 1.63 18.30
C ILE C 260 19.87 2.34 17.41
N LYS C 261 19.98 3.67 17.30
CA LYS C 261 19.09 4.41 16.43
C LYS C 261 19.34 4.06 14.98
N PHE C 262 20.59 3.74 14.63
CA PHE C 262 20.91 3.35 13.27
C PHE C 262 20.20 2.08 12.88
N GLY C 263 19.98 1.17 13.83
CA GLY C 263 19.32 -0.09 13.58
C GLY C 263 19.84 -1.29 14.32
N LEU C 264 20.99 -1.16 14.97
CA LEU C 264 21.52 -2.28 15.73
C LEU C 264 20.74 -2.49 17.02
N ILE C 265 20.77 -3.73 17.49
CA ILE C 265 20.08 -4.18 18.67
C ILE C 265 20.98 -3.91 19.88
N PRO C 266 20.45 -3.46 21.03
CA PRO C 266 21.32 -3.27 22.20
C PRO C 266 22.09 -4.50 22.58
N GLU C 267 21.43 -5.66 22.49
CA GLU C 267 22.07 -6.93 22.82
C GLU C 267 23.29 -7.17 21.95
N PHE C 268 23.16 -6.91 20.65
CA PHE C 268 24.24 -7.13 19.70
C PHE C 268 25.46 -6.27 20.01
N ILE C 269 25.25 -5.00 20.35
CA ILE C 269 26.37 -4.10 20.59
C ILE C 269 27.14 -4.51 21.82
N GLY C 270 26.45 -5.00 22.85
CA GLY C 270 27.14 -5.44 24.05
C GLY C 270 28.14 -6.53 23.76
N ARG C 271 27.81 -7.42 22.83
CA ARG C 271 28.72 -8.47 22.43
C ARG C 271 30.00 -7.90 21.83
N LEU C 272 29.95 -6.68 21.30
CA LEU C 272 31.07 -5.98 20.68
C LEU C 272 31.48 -4.81 21.57
N PRO C 273 32.36 -5.02 22.55
CA PRO C 273 32.71 -3.91 23.45
C PRO C 273 33.55 -2.81 22.83
N VAL C 274 34.59 -3.13 22.08
CA VAL C 274 35.50 -2.14 21.55
C VAL C 274 35.05 -1.72 20.16
N VAL C 275 34.88 -0.42 19.98
CA VAL C 275 34.50 0.18 18.71
C VAL C 275 35.68 0.96 18.22
N ALA C 276 36.19 0.59 17.06
CA ALA C 276 37.32 1.23 16.44
C ALA C 276 36.83 1.93 15.19
N THR C 277 37.23 3.17 15.02
CA THR C 277 36.81 4.01 13.92
C THR C 277 37.97 4.25 12.97
N LEU C 278 37.66 4.26 11.69
CA LEU C 278 38.64 4.50 10.64
C LEU C 278 38.36 5.87 10.04
N ASN C 279 39.41 6.68 9.96
CA ASN C 279 39.24 8.03 9.44
C ASN C 279 39.24 8.02 7.92
N GLU C 280 38.68 9.08 7.35
CA GLU C 280 38.62 9.22 5.91
C GLU C 280 40.00 9.51 5.37
N LEU C 281 40.29 8.92 4.22
CA LEU C 281 41.60 9.05 3.59
C LEU C 281 41.79 10.43 2.98
N SER C 282 42.71 11.20 3.55
CA SER C 282 43.04 12.52 3.05
C SER C 282 43.95 12.41 1.83
N GLU C 283 44.08 13.53 1.11
CA GLU C 283 44.93 13.57 -0.08
C GLU C 283 46.35 13.13 0.21
N GLU C 284 46.88 13.50 1.38
CA GLU C 284 48.23 13.11 1.74
C GLU C 284 48.35 11.60 1.85
N ALA C 285 47.36 10.97 2.48
CA ALA C 285 47.38 9.51 2.62
C ALA C 285 47.21 8.83 1.28
N LEU C 286 46.37 9.37 0.42
CA LEU C 286 46.14 8.77 -0.89
C LEU C 286 47.42 8.74 -1.71
N ILE C 287 48.25 9.78 -1.58
CA ILE C 287 49.51 9.82 -2.29
C ILE C 287 50.42 8.69 -1.82
N GLN C 288 50.33 8.33 -0.54
CA GLN C 288 51.15 7.24 -0.03
C GLN C 288 50.63 5.90 -0.53
N ILE C 289 49.30 5.77 -0.60
CA ILE C 289 48.67 4.54 -1.04
C ILE C 289 49.09 4.18 -2.45
N LEU C 290 49.32 5.20 -3.27
CA LEU C 290 49.71 4.96 -4.65
C LEU C 290 51.06 4.25 -4.75
N LYS C 291 52.01 4.60 -3.89
CA LYS C 291 53.36 4.05 -3.96
C LYS C 291 53.83 3.24 -2.76
N GLU C 292 53.64 3.73 -1.53
CA GLU C 292 54.23 3.05 -0.37
C GLU C 292 53.77 1.62 -0.10
N PRO C 293 52.49 1.25 -0.23
CA PRO C 293 52.11 -0.13 0.08
C PRO C 293 52.76 -1.18 -0.81
N LYS C 294 52.73 -2.41 -0.31
CA LYS C 294 53.33 -3.54 -1.00
C LYS C 294 52.67 -3.83 -2.34
N ASN C 295 51.34 -3.70 -2.40
CA ASN C 295 50.55 -3.97 -3.59
C ASN C 295 49.87 -2.69 -4.05
N ALA C 296 50.63 -1.61 -4.00
CA ALA C 296 50.15 -0.30 -4.36
C ALA C 296 49.72 -0.26 -5.82
N LEU C 297 48.76 0.63 -6.08
CA LEU C 297 48.19 0.78 -7.41
C LEU C 297 49.24 1.06 -8.47
N THR C 298 50.21 1.93 -8.18
CA THR C 298 51.23 2.23 -9.15
C THR C 298 52.07 1.01 -9.47
N LYS C 299 52.40 0.22 -8.45
CA LYS C 299 53.19 -0.99 -8.65
C LYS C 299 52.43 -2.01 -9.49
N GLN C 300 51.11 -2.03 -9.36
CA GLN C 300 50.32 -2.97 -10.14
C GLN C 300 50.43 -2.68 -11.62
N TYR C 301 50.28 -1.42 -12.00
CA TYR C 301 50.38 -1.04 -13.40
C TYR C 301 51.81 -1.19 -13.91
N GLN C 302 52.80 -0.87 -13.08
CA GLN C 302 54.17 -1.07 -13.50
C GLN C 302 54.43 -2.54 -13.80
N ALA C 303 53.89 -3.42 -12.95
CA ALA C 303 54.03 -4.85 -13.19
C ALA C 303 53.29 -5.26 -14.44
N LEU C 304 52.13 -4.66 -14.67
CA LEU C 304 51.33 -4.94 -15.84
C LEU C 304 52.10 -4.59 -17.11
N PHE C 305 52.77 -3.44 -17.09
CA PHE C 305 53.59 -2.99 -18.20
C PHE C 305 54.95 -3.71 -18.25
N ASN C 306 55.53 -4.00 -17.08
CA ASN C 306 56.85 -4.63 -17.04
C ASN C 306 56.82 -6.01 -17.67
N LEU C 307 55.74 -6.76 -17.48
CA LEU C 307 55.67 -8.07 -18.11
C LEU C 307 55.49 -7.93 -19.62
N GLU C 308 55.04 -6.77 -20.07
CA GLU C 308 54.87 -6.46 -21.48
C GLU C 308 56.14 -5.90 -22.10
N GLY C 309 57.20 -5.72 -21.30
CA GLY C 309 58.46 -5.19 -21.78
C GLY C 309 58.61 -3.69 -21.69
N VAL C 310 57.66 -3.00 -21.05
CA VAL C 310 57.69 -1.56 -20.93
C VAL C 310 57.83 -1.17 -19.47
N ASP C 311 58.43 -0.01 -19.24
CA ASP C 311 58.66 0.54 -17.91
C ASP C 311 57.78 1.76 -17.73
N LEU C 312 56.95 1.74 -16.70
CA LEU C 312 56.02 2.82 -16.42
C LEU C 312 56.57 3.66 -15.28
N GLU C 313 56.61 4.97 -15.49
CA GLU C 313 57.09 5.91 -14.49
C GLU C 313 56.00 6.94 -14.21
N PHE C 314 55.75 7.17 -12.92
CA PHE C 314 54.77 8.12 -12.45
C PHE C 314 55.50 9.27 -11.80
N ARG C 315 55.24 10.48 -12.27
CA ARG C 315 55.86 11.65 -11.66
C ARG C 315 55.12 11.99 -10.38
N ASP C 316 55.82 12.65 -9.46
CA ASP C 316 55.22 13.00 -8.18
C ASP C 316 54.03 13.93 -8.35
N GLU C 317 54.12 14.86 -9.30
CA GLU C 317 53.02 15.77 -9.54
C GLU C 317 51.76 15.02 -9.96
N ALA C 318 51.93 13.96 -10.74
CA ALA C 318 50.78 13.18 -11.20
C ALA C 318 50.07 12.50 -10.06
N LEU C 319 50.83 11.96 -9.11
CA LEU C 319 50.22 11.28 -7.97
C LEU C 319 49.39 12.25 -7.15
N ASP C 320 49.90 13.46 -6.96
CA ASP C 320 49.16 14.48 -6.22
C ASP C 320 47.87 14.84 -6.95
N ALA C 321 47.94 14.95 -8.27
CA ALA C 321 46.76 15.28 -9.05
C ALA C 321 45.72 14.18 -8.97
N ILE C 322 46.15 12.92 -9.03
CA ILE C 322 45.21 11.81 -8.96
C ILE C 322 44.48 11.80 -7.62
N ALA C 323 45.21 12.12 -6.55
CA ALA C 323 44.60 12.14 -5.23
C ALA C 323 43.50 13.18 -5.13
N LYS C 324 43.71 14.35 -5.72
CA LYS C 324 42.70 15.39 -5.67
C LYS C 324 41.46 14.97 -6.44
N LYS C 325 41.64 14.33 -7.59
CA LYS C 325 40.51 13.85 -8.38
C LYS C 325 39.76 12.77 -7.63
N ALA C 326 40.49 11.83 -7.02
CA ALA C 326 39.87 10.73 -6.30
C ALA C 326 39.10 11.20 -5.08
N MET C 327 39.61 12.22 -4.40
CA MET C 327 38.95 12.73 -3.21
C MET C 327 37.57 13.29 -3.56
N ALA C 328 37.45 13.90 -4.73
CA ALA C 328 36.18 14.46 -5.17
C ALA C 328 35.13 13.38 -5.39
N ARG C 329 35.55 12.21 -5.90
CA ARG C 329 34.61 11.13 -6.17
C ARG C 329 33.94 10.63 -4.91
N LYS C 330 34.63 10.71 -3.77
CA LYS C 330 34.10 10.28 -2.48
C LYS C 330 33.77 8.79 -2.48
N THR C 331 34.58 8.01 -3.19
CA THR C 331 34.48 6.57 -3.20
C THR C 331 35.65 5.92 -2.47
N GLY C 332 36.44 6.71 -1.75
CA GLY C 332 37.57 6.18 -1.02
C GLY C 332 38.80 6.07 -1.91
N ALA C 333 39.64 5.10 -1.56
CA ALA C 333 40.84 4.85 -2.32
C ALA C 333 40.55 4.17 -3.65
N ARG C 334 39.39 3.53 -3.78
CA ARG C 334 39.03 2.88 -5.01
C ARG C 334 38.94 3.86 -6.18
N GLY C 335 38.70 5.14 -5.88
CA GLY C 335 38.64 6.15 -6.93
C GLY C 335 39.92 6.20 -7.74
N LEU C 336 41.05 6.01 -7.07
CA LEU C 336 42.35 6.05 -7.74
C LEU C 336 42.42 5.10 -8.91
N ARG C 337 41.87 3.89 -8.74
CA ARG C 337 41.88 2.92 -9.82
C ARG C 337 41.15 3.45 -11.05
N SER C 338 40.08 4.20 -10.83
CA SER C 338 39.34 4.76 -11.94
C SER C 338 40.15 5.82 -12.69
N ILE C 339 40.79 6.71 -11.95
CA ILE C 339 41.58 7.78 -12.57
C ILE C 339 42.74 7.20 -13.37
N VAL C 340 43.50 6.30 -12.74
CA VAL C 340 44.64 5.69 -13.41
C VAL C 340 44.19 4.90 -14.63
N GLU C 341 43.03 4.26 -14.54
CA GLU C 341 42.53 3.49 -15.68
C GLU C 341 42.20 4.39 -16.86
N ALA C 342 41.57 5.53 -16.60
CA ALA C 342 41.16 6.44 -17.67
C ALA C 342 42.37 7.07 -18.35
N ALA C 343 43.36 7.49 -17.58
CA ALA C 343 44.53 8.13 -18.15
C ALA C 343 45.32 7.19 -19.05
N LEU C 344 45.46 5.93 -18.64
CA LEU C 344 46.20 4.93 -19.38
C LEU C 344 45.32 4.07 -20.27
N LEU C 345 44.06 4.41 -20.44
CA LEU C 345 43.17 3.62 -21.28
C LEU C 345 43.64 3.60 -22.72
N ASP C 346 43.93 4.78 -23.26
CA ASP C 346 44.37 4.87 -24.65
C ASP C 346 45.75 4.26 -24.83
N THR C 347 46.64 4.50 -23.89
CA THR C 347 48.00 3.96 -24.01
C THR C 347 48.01 2.45 -23.97
N MET C 348 47.22 1.84 -23.09
CA MET C 348 47.19 0.39 -23.01
C MET C 348 46.63 -0.22 -24.28
N TYR C 349 45.68 0.47 -24.90
CA TYR C 349 45.07 -0.03 -26.12
C TYR C 349 46.08 -0.13 -27.26
N ASP C 350 46.93 0.89 -27.41
CA ASP C 350 47.91 0.93 -28.49
C ASP C 350 49.33 0.56 -28.09
N LEU C 351 49.58 0.19 -26.85
CA LEU C 351 50.94 -0.16 -26.48
C LEU C 351 51.41 -1.48 -27.08
N PRO C 352 50.62 -2.56 -27.06
CA PRO C 352 51.12 -3.81 -27.65
C PRO C 352 51.38 -3.68 -29.14
N SER C 353 50.56 -2.93 -29.86
CA SER C 353 50.80 -2.72 -31.28
C SER C 353 52.11 -1.98 -31.49
N MET C 354 52.42 -1.04 -30.60
CA MET C 354 53.65 -0.27 -30.69
C MET C 354 54.85 -1.20 -30.49
N GLU C 355 55.93 -0.89 -31.19
CA GLU C 355 57.16 -1.65 -31.11
C GLU C 355 58.30 -0.69 -30.80
N ASP C 356 59.33 -1.24 -30.15
CA ASP C 356 60.54 -0.51 -29.77
C ASP C 356 60.31 0.45 -28.61
N VAL C 357 59.17 0.32 -27.90
CA VAL C 357 58.85 1.20 -26.78
C VAL C 357 59.33 0.54 -25.49
N GLU C 358 60.27 1.20 -24.81
CA GLU C 358 60.82 0.70 -23.56
C GLU C 358 60.32 1.44 -22.33
N LYS C 359 59.84 2.67 -22.46
CA LYS C 359 59.41 3.43 -21.29
C LYS C 359 58.24 4.35 -21.59
N VAL C 360 57.39 4.52 -20.58
CA VAL C 360 56.21 5.37 -20.61
C VAL C 360 56.27 6.30 -19.42
N VAL C 361 56.07 7.59 -19.64
CA VAL C 361 56.12 8.60 -18.59
C VAL C 361 54.77 9.30 -18.50
N ILE C 362 54.25 9.43 -17.28
CA ILE C 362 52.98 10.08 -17.02
C ILE C 362 53.25 11.37 -16.25
N ASP C 363 52.91 12.50 -16.87
CA ASP C 363 53.06 13.81 -16.27
C ASP C 363 51.73 14.26 -15.67
N GLU C 364 51.78 15.40 -14.97
CA GLU C 364 50.57 15.95 -14.37
C GLU C 364 49.54 16.32 -15.43
N SER C 365 50.00 16.79 -16.59
CA SER C 365 49.10 17.19 -17.66
C SER C 365 48.26 16.01 -18.17
N VAL C 366 48.83 14.81 -18.14
CA VAL C 366 48.12 13.63 -18.63
C VAL C 366 46.82 13.42 -17.85
N ILE C 367 46.86 13.63 -16.55
CA ILE C 367 45.67 13.45 -15.74
C ILE C 367 44.61 14.47 -16.12
N ASP C 368 45.03 15.72 -16.36
CA ASP C 368 44.09 16.76 -16.75
C ASP C 368 43.52 16.51 -18.14
N GLY C 369 44.28 15.87 -19.01
CA GLY C 369 43.88 15.60 -20.38
C GLY C 369 44.44 16.57 -21.39
N GLN C 370 45.25 17.54 -20.95
CA GLN C 370 45.82 18.51 -21.87
C GLN C 370 46.86 17.88 -22.79
N SER C 371 47.66 16.96 -22.25
CA SER C 371 48.73 16.31 -22.99
C SER C 371 48.59 14.79 -22.89
N GLU C 372 49.41 14.10 -23.68
CA GLU C 372 49.46 12.66 -23.74
C GLU C 372 50.74 12.13 -23.12
N PRO C 373 50.73 10.89 -22.62
CA PRO C 373 51.96 10.29 -22.06
C PRO C 373 53.13 10.34 -23.02
N LEU C 374 54.31 10.58 -22.47
CA LEU C 374 55.54 10.64 -23.26
C LEU C 374 56.15 9.24 -23.31
N LEU C 375 56.37 8.75 -24.53
CA LEU C 375 56.93 7.42 -24.77
C LEU C 375 58.37 7.54 -25.23
N ILE C 376 59.23 6.71 -24.67
CA ILE C 376 60.65 6.67 -25.00
C ILE C 376 60.90 5.42 -25.84
N TYR C 377 61.58 5.59 -26.97
CA TYR C 377 61.91 4.51 -27.88
C TYR C 377 63.39 4.20 -27.77
N GLY C 378 63.72 2.93 -27.58
CA GLY C 378 65.10 2.51 -27.45
C GLY C 378 65.37 1.12 -28.00
N SER D 26 52.79 -18.63 -27.69
CA SER D 26 51.38 -18.42 -27.37
C SER D 26 51.13 -16.98 -26.95
N ALA D 27 51.37 -16.05 -27.87
CA ALA D 27 51.17 -14.64 -27.59
C ALA D 27 49.67 -14.33 -27.55
N LEU D 28 49.30 -13.48 -26.61
CA LEU D 28 47.90 -13.12 -26.44
C LEU D 28 47.46 -12.13 -27.51
N PRO D 29 46.17 -12.09 -27.84
CA PRO D 29 45.70 -11.12 -28.83
C PRO D 29 45.70 -9.71 -28.26
N THR D 30 46.13 -8.76 -29.08
CA THR D 30 46.18 -7.39 -28.64
C THR D 30 44.79 -6.77 -28.71
N PRO D 31 44.59 -5.61 -28.07
CA PRO D 31 43.28 -4.96 -28.13
C PRO D 31 42.86 -4.62 -29.54
N HIS D 32 43.81 -4.29 -30.42
CA HIS D 32 43.47 -4.00 -31.80
C HIS D 32 42.79 -5.18 -32.45
N GLU D 33 43.30 -6.38 -32.20
CA GLU D 33 42.70 -7.58 -32.76
C GLU D 33 41.30 -7.79 -32.18
N ILE D 34 41.16 -7.60 -30.87
CA ILE D 34 39.86 -7.77 -30.23
C ILE D 34 38.87 -6.76 -30.77
N ARG D 35 39.30 -5.51 -30.93
CA ARG D 35 38.39 -4.49 -31.46
C ARG D 35 37.99 -4.81 -32.88
N ASN D 36 38.92 -5.32 -33.68
CA ASN D 36 38.59 -5.69 -35.06
C ASN D 36 37.53 -6.77 -35.06
N HIS D 37 37.61 -7.72 -34.12
CA HIS D 37 36.60 -8.76 -34.03
C HIS D 37 35.26 -8.18 -33.61
N LEU D 38 35.27 -7.23 -32.69
CA LEU D 38 34.02 -6.59 -32.26
C LEU D 38 33.42 -5.76 -33.38
N ASP D 39 34.26 -5.12 -34.18
CA ASP D 39 33.77 -4.30 -35.29
C ASP D 39 32.98 -5.13 -36.29
N ASP D 40 33.35 -6.40 -36.45
CA ASP D 40 32.66 -7.28 -37.38
C ASP D 40 31.18 -7.39 -37.06
N TYR D 41 30.83 -7.35 -35.78
CA TYR D 41 29.44 -7.49 -35.32
C TYR D 41 28.85 -6.22 -34.72
N VAL D 42 29.67 -5.26 -34.28
CA VAL D 42 29.20 -4.05 -33.63
C VAL D 42 29.65 -2.85 -34.45
N ILE D 43 28.77 -1.85 -34.53
CA ILE D 43 29.00 -0.65 -35.32
C ILE D 43 28.66 0.58 -34.49
N GLY D 44 29.64 1.47 -34.33
CA GLY D 44 29.40 2.75 -33.70
C GLY D 44 29.71 2.96 -32.24
N GLN D 45 30.46 2.09 -31.60
CA GLN D 45 30.80 2.23 -30.18
C GLN D 45 32.31 2.09 -30.04
N GLU D 46 33.02 3.21 -30.15
CA GLU D 46 34.48 3.17 -30.12
C GLU D 46 35.03 3.13 -28.71
N GLN D 47 34.52 4.00 -27.83
CA GLN D 47 35.03 4.02 -26.45
C GLN D 47 34.73 2.73 -25.73
N ALA D 48 33.51 2.21 -25.87
CA ALA D 48 33.15 0.97 -25.21
C ALA D 48 33.99 -0.19 -25.73
N LYS D 49 34.29 -0.19 -27.03
CA LYS D 49 35.10 -1.24 -27.60
C LYS D 49 36.52 -1.17 -27.06
N LYS D 50 37.07 0.04 -26.93
CA LYS D 50 38.41 0.20 -26.38
C LYS D 50 38.49 -0.29 -24.96
N VAL D 51 37.49 0.07 -24.16
CA VAL D 51 37.46 -0.31 -22.74
C VAL D 51 37.37 -1.82 -22.60
N LEU D 52 36.47 -2.44 -23.35
CA LEU D 52 36.32 -3.90 -23.27
C LEU D 52 37.56 -4.61 -23.77
N ALA D 53 38.15 -4.12 -24.85
CA ALA D 53 39.35 -4.75 -25.37
C ALA D 53 40.50 -4.64 -24.39
N VAL D 54 40.67 -3.47 -23.79
CA VAL D 54 41.73 -3.28 -22.81
C VAL D 54 41.47 -4.13 -21.58
N ALA D 55 40.22 -4.18 -21.14
CA ALA D 55 39.87 -4.97 -19.96
C ALA D 55 40.13 -6.45 -20.19
N VAL D 56 39.75 -6.94 -21.36
CA VAL D 56 39.95 -8.34 -21.69
C VAL D 56 41.43 -8.66 -21.82
N TYR D 57 42.19 -7.79 -22.48
CA TYR D 57 43.63 -8.01 -22.61
C TYR D 57 44.28 -8.08 -21.25
N ASN D 58 43.96 -7.12 -20.38
CA ASN D 58 44.52 -7.10 -19.04
C ASN D 58 44.10 -8.34 -18.27
N HIS D 59 42.87 -8.80 -18.49
CA HIS D 59 42.38 -9.99 -17.82
C HIS D 59 43.25 -11.19 -18.17
N TYR D 60 43.56 -11.37 -19.44
CA TYR D 60 44.41 -12.48 -19.85
C TYR D 60 45.80 -12.34 -19.24
N LYS D 61 46.30 -11.11 -19.16
CA LYS D 61 47.63 -10.89 -18.59
C LYS D 61 47.64 -11.21 -17.09
N ARG D 62 46.59 -10.82 -16.37
CA ARG D 62 46.55 -11.08 -14.94
C ARG D 62 46.46 -12.57 -14.66
N LEU D 63 45.78 -13.32 -15.52
CA LEU D 63 45.66 -14.76 -15.34
C LEU D 63 46.93 -15.49 -15.75
N ARG D 64 47.63 -15.01 -16.77
CA ARG D 64 48.85 -15.67 -17.22
C ARG D 64 49.87 -15.73 -16.10
N ASN D 65 50.01 -14.65 -15.34
CA ASN D 65 50.94 -14.61 -14.21
C ASN D 65 50.20 -15.03 -12.94
N GLY D 66 49.72 -16.27 -12.96
CA GLY D 66 49.03 -16.80 -11.80
C GLY D 66 49.95 -16.85 -10.60
N ASP D 67 51.19 -17.30 -10.82
CA ASP D 67 52.17 -17.32 -9.74
C ASP D 67 52.50 -15.91 -9.29
N THR D 68 52.81 -15.03 -10.26
CA THR D 68 53.15 -13.64 -9.99
C THR D 68 54.27 -13.53 -8.97
N SER D 69 55.42 -14.10 -9.33
CA SER D 69 56.53 -14.07 -8.40
C SER D 69 57.12 -12.66 -8.37
N ASN D 70 56.62 -11.86 -7.43
CA ASN D 70 57.04 -10.49 -7.19
C ASN D 70 56.24 -10.05 -5.97
N GLY D 71 56.58 -8.87 -5.46
CA GLY D 71 55.84 -8.34 -4.33
C GLY D 71 54.64 -7.54 -4.78
N VAL D 72 53.84 -8.09 -5.70
CA VAL D 72 52.67 -7.38 -6.22
C VAL D 72 51.59 -8.37 -6.58
N GLU D 73 50.34 -7.98 -6.30
CA GLU D 73 49.15 -8.75 -6.63
C GLU D 73 48.29 -7.85 -7.50
N LEU D 74 48.06 -8.24 -8.73
CA LEU D 74 47.28 -7.43 -9.65
C LEU D 74 45.81 -7.49 -9.28
N GLY D 75 45.17 -6.32 -9.22
CA GLY D 75 43.77 -6.19 -8.87
C GLY D 75 42.94 -5.84 -10.11
N LYS D 76 41.82 -6.52 -10.23
CA LYS D 76 40.93 -6.32 -11.38
C LYS D 76 40.18 -5.01 -11.29
N SER D 77 39.87 -4.48 -12.48
CA SER D 77 39.11 -3.25 -12.65
C SER D 77 37.83 -3.63 -13.40
N ASN D 78 36.70 -3.55 -12.70
CA ASN D 78 35.43 -3.92 -13.30
C ASN D 78 34.89 -2.80 -14.18
N ILE D 79 34.08 -3.20 -15.15
CA ILE D 79 33.52 -2.32 -16.15
C ILE D 79 32.09 -1.98 -15.80
N LEU D 80 31.63 -0.84 -16.31
CA LEU D 80 30.26 -0.37 -16.15
C LEU D 80 29.84 0.22 -17.48
N LEU D 81 28.89 -0.42 -18.15
CA LEU D 81 28.40 0.03 -19.44
C LEU D 81 27.11 0.81 -19.24
N ILE D 82 27.02 1.96 -19.88
CA ILE D 82 25.86 2.83 -19.81
C ILE D 82 25.49 3.21 -21.23
N GLY D 83 24.24 2.96 -21.60
CA GLY D 83 23.82 3.31 -22.93
C GLY D 83 22.34 3.07 -23.17
N PRO D 84 21.72 3.88 -24.03
CA PRO D 84 20.30 3.69 -24.32
C PRO D 84 20.01 2.32 -24.90
N THR D 85 18.73 1.99 -24.94
CA THR D 85 18.29 0.72 -25.47
C THR D 85 18.65 0.61 -26.95
N GLY D 86 18.98 -0.61 -27.37
CA GLY D 86 19.35 -0.87 -28.75
C GLY D 86 20.65 -0.24 -29.16
N SER D 87 21.52 0.07 -28.20
CA SER D 87 22.81 0.68 -28.48
C SER D 87 23.90 -0.33 -28.77
N GLY D 88 23.81 -1.54 -28.21
CA GLY D 88 24.81 -2.57 -28.41
C GLY D 88 25.47 -3.10 -27.15
N LYS D 89 24.80 -2.97 -26.01
CA LYS D 89 25.39 -3.46 -24.76
C LYS D 89 25.38 -4.98 -24.72
N THR D 90 24.20 -5.57 -24.79
CA THR D 90 24.08 -7.02 -24.78
C THR D 90 24.81 -7.63 -25.96
N LEU D 91 24.81 -6.95 -27.11
CA LEU D 91 25.50 -7.43 -28.28
C LEU D 91 27.00 -7.48 -28.06
N LEU D 92 27.55 -6.44 -27.42
CA LEU D 92 28.98 -6.42 -27.17
C LEU D 92 29.39 -7.59 -26.29
N ALA D 93 28.55 -7.94 -25.33
CA ALA D 93 28.82 -9.08 -24.47
C ALA D 93 28.86 -10.37 -25.27
N GLU D 94 27.90 -10.55 -26.18
CA GLU D 94 27.84 -11.76 -26.98
C GLU D 94 29.06 -11.90 -27.87
N THR D 95 29.52 -10.80 -28.46
CA THR D 95 30.68 -10.83 -29.32
C THR D 95 31.91 -11.30 -28.57
N LEU D 96 32.05 -10.87 -27.32
CA LEU D 96 33.19 -11.29 -26.52
C LEU D 96 33.19 -12.79 -26.32
N ALA D 97 32.00 -13.36 -26.07
CA ALA D 97 31.87 -14.79 -25.86
C ALA D 97 32.42 -15.57 -27.04
N ARG D 98 32.27 -15.04 -28.26
CA ARG D 98 32.79 -15.71 -29.43
C ARG D 98 34.31 -15.77 -29.41
N LEU D 99 34.97 -14.70 -28.97
CA LEU D 99 36.43 -14.61 -28.95
C LEU D 99 37.02 -14.70 -27.54
N LEU D 100 36.29 -15.25 -26.59
CA LEU D 100 36.76 -15.38 -25.22
C LEU D 100 37.09 -16.83 -24.92
N ASP D 101 38.33 -17.08 -24.52
CA ASP D 101 38.73 -18.42 -24.15
C ASP D 101 38.13 -18.78 -22.80
N VAL D 102 38.16 -17.85 -21.86
CA VAL D 102 37.64 -18.03 -20.52
C VAL D 102 36.12 -18.09 -20.51
N PRO D 103 35.50 -18.77 -19.55
CA PRO D 103 34.03 -18.85 -19.51
C PRO D 103 33.35 -17.50 -19.34
N PHE D 104 32.42 -17.22 -20.24
CA PHE D 104 31.63 -16.00 -20.23
C PHE D 104 30.16 -16.36 -20.03
N THR D 105 29.51 -15.67 -19.09
CA THR D 105 28.09 -15.85 -18.84
C THR D 105 27.41 -14.49 -18.81
N MET D 106 26.13 -14.49 -19.15
CA MET D 106 25.30 -13.30 -19.19
C MET D 106 24.16 -13.47 -18.20
N ALA D 107 23.98 -12.48 -17.33
CA ALA D 107 22.97 -12.53 -16.29
C ALA D 107 22.15 -11.25 -16.26
N ASP D 108 20.97 -11.37 -15.67
CA ASP D 108 20.01 -10.27 -15.53
C ASP D 108 19.81 -10.01 -14.04
N ALA D 109 19.91 -8.73 -13.66
CA ALA D 109 19.78 -8.34 -12.27
C ALA D 109 18.35 -8.18 -11.79
N THR D 110 17.36 -8.15 -12.68
CA THR D 110 15.98 -7.97 -12.22
C THR D 110 15.49 -9.14 -11.40
N THR D 111 15.97 -10.34 -11.70
CA THR D 111 15.54 -11.53 -10.96
C THR D 111 16.09 -11.53 -9.54
N LEU D 112 17.38 -11.24 -9.41
CA LEU D 112 18.11 -11.21 -8.15
C LEU D 112 17.37 -10.50 -7.04
N THR D 113 17.32 -11.15 -5.87
CA THR D 113 16.69 -10.61 -4.68
C THR D 113 17.57 -10.82 -3.45
N GLU D 114 17.29 -10.03 -2.43
CA GLU D 114 17.97 -10.14 -1.15
C GLU D 114 17.82 -11.53 -0.57
N ALA D 115 18.92 -12.03 0.01
CA ALA D 115 18.91 -13.35 0.62
C ALA D 115 17.81 -13.46 1.66
N GLY D 116 17.12 -14.59 1.65
CA GLY D 116 16.01 -14.85 2.53
C GLY D 116 14.67 -14.67 1.87
N TYR D 117 14.64 -14.12 0.66
CA TYR D 117 13.44 -13.89 -0.10
C TYR D 117 13.41 -14.86 -1.27
N VAL D 118 12.21 -15.29 -1.62
CA VAL D 118 12.01 -16.35 -2.61
C VAL D 118 12.29 -15.96 -4.05
N GLY D 119 12.46 -14.68 -4.35
CA GLY D 119 12.65 -14.31 -5.74
C GLY D 119 13.84 -14.96 -6.43
N GLU D 120 15.05 -14.71 -5.95
CA GLU D 120 16.26 -15.28 -6.52
C GLU D 120 17.43 -14.83 -5.66
N ASP D 121 18.55 -15.54 -5.79
CA ASP D 121 19.76 -15.24 -5.05
C ASP D 121 20.87 -14.86 -6.02
N VAL D 122 21.89 -14.22 -5.46
CA VAL D 122 23.02 -13.73 -6.25
C VAL D 122 24.07 -14.77 -6.56
N GLU D 123 23.98 -15.97 -5.97
CA GLU D 123 24.95 -17.01 -6.26
C GLU D 123 24.63 -17.74 -7.55
N ASN D 124 23.38 -17.67 -8.03
CA ASN D 124 22.98 -18.30 -9.27
C ASN D 124 23.87 -17.88 -10.44
N ILE D 125 24.37 -16.65 -10.41
CA ILE D 125 25.26 -16.15 -11.46
C ILE D 125 26.45 -17.08 -11.63
N ILE D 126 27.14 -17.36 -10.54
CA ILE D 126 28.31 -18.23 -10.58
C ILE D 126 27.91 -19.62 -11.05
N GLN D 127 26.71 -20.07 -10.71
CA GLN D 127 26.23 -21.36 -11.15
C GLN D 127 26.21 -21.44 -12.67
N LYS D 128 25.66 -20.41 -13.31
CA LYS D 128 25.64 -20.36 -14.77
C LYS D 128 27.04 -20.35 -15.32
N LEU D 129 27.95 -19.62 -14.66
CA LEU D 129 29.33 -19.57 -15.09
C LEU D 129 29.97 -20.95 -15.06
N LEU D 130 29.66 -21.74 -14.02
CA LEU D 130 30.19 -23.09 -13.92
C LEU D 130 29.70 -23.95 -15.07
N GLN D 131 28.43 -23.80 -15.44
CA GLN D 131 27.88 -24.57 -16.55
C GLN D 131 28.65 -24.34 -17.83
N LYS D 132 29.10 -23.10 -18.05
CA LYS D 132 29.87 -22.78 -19.25
C LYS D 132 31.27 -23.35 -19.18
N SER D 133 31.77 -23.66 -17.99
CA SER D 133 33.09 -24.21 -17.78
C SER D 133 33.08 -25.70 -17.50
N ASP D 134 31.95 -26.38 -17.70
CA ASP D 134 31.81 -27.81 -17.43
C ASP D 134 32.11 -28.12 -15.97
N TYR D 135 31.65 -27.23 -15.09
CA TYR D 135 31.83 -27.35 -13.64
C TYR D 135 33.28 -27.54 -13.25
N ASP D 136 34.13 -26.69 -13.81
CA ASP D 136 35.57 -26.65 -13.55
C ASP D 136 35.80 -25.36 -12.80
N VAL D 137 35.74 -25.45 -11.47
CA VAL D 137 35.92 -24.30 -10.58
C VAL D 137 37.15 -23.49 -10.96
N GLN D 138 38.31 -24.14 -11.02
CA GLN D 138 39.55 -23.46 -11.39
C GLN D 138 39.47 -22.75 -12.73
N LYS D 139 38.54 -23.15 -13.59
CA LYS D 139 38.35 -22.53 -14.89
C LYS D 139 37.31 -21.43 -14.86
N ALA D 140 36.48 -21.40 -13.81
CA ALA D 140 35.44 -20.38 -13.66
C ALA D 140 35.97 -19.14 -12.98
N GLN D 141 36.85 -19.32 -11.98
CA GLN D 141 37.47 -18.20 -11.28
C GLN D 141 38.14 -17.24 -12.24
N ARG D 142 38.58 -17.72 -13.41
CA ARG D 142 39.21 -16.94 -14.44
C ARG D 142 38.20 -16.43 -15.47
N GLY D 143 36.91 -16.44 -15.14
CA GLY D 143 35.87 -16.06 -16.05
C GLY D 143 35.46 -14.60 -16.02
N ILE D 144 34.56 -14.28 -16.95
CA ILE D 144 33.99 -12.95 -17.12
C ILE D 144 32.47 -13.08 -16.97
N VAL D 145 31.86 -12.10 -16.33
CA VAL D 145 30.43 -12.07 -16.07
C VAL D 145 29.84 -10.75 -16.52
N TYR D 146 28.77 -10.81 -17.29
CA TYR D 146 28.04 -9.62 -17.74
C TYR D 146 26.70 -9.60 -17.01
N ILE D 147 26.45 -8.54 -16.27
CA ILE D 147 25.22 -8.37 -15.51
C ILE D 147 24.43 -7.27 -16.20
N ASP D 148 23.28 -7.63 -16.75
CA ASP D 148 22.42 -6.72 -17.47
C ASP D 148 21.32 -6.18 -16.57
N GLU D 149 20.75 -5.06 -17.01
CA GLU D 149 19.66 -4.40 -16.31
C GLU D 149 20.07 -4.03 -14.88
N ILE D 150 21.26 -3.46 -14.75
CA ILE D 150 21.75 -3.06 -13.44
C ILE D 150 21.05 -1.80 -12.95
N ASP D 151 20.57 -0.96 -13.86
CA ASP D 151 19.90 0.27 -13.46
C ASP D 151 18.60 -0.01 -12.73
N LYS D 152 17.97 -1.15 -12.99
CA LYS D 152 16.72 -1.49 -12.33
C LYS D 152 16.91 -1.59 -10.82
N ILE D 153 18.11 -1.96 -10.38
CA ILE D 153 18.40 -2.09 -8.97
C ILE D 153 18.50 -0.73 -8.30
N SER D 154 18.82 0.31 -9.07
CA SER D 154 18.98 1.64 -8.51
C SER D 154 17.70 2.14 -7.88
N ARG D 155 17.83 2.77 -6.71
CA ARG D 155 16.68 3.35 -6.05
C ARG D 155 16.31 4.61 -6.84
N LYS D 156 15.27 4.50 -7.66
CA LYS D 156 14.80 5.57 -8.53
C LYS D 156 13.70 6.38 -7.88
N SER D 157 12.76 5.68 -7.27
CA SER D 157 11.58 6.18 -6.58
C SER D 157 11.59 5.59 -5.18
N ASP D 158 12.75 5.72 -4.53
CA ASP D 158 13.06 5.09 -3.25
C ASP D 158 11.89 5.10 -2.27
N ASN D 159 11.36 6.30 -1.88
CA ASN D 159 10.23 6.29 -0.95
C ASN D 159 10.64 5.43 0.24
N PRO D 160 11.54 5.93 1.16
CA PRO D 160 12.25 5.04 2.12
C PRO D 160 11.51 3.81 2.64
N SER D 161 12.34 2.77 2.57
CA SER D 161 12.15 1.33 2.64
C SER D 161 12.12 0.76 4.02
N ILE D 162 11.71 1.52 5.03
CA ILE D 162 11.68 1.08 6.42
C ILE D 162 11.19 -0.37 6.51
N THR D 163 10.14 -0.72 5.76
CA THR D 163 9.73 -2.12 5.75
C THR D 163 10.85 -3.00 5.17
N ARG D 164 11.24 -2.77 3.91
CA ARG D 164 12.32 -3.54 3.27
C ARG D 164 12.55 -3.00 1.86
N ASP D 165 13.75 -3.31 1.31
CA ASP D 165 14.20 -2.96 -0.05
C ASP D 165 14.87 -4.22 -0.58
N VAL D 166 14.12 -5.03 -1.30
CA VAL D 166 14.58 -6.34 -1.77
C VAL D 166 15.08 -6.31 -3.20
N SER D 167 14.31 -5.75 -4.13
CA SER D 167 14.74 -5.74 -5.52
C SER D 167 15.85 -4.74 -5.80
N GLY D 168 15.99 -3.70 -4.97
CA GLY D 168 16.99 -2.68 -5.19
C GLY D 168 18.23 -2.75 -4.33
N GLU D 169 18.30 -1.89 -3.33
CA GLU D 169 19.47 -1.80 -2.45
C GLU D 169 19.85 -3.14 -1.84
N GLY D 170 18.90 -4.05 -1.67
CA GLY D 170 19.23 -5.35 -1.13
C GLY D 170 20.09 -6.19 -2.04
N VAL D 171 20.04 -5.93 -3.35
CA VAL D 171 20.84 -6.67 -4.30
C VAL D 171 22.23 -6.08 -4.42
N GLN D 172 22.33 -4.76 -4.42
CA GLN D 172 23.64 -4.11 -4.50
C GLN D 172 24.52 -4.53 -3.35
N GLN D 173 23.95 -4.55 -2.14
CA GLN D 173 24.69 -4.94 -0.95
C GLN D 173 25.26 -6.34 -1.09
N ALA D 174 24.50 -7.24 -1.70
CA ALA D 174 24.94 -8.61 -1.87
C ALA D 174 26.06 -8.73 -2.89
N LEU D 175 25.98 -7.97 -3.97
CA LEU D 175 26.98 -8.04 -5.03
C LEU D 175 28.34 -7.54 -4.58
N LEU D 176 28.38 -6.53 -3.70
CA LEU D 176 29.62 -5.91 -3.23
C LEU D 176 30.77 -6.88 -2.96
N LYS D 177 30.52 -7.91 -2.16
CA LYS D 177 31.58 -8.86 -1.89
C LYS D 177 31.86 -9.75 -3.10
N LEU D 178 30.82 -10.07 -3.86
CA LEU D 178 30.99 -10.88 -5.06
C LEU D 178 31.94 -10.19 -6.03
N ILE D 179 31.70 -8.90 -6.28
CA ILE D 179 32.56 -8.14 -7.18
C ILE D 179 33.95 -7.97 -6.59
N GLU D 180 34.01 -7.59 -5.32
CA GLU D 180 35.29 -7.38 -4.65
C GLU D 180 36.12 -8.65 -4.61
N GLY D 181 35.47 -9.79 -4.41
CA GLY D 181 36.14 -11.06 -4.33
C GLY D 181 36.04 -11.78 -3.00
N THR D 182 35.28 -12.88 -3.00
CA THR D 182 35.09 -13.69 -1.82
C THR D 182 34.66 -15.07 -2.27
N VAL D 183 34.89 -16.06 -1.41
CA VAL D 183 34.46 -17.41 -1.72
C VAL D 183 32.94 -17.43 -1.70
N ALA D 184 32.34 -18.03 -2.72
CA ALA D 184 30.89 -18.08 -2.87
C ALA D 184 30.41 -19.51 -2.84
N ALA D 185 29.40 -19.77 -2.03
CA ALA D 185 28.81 -21.09 -1.94
C ALA D 185 27.83 -21.22 -3.09
N VAL D 186 28.08 -22.18 -3.98
CA VAL D 186 27.28 -22.39 -5.17
C VAL D 186 26.60 -23.75 -5.07
N PRO D 187 25.29 -23.86 -5.23
CA PRO D 187 24.67 -25.18 -5.24
C PRO D 187 25.17 -26.00 -6.41
N PRO D 188 25.00 -27.31 -6.39
CA PRO D 188 25.50 -28.12 -7.52
C PRO D 188 24.84 -27.76 -8.85
N GLN D 189 23.52 -27.81 -8.92
CA GLN D 189 22.81 -27.47 -10.16
C GLN D 189 21.35 -27.25 -9.87
N GLY D 190 20.83 -26.10 -10.30
CA GLY D 190 19.43 -25.73 -10.14
C GLY D 190 18.85 -25.95 -8.76
N GLY D 191 19.59 -25.51 -7.74
CA GLY D 191 19.16 -25.63 -6.37
C GLY D 191 19.27 -24.29 -5.67
N ARG D 192 18.63 -24.19 -4.53
CA ARG D 192 18.64 -23.00 -3.70
C ARG D 192 19.42 -23.30 -2.42
N LYS D 193 19.82 -22.24 -1.73
CA LYS D 193 20.60 -22.42 -0.51
C LYS D 193 19.74 -23.01 0.59
N HIS D 194 20.36 -23.89 1.39
CA HIS D 194 19.67 -24.62 2.45
C HIS D 194 20.73 -25.19 3.38
N PRO D 195 20.31 -25.76 4.55
CA PRO D 195 21.28 -26.41 5.44
C PRO D 195 22.19 -27.45 4.79
N GLN D 196 21.79 -27.97 3.63
CA GLN D 196 22.58 -28.94 2.88
C GLN D 196 24.01 -28.45 2.70
N GLN D 197 24.95 -29.35 2.88
CA GLN D 197 26.38 -29.06 2.79
C GLN D 197 26.96 -29.42 1.44
N GLU D 198 26.12 -29.68 0.44
CA GLU D 198 26.60 -30.03 -0.90
C GLU D 198 26.89 -28.78 -1.71
N PHE D 199 27.82 -27.99 -1.19
CA PHE D 199 28.23 -26.72 -1.80
C PHE D 199 29.73 -26.73 -2.07
N LEU D 200 30.10 -26.24 -3.25
CA LEU D 200 31.49 -26.11 -3.64
C LEU D 200 31.81 -24.62 -3.66
N GLN D 201 32.98 -24.27 -3.12
CA GLN D 201 33.38 -22.88 -2.98
C GLN D 201 34.07 -22.37 -4.23
N VAL D 202 33.64 -21.21 -4.70
CA VAL D 202 34.21 -20.54 -5.87
C VAL D 202 34.67 -19.16 -5.44
N ASP D 203 35.85 -18.78 -5.90
CA ASP D 203 36.46 -17.49 -5.57
C ASP D 203 36.29 -16.53 -6.74
N THR D 204 35.70 -15.36 -6.46
CA THR D 204 35.47 -14.35 -7.48
C THR D 204 36.47 -13.21 -7.42
N SER D 205 37.62 -13.43 -6.79
CA SER D 205 38.62 -12.39 -6.71
C SER D 205 39.17 -12.05 -8.08
N LYS D 206 39.33 -13.04 -8.95
CA LYS D 206 39.85 -12.85 -10.28
C LYS D 206 38.76 -12.77 -11.35
N ILE D 207 37.50 -12.96 -11.01
CA ILE D 207 36.45 -12.88 -12.00
C ILE D 207 36.18 -11.43 -12.34
N LEU D 208 36.03 -11.15 -13.62
CA LEU D 208 35.73 -9.81 -14.11
C LEU D 208 34.24 -9.66 -14.29
N PHE D 209 33.72 -8.53 -13.88
CA PHE D 209 32.31 -8.21 -13.96
C PHE D 209 32.11 -7.00 -14.85
N ILE D 210 31.11 -7.09 -15.72
CA ILE D 210 30.77 -6.03 -16.64
C ILE D 210 29.29 -5.76 -16.43
N CYS D 211 28.97 -4.77 -15.62
CA CYS D 211 27.60 -4.43 -15.32
C CYS D 211 27.11 -3.40 -16.32
N GLY D 212 26.10 -3.77 -17.09
CA GLY D 212 25.54 -2.92 -18.10
C GLY D 212 24.09 -2.57 -17.89
N GLY D 213 23.78 -1.28 -17.90
CA GLY D 213 22.42 -0.82 -17.72
C GLY D 213 22.07 0.39 -18.54
N ALA D 214 20.84 0.43 -19.04
CA ALA D 214 20.35 1.56 -19.83
C ALA D 214 19.72 2.55 -18.87
N PHE D 215 20.60 3.32 -18.24
CA PHE D 215 20.17 4.30 -17.26
C PHE D 215 19.28 5.34 -17.91
N ALA D 216 18.05 5.44 -17.41
CA ALA D 216 17.05 6.36 -17.90
C ALA D 216 16.89 7.51 -16.94
N GLY D 217 17.03 8.73 -17.45
CA GLY D 217 16.96 9.93 -16.65
C GLY D 217 18.28 10.36 -16.07
N LEU D 218 19.36 9.64 -16.36
CA LEU D 218 20.67 10.03 -15.85
C LEU D 218 21.12 11.33 -16.49
N ASP D 219 20.81 11.51 -17.78
CA ASP D 219 21.18 12.73 -18.48
C ASP D 219 20.62 13.95 -17.78
N LYS D 220 19.39 13.86 -17.27
CA LYS D 220 18.79 14.96 -16.55
C LYS D 220 19.59 15.29 -15.30
N VAL D 221 20.08 14.24 -14.62
CA VAL D 221 20.87 14.44 -13.41
C VAL D 221 22.19 15.12 -13.76
N ILE D 222 22.81 14.70 -14.85
CA ILE D 222 24.06 15.29 -15.27
C ILE D 222 23.87 16.75 -15.67
N SER D 223 22.76 17.03 -16.36
CA SER D 223 22.49 18.40 -16.79
C SER D 223 22.28 19.30 -15.59
N HIS D 224 21.61 18.79 -14.56
CA HIS D 224 21.38 19.57 -13.35
C HIS D 224 22.71 19.98 -12.73
N ARG D 225 23.65 19.04 -12.62
CA ARG D 225 24.95 19.35 -12.06
C ARG D 225 25.71 20.32 -12.94
N VAL D 226 25.68 20.12 -14.25
CA VAL D 226 26.39 20.98 -15.19
C VAL D 226 25.72 22.34 -15.29
N GLU D 227 24.39 22.39 -15.17
CA GLU D 227 23.60 23.61 -15.32
C GLU D 227 22.84 23.89 -14.03
N THR D 228 23.51 23.73 -12.89
CA THR D 228 22.87 23.97 -11.60
C THR D 228 22.52 25.44 -11.42
N GLY D 229 23.41 26.34 -11.84
CA GLY D 229 23.18 27.76 -11.64
C GLY D 229 23.19 28.07 -10.16
N SER D 230 22.66 29.24 -9.82
CA SER D 230 22.56 29.71 -8.44
C SER D 230 21.13 29.87 -7.97
N GLY D 231 20.32 30.57 -8.71
CA GLY D 231 18.94 30.83 -8.32
C GLY D 231 18.07 31.10 -9.51
N ILE D 232 16.99 31.84 -9.26
CA ILE D 232 16.02 32.17 -10.29
C ILE D 232 15.78 33.66 -10.43
N GLY D 233 16.06 34.45 -9.41
CA GLY D 233 15.79 35.87 -9.47
C GLY D 233 16.74 36.69 -10.31
N PHE D 234 16.67 38.00 -10.08
CA PHE D 234 17.53 38.95 -10.79
C PHE D 234 18.99 38.72 -10.41
N GLY D 235 19.30 38.76 -9.11
CA GLY D 235 20.65 38.58 -8.65
C GLY D 235 21.28 37.26 -9.06
N ALA D 236 20.46 36.24 -9.28
CA ALA D 236 20.97 34.93 -9.65
C ALA D 236 21.66 34.95 -11.01
N THR D 237 22.54 33.96 -11.20
CA THR D 237 23.29 33.77 -12.43
C THR D 237 22.62 32.69 -13.27
N VAL D 238 22.58 32.90 -14.58
CA VAL D 238 21.93 32.00 -15.52
C VAL D 238 22.98 31.37 -16.42
N LYS D 239 22.91 30.05 -16.57
CA LYS D 239 23.84 29.28 -17.38
C LYS D 239 23.17 28.82 -18.67
N SER D 246 23.78 16.74 -26.89
CA SER D 246 23.76 15.35 -27.31
C SER D 246 23.74 14.43 -26.10
N GLU D 247 22.99 13.34 -26.21
CA GLU D 247 22.90 12.38 -25.11
C GLU D 247 24.25 11.72 -24.84
N GLY D 248 24.90 11.24 -25.89
CA GLY D 248 26.20 10.61 -25.70
C GLY D 248 27.25 11.55 -25.14
N GLU D 249 27.29 12.79 -25.67
CA GLU D 249 28.24 13.75 -25.16
C GLU D 249 27.91 14.11 -23.72
N LEU D 250 26.63 14.20 -23.40
CA LEU D 250 26.22 14.50 -22.05
C LEU D 250 26.55 13.35 -21.11
N LEU D 251 26.32 12.12 -21.54
CA LEU D 251 26.62 10.97 -20.70
C LEU D 251 28.12 10.75 -20.53
N ALA D 252 28.93 11.25 -21.46
CA ALA D 252 30.37 11.09 -21.34
C ALA D 252 30.96 11.90 -20.20
N GLN D 253 30.19 12.80 -19.59
CA GLN D 253 30.62 13.59 -18.46
C GLN D 253 30.15 12.96 -17.15
N VAL D 254 29.71 11.72 -17.19
CA VAL D 254 29.21 11.05 -16.00
C VAL D 254 30.31 10.90 -14.97
N GLU D 255 29.95 11.19 -13.73
CA GLU D 255 30.82 11.07 -12.56
C GLU D 255 30.08 10.23 -11.55
N PRO D 256 30.76 9.74 -10.52
CA PRO D 256 30.06 8.92 -9.52
C PRO D 256 28.89 9.60 -8.85
N GLU D 257 29.02 10.88 -8.48
CA GLU D 257 27.93 11.60 -7.82
C GLU D 257 26.65 11.56 -8.64
N ASP D 258 26.77 11.59 -9.98
CA ASP D 258 25.60 11.48 -10.82
C ASP D 258 24.89 10.16 -10.61
N LEU D 259 25.67 9.10 -10.39
CA LEU D 259 25.12 7.77 -10.15
C LEU D 259 24.57 7.62 -8.74
N ILE D 260 25.16 8.31 -7.77
CA ILE D 260 24.66 8.23 -6.39
C ILE D 260 23.23 8.75 -6.35
N LYS D 261 23.01 9.92 -6.93
CA LYS D 261 21.68 10.50 -6.99
C LYS D 261 20.71 9.63 -7.77
N PHE D 262 21.22 8.77 -8.66
CA PHE D 262 20.36 7.89 -9.42
C PHE D 262 19.93 6.65 -8.65
N GLY D 263 20.51 6.40 -7.48
CA GLY D 263 20.16 5.25 -6.68
C GLY D 263 21.21 4.18 -6.48
N LEU D 264 22.47 4.47 -6.76
CA LEU D 264 23.55 3.51 -6.58
C LEU D 264 24.37 3.91 -5.36
N ILE D 265 24.73 2.93 -4.55
CA ILE D 265 25.47 3.17 -3.33
C ILE D 265 26.89 3.57 -3.72
N PRO D 266 27.56 4.48 -3.00
CA PRO D 266 28.95 4.80 -3.35
C PRO D 266 29.84 3.58 -3.39
N GLU D 267 29.54 2.61 -2.54
CA GLU D 267 30.29 1.37 -2.47
C GLU D 267 30.23 0.63 -3.79
N PHE D 268 29.05 0.58 -4.41
CA PHE D 268 28.88 -0.14 -5.66
C PHE D 268 29.71 0.47 -6.79
N ILE D 269 29.77 1.80 -6.88
CA ILE D 269 30.57 2.41 -7.95
C ILE D 269 32.03 2.13 -7.74
N GLY D 270 32.49 2.11 -6.49
CA GLY D 270 33.87 1.80 -6.22
C GLY D 270 34.25 0.44 -6.77
N ARG D 271 33.34 -0.52 -6.65
CA ARG D 271 33.58 -1.84 -7.20
C ARG D 271 33.71 -1.78 -8.71
N LEU D 272 33.07 -0.79 -9.35
CA LEU D 272 33.06 -0.58 -10.78
C LEU D 272 33.79 0.71 -11.15
N PRO D 273 35.13 0.71 -11.19
CA PRO D 273 35.83 1.95 -11.50
C PRO D 273 35.63 2.46 -12.91
N VAL D 274 35.81 1.56 -13.87
CA VAL D 274 35.70 1.92 -15.26
C VAL D 274 34.25 2.22 -15.61
N VAL D 275 34.05 3.09 -16.59
CA VAL D 275 32.74 3.48 -17.06
C VAL D 275 32.85 3.75 -18.55
N ALA D 276 31.98 3.11 -19.33
CA ALA D 276 31.96 3.24 -20.77
C ALA D 276 30.57 3.64 -21.22
N THR D 277 30.50 4.69 -22.03
CA THR D 277 29.25 5.22 -22.54
C THR D 277 29.03 4.81 -23.98
N LEU D 278 27.78 4.55 -24.32
CA LEU D 278 27.36 4.12 -25.65
C LEU D 278 26.42 5.15 -26.22
N ASN D 279 26.78 5.75 -27.34
CA ASN D 279 25.94 6.73 -27.97
C ASN D 279 24.80 6.06 -28.71
N GLU D 280 23.74 6.82 -28.95
CA GLU D 280 22.56 6.31 -29.63
C GLU D 280 22.81 6.15 -31.12
N LEU D 281 22.10 5.19 -31.71
CA LEU D 281 22.23 4.88 -33.13
C LEU D 281 21.52 5.89 -34.00
N SER D 282 22.26 6.52 -34.90
CA SER D 282 21.69 7.46 -35.84
C SER D 282 21.13 6.70 -37.03
N GLU D 283 20.44 7.43 -37.91
CA GLU D 283 19.88 6.80 -39.11
C GLU D 283 20.97 6.21 -39.99
N GLU D 284 22.10 6.91 -40.10
CA GLU D 284 23.20 6.40 -40.90
C GLU D 284 23.73 5.10 -40.32
N ALA D 285 23.81 5.00 -38.99
CA ALA D 285 24.31 3.80 -38.35
C ALA D 285 23.43 2.60 -38.65
N LEU D 286 22.11 2.80 -38.68
CA LEU D 286 21.21 1.71 -38.96
C LEU D 286 21.45 1.16 -40.36
N ILE D 287 21.76 2.04 -41.31
CA ILE D 287 22.02 1.59 -42.67
C ILE D 287 23.27 0.71 -42.70
N GLN D 288 24.28 1.07 -41.91
CA GLN D 288 25.49 0.27 -41.84
C GLN D 288 25.19 -1.08 -41.20
N ILE D 289 24.34 -1.08 -40.17
CA ILE D 289 23.98 -2.30 -39.46
C ILE D 289 23.34 -3.29 -40.40
N LEU D 290 22.62 -2.80 -41.40
CA LEU D 290 21.94 -3.68 -42.34
C LEU D 290 22.90 -4.47 -43.21
N LYS D 291 24.04 -3.89 -43.60
CA LYS D 291 24.98 -4.57 -44.50
C LYS D 291 26.38 -4.77 -43.94
N GLU D 292 26.98 -3.80 -43.27
CA GLU D 292 28.36 -3.96 -42.82
C GLU D 292 28.62 -5.13 -41.88
N PRO D 293 27.80 -5.41 -40.86
CA PRO D 293 28.10 -6.51 -39.96
C PRO D 293 28.23 -7.87 -40.63
N LYS D 294 28.97 -8.74 -39.96
CA LYS D 294 29.18 -10.09 -40.44
C LYS D 294 27.88 -10.89 -40.45
N ASN D 295 26.99 -10.61 -39.51
CA ASN D 295 25.70 -11.30 -39.37
C ASN D 295 24.58 -10.32 -39.65
N ALA D 296 24.80 -9.46 -40.63
CA ALA D 296 23.84 -8.45 -41.00
C ALA D 296 22.54 -9.05 -41.46
N LEU D 297 21.46 -8.32 -41.21
CA LEU D 297 20.13 -8.74 -41.58
C LEU D 297 20.03 -9.06 -43.07
N THR D 298 20.59 -8.19 -43.91
CA THR D 298 20.54 -8.42 -45.34
C THR D 298 21.27 -9.69 -45.73
N LYS D 299 22.43 -9.92 -45.12
CA LYS D 299 23.21 -11.11 -45.42
C LYS D 299 22.48 -12.37 -44.99
N GLN D 300 21.72 -12.30 -43.90
CA GLN D 300 20.98 -13.47 -43.43
C GLN D 300 19.95 -13.91 -44.45
N TYR D 301 19.17 -12.95 -44.97
CA TYR D 301 18.15 -13.29 -45.94
C TYR D 301 18.75 -13.69 -47.27
N GLN D 302 19.86 -13.08 -47.67
CA GLN D 302 20.51 -13.47 -48.91
C GLN D 302 20.93 -14.93 -48.82
N ALA D 303 21.44 -15.36 -47.67
CA ALA D 303 21.83 -16.74 -47.48
C ALA D 303 20.62 -17.66 -47.55
N LEU D 304 19.50 -17.22 -46.98
CA LEU D 304 18.29 -18.01 -47.00
C LEU D 304 17.83 -18.25 -48.43
N PHE D 305 17.85 -17.20 -49.24
CA PHE D 305 17.48 -17.31 -50.64
C PHE D 305 18.52 -18.09 -51.43
N ASN D 306 19.81 -17.87 -51.11
CA ASN D 306 20.88 -18.53 -51.83
C ASN D 306 20.84 -20.05 -51.67
N LEU D 307 20.53 -20.54 -50.47
CA LEU D 307 20.44 -21.98 -50.30
C LEU D 307 19.20 -22.53 -51.00
N GLU D 308 18.23 -21.66 -51.26
CA GLU D 308 17.02 -22.02 -51.98
C GLU D 308 17.20 -21.95 -53.50
N GLY D 309 18.34 -21.44 -53.96
CA GLY D 309 18.62 -21.30 -55.37
C GLY D 309 18.32 -19.94 -55.95
N VAL D 310 17.98 -18.96 -55.12
CA VAL D 310 17.64 -17.62 -55.55
C VAL D 310 18.69 -16.62 -55.05
N ASP D 311 18.80 -15.52 -55.77
CA ASP D 311 19.71 -14.43 -55.44
C ASP D 311 18.88 -13.25 -54.97
N LEU D 312 19.29 -12.65 -53.85
CA LEU D 312 18.58 -11.52 -53.27
C LEU D 312 19.47 -10.29 -53.28
N GLU D 313 18.92 -9.19 -53.75
CA GLU D 313 19.63 -7.91 -53.83
C GLU D 313 18.79 -6.85 -53.15
N PHE D 314 19.43 -6.04 -52.32
CA PHE D 314 18.81 -4.92 -51.63
C PHE D 314 19.38 -3.65 -52.21
N ARG D 315 18.52 -2.77 -52.70
CA ARG D 315 19.00 -1.52 -53.22
C ARG D 315 19.34 -0.59 -52.06
N ASP D 316 20.22 0.38 -52.33
CA ASP D 316 20.60 1.31 -51.28
C ASP D 316 19.41 2.12 -50.80
N GLU D 317 18.51 2.46 -51.72
CA GLU D 317 17.32 3.23 -51.36
C GLU D 317 16.47 2.47 -50.36
N ALA D 318 16.38 1.15 -50.52
CA ALA D 318 15.59 0.33 -49.62
C ALA D 318 16.13 0.39 -48.21
N LEU D 319 17.46 0.33 -48.07
CA LEU D 319 18.08 0.35 -46.75
C LEU D 319 17.80 1.68 -46.06
N ASP D 320 17.88 2.79 -46.79
CA ASP D 320 17.57 4.07 -46.19
C ASP D 320 16.11 4.13 -45.77
N ALA D 321 15.23 3.55 -46.58
CA ALA D 321 13.80 3.54 -46.27
C ALA D 321 13.52 2.74 -45.01
N ILE D 322 14.19 1.61 -44.86
CA ILE D 322 13.98 0.76 -43.69
C ILE D 322 14.42 1.49 -42.43
N ALA D 323 15.54 2.20 -42.51
CA ALA D 323 16.04 2.92 -41.36
C ALA D 323 15.08 4.00 -40.91
N LYS D 324 14.46 4.71 -41.85
CA LYS D 324 13.51 5.75 -41.49
C LYS D 324 12.30 5.15 -40.81
N LYS D 325 11.82 4.00 -41.30
CA LYS D 325 10.67 3.34 -40.70
C LYS D 325 10.96 2.96 -39.26
N ALA D 326 12.14 2.38 -39.02
CA ALA D 326 12.53 2.00 -37.67
C ALA D 326 12.65 3.22 -36.78
N MET D 327 13.27 4.28 -37.29
CA MET D 327 13.43 5.50 -36.52
C MET D 327 12.07 6.15 -36.24
N ALA D 328 11.15 6.08 -37.21
CA ALA D 328 9.82 6.65 -37.01
C ALA D 328 9.03 5.90 -35.95
N ARG D 329 9.19 4.58 -35.91
CA ARG D 329 8.51 3.75 -34.94
C ARG D 329 9.24 3.71 -33.59
N LYS D 330 10.41 4.33 -33.49
CA LYS D 330 11.20 4.35 -32.27
C LYS D 330 11.50 2.94 -31.78
N THR D 331 11.74 2.04 -32.74
CA THR D 331 12.04 0.65 -32.45
C THR D 331 13.53 0.36 -32.52
N GLY D 332 14.34 1.33 -32.92
CA GLY D 332 15.78 1.14 -32.99
C GLY D 332 16.18 0.11 -34.01
N ALA D 333 17.30 -0.56 -33.70
CA ALA D 333 17.84 -1.58 -34.59
C ALA D 333 17.03 -2.87 -34.52
N ARG D 334 16.37 -3.13 -33.40
CA ARG D 334 15.56 -4.34 -33.28
C ARG D 334 14.45 -4.36 -34.32
N GLY D 335 13.79 -3.23 -34.53
CA GLY D 335 12.70 -3.12 -35.48
C GLY D 335 13.04 -3.58 -36.89
N LEU D 336 14.31 -3.45 -37.27
CA LEU D 336 14.74 -3.78 -38.63
C LEU D 336 14.32 -5.18 -39.08
N ARG D 337 14.45 -6.17 -38.20
CA ARG D 337 14.05 -7.52 -38.57
C ARG D 337 12.58 -7.59 -38.95
N SER D 338 11.74 -6.83 -38.24
CA SER D 338 10.32 -6.85 -38.53
C SER D 338 10.02 -6.21 -39.88
N ILE D 339 10.69 -5.10 -40.20
CA ILE D 339 10.45 -4.43 -41.47
C ILE D 339 10.78 -5.35 -42.62
N VAL D 340 11.91 -6.05 -42.53
CA VAL D 340 12.34 -6.93 -43.61
C VAL D 340 11.41 -8.13 -43.71
N GLU D 341 11.03 -8.72 -42.58
CA GLU D 341 10.15 -9.88 -42.60
C GLU D 341 8.82 -9.56 -43.28
N ALA D 342 8.25 -8.41 -42.96
CA ALA D 342 6.98 -8.03 -43.54
C ALA D 342 7.08 -7.75 -45.03
N ALA D 343 8.17 -7.13 -45.45
CA ALA D 343 8.36 -6.79 -46.86
C ALA D 343 8.49 -8.03 -47.72
N LEU D 344 9.21 -9.04 -47.24
CA LEU D 344 9.48 -10.26 -47.97
C LEU D 344 8.55 -11.41 -47.59
N LEU D 345 7.47 -11.12 -46.87
CA LEU D 345 6.55 -12.19 -46.47
C LEU D 345 5.90 -12.84 -47.69
N ASP D 346 5.34 -12.03 -48.58
CA ASP D 346 4.71 -12.57 -49.77
C ASP D 346 5.73 -13.23 -50.67
N THR D 347 6.90 -12.62 -50.82
CA THR D 347 7.92 -13.19 -51.67
C THR D 347 8.43 -14.52 -51.12
N MET D 348 8.67 -14.60 -49.82
CA MET D 348 9.17 -15.84 -49.24
C MET D 348 8.12 -16.95 -49.32
N TYR D 349 6.84 -16.59 -49.35
CA TYR D 349 5.79 -17.60 -49.40
C TYR D 349 5.74 -18.30 -50.75
N ASP D 350 5.79 -17.52 -51.83
CA ASP D 350 5.70 -18.05 -53.18
C ASP D 350 7.03 -18.43 -53.81
N LEU D 351 8.15 -18.12 -53.19
CA LEU D 351 9.44 -18.41 -53.81
C LEU D 351 9.78 -19.90 -53.92
N PRO D 352 9.58 -20.72 -52.89
CA PRO D 352 9.92 -22.14 -53.05
C PRO D 352 9.16 -22.82 -54.16
N SER D 353 7.85 -22.57 -54.24
CA SER D 353 7.07 -23.15 -55.33
C SER D 353 7.49 -22.56 -56.67
N MET D 354 7.85 -21.28 -56.68
CA MET D 354 8.30 -20.62 -57.89
C MET D 354 9.54 -21.30 -58.45
N GLU D 355 9.58 -21.44 -59.76
CA GLU D 355 10.69 -22.07 -60.46
C GLU D 355 11.20 -21.13 -61.54
N ASP D 356 12.45 -21.33 -61.92
CA ASP D 356 13.11 -20.52 -62.95
C ASP D 356 13.23 -19.06 -62.52
N VAL D 357 13.43 -18.83 -61.24
CA VAL D 357 13.60 -17.50 -60.66
C VAL D 357 15.01 -17.45 -60.10
N GLU D 358 15.87 -16.64 -60.73
CA GLU D 358 17.27 -16.53 -60.34
C GLU D 358 17.60 -15.33 -59.46
N LYS D 359 16.84 -14.24 -59.55
CA LYS D 359 17.17 -13.05 -58.78
C LYS D 359 15.91 -12.32 -58.34
N VAL D 360 16.00 -11.70 -57.16
CA VAL D 360 14.94 -10.89 -56.57
C VAL D 360 15.53 -9.54 -56.22
N VAL D 361 14.87 -8.47 -56.66
CA VAL D 361 15.32 -7.11 -56.43
C VAL D 361 14.29 -6.36 -55.60
N ILE D 362 14.75 -5.71 -54.54
CA ILE D 362 13.91 -4.90 -53.66
C ILE D 362 14.19 -3.44 -53.93
N ASP D 363 13.11 -2.66 -54.02
CA ASP D 363 13.16 -1.22 -54.25
C ASP D 363 12.56 -0.51 -53.05
N GLU D 364 12.71 0.82 -53.05
CA GLU D 364 12.17 1.63 -51.96
C GLU D 364 10.67 1.48 -51.84
N SER D 365 9.98 1.36 -52.97
CA SER D 365 8.53 1.23 -52.96
C SER D 365 8.08 -0.03 -52.25
N VAL D 366 8.86 -1.11 -52.37
CA VAL D 366 8.50 -2.38 -51.74
C VAL D 366 8.39 -2.23 -50.23
N ILE D 367 9.30 -1.46 -49.63
CA ILE D 367 9.25 -1.28 -48.19
C ILE D 367 7.98 -0.53 -47.79
N ASP D 368 7.59 0.45 -48.60
CA ASP D 368 6.35 1.18 -48.34
C ASP D 368 5.13 0.27 -48.50
N GLY D 369 5.22 -0.70 -49.41
CA GLY D 369 4.16 -1.63 -49.70
C GLY D 369 3.39 -1.29 -50.96
N GLN D 370 3.74 -0.20 -51.64
CA GLN D 370 3.05 0.20 -52.84
C GLN D 370 3.30 -0.79 -53.98
N SER D 371 4.53 -1.29 -54.08
CA SER D 371 4.87 -2.23 -55.14
C SER D 371 5.43 -3.54 -54.59
N GLU D 372 5.58 -4.51 -55.48
CA GLU D 372 6.12 -5.81 -55.10
C GLU D 372 7.57 -5.91 -55.57
N PRO D 373 8.36 -6.80 -54.93
CA PRO D 373 9.76 -6.89 -55.35
C PRO D 373 9.88 -7.44 -56.78
N LEU D 374 10.83 -6.94 -57.56
CA LEU D 374 11.00 -7.40 -58.93
C LEU D 374 11.72 -8.74 -58.96
N LEU D 375 11.26 -9.62 -59.84
CA LEU D 375 11.85 -10.95 -59.97
C LEU D 375 12.40 -11.10 -61.39
N ILE D 376 13.59 -11.70 -61.50
CA ILE D 376 14.25 -11.93 -62.77
C ILE D 376 14.17 -13.42 -63.06
N TYR D 377 13.64 -13.77 -64.22
CA TYR D 377 13.48 -15.15 -64.64
C TYR D 377 14.61 -15.54 -65.59
N GLY D 378 15.18 -16.72 -65.35
CA GLY D 378 16.27 -17.24 -66.16
C GLY D 378 15.92 -18.58 -66.76
N LEU E 28 11.10 -29.28 -44.96
CA LEU E 28 10.79 -29.77 -46.30
C LEU E 28 9.47 -29.24 -46.88
N PRO E 29 8.36 -29.28 -46.14
CA PRO E 29 7.11 -28.77 -46.71
C PRO E 29 7.20 -27.28 -47.01
N THR E 30 6.70 -26.90 -48.17
CA THR E 30 6.72 -25.51 -48.57
C THR E 30 5.58 -24.79 -47.89
N PRO E 31 5.57 -23.45 -47.91
CA PRO E 31 4.48 -22.73 -47.26
C PRO E 31 3.12 -23.05 -47.85
N HIS E 32 3.06 -23.24 -49.17
CA HIS E 32 1.80 -23.59 -49.81
C HIS E 32 1.25 -24.88 -49.23
N GLU E 33 2.09 -25.91 -49.14
CA GLU E 33 1.66 -27.19 -48.60
C GLU E 33 1.24 -27.07 -47.15
N ILE E 34 1.99 -26.29 -46.36
CA ILE E 34 1.65 -26.11 -44.96
C ILE E 34 0.30 -25.41 -44.83
N ARG E 35 0.07 -24.38 -45.65
CA ARG E 35 -1.21 -23.67 -45.59
C ARG E 35 -2.35 -24.57 -46.04
N ASN E 36 -2.11 -25.38 -47.08
CA ASN E 36 -3.13 -26.30 -47.56
C ASN E 36 -3.51 -27.30 -46.48
N HIS E 37 -2.51 -27.82 -45.77
CA HIS E 37 -2.79 -28.78 -44.70
C HIS E 37 -3.53 -28.09 -43.56
N LEU E 38 -3.14 -26.86 -43.23
CA LEU E 38 -3.80 -26.13 -42.16
C LEU E 38 -5.24 -25.82 -42.50
N ASP E 39 -5.52 -25.54 -43.77
CA ASP E 39 -6.89 -25.24 -44.21
C ASP E 39 -7.86 -26.34 -43.80
N ASP E 40 -7.42 -27.59 -43.84
CA ASP E 40 -8.27 -28.71 -43.46
C ASP E 40 -8.68 -28.62 -41.99
N TYR E 41 -7.71 -28.34 -41.13
CA TYR E 41 -7.94 -28.30 -39.68
C TYR E 41 -8.31 -26.92 -39.14
N VAL E 42 -7.87 -25.85 -39.79
CA VAL E 42 -8.13 -24.49 -39.35
C VAL E 42 -8.64 -23.68 -40.54
N ILE E 43 -9.79 -23.03 -40.35
CA ILE E 43 -10.44 -22.24 -41.37
C ILE E 43 -10.75 -20.84 -40.84
N GLY E 44 -10.73 -19.87 -41.76
CA GLY E 44 -11.06 -18.50 -41.41
C GLY E 44 -9.92 -17.62 -40.95
N GLN E 45 -8.68 -18.08 -41.03
CA GLN E 45 -7.51 -17.34 -40.60
C GLN E 45 -6.43 -17.39 -41.66
N GLU E 46 -6.86 -17.15 -42.90
CA GLU E 46 -6.00 -17.23 -44.09
C GLU E 46 -4.69 -16.47 -43.93
N GLN E 47 -4.75 -15.22 -43.45
CA GLN E 47 -3.52 -14.44 -43.33
C GLN E 47 -2.56 -15.05 -42.33
N ALA E 48 -3.06 -15.42 -41.15
CA ALA E 48 -2.18 -16.00 -40.14
C ALA E 48 -1.52 -17.27 -40.62
N LYS E 49 -2.22 -18.07 -41.42
CA LYS E 49 -1.61 -19.28 -41.93
C LYS E 49 -0.43 -18.95 -42.84
N LYS E 50 -0.56 -17.87 -43.61
CA LYS E 50 0.53 -17.44 -44.49
C LYS E 50 1.74 -17.06 -43.67
N VAL E 51 1.54 -16.28 -42.63
CA VAL E 51 2.65 -15.83 -41.78
C VAL E 51 3.32 -17.01 -41.10
N LEU E 52 2.53 -17.89 -40.50
CA LEU E 52 3.10 -19.05 -39.81
C LEU E 52 3.81 -19.99 -40.76
N ALA E 53 3.28 -20.15 -41.97
CA ALA E 53 3.86 -21.06 -42.92
C ALA E 53 5.30 -20.69 -43.29
N VAL E 54 5.52 -19.42 -43.63
CA VAL E 54 6.87 -19.01 -44.02
C VAL E 54 7.79 -19.01 -42.81
N ALA E 55 7.29 -18.55 -41.66
CA ALA E 55 8.12 -18.52 -40.46
C ALA E 55 8.54 -19.91 -40.04
N VAL E 56 7.61 -20.86 -40.06
CA VAL E 56 7.95 -22.22 -39.70
C VAL E 56 8.84 -22.85 -40.75
N TYR E 57 8.56 -22.60 -42.02
CA TYR E 57 9.40 -23.11 -43.09
C TYR E 57 10.81 -22.54 -42.97
N ASN E 58 10.90 -21.25 -42.70
CA ASN E 58 12.19 -20.59 -42.56
C ASN E 58 12.93 -21.09 -41.33
N HIS E 59 12.23 -21.22 -40.20
CA HIS E 59 12.89 -21.67 -38.99
C HIS E 59 13.49 -23.06 -39.16
N TYR E 60 12.75 -23.97 -39.77
CA TYR E 60 13.25 -25.31 -39.97
C TYR E 60 14.23 -25.38 -41.11
N LYS E 61 14.12 -24.49 -42.10
CA LYS E 61 15.09 -24.47 -43.18
C LYS E 61 16.47 -24.15 -42.63
N ARG E 62 16.54 -23.29 -41.61
CA ARG E 62 17.80 -22.97 -40.99
C ARG E 62 18.37 -24.20 -40.27
N LEU E 63 17.51 -24.95 -39.58
CA LEU E 63 17.98 -26.16 -38.91
C LEU E 63 18.45 -27.19 -39.91
N ARG E 64 17.83 -27.25 -41.09
CA ARG E 64 18.25 -28.21 -42.11
C ARG E 64 19.68 -27.95 -42.53
N ASN E 65 20.10 -26.69 -42.52
CA ASN E 65 21.47 -26.30 -42.83
C ASN E 65 21.95 -25.57 -41.58
N GLY E 66 22.46 -26.35 -40.63
CA GLY E 66 22.96 -25.74 -39.40
C GLY E 66 24.30 -25.09 -39.62
N ASP E 67 25.17 -25.74 -40.38
CA ASP E 67 26.48 -25.16 -40.66
C ASP E 67 26.33 -23.89 -41.49
N THR E 68 25.73 -24.00 -42.68
CA THR E 68 25.56 -22.86 -43.60
C THR E 68 26.90 -22.17 -43.77
N SER E 69 27.88 -22.91 -44.32
CA SER E 69 29.22 -22.36 -44.42
C SER E 69 29.20 -21.07 -45.23
N ASN E 70 29.44 -19.99 -44.51
CA ASN E 70 29.51 -18.61 -44.94
C ASN E 70 29.87 -17.86 -43.67
N GLY E 71 30.13 -16.56 -43.81
CA GLY E 71 30.40 -15.74 -42.65
C GLY E 71 29.09 -15.16 -42.16
N VAL E 72 28.04 -15.99 -42.03
CA VAL E 72 26.72 -15.52 -41.64
C VAL E 72 26.03 -16.52 -40.73
N GLU E 73 25.51 -16.03 -39.60
CA GLU E 73 24.75 -16.82 -38.65
C GLU E 73 23.28 -16.45 -38.82
N LEU E 74 22.43 -17.46 -38.97
CA LEU E 74 21.00 -17.25 -39.21
C LEU E 74 20.26 -17.09 -37.88
N GLY E 75 19.89 -15.85 -37.57
CA GLY E 75 19.16 -15.57 -36.35
C GLY E 75 17.72 -16.03 -36.41
N LYS E 76 17.25 -16.54 -35.28
CA LYS E 76 15.89 -17.04 -35.17
C LYS E 76 14.87 -15.92 -35.09
N SER E 77 13.72 -16.13 -35.72
CA SER E 77 12.60 -15.21 -35.70
C SER E 77 11.41 -15.90 -35.05
N ASN E 78 10.96 -15.36 -33.92
CA ASN E 78 9.82 -15.91 -33.21
C ASN E 78 8.54 -15.26 -33.71
N ILE E 79 7.41 -15.84 -33.32
CA ILE E 79 6.10 -15.40 -33.79
C ILE E 79 5.23 -14.96 -32.62
N LEU E 80 4.43 -13.92 -32.88
CA LEU E 80 3.47 -13.37 -31.93
C LEU E 80 2.10 -13.51 -32.55
N LEU E 81 1.21 -14.23 -31.85
CA LEU E 81 -0.15 -14.47 -32.32
C LEU E 81 -1.12 -13.60 -31.52
N ILE E 82 -1.85 -12.74 -32.21
CA ILE E 82 -2.84 -11.88 -31.57
C ILE E 82 -4.20 -12.27 -32.12
N GLY E 83 -5.17 -12.39 -31.22
CA GLY E 83 -6.50 -12.74 -31.62
C GLY E 83 -7.40 -12.99 -30.43
N PRO E 84 -8.70 -13.09 -30.66
CA PRO E 84 -9.62 -13.33 -29.55
C PRO E 84 -9.53 -14.75 -29.03
N THR E 85 -10.31 -15.05 -28.00
CA THR E 85 -10.32 -16.38 -27.43
C THR E 85 -11.07 -17.34 -28.34
N GLY E 86 -10.60 -18.58 -28.38
CA GLY E 86 -11.22 -19.59 -29.20
C GLY E 86 -11.13 -19.32 -30.68
N SER E 87 -10.20 -18.46 -31.11
CA SER E 87 -10.04 -18.14 -32.51
C SER E 87 -9.10 -19.09 -33.26
N GLY E 88 -8.47 -20.02 -32.57
CA GLY E 88 -7.58 -20.98 -33.19
C GLY E 88 -6.10 -20.75 -33.04
N LYS E 89 -5.66 -20.16 -31.93
CA LYS E 89 -4.23 -19.92 -31.75
C LYS E 89 -3.49 -21.22 -31.46
N THR E 90 -3.87 -21.90 -30.38
CA THR E 90 -3.23 -23.15 -30.01
C THR E 90 -3.39 -24.22 -31.08
N LEU E 91 -4.52 -24.21 -31.79
CA LEU E 91 -4.75 -25.22 -32.82
C LEU E 91 -3.73 -25.10 -33.94
N LEU E 92 -3.39 -23.88 -34.33
CA LEU E 92 -2.43 -23.68 -35.40
C LEU E 92 -1.07 -24.25 -35.02
N ALA E 93 -0.62 -23.96 -33.80
CA ALA E 93 0.65 -24.50 -33.33
C ALA E 93 0.62 -26.01 -33.25
N GLU E 94 -0.48 -26.58 -32.73
CA GLU E 94 -0.60 -28.02 -32.61
C GLU E 94 -0.64 -28.69 -33.97
N THR E 95 -1.34 -28.09 -34.92
CA THR E 95 -1.45 -28.69 -36.25
C THR E 95 -0.11 -28.70 -36.95
N LEU E 96 0.70 -27.66 -36.77
CA LEU E 96 2.02 -27.64 -37.36
C LEU E 96 2.87 -28.76 -36.78
N ALA E 97 2.78 -28.97 -35.47
CA ALA E 97 3.54 -30.03 -34.82
C ALA E 97 3.08 -31.40 -35.31
N ARG E 98 1.81 -31.55 -35.68
CA ARG E 98 1.38 -32.81 -36.23
C ARG E 98 1.96 -32.99 -37.63
N LEU E 99 1.96 -31.92 -38.42
CA LEU E 99 2.49 -31.96 -39.79
C LEU E 99 3.98 -32.24 -39.79
N LEU E 100 4.71 -31.57 -38.91
CA LEU E 100 6.15 -31.73 -38.76
C LEU E 100 6.34 -32.54 -37.49
N ASP E 101 6.94 -33.71 -37.61
CA ASP E 101 7.02 -34.60 -36.45
C ASP E 101 8.07 -34.04 -35.49
N VAL E 102 7.61 -33.12 -34.66
CA VAL E 102 8.45 -32.46 -33.65
C VAL E 102 7.65 -32.33 -32.36
N PRO E 103 8.35 -32.30 -31.22
CA PRO E 103 7.64 -32.18 -29.94
C PRO E 103 7.04 -30.80 -29.74
N PHE E 104 5.78 -30.77 -29.31
CA PHE E 104 5.06 -29.52 -29.04
C PHE E 104 4.62 -29.51 -27.59
N THR E 105 4.87 -28.39 -26.92
CA THR E 105 4.45 -28.18 -25.54
C THR E 105 3.69 -26.86 -25.48
N MET E 106 2.93 -26.67 -24.41
CA MET E 106 2.15 -25.47 -24.20
C MET E 106 2.39 -24.94 -22.80
N ALA E 107 2.64 -23.64 -22.70
CA ALA E 107 2.85 -22.97 -21.43
C ALA E 107 1.89 -21.79 -21.30
N ASP E 108 1.66 -21.38 -20.06
CA ASP E 108 0.78 -20.26 -19.74
C ASP E 108 1.57 -19.23 -18.95
N ALA E 109 1.59 -18.00 -19.45
CA ALA E 109 2.32 -16.93 -18.78
C ALA E 109 1.69 -16.56 -17.43
N THR E 110 0.36 -16.63 -17.34
CA THR E 110 -0.31 -16.26 -16.10
C THR E 110 0.15 -17.12 -14.94
N THR E 111 0.44 -18.40 -15.18
CA THR E 111 0.95 -19.23 -14.11
C THR E 111 2.31 -18.74 -13.64
N LEU E 112 3.12 -18.25 -14.58
CA LEU E 112 4.47 -17.74 -14.36
C LEU E 112 4.49 -16.30 -13.84
N THR E 113 3.33 -15.63 -13.72
CA THR E 113 3.29 -14.25 -13.27
C THR E 113 3.74 -14.08 -11.82
N GLU E 114 3.85 -15.18 -11.06
CA GLU E 114 4.26 -15.11 -9.65
C GLU E 114 5.58 -14.37 -9.49
N ALA E 115 6.50 -14.56 -10.43
CA ALA E 115 7.80 -13.88 -10.46
C ALA E 115 8.74 -14.36 -9.34
N GLY E 116 8.56 -15.60 -8.90
CA GLY E 116 9.42 -16.20 -7.89
C GLY E 116 10.08 -17.42 -8.48
N TYR E 117 11.42 -17.46 -8.48
CA TYR E 117 12.18 -18.55 -9.08
C TYR E 117 11.71 -18.81 -10.51
N VAL E 118 11.70 -17.73 -11.30
CA VAL E 118 11.26 -17.81 -12.69
C VAL E 118 12.15 -18.72 -13.49
N GLY E 119 13.46 -18.76 -13.18
CA GLY E 119 14.37 -19.61 -13.90
C GLY E 119 13.95 -21.07 -13.86
N GLU E 120 13.49 -21.54 -12.70
CA GLU E 120 13.01 -22.91 -12.60
C GLU E 120 11.73 -23.10 -13.40
N ASP E 121 10.81 -22.13 -13.33
CA ASP E 121 9.55 -22.25 -14.04
C ASP E 121 9.75 -22.25 -15.55
N VAL E 122 10.59 -21.34 -16.06
CA VAL E 122 10.84 -21.31 -17.50
C VAL E 122 11.61 -22.56 -17.91
N GLU E 123 12.51 -23.02 -17.06
CA GLU E 123 13.25 -24.24 -17.37
C GLU E 123 12.31 -25.44 -17.42
N ASN E 124 11.29 -25.44 -16.58
CA ASN E 124 10.33 -26.55 -16.56
C ASN E 124 9.70 -26.73 -17.94
N ILE E 125 9.38 -25.63 -18.62
CA ILE E 125 8.84 -25.68 -19.98
C ILE E 125 9.70 -26.59 -20.84
N ILE E 126 11.01 -26.37 -20.81
CA ILE E 126 11.94 -27.19 -21.57
C ILE E 126 11.86 -28.64 -21.12
N GLN E 127 11.74 -28.86 -19.81
CA GLN E 127 11.65 -30.21 -19.29
C GLN E 127 10.40 -30.90 -19.80
N LYS E 128 9.30 -30.15 -19.90
CA LYS E 128 8.07 -30.72 -20.42
C LYS E 128 8.25 -31.15 -21.86
N LEU E 129 8.99 -30.35 -22.64
CA LEU E 129 9.25 -30.68 -24.04
C LEU E 129 10.08 -31.95 -24.18
N LEU E 130 11.06 -32.12 -23.29
CA LEU E 130 11.91 -33.30 -23.36
C LEU E 130 11.12 -34.58 -23.12
N GLN E 131 10.16 -34.54 -22.20
CA GLN E 131 9.34 -35.72 -21.95
C GLN E 131 8.60 -36.13 -23.20
N LYS E 132 8.01 -35.16 -23.90
CA LYS E 132 7.32 -35.44 -25.15
C LYS E 132 8.32 -35.82 -26.23
N SER E 133 9.52 -35.24 -26.20
CA SER E 133 10.57 -35.50 -27.15
C SER E 133 11.30 -36.82 -26.90
N ASP E 134 10.98 -37.53 -25.82
CA ASP E 134 11.62 -38.80 -25.45
C ASP E 134 13.06 -38.57 -25.06
N TYR E 135 13.32 -37.44 -24.40
CA TYR E 135 14.65 -37.08 -23.91
C TYR E 135 15.69 -37.08 -25.02
N ASP E 136 15.29 -36.58 -26.18
CA ASP E 136 16.17 -36.47 -27.35
C ASP E 136 16.49 -34.99 -27.51
N VAL E 137 17.75 -34.63 -27.26
CA VAL E 137 18.18 -33.25 -27.35
C VAL E 137 18.02 -32.72 -28.76
N GLN E 138 18.36 -33.53 -29.76
CA GLN E 138 18.25 -33.09 -31.14
C GLN E 138 16.78 -32.86 -31.52
N LYS E 139 15.93 -33.83 -31.23
CA LYS E 139 14.51 -33.69 -31.54
C LYS E 139 13.88 -32.57 -30.72
N ALA E 140 14.26 -32.45 -29.45
CA ALA E 140 13.70 -31.41 -28.58
C ALA E 140 14.08 -30.02 -29.06
N GLN E 141 15.30 -29.86 -29.57
CA GLN E 141 15.72 -28.53 -30.04
C GLN E 141 14.92 -28.08 -31.24
N ARG E 142 14.32 -29.01 -31.99
CA ARG E 142 13.48 -28.71 -33.13
C ARG E 142 12.02 -28.46 -32.75
N GLY E 143 11.67 -28.66 -31.49
CA GLY E 143 10.30 -28.53 -31.05
C GLY E 143 9.73 -27.13 -31.18
N ILE E 144 8.41 -27.09 -31.02
CA ILE E 144 7.60 -25.88 -31.09
C ILE E 144 7.06 -25.63 -29.70
N VAL E 145 7.23 -24.42 -29.20
CA VAL E 145 6.71 -24.02 -27.90
C VAL E 145 5.68 -22.94 -28.12
N TYR E 146 4.51 -23.12 -27.50
CA TYR E 146 3.43 -22.14 -27.59
C TYR E 146 3.19 -21.59 -26.20
N ILE E 147 3.26 -20.27 -26.08
CA ILE E 147 3.01 -19.57 -24.83
C ILE E 147 1.69 -18.83 -24.98
N ASP E 148 0.85 -18.92 -23.95
CA ASP E 148 -0.47 -18.34 -23.95
C ASP E 148 -0.59 -17.24 -22.89
N GLU E 149 -1.58 -16.38 -23.12
CA GLU E 149 -1.90 -15.27 -22.22
C GLU E 149 -0.66 -14.41 -21.92
N ILE E 150 0.06 -14.08 -22.98
CA ILE E 150 1.25 -13.23 -22.84
C ILE E 150 0.86 -11.80 -22.54
N ASP E 151 -0.38 -11.41 -22.83
CA ASP E 151 -0.83 -10.05 -22.55
C ASP E 151 -1.04 -9.79 -21.07
N LYS E 152 -1.41 -10.82 -20.31
CA LYS E 152 -1.71 -10.64 -18.89
C LYS E 152 -0.47 -10.20 -18.09
N ILE E 153 0.69 -10.77 -18.38
CA ILE E 153 1.91 -10.42 -17.64
C ILE E 153 2.27 -8.95 -17.82
N SER E 154 1.92 -8.36 -18.95
CA SER E 154 2.26 -6.98 -19.22
C SER E 154 1.54 -6.03 -18.26
N ARG E 155 2.13 -4.85 -18.10
CA ARG E 155 1.58 -3.82 -17.23
C ARG E 155 2.03 -2.44 -17.70
N GLY E 168 4.43 -7.33 -15.01
CA GLY E 168 5.52 -8.20 -14.62
C GLY E 168 6.72 -8.06 -15.52
N GLU E 169 7.48 -6.97 -15.33
CA GLU E 169 8.65 -6.73 -16.14
C GLU E 169 9.69 -7.81 -15.95
N GLY E 170 9.85 -8.28 -14.70
CA GLY E 170 10.82 -9.34 -14.45
C GLY E 170 10.47 -10.62 -15.18
N VAL E 171 9.17 -10.88 -15.33
CA VAL E 171 8.74 -12.08 -16.06
C VAL E 171 9.15 -11.98 -17.51
N GLN E 172 8.93 -10.81 -18.12
CA GLN E 172 9.30 -10.60 -19.51
C GLN E 172 10.81 -10.73 -19.70
N GLN E 173 11.58 -10.18 -18.76
CA GLN E 173 13.03 -10.26 -18.85
C GLN E 173 13.50 -11.71 -18.82
N ALA E 174 12.93 -12.52 -17.93
CA ALA E 174 13.28 -13.93 -17.89
C ALA E 174 12.88 -14.62 -19.19
N LEU E 175 11.68 -14.32 -19.69
CA LEU E 175 11.19 -14.96 -20.90
C LEU E 175 12.05 -14.64 -22.11
N LEU E 176 12.39 -13.36 -22.31
CA LEU E 176 13.15 -12.98 -23.49
C LEU E 176 14.52 -13.63 -23.49
N LYS E 177 15.10 -13.89 -22.33
CA LYS E 177 16.37 -14.60 -22.29
C LYS E 177 16.17 -16.01 -22.81
N LEU E 178 15.03 -16.62 -22.49
CA LEU E 178 14.70 -17.95 -22.99
C LEU E 178 14.38 -17.91 -24.48
N ILE E 179 13.75 -16.83 -24.93
CA ILE E 179 13.40 -16.70 -26.34
C ILE E 179 14.63 -16.40 -27.17
N GLU E 180 15.48 -15.49 -26.69
CA GLU E 180 16.71 -15.15 -27.41
C GLU E 180 17.57 -16.37 -27.64
N GLY E 181 17.66 -17.24 -26.63
CA GLY E 181 18.45 -18.45 -26.70
C GLY E 181 19.37 -18.60 -25.51
N THR E 182 19.31 -19.75 -24.86
CA THR E 182 20.15 -20.03 -23.70
C THR E 182 20.24 -21.54 -23.53
N VAL E 183 21.17 -21.96 -22.69
CA VAL E 183 21.39 -23.37 -22.39
C VAL E 183 20.70 -23.68 -21.07
N ALA E 184 19.86 -24.71 -21.08
CA ALA E 184 19.09 -25.12 -19.91
C ALA E 184 19.52 -26.51 -19.45
N ALA E 185 19.59 -26.68 -18.13
CA ALA E 185 19.97 -27.94 -17.51
C ALA E 185 18.71 -28.65 -17.03
N VAL E 186 18.42 -29.81 -17.60
CA VAL E 186 17.24 -30.61 -17.28
C VAL E 186 17.69 -31.94 -16.70
N PRO E 187 17.17 -32.38 -15.55
CA PRO E 187 17.58 -33.69 -15.02
C PRO E 187 17.25 -34.80 -15.98
N PRO E 188 18.12 -35.80 -16.16
CA PRO E 188 17.81 -36.87 -17.11
C PRO E 188 17.00 -38.00 -16.53
N GLN E 189 15.90 -38.35 -17.20
CA GLN E 189 15.01 -39.46 -16.83
C GLN E 189 14.70 -39.48 -15.33
N GLY E 190 14.36 -38.31 -14.81
CA GLY E 190 14.06 -38.20 -13.39
C GLY E 190 15.23 -38.65 -12.54
N GLY E 191 14.94 -39.57 -11.62
CA GLY E 191 15.94 -40.12 -10.72
C GLY E 191 15.90 -39.51 -9.35
N ARG E 192 16.30 -40.28 -8.35
CA ARG E 192 16.29 -39.81 -6.96
C ARG E 192 17.29 -38.68 -6.77
N LYS E 193 18.54 -38.93 -7.17
CA LYS E 193 19.61 -37.94 -7.06
C LYS E 193 20.57 -38.19 -8.20
N HIS E 194 21.04 -37.12 -8.83
CA HIS E 194 21.95 -37.22 -9.96
C HIS E 194 22.92 -36.05 -9.89
N PRO E 195 24.15 -36.23 -10.38
CA PRO E 195 25.13 -35.15 -10.30
C PRO E 195 24.85 -34.04 -11.30
N GLN E 196 25.32 -32.85 -10.93
CA GLN E 196 25.17 -31.64 -11.75
C GLN E 196 25.55 -31.87 -13.21
N GLN E 197 26.73 -32.46 -13.44
CA GLN E 197 27.21 -32.68 -14.81
C GLN E 197 26.26 -33.55 -15.62
N GLU E 198 25.63 -34.56 -14.99
CA GLU E 198 24.74 -35.46 -15.71
C GLU E 198 23.57 -34.73 -16.37
N PHE E 199 23.13 -33.61 -15.78
CA PHE E 199 22.03 -32.83 -16.34
C PHE E 199 22.24 -32.54 -17.82
N LEU E 200 21.20 -32.77 -18.61
CA LEU E 200 21.28 -32.55 -20.05
C LEU E 200 21.25 -31.07 -20.38
N GLN E 201 22.10 -30.67 -21.33
CA GLN E 201 22.22 -29.28 -21.75
C GLN E 201 21.54 -29.12 -23.11
N VAL E 202 20.40 -28.44 -23.12
CA VAL E 202 19.64 -28.16 -24.33
C VAL E 202 19.66 -26.67 -24.58
N ASP E 203 19.70 -26.29 -25.86
CA ASP E 203 19.76 -24.91 -26.27
C ASP E 203 18.40 -24.47 -26.80
N THR E 204 17.94 -23.32 -26.32
CA THR E 204 16.66 -22.77 -26.73
C THR E 204 16.78 -21.85 -27.94
N SER E 205 18.00 -21.58 -28.41
CA SER E 205 18.17 -20.74 -29.59
C SER E 205 17.58 -21.41 -30.82
N LYS E 206 17.64 -22.73 -30.89
CA LYS E 206 17.14 -23.49 -32.02
C LYS E 206 15.67 -23.87 -31.89
N ILE E 207 15.02 -23.55 -30.77
CA ILE E 207 13.63 -23.92 -30.53
C ILE E 207 12.75 -22.74 -30.93
N LEU E 208 11.70 -23.02 -31.70
CA LEU E 208 10.78 -21.99 -32.12
C LEU E 208 9.75 -21.76 -31.04
N PHE E 209 9.58 -20.50 -30.67
CA PHE E 209 8.64 -20.11 -29.64
C PHE E 209 7.56 -19.26 -30.26
N ILE E 210 6.31 -19.61 -29.96
CA ILE E 210 5.14 -18.87 -30.43
C ILE E 210 4.47 -18.33 -29.19
N CYS E 211 4.19 -17.04 -29.20
CA CYS E 211 3.54 -16.36 -28.10
C CYS E 211 2.17 -15.91 -28.56
N GLY E 212 1.14 -16.27 -27.79
CA GLY E 212 -0.22 -15.94 -28.11
C GLY E 212 -0.85 -15.10 -27.02
N GLY E 213 -2.13 -14.82 -27.20
CA GLY E 213 -2.90 -14.04 -26.26
C GLY E 213 -3.81 -13.04 -26.94
N ALA E 214 -4.89 -12.71 -26.26
CA ALA E 214 -5.88 -11.74 -26.73
C ALA E 214 -5.58 -10.40 -26.08
N PHE E 215 -5.55 -9.36 -26.91
CA PHE E 215 -5.24 -8.00 -26.48
C PHE E 215 -6.52 -7.20 -26.74
N ALA E 216 -7.40 -7.18 -25.74
CA ALA E 216 -8.68 -6.48 -25.91
C ALA E 216 -8.50 -4.98 -25.97
N GLY E 217 -7.73 -4.42 -25.05
CA GLY E 217 -7.51 -2.98 -25.02
C GLY E 217 -6.75 -2.45 -26.23
N LEU E 218 -5.91 -3.29 -26.83
CA LEU E 218 -5.07 -2.88 -27.96
C LEU E 218 -5.86 -2.29 -29.11
N ASP E 219 -7.07 -2.79 -29.38
CA ASP E 219 -7.87 -2.28 -30.48
C ASP E 219 -8.13 -0.79 -30.33
N LYS E 220 -8.54 -0.36 -29.13
CA LYS E 220 -8.78 1.05 -28.89
C LYS E 220 -7.52 1.88 -29.09
N VAL E 221 -6.37 1.33 -28.70
CA VAL E 221 -5.11 2.05 -28.83
C VAL E 221 -4.83 2.36 -30.30
N ILE E 222 -5.02 1.38 -31.16
CA ILE E 222 -4.78 1.56 -32.59
C ILE E 222 -5.69 2.64 -33.15
N SER E 223 -6.96 2.62 -32.74
CA SER E 223 -7.91 3.62 -33.23
C SER E 223 -7.50 5.02 -32.80
N HIS E 224 -7.06 5.15 -31.55
CA HIS E 224 -6.62 6.44 -31.03
C HIS E 224 -5.44 6.97 -31.84
N ARG E 225 -4.61 6.08 -32.38
CA ARG E 225 -3.45 6.46 -33.17
C ARG E 225 -3.77 6.58 -34.65
N VAL E 226 -4.28 5.49 -35.25
CA VAL E 226 -4.59 5.49 -36.67
C VAL E 226 -5.67 6.51 -37.00
N GLU E 227 -6.78 6.44 -36.27
CA GLU E 227 -7.92 7.31 -36.51
C GLU E 227 -7.84 8.55 -35.63
N THR E 228 -8.88 9.37 -35.70
CA THR E 228 -8.98 10.57 -34.89
C THR E 228 -8.89 10.24 -33.40
N GLY E 229 -8.20 11.08 -32.65
CA GLY E 229 -8.06 10.89 -31.22
C GLY E 229 -9.32 11.36 -30.54
N SER E 230 -10.38 10.59 -30.72
CA SER E 230 -11.70 10.89 -30.21
C SER E 230 -12.31 9.58 -29.72
N GLY E 231 -13.61 9.61 -29.47
CA GLY E 231 -14.32 8.46 -28.97
C GLY E 231 -15.37 8.81 -27.93
N ILE E 232 -15.47 10.08 -27.58
CA ILE E 232 -16.47 10.53 -26.62
C ILE E 232 -17.37 11.63 -27.18
N GLY E 233 -16.95 12.39 -28.17
CA GLY E 233 -17.76 13.48 -28.67
C GLY E 233 -18.90 13.03 -29.58
N PHE E 234 -19.54 14.04 -30.18
CA PHE E 234 -20.62 13.78 -31.12
C PHE E 234 -20.08 13.15 -32.39
N GLY E 235 -19.11 13.81 -33.02
CA GLY E 235 -18.51 13.29 -34.25
C GLY E 235 -17.88 11.94 -34.07
N ALA E 236 -17.34 11.66 -32.88
CA ALA E 236 -16.71 10.40 -32.51
C ALA E 236 -17.49 9.20 -33.01
N THR E 237 -16.78 8.29 -33.66
CA THR E 237 -17.39 7.10 -34.25
C THR E 237 -17.39 6.00 -33.19
N VAL E 238 -18.53 5.89 -32.49
CA VAL E 238 -18.72 4.88 -31.46
C VAL E 238 -19.91 4.01 -31.82
N LYS E 239 -20.17 3.85 -33.12
CA LYS E 239 -21.28 3.00 -33.58
C LYS E 239 -20.78 1.55 -33.49
N ALA E 240 -20.69 1.08 -32.24
CA ALA E 240 -20.18 -0.24 -31.92
C ALA E 240 -21.35 -1.18 -31.63
N LYS E 241 -21.55 -2.15 -32.52
CA LYS E 241 -22.59 -3.17 -32.39
C LYS E 241 -21.98 -4.56 -32.21
N SER E 242 -20.75 -4.64 -31.72
CA SER E 242 -20.02 -5.89 -31.53
C SER E 242 -19.92 -6.67 -32.84
N ASP E 243 -19.73 -5.94 -33.94
CA ASP E 243 -19.59 -6.57 -35.24
C ASP E 243 -18.26 -7.32 -35.33
N LYS E 244 -17.19 -6.70 -34.83
CA LYS E 244 -15.82 -7.21 -34.78
C LYS E 244 -15.11 -7.12 -36.13
N ALA E 245 -15.77 -6.65 -37.19
CA ALA E 245 -15.09 -6.51 -38.47
C ALA E 245 -14.09 -5.36 -38.40
N SER E 246 -14.49 -4.27 -37.75
CA SER E 246 -13.60 -3.12 -37.59
C SER E 246 -12.39 -3.52 -36.74
N GLU E 247 -12.60 -4.32 -35.71
CA GLU E 247 -11.51 -4.74 -34.84
C GLU E 247 -10.50 -5.60 -35.60
N GLY E 248 -10.97 -6.46 -36.50
CA GLY E 248 -10.05 -7.31 -37.23
C GLY E 248 -9.13 -6.51 -38.15
N GLU E 249 -9.70 -5.56 -38.88
CA GLU E 249 -8.88 -4.72 -39.76
C GLU E 249 -7.96 -3.83 -38.95
N LEU E 250 -8.43 -3.34 -37.80
CA LEU E 250 -7.59 -2.46 -36.98
C LEU E 250 -6.40 -3.21 -36.40
N LEU E 251 -6.60 -4.45 -35.98
CA LEU E 251 -5.50 -5.22 -35.42
C LEU E 251 -4.46 -5.52 -36.49
N ALA E 252 -4.87 -5.65 -37.74
CA ALA E 252 -3.91 -5.89 -38.83
C ALA E 252 -2.87 -4.79 -38.88
N GLN E 253 -3.26 -3.56 -38.56
CA GLN E 253 -2.36 -2.41 -38.58
C GLN E 253 -1.48 -2.33 -37.34
N VAL E 254 -1.58 -3.30 -36.43
CA VAL E 254 -0.77 -3.34 -35.21
C VAL E 254 0.70 -3.14 -35.52
N GLU E 255 1.32 -2.28 -34.75
CA GLU E 255 2.74 -1.96 -34.84
C GLU E 255 3.33 -2.07 -33.45
N PRO E 256 4.66 -2.11 -33.34
CA PRO E 256 5.29 -2.20 -32.02
C PRO E 256 4.90 -1.07 -31.08
N GLU E 257 4.68 0.13 -31.61
CA GLU E 257 4.31 1.26 -30.77
C GLU E 257 3.02 0.99 -30.02
N ASP E 258 2.06 0.33 -30.67
CA ASP E 258 0.80 0.03 -30.01
C ASP E 258 0.99 -0.93 -28.85
N LEU E 259 1.82 -1.95 -29.05
CA LEU E 259 2.08 -2.91 -27.98
C LEU E 259 2.79 -2.26 -26.80
N ILE E 260 3.59 -1.24 -27.06
CA ILE E 260 4.31 -0.55 -26.00
C ILE E 260 3.33 0.13 -25.06
N LYS E 261 2.32 0.78 -25.63
CA LYS E 261 1.31 1.44 -24.80
C LYS E 261 0.51 0.42 -24.01
N PHE E 262 0.31 -0.77 -24.57
CA PHE E 262 -0.44 -1.82 -23.89
C PHE E 262 0.29 -2.33 -22.65
N GLY E 263 1.60 -2.13 -22.57
CA GLY E 263 2.38 -2.56 -21.42
C GLY E 263 3.50 -3.53 -21.73
N LEU E 264 3.71 -3.94 -22.97
CA LEU E 264 4.78 -4.88 -23.28
C LEU E 264 6.13 -4.16 -23.23
N ILE E 265 7.18 -4.96 -23.20
CA ILE E 265 8.56 -4.49 -23.10
C ILE E 265 9.15 -4.44 -24.50
N PRO E 266 9.82 -3.34 -24.89
CA PRO E 266 10.38 -3.29 -26.25
C PRO E 266 11.35 -4.42 -26.57
N GLU E 267 12.16 -4.84 -25.61
CA GLU E 267 13.07 -5.95 -25.84
C GLU E 267 12.29 -7.19 -26.23
N PHE E 268 11.15 -7.43 -25.57
CA PHE E 268 10.34 -8.60 -25.86
C PHE E 268 9.74 -8.51 -27.26
N ILE E 269 9.29 -7.32 -27.66
CA ILE E 269 8.71 -7.15 -28.98
C ILE E 269 9.76 -7.40 -30.05
N GLY E 270 11.00 -7.00 -29.80
CA GLY E 270 12.03 -7.17 -30.80
C GLY E 270 12.40 -8.61 -31.04
N ARG E 271 12.16 -9.48 -30.06
CA ARG E 271 12.41 -10.90 -30.24
C ARG E 271 11.22 -11.60 -30.88
N LEU E 272 10.12 -10.88 -31.11
CA LEU E 272 8.92 -11.40 -31.75
C LEU E 272 8.65 -10.54 -32.97
N PRO E 273 9.53 -10.59 -33.97
CA PRO E 273 9.33 -9.77 -35.16
C PRO E 273 8.10 -10.14 -35.95
N VAL E 274 7.83 -11.43 -36.06
CA VAL E 274 6.69 -11.93 -36.81
C VAL E 274 5.44 -11.75 -35.97
N VAL E 275 4.46 -11.04 -36.53
CA VAL E 275 3.20 -10.75 -35.87
C VAL E 275 2.08 -11.24 -36.76
N ALA E 276 1.38 -12.28 -36.31
CA ALA E 276 0.25 -12.86 -37.02
C ALA E 276 -1.00 -12.49 -36.22
N THR E 277 -2.02 -12.02 -36.92
CA THR E 277 -3.25 -11.55 -36.29
C THR E 277 -4.47 -12.33 -36.72
N LEU E 278 -5.08 -13.04 -35.77
CA LEU E 278 -6.34 -13.71 -36.01
C LEU E 278 -7.41 -12.69 -35.69
N ASN E 279 -8.44 -12.61 -36.53
CA ASN E 279 -9.42 -11.53 -36.34
C ASN E 279 -10.64 -11.92 -35.51
N GLU E 280 -11.43 -12.89 -35.95
CA GLU E 280 -12.63 -13.28 -35.21
C GLU E 280 -13.24 -14.49 -35.86
N LEU E 281 -13.93 -15.31 -35.07
CA LEU E 281 -14.66 -16.46 -35.57
C LEU E 281 -16.11 -16.02 -35.77
N SER E 282 -16.53 -15.89 -37.02
CA SER E 282 -17.88 -15.48 -37.32
C SER E 282 -18.85 -16.62 -37.13
N GLU E 283 -20.14 -16.28 -37.13
CA GLU E 283 -21.19 -17.28 -36.99
C GLU E 283 -21.13 -18.31 -38.11
N GLU E 284 -20.83 -17.85 -39.32
CA GLU E 284 -20.74 -18.77 -40.46
C GLU E 284 -19.57 -19.72 -40.28
N ALA E 285 -18.43 -19.23 -39.80
CA ALA E 285 -17.27 -20.08 -39.61
C ALA E 285 -17.53 -21.18 -38.61
N LEU E 286 -18.27 -20.84 -37.53
CA LEU E 286 -18.61 -21.83 -36.53
C LEU E 286 -19.39 -22.98 -37.15
N ILE E 287 -20.27 -22.66 -38.09
CA ILE E 287 -21.05 -23.69 -38.77
C ILE E 287 -20.12 -24.59 -39.58
N GLN E 288 -19.09 -24.01 -40.19
CA GLN E 288 -18.14 -24.81 -40.95
C GLN E 288 -17.30 -25.67 -40.02
N ILE E 289 -16.92 -25.13 -38.86
CA ILE E 289 -16.11 -25.86 -37.89
C ILE E 289 -16.80 -27.13 -37.45
N LEU E 290 -18.12 -27.10 -37.38
CA LEU E 290 -18.88 -28.27 -36.95
C LEU E 290 -18.79 -29.42 -37.95
N LYS E 291 -18.72 -29.13 -39.25
CA LYS E 291 -18.69 -30.16 -40.28
C LYS E 291 -17.46 -30.18 -41.18
N GLU E 292 -16.96 -29.02 -41.63
CA GLU E 292 -15.85 -29.01 -42.58
C GLU E 292 -14.55 -29.64 -42.09
N PRO E 293 -14.10 -29.45 -40.85
CA PRO E 293 -12.81 -30.03 -40.45
C PRO E 293 -12.79 -31.55 -40.47
N LYS E 294 -11.57 -32.08 -40.61
CA LYS E 294 -11.35 -33.52 -40.66
C LYS E 294 -11.76 -34.20 -39.36
N ASN E 295 -11.55 -33.53 -38.23
CA ASN E 295 -11.88 -34.04 -36.92
C ASN E 295 -12.96 -33.17 -36.29
N ALA E 296 -13.93 -32.79 -37.12
CA ALA E 296 -15.02 -31.94 -36.71
C ALA E 296 -15.83 -32.60 -35.60
N LEU E 297 -16.46 -31.74 -34.80
CA LEU E 297 -17.29 -32.19 -33.69
C LEU E 297 -18.39 -33.12 -34.17
N THR E 298 -19.07 -32.75 -35.25
CA THR E 298 -20.16 -33.56 -35.76
C THR E 298 -19.67 -34.92 -36.26
N LYS E 299 -18.50 -34.94 -36.90
CA LYS E 299 -17.96 -36.19 -37.43
C LYS E 299 -17.62 -37.15 -36.30
N GLN E 300 -17.12 -36.63 -35.18
CA GLN E 300 -16.78 -37.49 -34.05
C GLN E 300 -18.00 -38.21 -33.50
N TYR E 301 -19.08 -37.47 -33.30
CA TYR E 301 -20.30 -38.07 -32.74
C TYR E 301 -20.91 -39.06 -33.72
N GLN E 302 -20.87 -38.76 -35.02
CA GLN E 302 -21.41 -39.70 -36.00
C GLN E 302 -20.68 -41.02 -35.93
N ALA E 303 -19.36 -40.99 -35.74
CA ALA E 303 -18.60 -42.22 -35.60
C ALA E 303 -18.98 -42.96 -34.35
N LEU E 304 -19.23 -42.22 -33.27
CA LEU E 304 -19.63 -42.83 -32.01
C LEU E 304 -20.97 -43.55 -32.16
N PHE E 305 -21.90 -42.95 -32.88
CA PHE E 305 -23.19 -43.60 -33.12
C PHE E 305 -23.05 -44.70 -34.16
N ASN E 306 -22.22 -44.48 -35.18
CA ASN E 306 -22.07 -45.45 -36.27
C ASN E 306 -21.58 -46.80 -35.77
N LEU E 307 -20.68 -46.82 -34.80
CA LEU E 307 -20.20 -48.10 -34.29
C LEU E 307 -21.28 -48.80 -33.50
N GLU E 308 -22.28 -48.06 -33.02
CA GLU E 308 -23.42 -48.63 -32.31
C GLU E 308 -24.49 -49.14 -33.26
N GLY E 309 -24.34 -48.91 -34.56
CA GLY E 309 -25.31 -49.32 -35.54
C GLY E 309 -26.33 -48.27 -35.89
N VAL E 310 -26.19 -47.06 -35.37
CA VAL E 310 -27.13 -45.96 -35.60
C VAL E 310 -26.48 -44.90 -36.47
N ASP E 311 -27.32 -44.15 -37.18
CA ASP E 311 -26.90 -43.06 -38.04
C ASP E 311 -27.32 -41.76 -37.40
N LEU E 312 -26.41 -40.80 -37.36
CA LEU E 312 -26.66 -39.50 -36.75
C LEU E 312 -26.65 -38.44 -37.83
N GLU E 313 -27.70 -37.62 -37.87
CA GLU E 313 -27.83 -36.54 -38.82
C GLU E 313 -28.13 -35.25 -38.11
N PHE E 314 -27.43 -34.18 -38.50
CA PHE E 314 -27.63 -32.85 -37.96
C PHE E 314 -28.32 -31.99 -39.01
N ARG E 315 -29.43 -31.36 -38.64
CA ARG E 315 -30.11 -30.49 -39.58
C ARG E 315 -29.34 -29.19 -39.71
N ASP E 316 -29.55 -28.51 -40.84
CA ASP E 316 -28.85 -27.25 -41.08
C ASP E 316 -29.23 -26.20 -40.06
N GLU E 317 -30.51 -26.15 -39.68
CA GLU E 317 -30.96 -25.19 -38.68
C GLU E 317 -30.32 -25.45 -37.33
N ALA E 318 -30.13 -26.72 -36.98
CA ALA E 318 -29.54 -27.07 -35.70
C ALA E 318 -28.13 -26.55 -35.56
N LEU E 319 -27.33 -26.65 -36.63
CA LEU E 319 -25.96 -26.18 -36.56
C LEU E 319 -25.90 -24.67 -36.32
N ASP E 320 -26.81 -23.93 -36.95
CA ASP E 320 -26.86 -22.49 -36.73
C ASP E 320 -27.22 -22.18 -35.29
N ALA E 321 -28.11 -22.98 -34.71
CA ALA E 321 -28.51 -22.76 -33.32
C ALA E 321 -27.34 -22.97 -32.37
N ILE E 322 -26.55 -24.03 -32.62
CA ILE E 322 -25.37 -24.28 -31.78
C ILE E 322 -24.39 -23.13 -31.90
N ALA E 323 -24.22 -22.61 -33.11
CA ALA E 323 -23.31 -21.50 -33.32
C ALA E 323 -23.80 -20.25 -32.59
N LYS E 324 -25.11 -20.02 -32.60
CA LYS E 324 -25.65 -18.86 -31.91
C LYS E 324 -25.39 -18.95 -30.41
N LYS E 325 -25.49 -20.14 -29.84
CA LYS E 325 -25.26 -20.32 -28.42
C LYS E 325 -23.81 -20.02 -28.06
N ALA E 326 -22.88 -20.44 -28.92
CA ALA E 326 -21.47 -20.21 -28.66
C ALA E 326 -21.15 -18.73 -28.63
N MET E 327 -21.79 -17.95 -29.51
CA MET E 327 -21.56 -16.51 -29.55
C MET E 327 -21.94 -15.87 -28.22
N ALA E 328 -23.04 -16.32 -27.63
CA ALA E 328 -23.46 -15.80 -26.33
C ALA E 328 -22.41 -16.08 -25.27
N ARG E 329 -21.84 -17.28 -25.29
CA ARG E 329 -20.80 -17.64 -24.32
C ARG E 329 -19.56 -16.77 -24.50
N LYS E 330 -19.31 -16.30 -25.71
CA LYS E 330 -18.15 -15.48 -26.04
C LYS E 330 -16.83 -16.22 -25.84
N THR E 331 -16.88 -17.54 -26.02
CA THR E 331 -15.72 -18.42 -25.95
C THR E 331 -15.31 -18.93 -27.33
N GLY E 332 -15.97 -18.44 -28.38
CA GLY E 332 -15.69 -18.89 -29.72
C GLY E 332 -16.01 -20.35 -29.92
N ALA E 333 -15.07 -21.05 -30.55
CA ALA E 333 -15.26 -22.47 -30.87
C ALA E 333 -15.25 -23.36 -29.64
N ARG E 334 -14.53 -22.99 -28.59
CA ARG E 334 -14.43 -23.84 -27.40
C ARG E 334 -15.80 -24.18 -26.83
N GLY E 335 -16.74 -23.25 -26.90
CA GLY E 335 -18.07 -23.50 -26.40
C GLY E 335 -18.79 -24.65 -27.09
N LEU E 336 -18.54 -24.84 -28.39
CA LEU E 336 -19.27 -25.82 -29.19
C LEU E 336 -19.24 -27.23 -28.62
N ARG E 337 -18.10 -27.68 -28.12
CA ARG E 337 -18.03 -29.04 -27.59
C ARG E 337 -19.00 -29.25 -26.45
N SER E 338 -19.12 -28.26 -25.57
CA SER E 338 -20.05 -28.37 -24.46
C SER E 338 -21.49 -28.36 -24.94
N ILE E 339 -21.80 -27.51 -25.92
CA ILE E 339 -23.18 -27.42 -26.42
C ILE E 339 -23.60 -28.72 -27.09
N VAL E 340 -22.74 -29.28 -27.92
CA VAL E 340 -23.09 -30.50 -28.63
C VAL E 340 -23.18 -31.68 -27.67
N GLU E 341 -22.28 -31.74 -26.70
CA GLU E 341 -22.29 -32.83 -25.73
C GLU E 341 -23.55 -32.79 -24.88
N ALA E 342 -23.94 -31.61 -24.43
CA ALA E 342 -25.11 -31.49 -23.57
C ALA E 342 -26.38 -31.84 -24.31
N ALA E 343 -26.51 -31.40 -25.56
CA ALA E 343 -27.71 -31.69 -26.34
C ALA E 343 -27.88 -33.18 -26.56
N LEU E 344 -26.78 -33.89 -26.82
CA LEU E 344 -26.78 -35.31 -27.08
C LEU E 344 -26.56 -36.16 -25.83
N LEU E 345 -26.40 -35.54 -24.66
CA LEU E 345 -26.20 -36.31 -23.44
C LEU E 345 -27.39 -37.20 -23.15
N ASP E 346 -28.60 -36.65 -23.30
CA ASP E 346 -29.81 -37.43 -23.05
C ASP E 346 -29.95 -38.54 -24.07
N THR E 347 -29.72 -38.24 -25.33
CA THR E 347 -29.86 -39.23 -26.39
C THR E 347 -28.86 -40.36 -26.25
N MET E 348 -27.60 -40.01 -25.91
CA MET E 348 -26.60 -41.05 -25.75
C MET E 348 -26.89 -41.94 -24.55
N TYR E 349 -27.50 -41.37 -23.52
CA TYR E 349 -27.82 -42.12 -22.31
C TYR E 349 -28.83 -43.23 -22.59
N ASP E 350 -29.87 -42.95 -23.39
CA ASP E 350 -30.93 -43.91 -23.66
C ASP E 350 -30.86 -44.58 -25.02
N LEU E 351 -29.89 -44.24 -25.86
CA LEU E 351 -29.84 -44.89 -27.18
C LEU E 351 -29.55 -46.38 -27.10
N PRO E 352 -28.61 -46.85 -26.26
CA PRO E 352 -28.38 -48.30 -26.21
C PRO E 352 -29.59 -49.07 -25.71
N SER E 353 -30.31 -48.52 -24.75
CA SER E 353 -31.51 -49.17 -24.23
C SER E 353 -32.53 -49.35 -25.34
N MET E 354 -32.66 -48.34 -26.21
CA MET E 354 -33.57 -48.43 -27.33
C MET E 354 -33.01 -49.38 -28.37
N GLU E 355 -33.89 -50.14 -29.02
CA GLU E 355 -33.51 -51.12 -30.02
C GLU E 355 -34.21 -50.83 -31.33
N ASP E 356 -33.65 -51.39 -32.40
CA ASP E 356 -34.18 -51.25 -33.75
C ASP E 356 -34.22 -49.79 -34.19
N VAL E 357 -33.17 -49.04 -33.83
CA VAL E 357 -33.04 -47.63 -34.18
C VAL E 357 -31.86 -47.50 -35.13
N GLU E 358 -32.14 -47.10 -36.37
CA GLU E 358 -31.12 -46.94 -37.40
C GLU E 358 -30.72 -45.50 -37.68
N LYS E 359 -31.58 -44.52 -37.38
CA LYS E 359 -31.25 -43.13 -37.64
C LYS E 359 -31.78 -42.23 -36.53
N VAL E 360 -31.10 -41.10 -36.36
CA VAL E 360 -31.45 -40.07 -35.38
C VAL E 360 -31.33 -38.72 -36.07
N VAL E 361 -32.27 -37.82 -35.80
CA VAL E 361 -32.29 -36.48 -36.38
C VAL E 361 -32.38 -35.46 -35.26
N ILE E 362 -31.55 -34.41 -35.35
CA ILE E 362 -31.50 -33.32 -34.38
C ILE E 362 -32.08 -32.08 -35.03
N ASP E 363 -33.10 -31.50 -34.40
CA ASP E 363 -33.75 -30.29 -34.86
C ASP E 363 -33.25 -29.10 -34.06
N GLU E 364 -33.67 -27.91 -34.49
CA GLU E 364 -33.27 -26.70 -33.76
C GLU E 364 -33.84 -26.70 -32.35
N SER E 365 -35.05 -27.21 -32.18
CA SER E 365 -35.68 -27.26 -30.88
C SER E 365 -34.88 -28.10 -29.90
N VAL E 366 -34.22 -29.16 -30.40
CA VAL E 366 -33.42 -30.03 -29.54
C VAL E 366 -32.34 -29.24 -28.81
N ILE E 367 -31.73 -28.27 -29.50
CA ILE E 367 -30.69 -27.47 -28.88
C ILE E 367 -31.26 -26.67 -27.72
N ASP E 368 -32.47 -26.12 -27.90
CA ASP E 368 -33.11 -25.38 -26.82
C ASP E 368 -33.50 -26.31 -25.68
N GLY E 369 -33.85 -27.55 -25.99
CA GLY E 369 -34.24 -28.53 -25.00
C GLY E 369 -35.74 -28.69 -24.84
N GLN E 370 -36.54 -27.89 -25.54
CA GLN E 370 -37.99 -28.00 -25.44
C GLN E 370 -38.48 -29.32 -26.03
N SER E 371 -37.86 -29.77 -27.12
CA SER E 371 -38.24 -30.99 -27.82
C SER E 371 -37.18 -32.07 -27.65
N GLU E 372 -37.57 -33.27 -28.05
CA GLU E 372 -36.79 -34.50 -28.05
C GLU E 372 -36.34 -34.83 -29.47
N PRO E 373 -35.09 -35.24 -29.69
CA PRO E 373 -34.65 -35.55 -31.05
C PRO E 373 -35.46 -36.66 -31.70
N LEU E 374 -35.93 -36.39 -32.92
CA LEU E 374 -36.70 -37.37 -33.67
C LEU E 374 -35.89 -38.64 -33.90
N LEU E 375 -36.55 -39.78 -33.74
CA LEU E 375 -35.97 -41.09 -33.96
C LEU E 375 -36.66 -41.81 -35.09
N ILE E 376 -35.91 -42.69 -35.74
CA ILE E 376 -36.37 -43.50 -36.86
C ILE E 376 -36.11 -44.95 -36.50
N TYR E 377 -37.11 -45.80 -36.68
CA TYR E 377 -37.02 -47.22 -36.35
C TYR E 377 -37.05 -48.04 -37.63
N GLY E 378 -36.06 -48.93 -37.76
CA GLY E 378 -35.95 -49.78 -38.92
C GLY E 378 -36.63 -51.12 -38.74
N LEU F 1 -21.86 19.50 1.84
CA LEU F 1 -20.69 18.68 1.62
C LEU F 1 -21.11 17.32 1.06
N VAL F 2 -20.33 16.79 0.13
CA VAL F 2 -20.62 15.51 -0.52
C VAL F 2 -19.85 14.40 0.18
N PRO F 3 -20.48 13.33 0.64
CA PRO F 3 -19.73 12.24 1.25
C PRO F 3 -18.92 11.45 0.24
N MET F 4 -17.77 10.96 0.70
CA MET F 4 -16.88 10.14 -0.10
C MET F 4 -17.13 8.69 0.25
N VAL F 5 -17.40 7.86 -0.76
CA VAL F 5 -17.74 6.46 -0.59
C VAL F 5 -16.65 5.58 -1.20
N ILE F 6 -16.27 4.55 -0.48
CA ILE F 6 -15.22 3.62 -0.89
C ILE F 6 -15.84 2.50 -1.71
N GLU F 7 -15.20 2.20 -2.84
CA GLU F 7 -15.62 1.13 -3.74
C GLU F 7 -14.52 0.08 -3.78
N GLN F 8 -14.88 -1.18 -3.52
CA GLN F 8 -13.93 -2.28 -3.53
C GLN F 8 -13.80 -2.81 -4.95
N THR F 9 -12.56 -2.91 -5.45
CA THR F 9 -12.31 -3.37 -6.81
C THR F 9 -11.04 -4.19 -6.88
N SER F 10 -10.87 -4.81 -8.06
CA SER F 10 -9.74 -5.65 -8.40
C SER F 10 -8.38 -5.12 -7.98
N ARG F 11 -8.09 -3.86 -8.30
CA ARG F 11 -6.79 -3.25 -8.03
C ARG F 11 -6.80 -2.37 -6.79
N GLY F 12 -7.60 -2.73 -5.79
CA GLY F 12 -7.66 -2.00 -4.55
C GLY F 12 -8.93 -1.18 -4.42
N GLU F 13 -9.15 -0.71 -3.19
CA GLU F 13 -10.31 0.11 -2.90
C GLU F 13 -10.07 1.51 -3.45
N ARG F 14 -11.15 2.12 -3.94
CA ARG F 14 -11.10 3.45 -4.52
C ARG F 14 -12.12 4.34 -3.85
N SER F 15 -11.70 5.55 -3.48
CA SER F 15 -12.59 6.52 -2.85
C SER F 15 -13.26 7.34 -3.93
N PHE F 16 -14.57 7.36 -3.92
CA PHE F 16 -15.38 8.06 -4.90
C PHE F 16 -16.29 9.06 -4.21
N ASP F 17 -16.70 10.05 -4.97
CA ASP F 17 -17.69 10.98 -4.50
C ASP F 17 -19.05 10.31 -4.68
N ILE F 18 -20.02 10.70 -3.88
CA ILE F 18 -21.32 10.06 -3.97
C ILE F 18 -21.95 10.27 -5.35
N TYR F 19 -21.77 11.45 -5.93
CA TYR F 19 -22.33 11.70 -7.25
C TYR F 19 -21.56 10.99 -8.33
N SER F 20 -20.25 10.81 -8.15
CA SER F 20 -19.43 10.12 -9.13
C SER F 20 -19.66 8.63 -9.10
N ARG F 21 -19.88 8.07 -7.92
CA ARG F 21 -20.14 6.65 -7.79
C ARG F 21 -21.39 6.26 -8.56
N LEU F 22 -22.41 7.11 -8.48
CA LEU F 22 -23.64 6.84 -9.20
C LEU F 22 -23.44 6.99 -10.69
N LEU F 23 -22.63 7.97 -11.10
CA LEU F 23 -22.33 8.13 -12.52
C LEU F 23 -21.70 6.87 -13.07
N LYS F 24 -20.83 6.24 -12.28
CA LYS F 24 -20.19 4.99 -12.67
C LYS F 24 -21.23 3.90 -12.93
N GLU F 25 -22.41 4.03 -12.35
CA GLU F 25 -23.52 3.11 -12.53
C GLU F 25 -24.56 3.64 -13.50
N ARG F 26 -24.20 4.60 -14.34
CA ARG F 26 -25.10 5.18 -15.34
C ARG F 26 -26.31 5.84 -14.70
N VAL F 27 -26.04 6.78 -13.81
CA VAL F 27 -27.07 7.54 -13.12
C VAL F 27 -26.64 8.99 -13.14
N ILE F 28 -27.47 9.84 -13.75
CA ILE F 28 -27.22 11.26 -13.86
C ILE F 28 -28.29 11.98 -13.07
N PHE F 29 -27.90 13.10 -12.47
CA PHE F 29 -28.78 13.90 -11.65
C PHE F 29 -29.01 15.26 -12.30
N LEU F 30 -30.27 15.67 -12.33
CA LEU F 30 -30.68 16.94 -12.90
C LEU F 30 -31.41 17.66 -11.77
N THR F 31 -30.65 18.41 -10.97
CA THR F 31 -31.17 19.15 -9.84
C THR F 31 -30.99 20.64 -10.09
N GLY F 32 -31.90 21.41 -9.50
CA GLY F 32 -31.85 22.84 -9.62
C GLY F 32 -32.37 23.34 -10.94
N GLN F 33 -32.39 24.67 -11.06
CA GLN F 33 -32.83 25.31 -12.28
C GLN F 33 -31.97 24.87 -13.45
N VAL F 34 -32.59 24.75 -14.61
CA VAL F 34 -31.89 24.31 -15.81
C VAL F 34 -31.20 25.52 -16.43
N GLU F 35 -29.87 25.53 -16.37
CA GLU F 35 -29.05 26.59 -16.91
C GLU F 35 -28.10 25.99 -17.94
N ASP F 36 -27.23 26.84 -18.50
CA ASP F 36 -26.31 26.39 -19.53
C ASP F 36 -25.17 25.54 -18.96
N HIS F 37 -24.68 25.90 -17.78
CA HIS F 37 -23.56 25.17 -17.19
C HIS F 37 -23.95 23.76 -16.77
N MET F 38 -25.01 23.63 -15.96
CA MET F 38 -25.44 22.30 -15.55
C MET F 38 -25.84 21.46 -16.75
N ALA F 39 -26.48 22.08 -17.75
CA ALA F 39 -26.86 21.35 -18.95
C ALA F 39 -25.62 20.85 -19.68
N ASN F 40 -24.60 21.70 -19.76
CA ASN F 40 -23.36 21.30 -20.39
C ASN F 40 -22.72 20.15 -19.64
N LEU F 41 -22.80 20.19 -18.32
CA LEU F 41 -22.26 19.13 -17.50
C LEU F 41 -22.98 17.83 -17.76
N ILE F 42 -24.31 17.88 -17.82
CA ILE F 42 -25.10 16.68 -18.08
C ILE F 42 -24.78 16.14 -19.46
N VAL F 43 -24.55 17.03 -20.42
CA VAL F 43 -24.20 16.61 -21.77
C VAL F 43 -22.91 15.80 -21.74
N ALA F 44 -21.90 16.32 -21.05
CA ALA F 44 -20.62 15.62 -20.97
C ALA F 44 -20.79 14.25 -20.32
N GLN F 45 -21.59 14.19 -19.25
CA GLN F 45 -21.83 12.91 -18.59
C GLN F 45 -22.48 11.92 -19.54
N MET F 46 -23.46 12.36 -20.32
CA MET F 46 -24.13 11.48 -21.26
C MET F 46 -23.17 10.95 -22.31
N LEU F 47 -22.36 11.84 -22.88
CA LEU F 47 -21.42 11.44 -23.92
C LEU F 47 -20.38 10.47 -23.38
N PHE F 48 -19.85 10.73 -22.19
CA PHE F 48 -18.87 9.83 -21.60
C PHE F 48 -19.44 8.44 -21.40
N LEU F 49 -20.66 8.36 -20.86
CA LEU F 49 -21.29 7.07 -20.62
C LEU F 49 -21.52 6.31 -21.92
N GLU F 50 -21.90 7.01 -22.98
CA GLU F 50 -22.12 6.37 -24.27
C GLU F 50 -20.86 5.70 -24.76
N ALA F 51 -19.71 6.37 -24.62
CA ALA F 51 -18.45 5.81 -25.06
C ALA F 51 -18.09 4.56 -24.27
N GLU F 52 -18.32 4.57 -22.96
CA GLU F 52 -17.98 3.42 -22.13
C GLU F 52 -18.74 2.18 -22.58
N ASN F 53 -20.06 2.30 -22.69
CA ASN F 53 -20.89 1.19 -23.14
C ASN F 53 -22.11 1.80 -23.83
N PRO F 54 -22.11 1.87 -25.18
CA PRO F 54 -23.24 2.48 -25.88
C PRO F 54 -24.51 1.65 -25.94
N GLU F 55 -24.56 0.52 -25.23
CA GLU F 55 -25.74 -0.33 -25.21
C GLU F 55 -26.49 -0.31 -23.90
N LYS F 56 -25.84 0.03 -22.80
CA LYS F 56 -26.49 0.05 -21.50
C LYS F 56 -27.29 1.34 -21.32
N ASP F 57 -28.48 1.20 -20.77
CA ASP F 57 -29.38 2.32 -20.58
C ASP F 57 -28.85 3.30 -19.53
N ILE F 58 -29.08 4.58 -19.80
CA ILE F 58 -28.70 5.67 -18.92
C ILE F 58 -29.92 6.03 -18.10
N TYR F 59 -29.69 6.53 -16.89
CA TYR F 59 -30.74 6.95 -15.98
C TYR F 59 -30.53 8.42 -15.67
N LEU F 60 -31.60 9.19 -15.76
CA LEU F 60 -31.57 10.63 -15.51
C LEU F 60 -32.65 10.93 -14.48
N TYR F 61 -32.24 11.34 -13.30
CA TYR F 61 -33.18 11.68 -12.24
C TYR F 61 -33.45 13.16 -12.34
N ILE F 62 -34.72 13.53 -12.21
CA ILE F 62 -35.16 14.90 -12.42
C ILE F 62 -35.91 15.42 -11.21
N ASN F 63 -35.35 16.45 -10.58
CA ASN F 63 -35.96 17.18 -9.46
C ASN F 63 -35.56 18.62 -9.74
N SER F 64 -36.41 19.38 -10.43
CA SER F 64 -36.05 20.75 -10.76
C SER F 64 -37.28 21.62 -10.91
N PRO F 65 -37.20 22.90 -10.56
CA PRO F 65 -38.33 23.81 -10.76
C PRO F 65 -38.37 24.46 -12.14
N GLY F 66 -37.57 23.97 -13.08
CA GLY F 66 -37.51 24.50 -14.42
C GLY F 66 -36.47 25.58 -14.59
N GLY F 67 -36.31 26.00 -15.83
CA GLY F 67 -35.33 27.03 -16.13
C GLY F 67 -35.27 27.43 -17.59
N VAL F 68 -34.04 27.66 -18.07
CA VAL F 68 -33.84 28.07 -19.45
C VAL F 68 -34.31 26.97 -20.39
N ILE F 69 -34.75 27.38 -21.57
CA ILE F 69 -35.22 26.45 -22.59
C ILE F 69 -34.05 25.93 -23.43
N THR F 70 -33.24 26.85 -23.93
CA THR F 70 -32.07 26.49 -24.74
C THR F 70 -31.23 25.42 -24.07
N ALA F 71 -31.01 25.56 -22.77
CA ALA F 71 -30.25 24.56 -22.02
C ALA F 71 -30.95 23.21 -22.05
N GLY F 72 -32.28 23.21 -22.08
CA GLY F 72 -33.01 21.96 -22.11
C GLY F 72 -32.95 21.30 -23.47
N MET F 73 -32.92 22.10 -24.53
CA MET F 73 -32.84 21.53 -25.88
C MET F 73 -31.53 20.80 -26.08
N SER F 74 -30.45 21.30 -25.48
CA SER F 74 -29.15 20.63 -25.61
C SER F 74 -29.22 19.24 -24.99
N ILE F 75 -29.83 19.16 -23.81
CA ILE F 75 -29.97 17.87 -23.15
C ILE F 75 -30.90 16.97 -23.97
N TYR F 76 -31.99 17.53 -24.50
CA TYR F 76 -32.94 16.75 -25.29
C TYR F 76 -32.29 16.23 -26.55
N ASP F 77 -31.58 17.10 -27.27
CA ASP F 77 -30.94 16.69 -28.51
C ASP F 77 -29.87 15.64 -28.24
N THR F 78 -29.11 15.83 -27.17
CA THR F 78 -28.10 14.85 -26.81
C THR F 78 -28.73 13.52 -26.45
N MET F 79 -29.91 13.55 -25.81
CA MET F 79 -30.57 12.31 -25.44
C MET F 79 -31.08 11.58 -26.67
N GLN F 80 -31.69 12.31 -27.59
CA GLN F 80 -32.21 11.73 -28.82
C GLN F 80 -31.12 11.36 -29.81
N PHE F 81 -29.89 11.82 -29.59
CA PHE F 81 -28.78 11.54 -30.48
C PHE F 81 -28.09 10.23 -30.12
N ILE F 82 -27.69 10.09 -28.86
CA ILE F 82 -26.98 8.90 -28.43
C ILE F 82 -27.85 7.65 -28.59
N LYS F 83 -27.17 6.51 -28.69
CA LYS F 83 -27.88 5.24 -28.85
C LYS F 83 -28.55 4.78 -27.58
N PRO F 84 -27.90 4.78 -26.41
CA PRO F 84 -28.56 4.33 -25.18
C PRO F 84 -29.89 5.00 -24.90
N ASP F 85 -30.78 4.23 -24.29
CA ASP F 85 -32.09 4.73 -23.90
C ASP F 85 -31.95 5.45 -22.58
N VAL F 86 -32.32 6.72 -22.56
CA VAL F 86 -32.19 7.57 -21.40
C VAL F 86 -33.47 7.47 -20.58
N SER F 87 -33.45 6.60 -19.59
CA SER F 87 -34.59 6.40 -18.72
C SER F 87 -34.71 7.56 -17.74
N THR F 88 -35.78 8.32 -17.85
CA THR F 88 -35.99 9.47 -16.98
C THR F 88 -36.86 9.09 -15.79
N ILE F 89 -36.50 9.64 -14.63
CA ILE F 89 -37.23 9.41 -13.40
C ILE F 89 -37.48 10.76 -12.75
N CYS F 90 -38.68 10.95 -12.22
CA CYS F 90 -39.09 12.18 -11.57
C CYS F 90 -39.13 11.97 -10.07
N MET F 91 -38.34 12.77 -9.36
CA MET F 91 -38.27 12.74 -7.91
C MET F 91 -38.61 14.13 -7.42
N GLY F 92 -39.63 14.23 -6.58
CA GLY F 92 -40.02 15.52 -6.07
C GLY F 92 -40.91 16.29 -7.02
N GLN F 93 -40.35 16.80 -8.11
CA GLN F 93 -41.15 17.56 -9.07
C GLN F 93 -40.44 17.62 -10.40
N ALA F 94 -41.17 18.12 -11.39
CA ALA F 94 -40.67 18.29 -12.75
C ALA F 94 -41.46 19.41 -13.39
N ALA F 95 -40.83 20.57 -13.53
CA ALA F 95 -41.47 21.74 -14.11
C ALA F 95 -41.44 21.61 -15.63
N SER F 96 -41.78 22.68 -16.33
CA SER F 96 -41.85 22.72 -17.80
C SER F 96 -40.67 22.05 -18.48
N MET F 97 -39.44 22.53 -18.22
CA MET F 97 -38.29 21.91 -18.85
C MET F 97 -38.04 20.53 -18.28
N GLY F 98 -38.18 20.37 -16.98
CA GLY F 98 -38.02 19.06 -16.38
C GLY F 98 -39.01 18.07 -16.95
N ALA F 99 -40.25 18.51 -17.17
CA ALA F 99 -41.27 17.64 -17.73
C ALA F 99 -40.98 17.32 -19.17
N PHE F 100 -40.52 18.30 -19.94
CA PHE F 100 -40.19 18.05 -21.35
C PHE F 100 -39.07 17.03 -21.44
N LEU F 101 -38.08 17.12 -20.57
CA LEU F 101 -37.00 16.15 -20.57
C LEU F 101 -37.47 14.81 -20.01
N LEU F 102 -38.40 14.86 -19.05
CA LEU F 102 -38.95 13.64 -18.49
C LEU F 102 -39.68 12.83 -19.53
N THR F 103 -40.62 13.47 -20.23
CA THR F 103 -41.37 12.79 -21.27
C THR F 103 -40.52 12.47 -22.48
N ALA F 104 -39.37 13.13 -22.63
CA ALA F 104 -38.48 12.87 -23.75
C ALA F 104 -37.70 11.58 -23.60
N GLY F 105 -37.78 10.93 -22.46
CA GLY F 105 -37.06 9.69 -22.24
C GLY F 105 -37.50 8.58 -23.16
N ALA F 106 -36.81 7.45 -23.09
CA ALA F 106 -37.13 6.32 -23.93
C ALA F 106 -38.51 5.78 -23.61
N LYS F 107 -39.26 5.43 -24.65
CA LYS F 107 -40.59 4.88 -24.47
C LYS F 107 -40.53 3.62 -23.63
N GLY F 108 -41.35 3.57 -22.60
CA GLY F 108 -41.38 2.45 -21.69
C GLY F 108 -40.35 2.50 -20.58
N LYS F 109 -39.53 3.56 -20.54
CA LYS F 109 -38.50 3.72 -19.52
C LYS F 109 -38.58 5.10 -18.87
N ARG F 110 -39.77 5.71 -18.85
CA ARG F 110 -40.00 6.99 -18.23
C ARG F 110 -40.84 6.72 -16.99
N PHE F 111 -40.26 6.94 -15.81
CA PHE F 111 -40.91 6.64 -14.56
C PHE F 111 -41.08 7.90 -13.72
N CYS F 112 -41.94 7.77 -12.71
CA CYS F 112 -42.21 8.83 -11.77
C CYS F 112 -42.57 8.21 -10.44
N LEU F 113 -42.23 8.91 -9.39
CA LEU F 113 -42.56 8.43 -8.06
C LEU F 113 -44.01 8.78 -7.73
N PRO F 114 -44.65 8.01 -6.84
CA PRO F 114 -46.06 8.27 -6.54
C PRO F 114 -46.40 9.69 -6.08
N ASN F 115 -45.56 10.32 -5.26
CA ASN F 115 -45.85 11.63 -4.71
C ASN F 115 -45.18 12.77 -5.46
N SER F 116 -44.81 12.55 -6.72
CA SER F 116 -44.21 13.60 -7.53
C SER F 116 -45.29 14.50 -8.09
N ARG F 117 -44.89 15.71 -8.48
CA ARG F 117 -45.81 16.72 -9.01
C ARG F 117 -45.18 17.33 -10.26
N VAL F 118 -45.81 17.10 -11.39
CA VAL F 118 -45.35 17.62 -12.67
C VAL F 118 -46.12 18.90 -12.99
N MET F 119 -45.45 19.81 -13.69
CA MET F 119 -46.04 21.09 -14.07
C MET F 119 -45.66 21.39 -15.51
N ILE F 120 -46.65 21.73 -16.32
CA ILE F 120 -46.44 22.04 -17.73
C ILE F 120 -47.06 23.40 -18.01
N HIS F 121 -46.34 24.22 -18.76
CA HIS F 121 -46.81 25.54 -19.11
C HIS F 121 -46.13 25.98 -20.39
N GLN F 122 -46.55 27.12 -20.89
CA GLN F 122 -45.97 27.67 -22.10
C GLN F 122 -44.73 28.47 -21.77
N PRO F 123 -43.82 28.69 -22.74
CA PRO F 123 -42.62 29.47 -22.47
C PRO F 123 -42.90 30.86 -21.92
N LEU F 124 -41.90 31.41 -21.23
CA LEU F 124 -41.94 32.73 -20.64
C LEU F 124 -40.81 33.56 -21.21
N GLY F 125 -41.05 34.86 -21.33
CA GLY F 125 -40.04 35.73 -21.88
C GLY F 125 -40.43 37.18 -21.77
N GLY F 126 -39.75 38.00 -22.56
CA GLY F 126 -40.00 39.43 -22.57
C GLY F 126 -38.85 40.16 -23.23
N TYR F 127 -39.14 41.38 -23.65
CA TYR F 127 -38.15 42.22 -24.31
C TYR F 127 -38.56 43.67 -24.16
N GLN F 128 -37.55 44.54 -24.19
CA GLN F 128 -37.74 45.98 -24.09
C GLN F 128 -36.89 46.64 -25.17
N GLY F 129 -37.55 47.39 -26.05
CA GLY F 129 -36.85 48.04 -27.14
C GLY F 129 -37.84 48.53 -28.17
N GLN F 130 -37.34 48.69 -29.40
CA GLN F 130 -38.19 49.18 -30.47
C GLN F 130 -39.29 48.17 -30.78
N ALA F 131 -40.32 48.65 -31.48
CA ALA F 131 -41.44 47.79 -31.85
C ALA F 131 -41.00 46.70 -32.81
N THR F 132 -40.05 47.01 -33.70
CA THR F 132 -39.58 46.02 -34.67
C THR F 132 -38.93 44.84 -33.96
N ASP F 133 -37.99 45.13 -33.04
CA ASP F 133 -37.32 44.07 -32.31
C ASP F 133 -38.30 43.25 -31.47
N ILE F 134 -39.33 43.90 -30.93
CA ILE F 134 -40.32 43.20 -30.13
C ILE F 134 -41.04 42.15 -30.96
N GLU F 135 -41.42 42.52 -32.18
CA GLU F 135 -42.11 41.57 -33.06
C GLU F 135 -41.22 40.38 -33.37
N ILE F 136 -39.93 40.62 -33.61
CA ILE F 136 -39.00 39.55 -33.91
C ILE F 136 -38.93 38.57 -32.75
N HIS F 137 -38.64 39.08 -31.55
CA HIS F 137 -38.55 38.21 -30.38
C HIS F 137 -39.87 37.53 -30.07
N ALA F 138 -40.98 38.21 -30.34
CA ALA F 138 -42.29 37.62 -30.10
C ALA F 138 -42.51 36.43 -31.02
N ARG F 139 -42.20 36.60 -32.31
CA ARG F 139 -42.35 35.50 -33.25
C ARG F 139 -41.49 34.31 -32.86
N GLU F 140 -40.26 34.57 -32.40
CA GLU F 140 -39.35 33.48 -32.04
C GLU F 140 -39.89 32.66 -30.88
N ILE F 141 -40.33 33.31 -29.81
CA ILE F 141 -40.83 32.58 -28.66
C ILE F 141 -42.08 31.80 -29.04
N LEU F 142 -42.87 32.35 -29.97
CA LEU F 142 -44.05 31.61 -30.44
C LEU F 142 -43.62 30.37 -31.21
N LYS F 143 -42.57 30.49 -32.03
CA LYS F 143 -42.08 29.34 -32.76
C LYS F 143 -41.57 28.27 -31.78
N VAL F 144 -40.91 28.72 -30.71
CA VAL F 144 -40.43 27.80 -29.69
C VAL F 144 -41.60 27.08 -29.03
N LYS F 145 -42.66 27.83 -28.71
CA LYS F 145 -43.83 27.24 -28.08
C LYS F 145 -44.44 26.18 -28.98
N GLY F 146 -44.58 26.48 -30.27
CA GLY F 146 -45.10 25.51 -31.19
C GLY F 146 -44.22 24.27 -31.27
N ARG F 147 -42.91 24.49 -31.37
CA ARG F 147 -41.97 23.38 -31.46
C ARG F 147 -42.01 22.54 -30.19
N MET F 148 -42.06 23.19 -29.02
CA MET F 148 -42.11 22.45 -27.76
C MET F 148 -43.39 21.65 -27.67
N ASN F 149 -44.52 22.24 -28.06
CA ASN F 149 -45.79 21.53 -28.02
C ASN F 149 -45.80 20.36 -28.99
N GLU F 150 -45.18 20.53 -30.16
CA GLU F 150 -45.12 19.44 -31.12
C GLU F 150 -44.33 18.27 -30.57
N LEU F 151 -43.18 18.56 -29.95
CA LEU F 151 -42.37 17.50 -29.36
C LEU F 151 -43.10 16.85 -28.20
N MET F 152 -43.77 17.65 -27.37
CA MET F 152 -44.51 17.10 -26.24
C MET F 152 -45.59 16.15 -26.71
N ALA F 153 -46.27 16.50 -27.80
CA ALA F 153 -47.30 15.66 -28.37
C ALA F 153 -46.71 14.39 -28.97
N LEU F 154 -45.49 14.49 -29.51
CA LEU F 154 -44.86 13.33 -30.13
C LEU F 154 -44.53 12.26 -29.11
N HIS F 155 -44.04 12.66 -27.94
CA HIS F 155 -43.68 11.67 -26.92
C HIS F 155 -44.91 11.18 -26.16
N THR F 156 -45.79 12.08 -25.76
CA THR F 156 -46.99 11.69 -25.04
C THR F 156 -48.00 11.02 -25.95
N GLY F 157 -47.96 11.32 -27.25
CA GLY F 157 -48.90 10.77 -28.19
C GLY F 157 -50.24 11.47 -28.21
N GLN F 158 -50.36 12.61 -27.54
CA GLN F 158 -51.59 13.37 -27.52
C GLN F 158 -51.67 14.25 -28.76
N SER F 159 -52.82 14.90 -28.94
CA SER F 159 -53.01 15.78 -30.07
C SER F 159 -52.42 17.15 -29.77
N LEU F 160 -51.70 17.70 -30.77
CA LEU F 160 -51.09 19.02 -30.66
C LEU F 160 -52.08 20.05 -30.15
N GLU F 161 -53.34 19.97 -30.62
CA GLU F 161 -54.36 20.90 -30.18
C GLU F 161 -54.59 20.77 -28.68
N GLN F 162 -54.65 19.54 -28.17
CA GLN F 162 -54.85 19.33 -26.75
C GLN F 162 -53.68 19.90 -25.94
N ILE F 163 -52.46 19.71 -26.44
CA ILE F 163 -51.28 20.23 -25.75
C ILE F 163 -51.32 21.74 -25.67
N GLU F 164 -51.72 22.40 -26.76
CA GLU F 164 -51.80 23.86 -26.76
C GLU F 164 -52.80 24.35 -25.74
N ARG F 165 -53.95 23.66 -25.63
CA ARG F 165 -54.97 24.08 -24.67
C ARG F 165 -54.50 23.85 -23.24
N ASP F 166 -53.75 22.78 -23.00
CA ASP F 166 -53.28 22.47 -21.65
C ASP F 166 -52.05 23.26 -21.23
N THR F 167 -51.27 23.77 -22.19
CA THR F 167 -50.07 24.53 -21.87
C THR F 167 -50.31 26.04 -21.86
N GLU F 168 -51.51 26.50 -22.19
CA GLU F 168 -51.79 27.93 -22.17
C GLU F 168 -51.60 28.52 -20.78
N ARG F 169 -51.76 27.70 -19.74
CA ARG F 169 -51.61 28.12 -18.36
C ARG F 169 -51.01 26.98 -17.57
N ASP F 170 -50.41 27.33 -16.44
CA ASP F 170 -49.79 26.36 -15.55
C ASP F 170 -50.76 25.24 -15.21
N ARG F 171 -50.39 24.01 -15.56
CA ARG F 171 -51.20 22.84 -15.32
C ARG F 171 -50.40 21.84 -14.50
N PHE F 172 -50.96 21.44 -13.38
CA PHE F 172 -50.34 20.49 -12.47
C PHE F 172 -50.92 19.10 -12.68
N LEU F 173 -50.07 18.11 -12.52
CA LEU F 173 -50.45 16.72 -12.68
C LEU F 173 -49.68 15.88 -11.68
N SER F 174 -50.39 14.92 -11.10
CA SER F 174 -49.79 14.01 -10.14
C SER F 174 -49.24 12.83 -10.93
N ALA F 175 -48.59 11.91 -10.23
CA ALA F 175 -48.05 10.74 -10.90
C ALA F 175 -49.10 9.95 -11.68
N PRO F 176 -50.26 9.62 -11.12
CA PRO F 176 -51.27 8.91 -11.92
C PRO F 176 -51.76 9.71 -13.10
N GLU F 177 -52.03 11.01 -12.90
CA GLU F 177 -52.51 11.86 -13.98
C GLU F 177 -51.50 11.92 -15.13
N ALA F 178 -50.21 11.96 -14.81
CA ALA F 178 -49.19 12.01 -15.84
C ALA F 178 -49.20 10.75 -16.68
N VAL F 179 -49.46 9.60 -16.05
CA VAL F 179 -49.52 8.34 -16.78
C VAL F 179 -50.65 8.38 -17.79
N GLU F 180 -51.82 8.84 -17.36
CA GLU F 180 -52.97 8.93 -18.26
C GLU F 180 -52.72 9.94 -19.36
N TYR F 181 -51.95 10.99 -19.07
CA TYR F 181 -51.60 12.01 -20.04
C TYR F 181 -50.50 11.59 -21.00
N GLY F 182 -49.78 10.51 -20.68
CA GLY F 182 -48.69 10.03 -21.50
C GLY F 182 -47.34 10.64 -21.19
N LEU F 183 -47.25 11.46 -20.15
CA LEU F 183 -45.96 12.06 -19.79
C LEU F 183 -44.99 10.99 -19.31
N VAL F 184 -45.49 10.00 -18.57
CA VAL F 184 -44.67 8.93 -18.03
C VAL F 184 -45.37 7.61 -18.27
N ASP F 185 -44.58 6.54 -18.29
CA ASP F 185 -45.08 5.21 -18.56
C ASP F 185 -45.63 4.49 -17.35
N SER F 186 -44.90 4.49 -16.23
CA SER F 186 -45.34 3.79 -15.04
C SER F 186 -44.85 4.47 -13.79
N ILE F 187 -45.42 4.06 -12.66
CA ILE F 187 -45.12 4.57 -11.33
C ILE F 187 -44.29 3.55 -10.57
N LEU F 188 -43.24 4.03 -9.91
CA LEU F 188 -42.36 3.21 -9.08
C LEU F 188 -42.82 3.34 -7.63
N THR F 189 -43.75 2.49 -7.22
CA THR F 189 -44.26 2.55 -5.86
C THR F 189 -43.33 1.88 -4.85
N HIS F 190 -42.87 0.67 -5.17
CA HIS F 190 -42.00 -0.09 -4.28
C HIS F 190 -41.04 -0.89 -5.14
N ARG F 191 -40.12 -1.58 -4.48
CA ARG F 191 -39.12 -2.41 -5.15
C ARG F 191 -39.60 -3.85 -5.15
N ASN F 192 -39.51 -4.49 -6.31
CA ASN F 192 -39.95 -5.87 -6.48
C ASN F 192 -38.75 -6.76 -6.82
N LEU G 1 -15.19 23.40 9.63
CA LEU G 1 -14.22 22.35 9.31
C LEU G 1 -14.71 21.02 9.85
N VAL G 2 -14.59 19.98 9.01
CA VAL G 2 -15.05 18.63 9.36
C VAL G 2 -13.83 17.83 9.81
N PRO G 3 -13.82 17.27 11.01
CA PRO G 3 -12.66 16.48 11.43
C PRO G 3 -12.54 15.18 10.66
N MET G 4 -11.31 14.82 10.34
CA MET G 4 -11.02 13.58 9.66
C MET G 4 -10.73 12.53 10.72
N VAL G 5 -11.21 11.31 10.49
CA VAL G 5 -11.08 10.21 11.42
C VAL G 5 -10.48 9.01 10.72
N ILE G 6 -9.50 8.40 11.37
CA ILE G 6 -8.80 7.24 10.83
C ILE G 6 -9.56 5.98 11.21
N GLU G 7 -9.72 5.09 10.24
CA GLU G 7 -10.38 3.79 10.44
C GLU G 7 -9.35 2.71 10.20
N GLN G 8 -9.23 1.78 11.16
CA GLN G 8 -8.29 0.68 11.05
C GLN G 8 -8.94 -0.49 10.35
N THR G 9 -8.38 -0.88 9.21
CA THR G 9 -8.87 -1.98 8.40
C THR G 9 -7.73 -2.95 8.12
N SER G 10 -8.09 -4.13 7.61
CA SER G 10 -7.10 -5.12 7.27
C SER G 10 -6.15 -4.59 6.20
N ARG G 11 -6.69 -3.87 5.22
CA ARG G 11 -5.86 -3.28 4.18
C ARG G 11 -4.87 -2.29 4.77
N GLY G 12 -5.31 -1.50 5.73
CA GLY G 12 -4.47 -0.52 6.38
C GLY G 12 -5.30 0.66 6.84
N GLU G 13 -4.59 1.67 7.33
CA GLU G 13 -5.26 2.87 7.81
C GLU G 13 -5.94 3.59 6.66
N ARG G 14 -7.15 4.07 6.91
CA ARG G 14 -7.95 4.80 5.95
C ARG G 14 -8.42 6.09 6.59
N SER G 15 -8.27 7.20 5.87
CA SER G 15 -8.69 8.50 6.37
C SER G 15 -10.09 8.78 5.85
N PHE G 16 -10.99 9.13 6.74
CA PHE G 16 -12.37 9.40 6.41
C PHE G 16 -12.85 10.68 7.06
N ASP G 17 -13.85 11.27 6.44
CA ASP G 17 -14.51 12.42 7.01
C ASP G 17 -15.47 11.91 8.07
N ILE G 18 -15.79 12.76 9.04
CA ILE G 18 -16.67 12.34 10.11
C ILE G 18 -18.05 12.00 9.59
N TYR G 19 -18.48 12.61 8.50
CA TYR G 19 -19.78 12.32 7.95
C TYR G 19 -19.73 11.10 7.04
N SER G 20 -18.59 10.87 6.38
CA SER G 20 -18.43 9.70 5.52
C SER G 20 -18.22 8.44 6.34
N ARG G 21 -17.53 8.55 7.47
CA ARG G 21 -17.31 7.40 8.34
C ARG G 21 -18.64 6.88 8.86
N LEU G 22 -19.56 7.79 9.17
CA LEU G 22 -20.86 7.41 9.68
C LEU G 22 -21.73 6.87 8.56
N LEU G 23 -21.55 7.35 7.34
CA LEU G 23 -22.30 6.81 6.22
C LEU G 23 -21.94 5.36 6.00
N LYS G 24 -20.66 5.03 6.20
CA LYS G 24 -20.21 3.65 6.08
C LYS G 24 -20.90 2.76 7.09
N GLU G 25 -21.43 3.32 8.17
CA GLU G 25 -22.17 2.61 9.19
C GLU G 25 -23.66 2.79 9.05
N ARG G 26 -24.13 3.18 7.86
CA ARG G 26 -25.54 3.35 7.57
C ARG G 26 -26.19 4.41 8.45
N VAL G 27 -25.61 5.60 8.41
CA VAL G 27 -26.10 6.74 9.17
C VAL G 27 -26.11 7.93 8.24
N ILE G 28 -27.29 8.51 8.05
CA ILE G 28 -27.49 9.67 7.20
C ILE G 28 -27.94 10.81 8.10
N PHE G 29 -27.53 12.02 7.73
CA PHE G 29 -27.85 13.22 8.47
C PHE G 29 -28.72 14.12 7.61
N LEU G 30 -29.82 14.59 8.18
CA LEU G 30 -30.76 15.49 7.53
C LEU G 30 -30.79 16.74 8.39
N THR G 31 -29.89 17.67 8.10
CA THR G 31 -29.77 18.91 8.84
C THR G 31 -30.07 20.09 7.93
N GLY G 32 -30.59 21.16 8.54
CA GLY G 32 -30.91 22.36 7.80
C GLY G 32 -32.20 22.27 7.05
N GLN G 33 -32.53 23.37 6.39
CA GLN G 33 -33.74 23.44 5.59
C GLN G 33 -33.71 22.38 4.50
N VAL G 34 -34.87 21.83 4.21
CA VAL G 34 -35.00 20.78 3.19
C VAL G 34 -35.09 21.47 1.83
N GLU G 35 -34.04 21.32 1.02
CA GLU G 35 -33.97 21.88 -0.31
C GLU G 35 -33.81 20.74 -1.31
N ASP G 36 -33.63 21.09 -2.58
CA ASP G 36 -33.51 20.08 -3.62
C ASP G 36 -32.14 19.43 -3.63
N HIS G 37 -31.08 20.20 -3.38
CA HIS G 37 -29.74 19.65 -3.46
C HIS G 37 -29.46 18.67 -2.33
N MET G 38 -29.73 19.06 -1.09
CA MET G 38 -29.53 18.15 0.03
C MET G 38 -30.39 16.92 -0.10
N ALA G 39 -31.61 17.08 -0.62
CA ALA G 39 -32.50 15.93 -0.77
C ALA G 39 -31.96 14.92 -1.76
N ASN G 40 -31.46 15.39 -2.91
CA ASN G 40 -30.86 14.48 -3.86
C ASN G 40 -29.64 13.81 -3.27
N LEU G 41 -28.89 14.55 -2.46
CA LEU G 41 -27.73 13.96 -1.79
C LEU G 41 -28.18 12.88 -0.83
N ILE G 42 -29.23 13.14 -0.05
CA ILE G 42 -29.77 12.14 0.85
C ILE G 42 -30.30 10.97 0.06
N VAL G 43 -30.93 11.25 -1.07
CA VAL G 43 -31.46 10.20 -1.92
C VAL G 43 -30.33 9.31 -2.43
N ALA G 44 -29.26 9.93 -2.92
CA ALA G 44 -28.13 9.17 -3.42
C ALA G 44 -27.51 8.31 -2.33
N GLN G 45 -27.44 8.84 -1.11
CA GLN G 45 -26.90 8.06 -0.01
C GLN G 45 -27.75 6.82 0.25
N MET G 46 -29.07 6.96 0.24
CA MET G 46 -29.96 5.82 0.46
C MET G 46 -29.75 4.76 -0.60
N LEU G 47 -29.68 5.17 -1.85
CA LEU G 47 -29.52 4.23 -2.94
C LEU G 47 -28.19 3.50 -2.83
N PHE G 48 -27.12 4.22 -2.51
CA PHE G 48 -25.82 3.59 -2.36
C PHE G 48 -25.84 2.56 -1.23
N LEU G 49 -26.48 2.90 -0.12
CA LEU G 49 -26.56 1.98 1.01
C LEU G 49 -27.37 0.74 0.66
N GLU G 50 -28.48 0.91 -0.06
CA GLU G 50 -29.30 -0.23 -0.45
C GLU G 50 -28.50 -1.22 -1.28
N ALA G 51 -27.71 -0.72 -2.23
CA ALA G 51 -26.91 -1.60 -3.05
C ALA G 51 -25.83 -2.29 -2.23
N GLU G 52 -25.27 -1.57 -1.26
CA GLU G 52 -24.24 -2.13 -0.41
C GLU G 52 -24.78 -3.32 0.37
N ASN G 53 -25.92 -3.14 1.02
CA ASN G 53 -26.58 -4.21 1.78
C ASN G 53 -28.07 -3.89 1.81
N PRO G 54 -28.87 -4.52 0.94
CA PRO G 54 -30.31 -4.23 0.93
C PRO G 54 -31.10 -4.85 2.07
N GLU G 55 -30.45 -5.47 3.06
CA GLU G 55 -31.14 -6.07 4.18
C GLU G 55 -30.91 -5.35 5.50
N LYS G 56 -29.87 -4.53 5.59
CA LYS G 56 -29.56 -3.80 6.82
C LYS G 56 -30.31 -2.48 6.87
N ASP G 57 -30.83 -2.17 8.04
CA ASP G 57 -31.59 -0.94 8.24
C ASP G 57 -30.70 0.28 8.15
N ILE G 58 -31.27 1.34 7.60
CA ILE G 58 -30.61 2.63 7.44
C ILE G 58 -31.06 3.50 8.60
N TYR G 59 -30.22 4.45 8.98
CA TYR G 59 -30.51 5.38 10.06
C TYR G 59 -30.44 6.78 9.49
N LEU G 60 -31.48 7.56 9.78
CA LEU G 60 -31.62 8.92 9.28
C LEU G 60 -31.86 9.82 10.49
N TYR G 61 -30.90 10.70 10.76
CA TYR G 61 -31.00 11.61 11.88
C TYR G 61 -31.61 12.90 11.36
N ILE G 62 -32.55 13.45 12.13
CA ILE G 62 -33.32 14.61 11.71
C ILE G 62 -33.24 15.72 12.73
N ASN G 63 -32.65 16.84 12.32
CA ASN G 63 -32.57 18.07 13.08
C ASN G 63 -32.78 19.11 12.00
N SER G 64 -34.03 19.53 11.81
CA SER G 64 -34.34 20.45 10.74
C SER G 64 -35.52 21.36 11.03
N PRO G 65 -35.46 22.63 10.63
CA PRO G 65 -36.62 23.51 10.82
C PRO G 65 -37.63 23.46 9.69
N GLY G 66 -37.53 22.47 8.81
CA GLY G 66 -38.45 22.31 7.70
C GLY G 66 -37.97 22.99 6.44
N GLY G 67 -38.73 22.77 5.37
CA GLY G 67 -38.39 23.38 4.10
C GLY G 67 -39.35 23.07 2.98
N VAL G 68 -38.80 22.90 1.78
CA VAL G 68 -39.61 22.61 0.61
C VAL G 68 -40.29 21.26 0.79
N ILE G 69 -41.45 21.12 0.17
CA ILE G 69 -42.24 19.89 0.25
C ILE G 69 -41.79 18.89 -0.79
N THR G 70 -41.64 19.34 -2.04
CA THR G 70 -41.20 18.47 -3.14
C THR G 70 -39.92 17.74 -2.79
N ALA G 71 -38.95 18.47 -2.24
CA ALA G 71 -37.69 17.87 -1.83
C ALA G 71 -37.91 16.80 -0.77
N GLY G 72 -38.93 16.95 0.06
CA GLY G 72 -39.22 16.00 1.09
C GLY G 72 -39.92 14.79 0.52
N MET G 73 -40.79 15.00 -0.46
CA MET G 73 -41.47 13.86 -1.08
C MET G 73 -40.48 12.94 -1.78
N SER G 74 -39.41 13.50 -2.33
CA SER G 74 -38.41 12.68 -2.99
C SER G 74 -37.77 11.75 -1.98
N ILE G 75 -37.42 12.29 -0.82
CA ILE G 75 -36.84 11.48 0.24
C ILE G 75 -37.86 10.47 0.74
N TYR G 76 -39.11 10.90 0.89
CA TYR G 76 -40.16 10.02 1.38
C TYR G 76 -40.39 8.84 0.45
N ASP G 77 -40.50 9.11 -0.85
CA ASP G 77 -40.71 8.04 -1.81
C ASP G 77 -39.52 7.11 -1.86
N THR G 78 -38.31 7.67 -1.75
CA THR G 78 -37.11 6.85 -1.75
C THR G 78 -37.07 5.92 -0.56
N MET G 79 -37.56 6.38 0.59
CA MET G 79 -37.56 5.53 1.78
C MET G 79 -38.54 4.39 1.62
N GLN G 80 -39.74 4.70 1.13
CA GLN G 80 -40.78 3.70 0.92
C GLN G 80 -40.50 2.80 -0.28
N PHE G 81 -39.53 3.14 -1.12
CA PHE G 81 -39.20 2.34 -2.29
C PHE G 81 -38.16 1.27 -1.96
N ILE G 82 -37.05 1.68 -1.37
CA ILE G 82 -36.00 0.74 -1.04
C ILE G 82 -36.50 -0.29 -0.04
N LYS G 83 -35.81 -1.41 0.00
CA LYS G 83 -36.15 -2.52 0.87
C LYS G 83 -35.77 -2.27 2.32
N PRO G 84 -34.56 -1.77 2.61
CA PRO G 84 -34.17 -1.49 3.99
C PRO G 84 -35.15 -0.62 4.76
N ASP G 85 -35.27 -0.91 6.04
CA ASP G 85 -36.12 -0.14 6.93
C ASP G 85 -35.35 1.09 7.36
N VAL G 86 -35.85 2.26 6.99
CA VAL G 86 -35.21 3.53 7.30
C VAL G 86 -35.63 3.97 8.70
N SER G 87 -34.76 3.74 9.67
CA SER G 87 -35.02 4.13 11.05
C SER G 87 -34.73 5.62 11.22
N THR G 88 -35.76 6.39 11.55
CA THR G 88 -35.65 7.82 11.75
C THR G 88 -35.46 8.16 13.22
N ILE G 89 -34.57 9.11 13.48
CA ILE G 89 -34.29 9.59 14.82
C ILE G 89 -34.34 11.10 14.80
N CYS G 90 -34.96 11.69 15.81
CA CYS G 90 -35.11 13.13 15.94
C CYS G 90 -34.17 13.65 17.01
N MET G 91 -33.30 14.56 16.61
CA MET G 91 -32.34 15.19 17.49
C MET G 91 -32.58 16.69 17.40
N GLY G 92 -32.86 17.31 18.53
CA GLY G 92 -33.11 18.73 18.54
C GLY G 92 -34.52 19.09 18.16
N GLN G 93 -34.86 18.96 16.88
CA GLN G 93 -36.21 19.30 16.46
C GLN G 93 -36.52 18.65 15.12
N ALA G 94 -37.79 18.74 14.76
CA ALA G 94 -38.27 18.22 13.48
C ALA G 94 -39.54 18.99 13.15
N ALA G 95 -39.45 19.85 12.14
CA ALA G 95 -40.57 20.68 11.71
C ALA G 95 -41.46 19.86 10.79
N SER G 96 -42.39 20.53 10.12
CA SER G 96 -43.37 19.90 9.24
C SER G 96 -42.79 18.82 8.33
N MET G 97 -41.83 19.18 7.48
CA MET G 97 -41.23 18.18 6.62
C MET G 97 -40.38 17.20 7.42
N GLY G 98 -39.62 17.70 8.39
CA GLY G 98 -38.83 16.83 9.23
C GLY G 98 -39.69 15.83 9.96
N ALA G 99 -40.82 16.29 10.49
CA ALA G 99 -41.73 15.40 11.20
C ALA G 99 -42.39 14.43 10.25
N PHE G 100 -42.76 14.91 9.06
CA PHE G 100 -43.35 14.04 8.06
C PHE G 100 -42.39 12.92 7.69
N LEU G 101 -41.11 13.24 7.56
CA LEU G 101 -40.11 12.21 7.28
C LEU G 101 -39.85 11.36 8.50
N LEU G 102 -39.92 11.95 9.68
CA LEU G 102 -39.70 11.21 10.91
C LEU G 102 -40.76 10.12 11.08
N THR G 103 -42.03 10.51 11.00
CA THR G 103 -43.10 9.54 11.12
C THR G 103 -43.16 8.59 9.93
N ALA G 104 -42.51 8.95 8.82
CA ALA G 104 -42.48 8.10 7.64
C ALA G 104 -41.52 6.92 7.77
N GLY G 105 -40.75 6.87 8.84
CA GLY G 105 -39.83 5.77 9.04
C GLY G 105 -40.55 4.47 9.23
N ALA G 106 -39.74 3.42 9.34
CA ALA G 106 -40.28 2.08 9.52
C ALA G 106 -40.99 1.96 10.85
N LYS G 107 -42.10 1.24 10.86
CA LYS G 107 -42.86 1.02 12.07
C LYS G 107 -41.99 0.29 13.09
N GLY G 108 -41.90 0.86 14.28
CA GLY G 108 -41.11 0.32 15.35
C GLY G 108 -39.66 0.75 15.34
N LYS G 109 -39.27 1.59 14.38
CA LYS G 109 -37.91 2.08 14.26
C LYS G 109 -37.86 3.60 14.17
N ARG G 110 -38.86 4.28 14.73
CA ARG G 110 -38.93 5.74 14.75
C ARG G 110 -38.68 6.16 16.18
N PHE G 111 -37.53 6.76 16.44
CA PHE G 111 -37.13 7.18 17.76
C PHE G 111 -37.06 8.69 17.85
N CYS G 112 -37.07 9.16 19.09
CA CYS G 112 -37.00 10.57 19.40
C CYS G 112 -36.23 10.72 20.70
N LEU G 113 -35.44 11.76 20.78
CA LEU G 113 -34.71 12.01 22.01
C LEU G 113 -35.65 12.66 23.01
N PRO G 114 -35.36 12.56 24.30
CA PRO G 114 -36.29 13.10 25.30
C PRO G 114 -36.58 14.58 25.20
N ASN G 115 -35.56 15.40 24.98
CA ASN G 115 -35.72 16.84 24.94
C ASN G 115 -35.97 17.39 23.54
N SER G 116 -36.29 16.54 22.58
CA SER G 116 -36.58 17.02 21.24
C SER G 116 -37.99 17.58 21.20
N ARG G 117 -38.27 18.33 20.14
CA ARG G 117 -39.57 18.98 19.95
C ARG G 117 -39.97 18.84 18.50
N VAL G 118 -41.14 18.28 18.27
CA VAL G 118 -41.69 18.10 16.95
C VAL G 118 -42.73 19.17 16.70
N MET G 119 -42.83 19.58 15.45
CA MET G 119 -43.77 20.62 15.03
C MET G 119 -44.41 20.19 13.73
N ILE G 120 -45.73 20.13 13.71
CA ILE G 120 -46.51 19.76 12.53
C ILE G 120 -47.43 20.92 12.20
N HIS G 121 -47.52 21.24 10.92
CA HIS G 121 -48.38 22.32 10.47
C HIS G 121 -48.77 22.07 9.03
N GLN G 122 -49.71 22.87 8.54
CA GLN G 122 -50.17 22.73 7.17
C GLN G 122 -49.20 23.40 6.21
N PRO G 123 -49.21 23.00 4.94
CA PRO G 123 -48.32 23.62 3.96
C PRO G 123 -48.46 25.13 3.87
N LEU G 124 -47.40 25.76 3.39
CA LEU G 124 -47.31 27.19 3.19
C LEU G 124 -47.04 27.44 1.71
N GLY G 125 -47.60 28.53 1.21
CA GLY G 125 -47.40 28.86 -0.19
C GLY G 125 -47.88 30.25 -0.51
N GLY G 126 -48.10 30.49 -1.79
CA GLY G 126 -48.55 31.78 -2.26
C GLY G 126 -48.33 31.93 -3.74
N TYR G 127 -49.02 32.92 -4.30
CA TYR G 127 -48.91 33.22 -5.72
C TYR G 127 -49.41 34.63 -5.95
N GLN G 128 -48.88 35.27 -6.99
CA GLN G 128 -49.28 36.61 -7.39
C GLN G 128 -49.51 36.59 -8.88
N GLY G 129 -50.73 36.92 -9.30
CA GLY G 129 -51.06 36.93 -10.71
C GLY G 129 -52.56 37.02 -10.89
N GLN G 130 -53.01 36.53 -12.04
CA GLN G 130 -54.43 36.56 -12.35
C GLN G 130 -55.20 35.60 -11.43
N ALA G 131 -56.51 35.79 -11.39
CA ALA G 131 -57.38 34.94 -10.59
C ALA G 131 -57.34 33.50 -11.06
N THR G 132 -57.21 33.28 -12.37
CA THR G 132 -57.17 31.93 -12.91
C THR G 132 -55.96 31.17 -12.37
N ASP G 133 -54.78 31.77 -12.47
CA ASP G 133 -53.57 31.14 -11.97
C ASP G 133 -53.64 30.94 -10.46
N ILE G 134 -54.27 31.88 -9.75
CA ILE G 134 -54.41 31.76 -8.30
C ILE G 134 -55.22 30.52 -7.94
N GLU G 135 -56.34 30.31 -8.65
CA GLU G 135 -57.17 29.16 -8.38
C GLU G 135 -56.43 27.85 -8.63
N ILE G 136 -55.63 27.80 -9.70
CA ILE G 136 -54.87 26.60 -10.01
C ILE G 136 -53.89 26.27 -8.89
N HIS G 137 -53.07 27.26 -8.52
CA HIS G 137 -52.09 27.05 -7.46
C HIS G 137 -52.76 26.75 -6.13
N ALA G 138 -53.93 27.36 -5.87
CA ALA G 138 -54.63 27.10 -4.62
C ALA G 138 -55.10 25.66 -4.56
N ARG G 139 -55.68 25.17 -5.66
CA ARG G 139 -56.11 23.77 -5.70
C ARG G 139 -54.93 22.83 -5.53
N GLU G 140 -53.79 23.19 -6.14
CA GLU G 140 -52.61 22.34 -6.06
C GLU G 140 -52.11 22.22 -4.63
N ILE G 141 -51.95 23.34 -3.94
CA ILE G 141 -51.47 23.28 -2.56
C ILE G 141 -52.47 22.57 -1.68
N LEU G 142 -53.76 22.72 -1.98
CA LEU G 142 -54.78 22.04 -1.18
C LEU G 142 -54.70 20.53 -1.39
N LYS G 143 -54.47 20.10 -2.64
CA LYS G 143 -54.32 18.68 -2.90
C LYS G 143 -53.10 18.14 -2.17
N VAL G 144 -52.03 18.94 -2.14
CA VAL G 144 -50.81 18.56 -1.43
C VAL G 144 -51.10 18.41 0.05
N LYS G 145 -51.83 19.36 0.61
CA LYS G 145 -52.18 19.30 2.03
C LYS G 145 -52.99 18.04 2.33
N GLY G 146 -53.96 17.74 1.48
CA GLY G 146 -54.76 16.54 1.68
C GLY G 146 -53.92 15.28 1.59
N ARG G 147 -53.02 15.23 0.60
CA ARG G 147 -52.15 14.08 0.44
C ARG G 147 -51.23 13.93 1.64
N MET G 148 -50.68 15.04 2.13
CA MET G 148 -49.79 14.99 3.29
C MET G 148 -50.53 14.50 4.52
N ASN G 149 -51.76 14.98 4.72
CA ASN G 149 -52.54 14.57 5.89
C ASN G 149 -52.88 13.09 5.82
N GLU G 150 -53.14 12.57 4.62
CA GLU G 150 -53.43 11.15 4.48
C GLU G 150 -52.22 10.32 4.89
N LEU G 151 -51.04 10.71 4.43
CA LEU G 151 -49.82 9.99 4.77
C LEU G 151 -49.52 10.07 6.26
N MET G 152 -49.72 11.25 6.85
CA MET G 152 -49.48 11.41 8.29
C MET G 152 -50.42 10.51 9.08
N ALA G 153 -51.67 10.43 8.65
CA ALA G 153 -52.66 9.59 9.32
C ALA G 153 -52.32 8.11 9.18
N LEU G 154 -51.76 7.72 8.03
CA LEU G 154 -51.43 6.32 7.80
C LEU G 154 -50.29 5.86 8.70
N HIS G 155 -49.25 6.67 8.84
CA HIS G 155 -48.11 6.28 9.65
C HIS G 155 -48.42 6.39 11.14
N THR G 156 -49.02 7.51 11.57
CA THR G 156 -49.34 7.69 12.98
C THR G 156 -50.52 6.84 13.42
N GLY G 157 -51.39 6.45 12.50
CA GLY G 157 -52.56 5.67 12.82
C GLY G 157 -53.72 6.50 13.34
N GLN G 158 -53.62 7.82 13.26
CA GLN G 158 -54.68 8.71 13.70
C GLN G 158 -55.72 8.87 12.60
N SER G 159 -56.85 9.45 12.98
CA SER G 159 -57.93 9.68 12.03
C SER G 159 -57.65 10.94 11.22
N LEU G 160 -57.87 10.83 9.91
CA LEU G 160 -57.67 11.96 8.99
C LEU G 160 -58.36 13.23 9.50
N GLU G 161 -59.55 13.08 10.08
CA GLU G 161 -60.26 14.24 10.61
C GLU G 161 -59.47 14.89 11.73
N GLN G 162 -58.90 14.08 12.61
CA GLN G 162 -58.10 14.61 13.71
C GLN G 162 -56.88 15.34 13.19
N ILE G 163 -56.24 14.79 12.16
CA ILE G 163 -55.04 15.39 11.59
C ILE G 163 -55.36 16.77 11.00
N GLU G 164 -56.49 16.88 10.30
CA GLU G 164 -56.85 18.16 9.71
C GLU G 164 -57.06 19.22 10.78
N ARG G 165 -57.67 18.84 11.90
CA ARG G 165 -57.90 19.79 12.98
C ARG G 165 -56.60 20.16 13.68
N ASP G 166 -55.65 19.22 13.78
CA ASP G 166 -54.40 19.48 14.45
C ASP G 166 -53.35 20.13 13.58
N THR G 167 -53.51 20.07 12.24
CA THR G 167 -52.57 20.69 11.33
C THR G 167 -53.03 22.06 10.84
N GLU G 168 -54.25 22.48 11.19
CA GLU G 168 -54.75 23.79 10.78
C GLU G 168 -53.84 24.91 11.25
N ARG G 169 -53.14 24.70 12.37
CA ARG G 169 -52.23 25.68 12.94
C ARG G 169 -51.03 24.94 13.49
N ASP G 170 -49.95 25.69 13.69
CA ASP G 170 -48.73 25.13 14.24
C ASP G 170 -49.00 24.43 15.55
N ARG G 171 -48.58 23.17 15.63
CA ARG G 171 -48.76 22.35 16.83
C ARG G 171 -47.40 21.79 17.23
N PHE G 172 -47.02 22.05 18.46
CA PHE G 172 -45.75 21.59 19.00
C PHE G 172 -45.99 20.36 19.86
N LEU G 173 -45.02 19.45 19.84
CA LEU G 173 -45.12 18.23 20.60
C LEU G 173 -43.74 17.85 21.10
N SER G 174 -43.71 17.33 22.31
CA SER G 174 -42.48 16.85 22.92
C SER G 174 -42.37 15.36 22.62
N ALA G 175 -41.28 14.76 23.08
CA ALA G 175 -41.10 13.32 22.82
C ALA G 175 -42.23 12.47 23.36
N PRO G 176 -42.65 12.61 24.62
CA PRO G 176 -43.79 11.80 25.08
C PRO G 176 -45.09 12.08 24.35
N GLU G 177 -45.39 13.35 24.10
CA GLU G 177 -46.61 13.69 23.39
C GLU G 177 -46.61 13.09 21.99
N ALA G 178 -45.45 13.01 21.36
CA ALA G 178 -45.35 12.43 20.03
C ALA G 178 -45.66 10.95 20.06
N VAL G 179 -45.23 10.25 21.12
CA VAL G 179 -45.48 8.83 21.25
C VAL G 179 -46.99 8.57 21.32
N GLU G 180 -47.69 9.34 22.16
CA GLU G 180 -49.14 9.17 22.27
C GLU G 180 -49.84 9.53 20.97
N TYR G 181 -49.23 10.41 20.17
CA TYR G 181 -49.79 10.80 18.89
C TYR G 181 -49.43 9.82 17.78
N GLY G 182 -48.43 8.96 18.00
CA GLY G 182 -48.02 7.98 17.03
C GLY G 182 -46.93 8.42 16.08
N LEU G 183 -46.40 9.63 16.24
CA LEU G 183 -45.34 10.09 15.35
C LEU G 183 -44.07 9.26 15.52
N VAL G 184 -43.72 8.96 16.76
CA VAL G 184 -42.51 8.21 17.09
C VAL G 184 -42.86 7.05 18.00
N ASP G 185 -42.29 5.90 17.69
CA ASP G 185 -42.59 4.69 18.43
C ASP G 185 -42.08 4.72 19.86
N SER G 186 -40.84 5.16 20.06
CA SER G 186 -40.25 5.15 21.39
C SER G 186 -39.27 6.29 21.56
N ILE G 187 -38.83 6.45 22.81
CA ILE G 187 -37.90 7.48 23.24
C ILE G 187 -36.59 6.81 23.61
N LEU G 188 -35.48 7.46 23.26
CA LEU G 188 -34.14 6.99 23.58
C LEU G 188 -33.58 7.90 24.66
N THR G 189 -33.51 7.40 25.89
CA THR G 189 -33.03 8.17 27.02
C THR G 189 -31.57 7.86 27.35
N HIS G 190 -31.21 6.58 27.42
CA HIS G 190 -29.84 6.18 27.72
C HIS G 190 -29.48 4.97 26.87
N ARG G 191 -28.20 4.62 26.90
CA ARG G 191 -27.68 3.47 26.16
C ARG G 191 -27.75 2.25 27.06
N ASN G 192 -28.37 1.20 26.56
CA ASN G 192 -28.52 -0.04 27.31
C ASN G 192 -27.59 -1.11 26.73
N LEU H 1 -6.62 29.66 8.62
CA LEU H 1 -5.86 28.47 8.31
C LEU H 1 -5.63 27.66 9.58
N VAL H 2 -5.69 26.34 9.45
CA VAL H 2 -5.51 25.41 10.56
C VAL H 2 -4.18 24.70 10.40
N PRO H 3 -3.28 24.76 11.38
CA PRO H 3 -2.01 24.06 11.23
C PRO H 3 -2.17 22.55 11.18
N MET H 4 -1.29 21.92 10.41
CA MET H 4 -1.25 20.47 10.28
C MET H 4 -0.16 19.96 11.19
N VAL H 5 -0.46 18.93 11.97
CA VAL H 5 0.46 18.35 12.94
C VAL H 5 0.74 16.91 12.60
N ILE H 6 1.99 16.53 12.71
CA ILE H 6 2.46 15.18 12.40
C ILE H 6 2.38 14.31 13.65
N GLU H 7 1.90 13.08 13.48
CA GLU H 7 1.84 12.09 14.54
C GLU H 7 2.80 10.95 14.18
N GLN H 8 3.65 10.59 15.13
CA GLN H 8 4.61 9.51 14.94
C GLN H 8 4.00 8.24 15.50
N THR H 9 3.75 7.27 14.63
CA THR H 9 3.16 6.00 14.99
C THR H 9 4.05 4.87 14.49
N SER H 10 3.75 3.66 14.95
CA SER H 10 4.52 2.50 14.52
C SER H 10 4.41 2.29 13.02
N ARG H 11 3.21 2.47 12.47
CA ARG H 11 3.00 2.29 11.04
C ARG H 11 3.80 3.31 10.25
N GLY H 12 3.87 4.53 10.74
CA GLY H 12 4.58 5.60 10.05
C GLY H 12 4.09 6.94 10.54
N GLU H 13 4.37 7.97 9.76
CA GLU H 13 3.97 9.32 10.09
C GLU H 13 2.65 9.65 9.40
N ARG H 14 1.71 10.17 10.19
CA ARG H 14 0.39 10.56 9.70
C ARG H 14 0.22 12.06 9.90
N SER H 15 -0.21 12.74 8.85
CA SER H 15 -0.45 14.17 8.90
C SER H 15 -1.90 14.41 9.30
N PHE H 16 -2.09 15.19 10.36
CA PHE H 16 -3.41 15.49 10.89
C PHE H 16 -3.57 16.99 11.03
N ASP H 17 -4.83 17.41 11.09
CA ASP H 17 -5.16 18.78 11.38
C ASP H 17 -5.16 18.89 12.89
N ILE H 18 -4.94 20.11 13.39
CA ILE H 18 -4.85 20.29 14.84
C ILE H 18 -6.14 19.85 15.52
N TYR H 19 -7.29 20.16 14.92
CA TYR H 19 -8.55 19.77 15.53
C TYR H 19 -8.76 18.26 15.47
N SER H 20 -8.31 17.63 14.39
CA SER H 20 -8.48 16.20 14.24
C SER H 20 -7.55 15.43 15.15
N ARG H 21 -6.34 15.94 15.35
CA ARG H 21 -5.38 15.29 16.24
C ARG H 21 -5.93 15.23 17.65
N LEU H 22 -6.59 16.30 18.07
CA LEU H 22 -7.15 16.35 19.42
C LEU H 22 -8.34 15.42 19.54
N LEU H 23 -9.16 15.32 18.50
CA LEU H 23 -10.28 14.40 18.52
C LEU H 23 -9.81 12.99 18.79
N LYS H 24 -8.68 12.62 18.19
CA LYS H 24 -8.09 11.31 18.43
C LYS H 24 -7.80 11.07 19.90
N GLU H 25 -7.64 12.15 20.68
CA GLU H 25 -7.41 12.09 22.11
C GLU H 25 -8.68 12.38 22.91
N ARG H 26 -9.85 12.23 22.29
CA ARG H 26 -11.13 12.43 22.95
C ARG H 26 -11.29 13.85 23.45
N VAL H 27 -11.14 14.80 22.54
CA VAL H 27 -11.26 16.22 22.83
C VAL H 27 -12.11 16.82 21.73
N ILE H 28 -13.20 17.46 22.13
CA ILE H 28 -14.14 18.10 21.23
C ILE H 28 -14.17 19.58 21.59
N PHE H 29 -14.36 20.41 20.58
CA PHE H 29 -14.40 21.84 20.73
C PHE H 29 -15.78 22.35 20.38
N LEU H 30 -16.36 23.14 21.27
CA LEU H 30 -17.68 23.73 21.09
C LEU H 30 -17.42 25.24 21.11
N THR H 31 -17.14 25.79 19.94
CA THR H 31 -16.86 27.20 19.79
C THR H 31 -17.91 27.86 18.91
N GLY H 32 -18.11 29.15 19.14
CA GLY H 32 -19.07 29.91 18.38
C GLY H 32 -20.49 29.65 18.78
N GLN H 33 -21.38 30.40 18.14
CA GLN H 33 -22.80 30.26 18.40
C GLN H 33 -23.26 28.84 18.11
N VAL H 34 -24.14 28.33 18.97
CA VAL H 34 -24.66 26.98 18.82
C VAL H 34 -25.74 26.99 17.76
N GLU H 35 -25.46 26.37 16.61
CA GLU H 35 -26.37 26.24 15.50
C GLU H 35 -26.61 24.75 15.25
N ASP H 36 -27.39 24.46 14.22
CA ASP H 36 -27.72 23.08 13.92
C ASP H 36 -26.56 22.32 13.29
N HIS H 37 -25.79 22.98 12.42
CA HIS H 37 -24.69 22.30 11.74
C HIS H 37 -23.56 21.93 12.70
N MET H 38 -23.07 22.91 13.47
CA MET H 38 -21.99 22.62 14.42
C MET H 38 -22.43 21.60 15.45
N ALA H 39 -23.68 21.67 15.89
CA ALA H 39 -24.19 20.72 16.87
C ALA H 39 -24.22 19.32 16.28
N ASN H 40 -24.68 19.23 15.04
CA ASN H 40 -24.73 17.95 14.34
C ASN H 40 -23.34 17.37 14.23
N LEU H 41 -22.34 18.22 14.00
CA LEU H 41 -20.96 17.77 13.92
C LEU H 41 -20.50 17.25 15.26
N ILE H 42 -20.81 17.95 16.34
CA ILE H 42 -20.40 17.51 17.67
C ILE H 42 -21.06 16.18 17.99
N VAL H 43 -22.31 16.02 17.59
CA VAL H 43 -23.02 14.77 17.83
C VAL H 43 -22.30 13.63 17.14
N ALA H 44 -21.90 13.83 15.90
CA ALA H 44 -21.18 12.80 15.17
C ALA H 44 -19.87 12.45 15.84
N GLN H 45 -19.16 13.45 16.35
CA GLN H 45 -17.90 13.20 17.03
C GLN H 45 -18.11 12.36 18.29
N MET H 46 -19.13 12.67 19.07
CA MET H 46 -19.40 11.91 20.28
C MET H 46 -19.71 10.46 19.99
N LEU H 47 -20.57 10.20 19.02
CA LEU H 47 -20.94 8.84 18.66
C LEU H 47 -19.73 8.06 18.17
N PHE H 48 -18.89 8.69 17.36
CA PHE H 48 -17.68 8.03 16.89
C PHE H 48 -16.77 7.67 18.06
N LEU H 49 -16.60 8.60 18.99
CA LEU H 49 -15.75 8.36 20.15
C LEU H 49 -16.33 7.27 21.04
N GLU H 50 -17.65 7.27 21.23
CA GLU H 50 -18.28 6.25 22.06
C GLU H 50 -18.03 4.86 21.49
N ALA H 51 -18.19 4.71 20.18
CA ALA H 51 -17.96 3.44 19.53
C ALA H 51 -16.49 3.03 19.61
N GLU H 52 -15.60 4.00 19.45
CA GLU H 52 -14.17 3.71 19.50
C GLU H 52 -13.78 3.14 20.85
N ASN H 53 -14.23 3.77 21.91
CA ASN H 53 -13.96 3.32 23.28
C ASN H 53 -15.11 3.83 24.14
N PRO H 54 -16.11 3.01 24.45
CA PRO H 54 -17.24 3.48 25.25
C PRO H 54 -16.98 3.56 26.74
N GLU H 55 -15.73 3.45 27.20
CA GLU H 55 -15.38 3.53 28.60
C GLU H 55 -14.50 4.71 28.96
N LYS H 56 -13.87 5.35 27.98
CA LYS H 56 -12.99 6.48 28.23
C LYS H 56 -13.79 7.77 28.22
N ASP H 57 -13.46 8.66 29.15
CA ASP H 57 -14.16 9.92 29.27
C ASP H 57 -13.87 10.83 28.09
N ILE H 58 -14.89 11.54 27.65
CA ILE H 58 -14.82 12.48 26.55
C ILE H 58 -14.63 13.85 27.16
N TYR H 59 -13.96 14.73 26.43
CA TYR H 59 -13.72 16.10 26.87
C TYR H 59 -14.33 17.04 25.85
N LEU H 60 -15.10 17.99 26.34
CA LEU H 60 -15.81 18.97 25.52
C LEU H 60 -15.42 20.34 26.03
N TYR H 61 -14.68 21.09 25.21
CA TYR H 61 -14.25 22.42 25.57
C TYR H 61 -15.30 23.40 25.09
N ILE H 62 -15.62 24.37 25.95
CA ILE H 62 -16.72 25.29 25.72
C ILE H 62 -16.26 26.73 25.82
N ASN H 63 -16.33 27.44 24.70
CA ASN H 63 -16.06 28.87 24.60
C ASN H 63 -17.13 29.30 23.61
N SER H 64 -18.28 29.74 24.12
CA SER H 64 -19.36 30.10 23.24
C SER H 64 -20.33 31.13 23.79
N PRO H 65 -20.84 32.06 22.97
CA PRO H 65 -21.84 33.01 23.47
C PRO H 65 -23.27 32.52 23.40
N GLY H 66 -23.48 31.23 23.16
CA GLY H 66 -24.81 30.67 23.10
C GLY H 66 -25.39 30.70 21.71
N GLY H 67 -26.58 30.14 21.61
CA GLY H 67 -27.26 30.11 20.33
C GLY H 67 -28.61 29.45 20.41
N VAL H 68 -28.96 28.71 19.35
CA VAL H 68 -30.24 28.03 19.30
C VAL H 68 -30.32 27.03 20.45
N ILE H 69 -31.54 26.76 20.90
CA ILE H 69 -31.76 25.85 22.00
C ILE H 69 -31.83 24.41 21.52
N THR H 70 -32.66 24.16 20.48
CA THR H 70 -32.81 22.83 19.92
C THR H 70 -31.46 22.21 19.58
N ALA H 71 -30.57 22.99 18.98
CA ALA H 71 -29.24 22.50 18.66
C ALA H 71 -28.49 22.08 19.91
N GLY H 72 -28.73 22.75 21.03
CA GLY H 72 -28.08 22.43 22.27
C GLY H 72 -28.70 21.21 22.90
N MET H 73 -30.03 21.07 22.76
CA MET H 73 -30.69 19.90 23.30
C MET H 73 -30.19 18.63 22.63
N SER H 74 -29.88 18.71 21.33
CA SER H 74 -29.35 17.54 20.65
C SER H 74 -28.03 17.12 21.27
N ILE H 75 -27.16 18.10 21.54
CA ILE H 75 -25.88 17.81 22.17
C ILE H 75 -26.11 17.31 23.60
N TYR H 76 -27.04 17.94 24.32
CA TYR H 76 -27.30 17.56 25.70
C TYR H 76 -27.83 16.13 25.79
N ASP H 77 -28.79 15.79 24.93
CA ASP H 77 -29.35 14.45 24.95
C ASP H 77 -28.30 13.42 24.59
N THR H 78 -27.46 13.73 23.61
CA THR H 78 -26.41 12.83 23.22
C THR H 78 -25.43 12.60 24.35
N MET H 79 -25.14 13.64 25.12
CA MET H 79 -24.20 13.51 26.22
C MET H 79 -24.77 12.63 27.32
N GLN H 80 -26.02 12.87 27.69
CA GLN H 80 -26.68 12.08 28.71
C GLN H 80 -27.06 10.69 28.23
N PHE H 81 -26.97 10.43 26.93
CA PHE H 81 -27.31 9.14 26.36
C PHE H 81 -26.12 8.19 26.34
N ILE H 82 -25.00 8.63 25.75
CA ILE H 82 -23.84 7.79 25.65
C ILE H 82 -23.33 7.37 27.03
N LYS H 83 -22.60 6.27 27.04
CA LYS H 83 -22.07 5.74 28.30
C LYS H 83 -20.90 6.57 28.82
N PRO H 84 -19.92 6.96 27.99
CA PRO H 84 -18.80 7.76 28.49
C PRO H 84 -19.22 9.02 29.23
N ASP H 85 -18.41 9.37 30.22
CA ASP H 85 -18.63 10.58 31.00
C ASP H 85 -18.04 11.74 30.21
N VAL H 86 -18.89 12.71 29.88
CA VAL H 86 -18.49 13.86 29.09
C VAL H 86 -18.02 14.95 30.05
N SER H 87 -16.71 15.10 30.16
CA SER H 87 -16.11 16.11 31.01
C SER H 87 -16.13 17.44 30.28
N THR H 88 -16.88 18.41 30.80
CA THR H 88 -16.98 19.72 30.19
C THR H 88 -16.00 20.68 30.82
N ILE H 89 -15.33 21.46 29.99
CA ILE H 89 -14.38 22.48 30.43
C ILE H 89 -14.80 23.80 29.80
N CYS H 90 -14.72 24.86 30.58
CA CYS H 90 -15.08 26.20 30.14
C CYS H 90 -13.82 27.03 29.98
N MET H 91 -13.60 27.52 28.78
CA MET H 91 -12.48 28.38 28.44
C MET H 91 -13.06 29.66 27.90
N GLY H 92 -12.71 30.78 28.52
CA GLY H 92 -13.21 32.05 28.05
C GLY H 92 -14.58 32.38 28.56
N GLN H 93 -15.61 31.69 28.05
CA GLN H 93 -16.96 31.98 28.51
C GLN H 93 -17.88 30.82 28.19
N ALA H 94 -19.07 30.89 28.77
CA ALA H 94 -20.11 29.90 28.56
C ALA H 94 -21.44 30.60 28.83
N ALA H 95 -22.15 30.91 27.76
CA ALA H 95 -23.44 31.59 27.84
C ALA H 95 -24.52 30.58 28.20
N SER H 96 -25.78 31.00 28.07
CA SER H 96 -26.94 30.19 28.42
C SER H 96 -26.86 28.74 27.96
N MET H 97 -26.74 28.52 26.65
CA MET H 97 -26.64 27.14 26.18
C MET H 97 -25.28 26.55 26.55
N GLY H 98 -24.21 27.32 26.42
CA GLY H 98 -22.91 26.83 26.81
C GLY H 98 -22.86 26.43 28.27
N ALA H 99 -23.47 27.23 29.13
CA ALA H 99 -23.52 26.95 30.55
C ALA H 99 -24.41 25.74 30.81
N PHE H 100 -25.52 25.67 30.10
CA PHE H 100 -26.43 24.54 30.24
C PHE H 100 -25.72 23.24 29.89
N LEU H 101 -24.88 23.28 28.86
CA LEU H 101 -24.10 22.12 28.48
C LEU H 101 -22.95 21.89 29.44
N LEU H 102 -22.37 22.97 29.96
CA LEU H 102 -21.26 22.86 30.91
C LEU H 102 -21.71 22.11 32.16
N THR H 103 -22.82 22.55 32.75
CA THR H 103 -23.34 21.88 33.93
C THR H 103 -23.87 20.49 33.61
N ALA H 104 -24.19 20.22 32.34
CA ALA H 104 -24.71 18.92 31.94
C ALA H 104 -23.63 17.86 31.91
N GLY H 105 -22.36 18.22 32.09
CA GLY H 105 -21.30 17.26 32.10
C GLY H 105 -21.41 16.27 33.24
N ALA H 106 -20.50 15.31 33.26
CA ALA H 106 -20.51 14.31 34.32
C ALA H 106 -20.24 14.94 35.66
N LYS H 107 -20.95 14.46 36.68
CA LYS H 107 -20.75 14.96 38.03
C LYS H 107 -19.32 14.68 38.47
N GLY H 108 -18.61 15.74 38.82
CA GLY H 108 -17.23 15.64 39.25
C GLY H 108 -16.23 15.82 38.14
N LYS H 109 -16.68 16.02 36.90
CA LYS H 109 -15.81 16.19 35.75
C LYS H 109 -16.16 17.46 34.98
N ARG H 110 -16.76 18.43 35.65
CA ARG H 110 -17.11 19.71 35.06
C ARG H 110 -16.12 20.71 35.63
N PHE H 111 -15.18 21.13 34.80
CA PHE H 111 -14.13 22.05 35.17
C PHE H 111 -14.32 23.39 34.49
N CYS H 112 -13.63 24.38 35.02
CA CYS H 112 -13.67 25.72 34.49
C CYS H 112 -12.35 26.40 34.81
N LEU H 113 -11.89 27.23 33.89
CA LEU H 113 -10.65 27.92 34.12
C LEU H 113 -10.91 29.08 35.07
N PRO H 114 -9.88 29.56 35.77
CA PRO H 114 -10.10 30.62 36.77
C PRO H 114 -10.66 31.92 36.24
N ASN H 115 -10.19 32.40 35.09
CA ASN H 115 -10.61 33.68 34.56
C ASN H 115 -11.79 33.58 33.61
N SER H 116 -12.46 32.44 33.56
CA SER H 116 -13.62 32.28 32.72
C SER H 116 -14.84 32.90 33.39
N ARG H 117 -15.89 33.09 32.61
CA ARG H 117 -17.11 33.69 33.12
C ARG H 117 -18.31 32.98 32.53
N VAL H 118 -19.19 32.54 33.40
CA VAL H 118 -20.40 31.84 33.03
C VAL H 118 -21.54 32.84 33.05
N MET H 119 -22.50 32.64 32.16
CA MET H 119 -23.67 33.51 32.05
C MET H 119 -24.89 32.64 31.82
N ILE H 120 -25.91 32.84 32.65
CA ILE H 120 -27.15 32.11 32.58
C ILE H 120 -28.30 33.09 32.47
N HIS H 121 -29.27 32.77 31.62
CA HIS H 121 -30.43 33.63 31.44
C HIS H 121 -31.56 32.78 30.89
N GLN H 122 -32.73 33.39 30.81
CA GLN H 122 -33.90 32.70 30.33
C GLN H 122 -33.92 32.69 28.80
N PRO H 123 -34.65 31.75 28.19
CA PRO H 123 -34.72 31.70 26.73
C PRO H 123 -35.22 32.99 26.09
N LEU H 124 -34.85 33.15 24.83
CA LEU H 124 -35.24 34.28 24.00
C LEU H 124 -36.02 33.77 22.80
N GLY H 125 -36.94 34.58 22.32
CA GLY H 125 -37.72 34.19 21.18
C GLY H 125 -38.62 35.29 20.69
N GLY H 126 -39.60 34.92 19.89
CA GLY H 126 -40.55 35.87 19.35
C GLY H 126 -41.30 35.29 18.18
N TYR H 127 -42.41 35.95 17.85
CA TYR H 127 -43.26 35.53 16.75
C TYR H 127 -44.15 36.70 16.35
N GLN H 128 -44.48 36.75 15.07
CA GLN H 128 -45.35 37.78 14.51
C GLN H 128 -46.47 37.09 13.75
N GLY H 129 -47.71 37.38 14.15
CA GLY H 129 -48.86 36.78 13.51
C GLY H 129 -50.11 37.00 14.31
N GLN H 130 -51.07 36.10 14.14
CA GLN H 130 -52.32 36.20 14.85
C GLN H 130 -52.11 35.91 16.34
N ALA H 131 -53.10 36.31 17.14
CA ALA H 131 -53.02 36.09 18.58
C ALA H 131 -53.01 34.60 18.91
N THR H 132 -53.73 33.81 18.14
CA THR H 132 -53.77 32.37 18.38
C THR H 132 -52.39 31.75 18.19
N ASP H 133 -51.74 32.03 17.07
CA ASP H 133 -50.41 31.49 16.81
C ASP H 133 -49.42 31.99 17.85
N ILE H 134 -49.56 33.25 18.26
CA ILE H 134 -48.68 33.82 19.28
C ILE H 134 -48.79 33.04 20.58
N GLU H 135 -50.01 32.68 20.97
CA GLU H 135 -50.21 31.94 22.20
C GLU H 135 -49.54 30.58 22.13
N ILE H 136 -49.63 29.91 20.98
CA ILE H 136 -49.02 28.59 20.82
C ILE H 136 -47.52 28.68 21.01
N HIS H 137 -46.86 29.58 20.27
CA HIS H 137 -45.42 29.73 20.39
C HIS H 137 -45.02 30.21 21.77
N ALA H 138 -45.86 31.01 22.41
CA ALA H 138 -45.56 31.49 23.75
C ALA H 138 -45.54 30.35 24.75
N ARG H 139 -46.55 29.48 24.69
CA ARG H 139 -46.59 28.33 25.59
C ARG H 139 -45.38 27.44 25.37
N GLU H 140 -44.97 27.27 24.11
CA GLU H 140 -43.83 26.42 23.80
C GLU H 140 -42.55 26.94 24.43
N ILE H 141 -42.25 28.23 24.24
CA ILE H 141 -41.04 28.79 24.82
C ILE H 141 -41.12 28.78 26.34
N LEU H 142 -42.31 28.92 26.91
CA LEU H 142 -42.45 28.87 28.35
C LEU H 142 -42.15 27.47 28.85
N LYS H 143 -42.62 26.45 28.12
CA LYS H 143 -42.31 25.07 28.49
C LYS H 143 -40.82 24.84 28.43
N VAL H 144 -40.16 25.44 27.43
CA VAL H 144 -38.72 25.31 27.28
C VAL H 144 -38.02 25.91 28.49
N LYS H 145 -38.47 27.10 28.92
CA LYS H 145 -37.87 27.74 30.09
C LYS H 145 -38.03 26.86 31.31
N GLY H 146 -39.20 26.28 31.50
CA GLY H 146 -39.41 25.40 32.64
C GLY H 146 -38.56 24.15 32.55
N ARG H 147 -38.50 23.56 31.35
CA ARG H 147 -37.70 22.36 31.16
C ARG H 147 -36.22 22.64 31.39
N MET H 148 -35.73 23.76 30.88
CA MET H 148 -34.33 24.11 31.07
C MET H 148 -34.01 24.32 32.55
N ASN H 149 -34.92 24.98 33.27
CA ASN H 149 -34.70 25.23 34.69
C ASN H 149 -34.67 23.93 35.48
N GLU H 150 -35.54 22.98 35.13
CA GLU H 150 -35.55 21.70 35.83
C GLU H 150 -34.22 20.98 35.63
N LEU H 151 -33.73 20.96 34.39
CA LEU H 151 -32.46 20.29 34.10
C LEU H 151 -31.30 20.99 34.79
N MET H 152 -31.33 22.33 34.83
CA MET H 152 -30.27 23.06 35.51
C MET H 152 -30.26 22.72 36.99
N ALA H 153 -31.46 22.61 37.58
CA ALA H 153 -31.57 22.30 39.00
C ALA H 153 -31.07 20.88 39.30
N LEU H 154 -31.29 19.95 38.38
CA LEU H 154 -30.86 18.58 38.60
C LEU H 154 -29.34 18.47 38.57
N HIS H 155 -28.70 19.17 37.64
CA HIS H 155 -27.25 19.12 37.51
C HIS H 155 -26.55 19.96 38.56
N THR H 156 -27.08 21.14 38.87
CA THR H 156 -26.46 22.02 39.85
C THR H 156 -26.80 21.66 41.28
N GLY H 157 -27.88 20.92 41.50
CA GLY H 157 -28.30 20.58 42.85
C GLY H 157 -29.11 21.66 43.52
N GLN H 158 -29.39 22.75 42.82
CA GLN H 158 -30.18 23.85 43.36
C GLN H 158 -31.66 23.54 43.20
N SER H 159 -32.49 24.37 43.81
CA SER H 159 -33.93 24.21 43.73
C SER H 159 -34.46 24.94 42.51
N LEU H 160 -35.55 24.41 41.95
CA LEU H 160 -36.15 25.00 40.77
C LEU H 160 -36.58 26.44 41.04
N GLU H 161 -37.06 26.72 42.24
CA GLU H 161 -37.47 28.08 42.59
C GLU H 161 -36.28 29.03 42.52
N GLN H 162 -35.13 28.63 43.07
CA GLN H 162 -33.95 29.48 43.06
C GLN H 162 -33.49 29.77 41.63
N ILE H 163 -33.54 28.75 40.78
CA ILE H 163 -33.13 28.91 39.38
C ILE H 163 -34.03 29.91 38.68
N GLU H 164 -35.33 29.82 38.91
CA GLU H 164 -36.27 30.74 38.26
C GLU H 164 -35.99 32.18 38.67
N ARG H 165 -35.64 32.41 39.93
CA ARG H 165 -35.35 33.76 40.37
C ARG H 165 -34.04 34.27 39.80
N ASP H 166 -33.05 33.38 39.64
CA ASP H 166 -31.75 33.78 39.13
C ASP H 166 -31.68 33.85 37.61
N THR H 167 -32.59 33.17 36.91
CA THR H 167 -32.60 33.19 35.45
C THR H 167 -33.55 34.22 34.86
N GLU H 168 -34.34 34.91 35.68
CA GLU H 168 -35.25 35.94 35.18
C GLU H 168 -34.52 37.03 34.41
N ARG H 169 -33.23 37.23 34.70
CA ARG H 169 -32.42 38.22 34.04
C ARG H 169 -31.01 37.69 33.91
N ASP H 170 -30.26 38.26 32.97
CA ASP H 170 -28.88 37.85 32.74
C ASP H 170 -28.09 37.90 34.03
N ARG H 171 -27.49 36.76 34.38
CA ARG H 171 -26.69 36.64 35.58
C ARG H 171 -25.32 36.12 35.20
N PHE H 172 -24.29 36.85 35.59
CA PHE H 172 -22.91 36.49 35.30
C PHE H 172 -22.29 35.85 36.53
N LEU H 173 -21.42 34.90 36.29
CA LEU H 173 -20.74 34.18 37.36
C LEU H 173 -19.31 33.89 36.94
N SER H 174 -18.41 34.02 37.90
CA SER H 174 -17.03 33.72 37.69
C SER H 174 -16.81 32.26 38.04
N ALA H 175 -15.60 31.77 37.86
CA ALA H 175 -15.30 30.39 38.19
C ALA H 175 -15.60 30.05 39.63
N PRO H 176 -15.15 30.83 40.64
CA PRO H 176 -15.49 30.46 42.02
C PRO H 176 -16.98 30.51 42.32
N GLU H 177 -17.67 31.54 41.84
CA GLU H 177 -19.11 31.65 42.08
C GLU H 177 -19.86 30.47 41.49
N ALA H 178 -19.39 29.95 40.36
CA ALA H 178 -20.04 28.82 39.72
C ALA H 178 -19.92 27.57 40.57
N VAL H 179 -18.76 27.37 41.21
CA VAL H 179 -18.56 26.20 42.05
C VAL H 179 -19.57 26.19 43.19
N GLU H 180 -19.73 27.32 43.86
CA GLU H 180 -20.70 27.41 44.94
C GLU H 180 -22.12 27.26 44.42
N TYR H 181 -22.35 27.64 43.17
CA TYR H 181 -23.66 27.51 42.55
C TYR H 181 -23.94 26.10 42.07
N GLY H 182 -22.91 25.26 41.96
CA GLY H 182 -23.05 23.90 41.51
C GLY H 182 -22.95 23.70 40.01
N LEU H 183 -22.71 24.77 39.25
CA LEU H 183 -22.58 24.63 37.80
C LEU H 183 -21.36 23.81 37.44
N VAL H 184 -20.27 24.00 38.18
CA VAL H 184 -19.02 23.30 37.94
C VAL H 184 -18.54 22.73 39.27
N ASP H 185 -17.62 21.78 39.16
CA ASP H 185 -17.09 21.07 40.32
C ASP H 185 -15.77 21.62 40.83
N SER H 186 -14.80 21.83 39.94
CA SER H 186 -13.48 22.31 40.36
C SER H 186 -12.93 23.27 39.32
N ILE H 187 -11.88 23.96 39.72
CA ILE H 187 -11.17 24.93 38.90
C ILE H 187 -9.79 24.38 38.56
N LEU H 188 -9.36 24.60 37.33
CA LEU H 188 -8.05 24.17 36.84
C LEU H 188 -7.14 25.39 36.79
N THR H 189 -6.46 25.66 37.91
CA THR H 189 -5.58 26.82 37.98
C THR H 189 -4.20 26.53 37.40
N HIS H 190 -3.64 25.36 37.69
CA HIS H 190 -2.33 24.99 37.18
C HIS H 190 -2.30 23.49 36.96
N ARG H 191 -1.23 23.02 36.37
CA ARG H 191 -1.05 21.60 36.09
C ARG H 191 -0.29 20.96 37.25
N ASN H 192 -0.91 19.96 37.86
CA ASN H 192 -0.32 19.26 38.99
C ASN H 192 -0.08 17.81 38.59
N LEU I 1 -2.45 33.23 0.45
CA LEU I 1 -1.63 32.12 -0.02
C LEU I 1 -0.40 31.96 0.87
N VAL I 2 -0.26 30.77 1.46
CA VAL I 2 0.85 30.46 2.36
C VAL I 2 1.85 29.58 1.60
N PRO I 3 3.13 29.96 1.53
CA PRO I 3 4.09 29.10 0.85
C PRO I 3 4.30 27.77 1.55
N MET I 4 4.53 26.74 0.74
CA MET I 4 4.76 25.39 1.22
C MET I 4 6.26 25.13 1.20
N VAL I 5 6.82 24.81 2.37
CA VAL I 5 8.25 24.60 2.54
C VAL I 5 8.55 23.13 2.79
N ILE I 6 9.57 22.63 2.10
CA ILE I 6 10.00 21.24 2.21
C ILE I 6 11.04 21.11 3.32
N GLU I 7 10.88 20.09 4.15
CA GLU I 7 11.81 19.78 5.22
C GLU I 7 12.51 18.47 4.89
N GLN I 8 13.81 18.43 5.13
CA GLN I 8 14.62 17.23 4.86
C GLN I 8 14.73 16.43 6.14
N THR I 9 14.21 15.20 6.11
CA THR I 9 14.26 14.29 7.25
C THR I 9 14.66 12.91 6.77
N SER I 10 15.03 12.06 7.72
CA SER I 10 15.40 10.68 7.42
C SER I 10 14.25 9.96 6.71
N ARG I 11 13.03 10.19 7.17
CA ARG I 11 11.86 9.54 6.57
C ARG I 11 11.65 9.98 5.12
N GLY I 12 12.10 11.18 4.76
CA GLY I 12 11.99 11.65 3.41
C GLY I 12 11.77 13.16 3.39
N GLU I 13 11.37 13.65 2.22
CA GLU I 13 11.07 15.05 2.02
C GLU I 13 9.61 15.25 2.40
N ARG I 14 9.38 16.11 3.38
CA ARG I 14 8.04 16.37 3.89
C ARG I 14 7.66 17.81 3.63
N SER I 15 6.60 18.02 2.86
CA SER I 15 6.13 19.36 2.57
C SER I 15 5.33 19.86 3.76
N PHE I 16 5.56 21.12 4.11
CA PHE I 16 4.92 21.76 5.24
C PHE I 16 4.44 23.14 4.86
N ASP I 17 3.35 23.55 5.48
CA ASP I 17 2.90 24.91 5.33
C ASP I 17 3.86 25.78 6.13
N ILE I 18 4.01 27.04 5.73
CA ILE I 18 4.96 27.90 6.41
C ILE I 18 4.60 28.12 7.87
N TYR I 19 3.35 27.97 8.25
CA TYR I 19 2.95 28.14 9.64
C TYR I 19 3.06 26.87 10.44
N SER I 20 2.91 25.71 9.79
CA SER I 20 3.05 24.44 10.48
C SER I 20 4.52 24.10 10.71
N ARG I 21 5.39 24.50 9.78
CA ARG I 21 6.81 24.26 9.95
C ARG I 21 7.32 24.95 11.20
N LEU I 22 6.85 26.16 11.44
CA LEU I 22 7.25 26.90 12.63
C LEU I 22 6.63 26.30 13.87
N LEU I 23 5.39 25.81 13.77
CA LEU I 23 4.75 25.15 14.90
C LEU I 23 5.57 23.97 15.35
N LYS I 24 6.14 23.23 14.40
CA LYS I 24 7.01 22.12 14.73
C LYS I 24 8.21 22.56 15.56
N GLU I 25 8.57 23.85 15.49
CA GLU I 25 9.65 24.43 16.26
C GLU I 25 9.14 25.19 17.48
N ARG I 26 7.90 24.93 17.89
CA ARG I 26 7.30 25.55 19.07
C ARG I 26 7.17 27.05 18.91
N VAL I 27 6.58 27.46 17.81
CA VAL I 27 6.34 28.86 17.48
C VAL I 27 4.89 29.00 17.13
N ILE I 28 4.19 29.86 17.86
CA ILE I 28 2.78 30.13 17.65
C ILE I 28 2.66 31.59 17.25
N PHE I 29 1.70 31.86 16.39
CA PHE I 29 1.45 33.20 15.88
C PHE I 29 0.09 33.68 16.35
N LEU I 30 0.05 34.90 16.85
CA LEU I 30 -1.15 35.55 17.33
C LEU I 30 -1.26 36.82 16.52
N THR I 31 -1.91 36.73 15.37
CA THR I 31 -2.08 37.84 14.46
C THR I 31 -3.56 38.16 14.33
N GLY I 32 -3.85 39.41 14.06
CA GLY I 32 -5.22 39.86 13.91
C GLY I 32 -5.95 39.99 15.21
N GLN I 33 -7.21 40.42 15.09
CA GLN I 33 -8.06 40.60 16.26
C GLN I 33 -8.24 39.29 17.00
N VAL I 34 -8.34 39.40 18.32
CA VAL I 34 -8.52 38.25 19.20
C VAL I 34 -10.00 37.90 19.22
N GLU I 35 -10.36 36.78 18.59
CA GLU I 35 -11.71 36.26 18.54
C GLU I 35 -11.71 34.88 19.20
N ASP I 36 -12.86 34.21 19.15
CA ASP I 36 -13.00 32.91 19.79
C ASP I 36 -12.36 31.79 18.99
N HIS I 37 -12.52 31.81 17.67
CA HIS I 37 -11.99 30.74 16.84
C HIS I 37 -10.46 30.73 16.84
N MET I 38 -9.83 31.86 16.58
CA MET I 38 -8.38 31.92 16.60
C MET I 38 -7.82 31.57 17.97
N ALA I 39 -8.49 32.04 19.03
CA ALA I 39 -8.04 31.73 20.38
C ALA I 39 -8.16 30.25 20.65
N ASN I 40 -9.27 29.66 20.23
CA ASN I 40 -9.46 28.23 20.36
C ASN I 40 -8.39 27.47 19.61
N LEU I 41 -8.02 27.98 18.44
CA LEU I 41 -6.97 27.37 17.65
C LEU I 41 -5.62 27.47 18.36
N ILE I 42 -5.31 28.65 18.90
CA ILE I 42 -4.05 28.85 19.60
C ILE I 42 -3.99 27.97 20.83
N VAL I 43 -5.12 27.82 21.51
CA VAL I 43 -5.20 26.96 22.67
C VAL I 43 -4.84 25.54 22.29
N ALA I 44 -5.37 25.06 21.16
CA ALA I 44 -5.08 23.72 20.70
C ALA I 44 -3.59 23.53 20.44
N GLN I 45 -2.94 24.54 19.86
CA GLN I 45 -1.52 24.44 19.58
C GLN I 45 -0.72 24.30 20.86
N MET I 46 -1.05 25.07 21.89
CA MET I 46 -0.34 25.00 23.16
C MET I 46 -0.45 23.61 23.77
N LEU I 47 -1.67 23.08 23.81
CA LEU I 47 -1.89 21.77 24.39
C LEU I 47 -1.15 20.69 23.61
N PHE I 48 -1.17 20.77 22.29
CA PHE I 48 -0.45 19.81 21.47
C PHE I 48 1.05 19.88 21.74
N LEU I 49 1.59 21.09 21.80
CA LEU I 49 3.01 21.27 22.07
C LEU I 49 3.38 20.80 23.46
N GLU I 50 2.51 21.05 24.44
CA GLU I 50 2.77 20.62 25.80
C GLU I 50 2.93 19.12 25.89
N ALA I 51 2.03 18.39 25.24
CA ALA I 51 2.11 16.93 25.23
C ALA I 51 3.35 16.46 24.50
N GLU I 52 3.69 17.11 23.40
CA GLU I 52 4.86 16.76 22.62
C GLU I 52 6.11 16.79 23.49
N ASN I 53 6.44 17.96 24.03
CA ASN I 53 7.59 18.13 24.91
C ASN I 53 7.22 19.22 25.92
N PRO I 54 6.78 18.85 27.13
CA PRO I 54 6.44 19.88 28.10
C PRO I 54 7.63 20.69 28.59
N GLU I 55 8.83 20.11 28.60
CA GLU I 55 9.99 20.83 29.09
C GLU I 55 10.33 22.02 28.20
N LYS I 56 10.37 21.81 26.88
CA LYS I 56 10.73 22.87 25.96
C LYS I 56 9.74 24.03 26.02
N ASP I 57 10.27 25.24 25.87
CA ASP I 57 9.47 26.45 25.93
C ASP I 57 8.70 26.67 24.63
N ILE I 58 7.58 27.37 24.76
CA ILE I 58 6.68 27.68 23.66
C ILE I 58 6.83 29.16 23.35
N TYR I 59 7.01 29.51 22.09
CA TYR I 59 7.14 30.89 21.66
C TYR I 59 5.82 31.34 21.06
N LEU I 60 5.40 32.55 21.41
CA LEU I 60 4.15 33.13 20.94
C LEU I 60 4.46 34.52 20.43
N TYR I 61 4.31 34.71 19.13
CA TYR I 61 4.57 35.99 18.49
C TYR I 61 3.26 36.76 18.49
N ILE I 62 3.31 38.03 18.85
CA ILE I 62 2.12 38.85 19.03
C ILE I 62 2.18 40.09 18.18
N ASN I 63 1.27 40.20 17.22
CA ASN I 63 1.08 41.38 16.40
C ASN I 63 -0.43 41.45 16.26
N SER I 64 -1.08 42.22 17.15
CA SER I 64 -2.52 42.29 17.11
C SER I 64 -3.10 43.59 17.66
N PRO I 65 -4.20 44.10 17.09
CA PRO I 65 -4.82 45.29 17.65
C PRO I 65 -5.84 45.03 18.75
N GLY I 66 -5.88 43.81 19.29
CA GLY I 66 -6.79 43.48 20.36
C GLY I 66 -8.10 42.93 19.85
N GLY I 67 -8.96 42.61 20.81
CA GLY I 67 -10.27 42.07 20.47
C GLY I 67 -11.09 41.69 21.67
N VAL I 68 -11.84 40.60 21.56
CA VAL I 68 -12.67 40.15 22.65
C VAL I 68 -11.79 39.79 23.84
N ILE I 69 -12.33 39.94 25.04
CA ILE I 69 -11.58 39.68 26.25
C ILE I 69 -11.70 38.22 26.67
N THR I 70 -12.89 37.64 26.52
CA THR I 70 -13.10 36.24 26.91
C THR I 70 -12.15 35.32 26.16
N ALA I 71 -11.96 35.57 24.87
CA ALA I 71 -11.03 34.77 24.09
C ALA I 71 -9.62 34.93 24.61
N GLY I 72 -9.22 36.17 24.91
CA GLY I 72 -7.89 36.40 25.44
C GLY I 72 -7.66 35.71 26.77
N MET I 73 -8.70 35.65 27.60
CA MET I 73 -8.56 34.99 28.89
C MET I 73 -8.31 33.50 28.72
N SER I 74 -8.95 32.88 27.73
CA SER I 74 -8.74 31.46 27.50
C SER I 74 -7.29 31.20 27.14
N ILE I 75 -6.72 32.04 26.29
CA ILE I 75 -5.32 31.90 25.94
C ILE I 75 -4.45 32.12 27.17
N TYR I 76 -4.80 33.11 27.98
CA TYR I 76 -4.03 33.41 29.18
C TYR I 76 -4.09 32.27 30.18
N ASP I 77 -5.28 31.75 30.41
CA ASP I 77 -5.45 30.65 31.37
C ASP I 77 -4.69 29.43 30.91
N THR I 78 -4.73 29.15 29.61
CA THR I 78 -4.00 28.01 29.08
C THR I 78 -2.49 28.18 29.27
N MET I 79 -2.00 29.41 29.09
CA MET I 79 -0.57 29.65 29.26
C MET I 79 -0.14 29.46 30.69
N GLN I 80 -0.92 29.98 31.63
CA GLN I 80 -0.61 29.83 33.04
C GLN I 80 -0.87 28.42 33.54
N PHE I 81 -1.60 27.61 32.78
CA PHE I 81 -1.90 26.24 33.18
C PHE I 81 -0.80 25.28 32.77
N ILE I 82 -0.42 25.29 31.50
CA ILE I 82 0.60 24.41 31.01
C ILE I 82 1.92 24.63 31.75
N LYS I 83 2.74 23.58 31.76
CA LYS I 83 4.04 23.66 32.42
C LYS I 83 5.04 24.50 31.64
N PRO I 84 5.17 24.34 30.31
CA PRO I 84 6.15 25.15 29.57
C PRO I 84 6.01 26.64 29.78
N ASP I 85 7.14 27.32 29.66
CA ASP I 85 7.20 28.77 29.78
C ASP I 85 6.88 29.34 28.41
N VAL I 86 5.80 30.11 28.32
CA VAL I 86 5.35 30.68 27.06
C VAL I 86 6.06 32.01 26.87
N SER I 87 7.09 32.01 26.04
CA SER I 87 7.84 33.22 25.76
C SER I 87 7.11 34.05 24.72
N THR I 88 6.70 35.24 25.11
CA THR I 88 5.98 36.15 24.23
C THR I 88 6.94 37.14 23.58
N ILE I 89 6.69 37.41 22.32
CA ILE I 89 7.46 38.38 21.54
C ILE I 89 6.46 39.31 20.88
N CYS I 90 6.76 40.60 20.90
CA CYS I 90 5.92 41.63 20.33
C CYS I 90 6.53 42.12 19.03
N MET I 91 5.77 41.99 17.95
CA MET I 91 6.19 42.40 16.62
C MET I 91 5.15 43.38 16.10
N GLY I 92 5.58 44.57 15.75
CA GLY I 92 4.66 45.54 15.21
C GLY I 92 3.90 46.28 16.28
N GLN I 93 2.96 45.60 16.92
CA GLN I 93 2.17 46.24 17.96
C GLN I 93 1.56 45.19 18.86
N ALA I 94 1.03 45.67 19.97
CA ALA I 94 0.34 44.82 20.94
C ALA I 94 -0.64 45.70 21.69
N ALA I 95 -1.91 45.56 21.37
CA ALA I 95 -2.97 46.34 22.01
C ALA I 95 -3.29 45.74 23.36
N SER I 96 -4.41 46.19 23.96
CA SER I 96 -4.84 45.76 25.29
C SER I 96 -4.72 44.26 25.52
N MET I 97 -5.41 43.45 24.71
CA MET I 97 -5.31 42.01 24.91
C MET I 97 -3.95 41.49 24.49
N GLY I 98 -3.41 42.00 23.38
CA GLY I 98 -2.09 41.59 22.96
C GLY I 98 -1.05 41.89 24.02
N ALA I 99 -1.14 43.06 24.63
CA ALA I 99 -0.22 43.45 25.68
C ALA I 99 -0.45 42.59 26.92
N PHE I 100 -1.71 42.34 27.24
CA PHE I 100 -2.05 41.51 28.40
C PHE I 100 -1.43 40.13 28.25
N LEU I 101 -1.47 39.58 27.05
CA LEU I 101 -0.85 38.28 26.80
C LEU I 101 0.67 38.41 26.76
N LEU I 102 1.17 39.53 26.24
CA LEU I 102 2.60 39.76 26.19
C LEU I 102 3.20 39.76 27.58
N THR I 103 2.65 40.60 28.47
CA THR I 103 3.14 40.65 29.84
C THR I 103 2.84 39.36 30.60
N ALA I 104 1.87 38.58 30.14
CA ALA I 104 1.53 37.33 30.79
C ALA I 104 2.54 36.23 30.52
N GLY I 105 3.50 36.45 29.64
CA GLY I 105 4.51 35.47 29.36
C GLY I 105 5.35 35.15 30.58
N ALA I 106 6.22 34.17 30.40
CA ALA I 106 7.10 33.75 31.48
C ALA I 106 8.04 34.88 31.87
N LYS I 107 8.28 35.01 33.17
CA LYS I 107 9.19 36.03 33.66
C LYS I 107 10.57 35.83 33.06
N GLY I 108 11.11 36.89 32.48
CA GLY I 108 12.42 36.84 31.85
C GLY I 108 12.41 36.36 30.43
N LYS I 109 11.25 35.95 29.90
CA LYS I 109 11.11 35.48 28.52
C LYS I 109 10.08 36.28 27.75
N ARG I 110 9.91 37.55 28.12
CA ARG I 110 9.00 38.46 27.44
C ARG I 110 9.87 39.46 26.70
N PHE I 111 9.91 39.33 25.39
CA PHE I 111 10.73 40.16 24.52
C PHE I 111 9.89 41.06 23.66
N CYS I 112 10.54 42.10 23.14
CA CYS I 112 9.91 43.06 22.26
C CYS I 112 10.95 43.56 21.28
N LEU I 113 10.51 43.86 20.08
CA LEU I 113 11.39 44.38 19.06
C LEU I 113 11.60 45.87 19.28
N PRO I 114 12.70 46.44 18.79
CA PRO I 114 12.97 47.86 19.05
C PRO I 114 11.90 48.83 18.59
N ASN I 115 11.39 48.66 17.38
CA ASN I 115 10.39 49.57 16.84
C ASN I 115 8.97 49.14 17.15
N SER I 116 8.79 48.14 18.02
CA SER I 116 7.47 47.70 18.40
C SER I 116 6.86 48.67 19.40
N ARG I 117 5.54 48.72 19.41
CA ARG I 117 4.79 49.60 20.29
C ARG I 117 3.79 48.76 21.07
N VAL I 118 3.38 49.29 22.21
CA VAL I 118 2.42 48.64 23.08
C VAL I 118 1.37 49.65 23.49
N MET I 119 0.14 49.20 23.59
CA MET I 119 -1.00 50.04 23.96
C MET I 119 -1.83 49.33 25.00
N ILE I 120 -2.05 49.98 26.13
CA ILE I 120 -2.86 49.45 27.22
C ILE I 120 -4.00 50.42 27.46
N HIS I 121 -5.19 49.89 27.67
CA HIS I 121 -6.36 50.71 27.90
C HIS I 121 -7.38 49.88 28.66
N GLN I 122 -8.39 50.56 29.18
CA GLN I 122 -9.41 49.89 29.95
C GLN I 122 -10.36 49.16 29.02
N PRO I 123 -11.06 48.14 29.52
CA PRO I 123 -12.01 47.40 28.68
C PRO I 123 -13.05 48.29 28.03
N LEU I 124 -13.60 47.77 26.93
CA LEU I 124 -14.63 48.44 26.17
C LEU I 124 -15.88 47.56 26.16
N GLY I 125 -17.03 48.21 26.13
CA GLY I 125 -18.27 47.46 26.13
C GLY I 125 -19.45 48.34 25.81
N GLY I 126 -20.61 47.85 26.17
CA GLY I 126 -21.86 48.56 25.95
C GLY I 126 -23.03 47.64 26.06
N TYR I 127 -24.20 48.25 26.22
CA TYR I 127 -25.44 47.49 26.34
C TYR I 127 -26.61 48.41 26.07
N GLN I 128 -27.68 47.82 25.53
CA GLN I 128 -28.91 48.54 25.26
C GLN I 128 -30.05 47.70 25.78
N GLY I 129 -30.85 48.28 26.68
CA GLY I 129 -31.97 47.56 27.25
C GLY I 129 -32.48 48.29 28.48
N GLN I 130 -33.10 47.53 29.36
CA GLN I 130 -33.64 48.09 30.58
C GLN I 130 -32.52 48.50 31.52
N ALA I 131 -32.88 49.32 32.51
CA ALA I 131 -31.90 49.80 33.47
C ALA I 131 -31.35 48.66 34.32
N THR I 132 -32.17 47.66 34.62
CA THR I 132 -31.70 46.53 35.43
C THR I 132 -30.60 45.77 34.71
N ASP I 133 -30.84 45.41 33.45
CA ASP I 133 -29.82 44.69 32.69
C ASP I 133 -28.56 45.53 32.53
N ILE I 134 -28.72 46.85 32.40
CA ILE I 134 -27.56 47.74 32.26
C ILE I 134 -26.68 47.68 33.49
N GLU I 135 -27.30 47.72 34.67
CA GLU I 135 -26.52 47.67 35.91
C GLU I 135 -25.76 46.36 36.02
N ILE I 136 -26.40 45.25 35.65
CA ILE I 136 -25.74 43.95 35.72
C ILE I 136 -24.53 43.93 34.81
N HIS I 137 -24.71 44.30 33.55
CA HIS I 137 -23.61 44.30 32.60
C HIS I 137 -22.53 45.28 33.01
N ALA I 138 -22.93 46.39 33.63
CA ALA I 138 -21.94 47.38 34.08
C ALA I 138 -21.04 46.79 35.16
N ARG I 139 -21.65 46.12 36.15
CA ARG I 139 -20.87 45.51 37.22
C ARG I 139 -19.92 44.46 36.67
N GLU I 140 -20.36 43.70 35.67
CA GLU I 140 -19.53 42.65 35.09
C GLU I 140 -18.27 43.23 34.46
N ILE I 141 -18.43 44.23 33.60
CA ILE I 141 -17.27 44.82 32.94
C ILE I 141 -16.35 45.48 33.94
N LEU I 142 -16.92 46.03 35.02
CA LEU I 142 -16.08 46.64 36.05
C LEU I 142 -15.25 45.58 36.75
N LYS I 143 -15.85 44.43 37.04
CA LYS I 143 -15.11 43.34 37.66
C LYS I 143 -14.01 42.87 36.71
N VAL I 144 -14.32 42.83 35.42
CA VAL I 144 -13.34 42.44 34.42
C VAL I 144 -12.20 43.43 34.40
N LYS I 145 -12.52 44.74 34.44
CA LYS I 145 -11.48 45.75 34.47
C LYS I 145 -10.63 45.60 35.72
N GLY I 146 -11.27 45.40 36.87
CA GLY I 146 -10.53 45.19 38.10
C GLY I 146 -9.67 43.95 38.03
N ARG I 147 -10.23 42.86 37.52
CA ARG I 147 -9.47 41.62 37.41
C ARG I 147 -8.29 41.78 36.46
N MET I 148 -8.52 42.43 35.32
CA MET I 148 -7.44 42.64 34.36
C MET I 148 -6.33 43.48 34.97
N ASN I 149 -6.70 44.54 35.69
CA ASN I 149 -5.70 45.40 36.31
C ASN I 149 -4.90 44.64 37.36
N GLU I 150 -5.56 43.76 38.12
CA GLU I 150 -4.85 42.97 39.13
C GLU I 150 -3.81 42.07 38.48
N LEU I 151 -4.19 41.41 37.39
CA LEU I 151 -3.27 40.53 36.69
C LEU I 151 -2.13 41.32 36.06
N MET I 152 -2.42 42.50 35.53
CA MET I 152 -1.38 43.32 34.93
C MET I 152 -0.37 43.75 35.98
N ALA I 153 -0.84 44.10 37.17
CA ALA I 153 0.05 44.51 38.25
C ALA I 153 0.92 43.37 38.72
N LEU I 154 0.40 42.13 38.67
CA LEU I 154 1.17 40.99 39.13
C LEU I 154 2.32 40.67 38.19
N HIS I 155 2.07 40.73 36.88
CA HIS I 155 3.09 40.42 35.91
C HIS I 155 4.09 41.55 35.73
N THR I 156 3.60 42.80 35.67
CA THR I 156 4.51 43.94 35.51
C THR I 156 5.26 44.25 36.78
N GLY I 157 4.66 43.96 37.94
CA GLY I 157 5.26 44.27 39.21
C GLY I 157 4.94 45.66 39.69
N GLN I 158 4.07 46.39 39.00
CA GLN I 158 3.68 47.72 39.38
C GLN I 158 2.57 47.66 40.43
N SER I 159 2.25 48.82 40.99
CA SER I 159 1.19 48.90 41.99
C SER I 159 -0.15 49.02 41.30
N LEU I 160 -1.15 48.33 41.86
CA LEU I 160 -2.50 48.34 41.31
C LEU I 160 -3.01 49.76 41.09
N GLU I 161 -2.72 50.67 42.00
CA GLU I 161 -3.17 52.05 41.85
C GLU I 161 -2.56 52.70 40.62
N GLN I 162 -1.28 52.45 40.36
CA GLN I 162 -0.62 53.03 39.19
C GLN I 162 -1.25 52.53 37.90
N ILE I 163 -1.58 51.24 37.84
CA ILE I 163 -2.18 50.67 36.65
C ILE I 163 -3.53 51.31 36.37
N GLU I 164 -4.34 51.51 37.41
CA GLU I 164 -5.65 52.11 37.22
C GLU I 164 -5.53 53.52 36.66
N ARG I 165 -4.56 54.29 37.16
CA ARG I 165 -4.38 55.64 36.65
C ARG I 165 -3.86 55.64 35.22
N ASP I 166 -3.04 54.65 34.86
CA ASP I 166 -2.47 54.57 33.53
C ASP I 166 -3.39 53.92 32.51
N THR I 167 -4.35 53.09 32.95
CA THR I 167 -5.27 52.43 32.05
C THR I 167 -6.58 53.18 31.84
N GLU I 168 -6.80 54.30 32.56
CA GLU I 168 -8.03 55.06 32.39
C GLU I 168 -8.20 55.57 30.96
N ARG I 169 -7.10 55.72 30.24
CA ARG I 169 -7.12 56.19 28.86
C ARG I 169 -6.00 55.47 28.11
N ASP I 170 -6.16 55.45 26.79
CA ASP I 170 -5.18 54.79 25.92
C ASP I 170 -3.78 55.34 26.19
N ARG I 171 -2.87 54.43 26.54
CA ARG I 171 -1.49 54.78 26.84
C ARG I 171 -0.60 53.98 25.91
N PHE I 172 0.25 54.67 25.17
CA PHE I 172 1.17 54.05 24.24
C PHE I 172 2.55 53.96 24.86
N LEU I 173 3.26 52.88 24.52
CA LEU I 173 4.59 52.65 25.02
C LEU I 173 5.43 51.98 23.95
N SER I 174 6.68 52.41 23.87
CA SER I 174 7.64 51.83 22.95
C SER I 174 8.35 50.71 23.66
N ALA I 175 9.27 50.05 22.95
CA ALA I 175 10.02 48.96 23.55
C ALA I 175 10.78 49.38 24.81
N PRO I 176 11.55 50.47 24.83
CA PRO I 176 12.24 50.85 26.07
C PRO I 176 11.28 51.20 27.20
N GLU I 177 10.24 51.97 26.90
CA GLU I 177 9.27 52.37 27.92
C GLU I 177 8.59 51.14 28.53
N ALA I 178 8.31 50.14 27.70
CA ALA I 178 7.66 48.93 28.19
C ALA I 178 8.54 48.19 29.18
N VAL I 179 9.85 48.16 28.94
CA VAL I 179 10.75 47.47 29.85
C VAL I 179 10.71 48.11 31.22
N GLU I 180 10.84 49.44 31.27
CA GLU I 180 10.80 50.13 32.55
C GLU I 180 9.44 50.00 33.22
N TYR I 181 8.39 49.82 32.43
CA TYR I 181 7.05 49.63 32.97
C TYR I 181 6.84 48.21 33.50
N GLY I 182 7.67 47.28 33.07
CA GLY I 182 7.59 45.89 33.49
C GLY I 182 6.77 44.99 32.59
N LEU I 183 6.25 45.51 31.49
CA LEU I 183 5.48 44.66 30.58
C LEU I 183 6.38 43.62 29.94
N VAL I 184 7.58 44.01 29.55
CA VAL I 184 8.55 43.13 28.92
C VAL I 184 9.85 43.21 29.70
N ASP I 185 10.70 42.21 29.49
CA ASP I 185 11.96 42.07 30.17
C ASP I 185 13.15 42.60 29.38
N SER I 186 13.26 42.23 28.10
CA SER I 186 14.38 42.62 27.28
C SER I 186 13.93 42.91 25.85
N ILE I 187 14.84 43.52 25.11
CA ILE I 187 14.64 43.88 23.71
C ILE I 187 15.55 43.02 22.85
N LEU I 188 15.13 42.79 21.60
CA LEU I 188 15.88 42.02 20.62
C LEU I 188 16.24 42.94 19.47
N THR I 189 17.41 43.56 19.55
CA THR I 189 17.85 44.46 18.49
C THR I 189 18.50 43.69 17.34
N HIS I 190 19.50 42.88 17.65
CA HIS I 190 20.23 42.09 16.66
C HIS I 190 20.43 40.70 17.21
N ARG I 191 20.89 39.80 16.34
CA ARG I 191 21.15 38.42 16.71
C ARG I 191 22.56 38.28 17.23
N ASN I 192 22.69 37.66 18.40
CA ASN I 192 23.99 37.45 19.03
C ASN I 192 24.44 36.00 18.87
N LEU J 1 -4.89 32.41 -9.81
CA LEU J 1 -4.33 31.10 -10.15
C LEU J 1 -2.82 31.17 -10.22
N VAL J 2 -2.15 30.38 -9.40
CA VAL J 2 -0.70 30.33 -9.34
C VAL J 2 -0.22 29.09 -10.10
N PRO J 3 0.60 29.23 -11.15
CA PRO J 3 1.08 28.05 -11.85
C PRO J 3 1.95 27.14 -10.98
N MET J 4 1.76 25.84 -11.17
CA MET J 4 2.52 24.83 -10.47
C MET J 4 3.67 24.43 -11.37
N VAL J 5 4.90 24.56 -10.86
CA VAL J 5 6.11 24.32 -11.63
C VAL J 5 6.78 23.04 -11.15
N ILE J 6 7.15 22.20 -12.10
CA ILE J 6 7.87 20.96 -11.82
C ILE J 6 9.34 21.30 -11.63
N GLU J 7 9.94 20.70 -10.60
CA GLU J 7 11.34 20.92 -10.28
C GLU J 7 12.06 19.58 -10.23
N GLN J 8 13.09 19.43 -11.05
CA GLN J 8 13.91 18.23 -11.05
C GLN J 8 14.99 18.43 -9.99
N THR J 9 14.91 17.64 -8.91
CA THR J 9 15.84 17.75 -7.80
C THR J 9 16.12 16.36 -7.26
N SER J 10 16.86 16.32 -6.16
CA SER J 10 17.16 15.08 -5.47
C SER J 10 15.88 14.30 -5.22
N ARG J 11 15.96 12.99 -5.35
CA ARG J 11 14.82 12.08 -5.18
C ARG J 11 13.76 12.29 -6.26
N GLY J 12 14.18 12.69 -7.45
CA GLY J 12 13.28 12.87 -8.57
C GLY J 12 12.64 14.24 -8.69
N GLU J 13 11.54 14.26 -9.46
CA GLU J 13 10.80 15.47 -9.72
C GLU J 13 9.91 15.85 -8.55
N ARG J 14 9.76 17.16 -8.34
CA ARG J 14 8.95 17.70 -7.27
C ARG J 14 8.12 18.85 -7.81
N SER J 15 6.85 18.89 -7.42
CA SER J 15 5.95 19.94 -7.85
C SER J 15 5.90 21.03 -6.79
N PHE J 16 6.02 22.27 -7.23
CA PHE J 16 6.01 23.43 -6.35
C PHE J 16 5.13 24.52 -6.93
N ASP J 17 4.70 25.40 -6.05
CA ASP J 17 3.98 26.58 -6.46
C ASP J 17 5.01 27.58 -6.96
N ILE J 18 4.56 28.51 -7.80
CA ILE J 18 5.50 29.47 -8.38
C ILE J 18 6.11 30.34 -7.29
N TYR J 19 5.32 30.74 -6.30
CA TYR J 19 5.87 31.56 -5.22
C TYR J 19 6.73 30.75 -4.26
N SER J 20 6.41 29.49 -4.08
CA SER J 20 7.20 28.64 -3.21
C SER J 20 8.51 28.24 -3.88
N ARG J 21 8.48 28.06 -5.19
CA ARG J 21 9.68 27.70 -5.93
C ARG J 21 10.73 28.80 -5.79
N LEU J 22 10.30 30.05 -5.85
CA LEU J 22 11.21 31.16 -5.70
C LEU J 22 11.69 31.27 -4.26
N LEU J 23 10.80 30.98 -3.30
CA LEU J 23 11.18 31.00 -1.90
C LEU J 23 12.32 30.02 -1.65
N LYS J 24 12.27 28.87 -2.31
CA LYS J 24 13.34 27.90 -2.21
C LYS J 24 14.67 28.47 -2.66
N GLU J 25 14.64 29.53 -3.47
CA GLU J 25 15.82 30.24 -3.95
C GLU J 25 16.07 31.53 -3.19
N ARG J 26 15.48 31.66 -2.00
CA ARG J 26 15.66 32.84 -1.14
C ARG J 26 15.18 34.11 -1.82
N VAL J 27 13.92 34.07 -2.24
CA VAL J 27 13.27 35.18 -2.90
C VAL J 27 11.90 35.36 -2.27
N ILE J 28 11.63 36.55 -1.79
CA ILE J 28 10.37 36.89 -1.14
C ILE J 28 9.72 37.99 -1.96
N PHE J 29 8.40 37.96 -1.99
CA PHE J 29 7.61 38.93 -2.72
C PHE J 29 6.78 39.72 -1.72
N LEU J 30 6.85 41.05 -1.84
CA LEU J 30 6.13 41.97 -0.98
C LEU J 30 5.26 42.77 -1.92
N THR J 31 4.07 42.26 -2.19
CA THR J 31 3.12 42.89 -3.08
C THR J 31 1.87 43.28 -2.31
N GLY J 32 1.21 44.34 -2.77
CA GLY J 32 0.01 44.82 -2.15
C GLY J 32 0.28 45.62 -0.91
N GLN J 33 -0.80 46.10 -0.31
CA GLN J 33 -0.71 46.89 0.91
C GLN J 33 -0.09 46.06 2.02
N VAL J 34 0.66 46.75 2.88
CA VAL J 34 1.32 46.12 4.00
C VAL J 34 0.33 46.06 5.16
N GLU J 35 -0.13 44.85 5.47
CA GLU J 35 -1.06 44.58 6.55
C GLU J 35 -0.37 43.67 7.56
N ASP J 36 -1.12 43.23 8.57
CA ASP J 36 -0.54 42.41 9.62
C ASP J 36 -0.37 40.95 9.18
N HIS J 37 -1.32 40.43 8.42
CA HIS J 37 -1.24 39.03 8.01
C HIS J 37 -0.11 38.81 7.00
N MET J 38 -0.07 39.60 5.94
CA MET J 38 0.99 39.45 4.96
C MET J 38 2.36 39.69 5.57
N ALA J 39 2.47 40.67 6.45
CA ALA J 39 3.75 40.96 7.10
C ALA J 39 4.18 39.80 7.98
N ASN J 40 3.24 39.24 8.73
CA ASN J 40 3.55 38.10 9.56
C ASN J 40 4.02 36.93 8.72
N LEU J 41 3.43 36.78 7.54
CA LEU J 41 3.85 35.74 6.62
C LEU J 41 5.28 35.98 6.16
N ILE J 42 5.60 37.22 5.81
CA ILE J 42 6.95 37.57 5.36
C ILE J 42 7.94 37.33 6.49
N VAL J 43 7.54 37.63 7.72
CA VAL J 43 8.41 37.38 8.87
C VAL J 43 8.71 35.90 8.96
N ALA J 44 7.70 35.06 8.80
CA ALA J 44 7.90 33.63 8.86
C ALA J 44 8.85 33.17 7.77
N GLN J 45 8.71 33.72 6.56
CA GLN J 45 9.59 33.34 5.48
C GLN J 45 11.03 33.73 5.76
N MET J 46 11.25 34.93 6.30
CA MET J 46 12.60 35.38 6.62
C MET J 46 13.24 34.46 7.65
N LEU J 47 12.50 34.17 8.72
CA LEU J 47 13.02 33.31 9.77
C LEU J 47 13.32 31.92 9.26
N PHE J 48 12.43 31.36 8.44
CA PHE J 48 12.65 30.03 7.90
C PHE J 48 13.92 29.99 7.05
N LEU J 49 14.12 31.00 6.21
CA LEU J 49 15.29 31.06 5.36
C LEU J 49 16.56 31.22 6.19
N GLU J 50 16.51 32.05 7.23
CA GLU J 50 17.66 32.25 8.09
C GLU J 50 18.13 30.93 8.67
N ALA J 51 17.21 30.10 9.15
CA ALA J 51 17.58 28.81 9.71
C ALA J 51 18.16 27.90 8.64
N GLU J 52 17.59 27.95 7.45
CA GLU J 52 18.06 27.12 6.35
C GLU J 52 19.52 27.44 6.02
N ASN J 53 19.78 28.69 5.63
CA ASN J 53 21.13 29.15 5.31
C ASN J 53 21.29 30.58 5.78
N PRO J 54 21.82 30.81 6.98
CA PRO J 54 22.01 32.19 7.43
C PRO J 54 22.97 33.01 6.59
N GLU J 55 23.98 32.37 6.03
CA GLU J 55 24.98 33.10 5.28
C GLU J 55 24.42 33.70 3.98
N LYS J 56 23.62 32.94 3.24
CA LYS J 56 23.13 33.44 1.96
C LYS J 56 22.16 34.61 2.12
N ASP J 57 22.22 35.51 1.14
CA ASP J 57 21.39 36.71 1.14
C ASP J 57 19.95 36.41 0.77
N ILE J 58 19.04 37.19 1.35
CA ILE J 58 17.62 37.07 1.12
C ILE J 58 17.19 38.19 0.20
N TYR J 59 16.58 37.85 -0.92
CA TYR J 59 16.08 38.83 -1.87
C TYR J 59 14.62 39.11 -1.58
N LEU J 60 14.28 40.38 -1.48
CA LEU J 60 12.93 40.84 -1.18
C LEU J 60 12.49 41.78 -2.28
N TYR J 61 11.53 41.36 -3.09
CA TYR J 61 11.02 42.16 -4.19
C TYR J 61 9.85 42.96 -3.65
N ILE J 62 9.82 44.24 -3.99
CA ILE J 62 8.84 45.17 -3.44
C ILE J 62 8.10 45.90 -4.54
N ASN J 63 6.78 45.69 -4.58
CA ASN J 63 5.86 46.39 -5.49
C ASN J 63 4.63 46.62 -4.62
N SER J 64 4.55 47.79 -3.98
CA SER J 64 3.46 48.05 -3.09
C SER J 64 3.11 49.51 -2.89
N PRO J 65 1.83 49.86 -2.73
CA PRO J 65 1.48 51.26 -2.46
C PRO J 65 1.50 51.65 -0.99
N GLY J 66 2.07 50.81 -0.13
CA GLY J 66 2.16 51.11 1.28
C GLY J 66 1.00 50.58 2.07
N GLY J 67 1.04 50.86 3.36
CA GLY J 67 -0.03 50.41 4.23
C GLY J 67 0.20 50.74 5.69
N VAL J 68 -0.17 49.80 6.57
CA VAL J 68 0.00 50.01 7.99
C VAL J 68 1.48 50.15 8.30
N ILE J 69 1.79 50.88 9.37
CA ILE J 69 3.17 51.12 9.77
C ILE J 69 3.66 50.03 10.72
N THR J 70 2.80 49.60 11.64
CA THR J 70 3.15 48.55 12.59
C THR J 70 3.63 47.30 11.87
N ALA J 71 2.91 46.91 10.82
CA ALA J 71 3.30 45.75 10.03
C ALA J 71 4.68 45.95 9.42
N GLY J 72 4.93 47.13 8.86
CA GLY J 72 6.22 47.40 8.26
C GLY J 72 7.35 47.33 9.28
N MET J 73 7.09 47.81 10.49
CA MET J 73 8.13 47.78 11.52
C MET J 73 8.49 46.35 11.87
N SER J 74 7.51 45.44 11.87
CA SER J 74 7.81 44.05 12.16
C SER J 74 8.75 43.48 11.13
N ILE J 75 8.50 43.77 9.85
CA ILE J 75 9.38 43.30 8.80
C ILE J 75 10.74 43.95 8.92
N TYR J 76 10.77 45.26 9.19
CA TYR J 76 12.03 45.99 9.29
C TYR J 76 12.88 45.47 10.45
N ASP J 77 12.25 45.26 11.61
CA ASP J 77 12.99 44.75 12.76
C ASP J 77 13.52 43.36 12.46
N THR J 78 12.74 42.56 11.76
CA THR J 78 13.17 41.22 11.41
C THR J 78 14.36 41.26 10.46
N MET J 79 14.37 42.20 9.53
CA MET J 79 15.48 42.29 8.58
C MET J 79 16.77 42.68 9.28
N GLN J 80 16.67 43.61 10.22
CA GLN J 80 17.84 44.05 10.98
C GLN J 80 18.24 43.03 12.02
N PHE J 81 17.34 42.12 12.40
CA PHE J 81 17.66 41.12 13.40
C PHE J 81 18.43 39.96 12.79
N ILE J 82 17.90 39.36 11.72
CA ILE J 82 18.54 38.24 11.09
C ILE J 82 19.94 38.60 10.60
N LYS J 83 20.79 37.59 10.53
CA LYS J 83 22.15 37.72 10.07
C LYS J 83 22.22 37.94 8.57
N PRO J 84 21.47 37.19 7.74
CA PRO J 84 21.52 37.40 6.29
C PRO J 84 21.24 38.85 5.87
N ASP J 85 21.93 39.25 4.81
CA ASP J 85 21.74 40.58 4.24
C ASP J 85 20.53 40.52 3.34
N VAL J 86 19.53 41.34 3.64
CA VAL J 86 18.27 41.36 2.88
C VAL J 86 18.42 42.34 1.73
N SER J 87 18.61 41.81 0.53
CA SER J 87 18.74 42.61 -0.69
C SER J 87 17.36 42.99 -1.16
N THR J 88 17.05 44.29 -1.14
CA THR J 88 15.75 44.78 -1.56
C THR J 88 15.80 45.23 -3.01
N ILE J 89 14.74 44.89 -3.76
CA ILE J 89 14.59 45.25 -5.16
C ILE J 89 13.21 45.86 -5.31
N CYS J 90 13.14 46.97 -6.02
CA CYS J 90 11.89 47.71 -6.26
C CYS J 90 11.45 47.53 -7.70
N MET J 91 10.25 47.00 -7.87
CA MET J 91 9.65 46.76 -9.17
C MET J 91 8.31 47.47 -9.19
N GLY J 92 8.13 48.36 -10.15
CA GLY J 92 6.88 49.08 -10.27
C GLY J 92 6.80 50.28 -9.36
N GLN J 93 6.65 50.06 -8.06
CA GLN J 93 6.54 51.18 -7.15
C GLN J 93 6.94 50.77 -5.74
N ALA J 94 7.18 51.78 -4.92
CA ALA J 94 7.51 51.59 -3.51
C ALA J 94 7.08 52.86 -2.79
N ALA J 95 5.96 52.78 -2.10
CA ALA J 95 5.41 53.91 -1.36
C ALA J 95 6.15 54.05 -0.04
N SER J 96 5.60 54.87 0.86
CA SER J 96 6.21 55.16 2.16
C SER J 96 6.75 53.93 2.88
N MET J 97 5.90 52.95 3.16
CA MET J 97 6.39 51.75 3.84
C MET J 97 7.24 50.90 2.92
N GLY J 98 6.83 50.75 1.66
CA GLY J 98 7.64 49.99 0.72
C GLY J 98 9.02 50.58 0.54
N ALA J 99 9.09 51.92 0.45
CA ALA J 99 10.36 52.60 0.31
C ALA J 99 11.17 52.49 1.59
N PHE J 100 10.49 52.59 2.73
CA PHE J 100 11.17 52.46 4.01
C PHE J 100 11.84 51.11 4.12
N LEU J 101 11.14 50.06 3.67
CA LEU J 101 11.70 48.73 3.67
C LEU J 101 12.76 48.58 2.60
N LEU J 102 12.61 49.30 1.48
CA LEU J 102 13.59 49.25 0.42
C LEU J 102 14.92 49.82 0.89
N THR J 103 14.90 51.03 1.43
CA THR J 103 16.12 51.64 1.94
C THR J 103 16.65 50.90 3.16
N ALA J 104 15.81 50.10 3.82
CA ALA J 104 16.25 49.34 4.99
C ALA J 104 17.08 48.12 4.63
N GLY J 105 17.23 47.81 3.34
CA GLY J 105 18.03 46.68 2.95
C GLY J 105 19.48 46.89 3.28
N ALA J 106 20.26 45.84 3.05
CA ALA J 106 21.69 45.89 3.31
C ALA J 106 22.35 46.94 2.42
N LYS J 107 23.25 47.72 3.02
CA LYS J 107 23.97 48.74 2.27
C LYS J 107 24.71 48.10 1.10
N GLY J 108 24.50 48.65 -0.09
CA GLY J 108 25.10 48.14 -1.30
C GLY J 108 24.32 47.04 -1.97
N LYS J 109 23.20 46.59 -1.38
CA LYS J 109 22.36 45.55 -1.94
C LYS J 109 20.92 46.02 -2.10
N ARG J 110 20.73 47.31 -2.32
CA ARG J 110 19.41 47.91 -2.54
C ARG J 110 19.37 48.29 -3.99
N PHE J 111 18.51 47.62 -4.75
CA PHE J 111 18.40 47.81 -6.18
C PHE J 111 17.02 48.33 -6.55
N CYS J 112 16.95 48.88 -7.76
CA CYS J 112 15.73 49.43 -8.30
C CYS J 112 15.77 49.28 -9.80
N LEU J 113 14.66 48.92 -10.38
CA LEU J 113 14.60 48.78 -11.81
C LEU J 113 14.55 50.16 -12.45
N PRO J 114 14.95 50.29 -13.71
CA PRO J 114 15.02 51.62 -14.33
C PRO J 114 13.72 52.42 -14.30
N ASN J 115 12.62 51.83 -14.73
CA ASN J 115 11.35 52.54 -14.77
C ASN J 115 10.60 52.47 -13.45
N SER J 116 11.23 51.97 -12.40
CA SER J 116 10.58 51.92 -11.10
C SER J 116 10.52 53.32 -10.52
N ARG J 117 9.53 53.54 -9.66
CA ARG J 117 9.35 54.82 -9.00
C ARG J 117 9.26 54.60 -7.50
N VAL J 118 9.58 55.65 -6.77
CA VAL J 118 9.56 55.63 -5.31
C VAL J 118 8.79 56.84 -4.83
N MET J 119 8.08 56.67 -3.73
CA MET J 119 7.28 57.72 -3.13
C MET J 119 7.50 57.71 -1.62
N ILE J 120 7.85 58.86 -1.08
CA ILE J 120 8.09 59.04 0.35
C ILE J 120 7.17 60.13 0.85
N HIS J 121 6.54 59.90 1.98
CA HIS J 121 5.65 60.88 2.57
C HIS J 121 5.59 60.62 4.06
N GLN J 122 5.04 61.59 4.78
CA GLN J 122 4.94 61.47 6.22
C GLN J 122 3.79 60.53 6.59
N PRO J 123 3.81 59.98 7.80
CA PRO J 123 2.73 59.07 8.21
C PRO J 123 1.35 59.70 8.11
N LEU J 124 0.37 58.82 7.97
CA LEU J 124 -1.04 59.19 7.87
C LEU J 124 -1.79 58.56 9.03
N GLY J 125 -2.84 59.23 9.47
CA GLY J 125 -3.62 58.72 10.59
C GLY J 125 -4.83 59.57 10.85
N GLY J 126 -5.38 59.40 12.03
CA GLY J 126 -6.55 60.14 12.45
C GLY J 126 -7.22 59.49 13.63
N TYR J 127 -8.00 60.30 14.34
CA TYR J 127 -8.73 59.83 15.50
C TYR J 127 -9.97 60.70 15.69
N GLN J 128 -10.99 60.10 16.31
CA GLN J 128 -12.24 60.78 16.61
C GLN J 128 -12.59 60.45 18.05
N GLY J 129 -12.78 61.48 18.86
CA GLY J 129 -13.12 61.29 20.25
C GLY J 129 -12.87 62.56 21.04
N GLN J 130 -12.64 62.38 22.33
CA GLN J 130 -12.38 63.52 23.20
C GLN J 130 -11.04 64.16 22.86
N ALA J 131 -10.85 65.37 23.37
CA ALA J 131 -9.61 66.09 23.12
C ALA J 131 -8.43 65.43 23.81
N THR J 132 -8.64 64.85 24.99
CA THR J 132 -7.56 64.20 25.70
C THR J 132 -7.01 63.03 24.91
N ASP J 133 -7.89 62.15 24.45
CA ASP J 133 -7.46 61.00 23.65
C ASP J 133 -6.78 61.45 22.37
N ILE J 134 -7.28 62.53 21.77
CA ILE J 134 -6.72 63.05 20.53
C ILE J 134 -5.27 63.46 20.73
N GLU J 135 -4.96 64.11 21.85
CA GLU J 135 -3.59 64.52 22.11
C GLU J 135 -2.66 63.32 22.21
N ILE J 136 -3.10 62.26 22.87
CA ILE J 136 -2.29 61.06 23.01
C ILE J 136 -1.98 60.47 21.65
N HIS J 137 -3.02 60.23 20.85
CA HIS J 137 -2.82 59.67 19.52
C HIS J 137 -2.01 60.59 18.63
N ALA J 138 -2.19 61.90 18.80
CA ALA J 138 -1.42 62.86 18.01
C ALA J 138 0.07 62.76 18.36
N ARG J 139 0.38 62.72 19.65
CA ARG J 139 1.77 62.61 20.07
C ARG J 139 2.40 61.33 19.56
N GLU J 140 1.65 60.23 19.57
CA GLU J 140 2.18 58.95 19.12
C GLU J 140 2.54 58.98 17.64
N ILE J 141 1.64 59.47 16.81
CA ILE J 141 1.92 59.50 15.37
C ILE J 141 3.10 60.43 15.08
N LEU J 142 3.25 61.48 15.87
CA LEU J 142 4.40 62.36 15.69
C LEU J 142 5.68 61.61 16.05
N LYS J 143 5.64 60.83 17.13
CA LYS J 143 6.80 60.03 17.51
C LYS J 143 7.13 59.03 16.42
N VAL J 144 6.09 58.45 15.82
CA VAL J 144 6.28 57.51 14.73
C VAL J 144 6.95 58.22 13.56
N LYS J 145 6.46 59.41 13.22
CA LYS J 145 7.05 60.18 12.14
C LYS J 145 8.51 60.50 12.44
N GLY J 146 8.80 60.91 13.67
CA GLY J 146 10.16 61.21 14.03
C GLY J 146 11.05 59.98 13.97
N ARG J 147 10.56 58.85 14.49
CA ARG J 147 11.33 57.63 14.46
C ARG J 147 11.59 57.16 13.03
N MET J 148 10.57 57.23 12.17
CA MET J 148 10.73 56.83 10.79
C MET J 148 11.75 57.71 10.08
N ASN J 149 11.70 59.01 10.35
CA ASN J 149 12.65 59.93 9.72
C ASN J 149 14.08 59.64 10.15
N GLU J 150 14.28 59.28 11.42
CA GLU J 150 15.60 58.95 11.91
C GLU J 150 16.15 57.72 11.18
N LEU J 151 15.32 56.69 11.05
CA LEU J 151 15.74 55.47 10.37
C LEU J 151 16.01 55.74 8.90
N MET J 152 15.16 56.54 8.26
CA MET J 152 15.37 56.85 6.85
C MET J 152 16.68 57.57 6.65
N ALA J 153 17.00 58.49 7.55
CA ALA J 153 18.26 59.23 7.46
C ALA J 153 19.45 58.33 7.72
N LEU J 154 19.30 57.35 8.61
CA LEU J 154 20.41 56.47 8.94
C LEU J 154 20.78 55.57 7.76
N HIS J 155 19.77 55.05 7.05
CA HIS J 155 20.05 54.18 5.92
C HIS J 155 20.46 54.98 4.68
N THR J 156 19.73 56.05 4.39
CA THR J 156 20.07 56.87 3.23
C THR J 156 21.35 57.67 3.45
N GLY J 157 21.66 57.97 4.71
CA GLY J 157 22.82 58.77 5.03
C GLY J 157 22.60 60.26 4.90
N GLN J 158 21.37 60.68 4.65
CA GLN J 158 21.02 62.09 4.52
C GLN J 158 20.84 62.70 5.90
N SER J 159 20.73 64.03 5.93
CA SER J 159 20.53 64.75 7.17
C SER J 159 19.06 64.72 7.54
N LEU J 160 18.79 64.47 8.83
CA LEU J 160 17.42 64.43 9.34
C LEU J 160 16.61 65.64 8.92
N GLU J 161 17.22 66.82 8.91
CA GLU J 161 16.52 68.03 8.52
C GLU J 161 16.04 67.95 7.08
N GLN J 162 16.91 67.48 6.18
CA GLN J 162 16.54 67.35 4.77
C GLN J 162 15.38 66.38 4.59
N ILE J 163 15.41 65.27 5.32
CA ILE J 163 14.34 64.27 5.20
C ILE J 163 13.01 64.85 5.64
N GLU J 164 13.01 65.59 6.75
CA GLU J 164 11.77 66.17 7.23
C GLU J 164 11.20 67.17 6.23
N ARG J 165 12.06 67.96 5.61
CA ARG J 165 11.61 68.94 4.63
C ARG J 165 11.04 68.25 3.39
N ASP J 166 11.67 67.16 2.96
CA ASP J 166 11.24 66.45 1.76
C ASP J 166 10.05 65.53 2.00
N THR J 167 9.87 65.02 3.22
CA THR J 167 8.78 64.12 3.51
C THR J 167 7.53 64.82 4.04
N GLU J 168 7.52 66.14 4.14
CA GLU J 168 6.33 66.85 4.59
C GLU J 168 5.15 66.57 3.66
N ARG J 169 5.42 66.58 2.36
CA ARG J 169 4.43 66.33 1.33
C ARG J 169 4.96 65.24 0.42
N ASP J 170 4.02 64.55 -0.24
CA ASP J 170 4.33 63.46 -1.16
C ASP J 170 5.44 63.85 -2.12
N ARG J 171 6.53 63.09 -2.09
CA ARG J 171 7.67 63.30 -2.95
C ARG J 171 7.91 62.05 -3.77
N PHE J 172 7.94 62.20 -5.08
CA PHE J 172 8.16 61.10 -6.00
C PHE J 172 9.60 61.11 -6.47
N LEU J 173 10.12 59.91 -6.73
CA LEU J 173 11.49 59.75 -7.16
C LEU J 173 11.60 58.61 -8.15
N SER J 174 12.36 58.83 -9.20
CA SER J 174 12.62 57.81 -10.19
C SER J 174 13.82 57.01 -9.72
N ALA J 175 14.20 56.00 -10.50
CA ALA J 175 15.37 55.20 -10.14
C ALA J 175 16.63 56.03 -10.01
N PRO J 176 17.00 56.90 -10.96
CA PRO J 176 18.24 57.69 -10.78
C PRO J 176 18.19 58.63 -9.60
N GLU J 177 17.07 59.35 -9.43
CA GLU J 177 16.94 60.29 -8.32
C GLU J 177 17.07 59.57 -6.99
N ALA J 178 16.51 58.37 -6.90
CA ALA J 178 16.58 57.60 -5.66
C ALA J 178 18.03 57.25 -5.33
N VAL J 179 18.83 56.97 -6.36
CA VAL J 179 20.23 56.62 -6.13
C VAL J 179 20.97 57.78 -5.50
N GLU J 180 20.77 58.99 -6.03
CA GLU J 180 21.44 60.17 -5.49
C GLU J 180 20.94 60.50 -4.10
N TYR J 181 19.70 60.15 -3.80
CA TYR J 181 19.11 60.41 -2.48
C TYR J 181 19.57 59.40 -1.43
N GLY J 182 20.19 58.30 -1.84
CA GLY J 182 20.66 57.29 -0.93
C GLY J 182 19.67 56.19 -0.61
N LEU J 183 18.48 56.23 -1.19
CA LEU J 183 17.49 55.18 -0.94
C LEU J 183 17.96 53.85 -1.47
N VAL J 184 18.49 53.85 -2.69
CA VAL J 184 18.96 52.66 -3.38
C VAL J 184 20.39 52.88 -3.84
N ASP J 185 21.12 51.77 -3.97
CA ASP J 185 22.52 51.81 -4.35
C ASP J 185 22.75 51.80 -5.86
N SER J 186 22.12 50.88 -6.60
CA SER J 186 22.34 50.78 -8.03
C SER J 186 21.06 50.37 -8.75
N ILE J 187 21.10 50.51 -10.07
CA ILE J 187 20.01 50.16 -10.96
C ILE J 187 20.37 48.90 -11.73
N LEU J 188 19.35 48.13 -12.09
CA LEU J 188 19.49 46.89 -12.86
C LEU J 188 18.79 47.08 -14.20
N THR J 189 19.55 47.49 -15.21
CA THR J 189 18.98 47.71 -16.54
C THR J 189 18.88 46.40 -17.31
N HIS J 190 20.01 45.73 -17.48
CA HIS J 190 20.10 44.47 -18.20
C HIS J 190 20.91 43.49 -17.38
N ARG J 191 20.96 42.24 -17.85
CA ARG J 191 21.67 41.17 -17.18
C ARG J 191 23.07 41.04 -17.76
N ASN J 192 24.06 41.00 -16.88
CA ASN J 192 25.46 40.87 -17.28
C ASN J 192 25.96 39.45 -16.99
N LEU K 1 -12.98 27.10 -13.45
CA LEU K 1 -12.42 25.75 -13.44
C LEU K 1 -11.45 25.57 -14.60
N VAL K 2 -10.22 25.17 -14.27
CA VAL K 2 -9.16 24.97 -15.25
C VAL K 2 -9.00 23.47 -15.48
N PRO K 3 -9.10 22.98 -16.72
CA PRO K 3 -8.89 21.55 -16.94
C PRO K 3 -7.46 21.12 -16.64
N MET K 4 -7.33 19.90 -16.14
CA MET K 4 -6.05 19.30 -15.82
C MET K 4 -5.67 18.34 -16.94
N VAL K 5 -4.39 18.35 -17.31
CA VAL K 5 -3.90 17.51 -18.40
C VAL K 5 -2.80 16.61 -17.87
N ILE K 6 -2.56 15.52 -18.61
CA ILE K 6 -1.56 14.52 -18.27
C ILE K 6 -0.41 14.61 -19.25
N GLU K 7 0.81 14.52 -18.72
CA GLU K 7 2.04 14.52 -19.49
C GLU K 7 2.75 13.21 -19.24
N GLN K 8 3.18 12.53 -20.31
CA GLN K 8 3.85 11.24 -20.18
C GLN K 8 5.35 11.48 -20.08
N THR K 9 5.87 11.44 -18.87
CA THR K 9 7.28 11.62 -18.57
C THR K 9 7.96 10.27 -18.47
N SER K 10 9.30 10.30 -18.38
CA SER K 10 10.07 9.07 -18.26
C SER K 10 9.68 8.32 -17.01
N ARG K 11 9.56 9.02 -15.88
CA ARG K 11 9.20 8.35 -14.63
C ARG K 11 7.80 7.76 -14.70
N GLY K 12 6.87 8.51 -15.27
CA GLY K 12 5.50 8.06 -15.40
C GLY K 12 4.60 9.21 -15.77
N GLU K 13 3.31 8.96 -15.69
CA GLU K 13 2.33 10.00 -15.99
C GLU K 13 2.33 11.03 -14.87
N ARG K 14 2.14 12.29 -15.23
CA ARG K 14 2.10 13.40 -14.28
C ARG K 14 0.95 14.32 -14.65
N SER K 15 0.23 14.78 -13.63
CA SER K 15 -0.90 15.68 -13.82
C SER K 15 -0.44 17.12 -13.71
N PHE K 16 -0.92 17.94 -14.64
CA PHE K 16 -0.59 19.35 -14.68
C PHE K 16 -1.81 20.14 -15.08
N ASP K 17 -1.79 21.41 -14.75
CA ASP K 17 -2.85 22.33 -15.12
C ASP K 17 -2.59 22.82 -16.53
N ILE K 18 -3.64 23.32 -17.18
CA ILE K 18 -3.51 23.78 -18.56
C ILE K 18 -2.57 24.98 -18.64
N TYR K 19 -2.66 25.91 -17.68
CA TYR K 19 -1.79 27.07 -17.70
C TYR K 19 -0.36 26.70 -17.33
N SER K 20 -0.19 25.70 -16.47
CA SER K 20 1.13 25.25 -16.08
C SER K 20 1.77 24.41 -17.18
N ARG K 21 0.95 23.59 -17.86
CA ARG K 21 1.47 22.77 -18.95
C ARG K 21 2.04 23.65 -20.05
N LEU K 22 1.36 24.75 -20.36
CA LEU K 22 1.84 25.65 -21.40
C LEU K 22 3.09 26.37 -20.93
N LEU K 23 3.15 26.73 -19.65
CA LEU K 23 4.35 27.35 -19.09
C LEU K 23 5.55 26.45 -19.31
N LYS K 24 5.36 25.14 -19.17
CA LYS K 24 6.42 24.18 -19.42
C LYS K 24 6.97 24.30 -20.84
N GLU K 25 6.18 24.87 -21.76
CA GLU K 25 6.57 25.12 -23.13
C GLU K 25 6.97 26.58 -23.34
N ARG K 26 7.26 27.31 -22.26
CA ARG K 26 7.69 28.71 -22.33
C ARG K 26 6.61 29.57 -22.97
N VAL K 27 5.42 29.51 -22.38
CA VAL K 27 4.26 30.26 -22.86
C VAL K 27 3.59 30.88 -21.64
N ILE K 28 3.42 32.19 -21.68
CA ILE K 28 2.80 32.96 -20.60
C ILE K 28 1.62 33.72 -21.18
N PHE K 29 0.60 33.92 -20.36
CA PHE K 29 -0.61 34.63 -20.74
C PHE K 29 -0.80 35.85 -19.85
N LEU K 30 -1.06 36.99 -20.49
CA LEU K 30 -1.29 38.26 -19.82
C LEU K 30 -2.71 38.65 -20.22
N THR K 31 -3.69 38.20 -19.43
CA THR K 31 -5.09 38.45 -19.68
C THR K 31 -5.68 39.27 -18.54
N GLY K 32 -6.69 40.07 -18.86
CA GLY K 32 -7.34 40.90 -17.88
C GLY K 32 -6.55 42.15 -17.59
N GLN K 33 -7.12 43.00 -16.74
CA GLN K 33 -6.47 44.25 -16.39
C GLN K 33 -5.13 43.99 -15.74
N VAL K 34 -4.17 44.87 -16.03
CA VAL K 34 -2.82 44.75 -15.49
C VAL K 34 -2.83 45.33 -14.08
N GLU K 35 -2.59 44.48 -13.09
CA GLU K 35 -2.53 44.89 -11.69
C GLU K 35 -1.20 44.43 -11.14
N ASP K 36 -1.00 44.65 -9.84
CA ASP K 36 0.25 44.28 -9.20
C ASP K 36 0.38 42.78 -8.99
N HIS K 37 -0.72 42.12 -8.61
CA HIS K 37 -0.66 40.69 -8.34
C HIS K 37 -0.39 39.88 -9.60
N MET K 38 -1.20 40.07 -10.64
CA MET K 38 -0.98 39.34 -11.89
C MET K 38 0.38 39.67 -12.48
N ALA K 39 0.79 40.93 -12.37
CA ALA K 39 2.10 41.33 -12.88
C ALA K 39 3.20 40.63 -12.11
N ASN K 40 3.04 40.52 -10.81
CA ASN K 40 4.02 39.82 -10.00
C ASN K 40 4.09 38.35 -10.41
N LEU K 41 2.94 37.78 -10.73
CA LEU K 41 2.90 36.40 -11.19
C LEU K 41 3.65 36.23 -12.50
N ILE K 42 3.43 37.16 -13.44
CA ILE K 42 4.12 37.10 -14.73
C ILE K 42 5.61 37.27 -14.53
N VAL K 43 6.00 38.12 -13.60
CA VAL K 43 7.40 38.34 -13.31
C VAL K 43 8.03 37.06 -12.81
N ALA K 44 7.34 36.37 -11.90
CA ALA K 44 7.87 35.12 -11.37
C ALA K 44 8.03 34.10 -12.48
N GLN K 45 7.06 34.00 -13.37
CA GLN K 45 7.15 33.05 -14.48
C GLN K 45 8.32 33.37 -15.40
N MET K 46 8.53 34.65 -15.73
CA MET K 46 9.63 35.02 -16.61
C MET K 46 10.97 34.63 -16.01
N LEU K 47 11.15 34.93 -14.72
CA LEU K 47 12.39 34.59 -14.05
C LEU K 47 12.59 33.09 -14.00
N PHE K 48 11.52 32.35 -13.72
CA PHE K 48 11.62 30.89 -13.68
C PHE K 48 12.02 30.33 -15.03
N LEU K 49 11.42 30.84 -16.10
CA LEU K 49 11.75 30.37 -17.44
C LEU K 49 13.17 30.73 -17.81
N GLU K 50 13.62 31.93 -17.45
CA GLU K 50 14.99 32.34 -17.75
C GLU K 50 15.99 31.40 -17.09
N ALA K 51 15.74 31.03 -15.84
CA ALA K 51 16.63 30.13 -15.15
C ALA K 51 16.58 28.74 -15.77
N GLU K 52 15.38 28.30 -16.17
CA GLU K 52 15.23 27.00 -16.80
C GLU K 52 16.09 26.91 -18.06
N ASN K 53 15.80 27.77 -19.03
CA ASN K 53 16.55 27.88 -20.27
C ASN K 53 16.69 29.36 -20.59
N PRO K 54 17.88 29.95 -20.50
CA PRO K 54 18.02 31.38 -20.83
C PRO K 54 18.25 31.68 -22.30
N GLU K 55 18.31 30.66 -23.15
CA GLU K 55 18.50 30.86 -24.58
C GLU K 55 17.19 30.87 -25.35
N LYS K 56 16.28 29.96 -25.02
CA LYS K 56 15.02 29.86 -25.73
C LYS K 56 14.12 31.07 -25.52
N ASP K 57 13.39 31.43 -26.57
CA ASP K 57 12.50 32.58 -26.53
C ASP K 57 11.22 32.26 -25.75
N ILE K 58 10.72 33.28 -25.07
CA ILE K 58 9.52 33.18 -24.25
C ILE K 58 8.37 33.83 -24.99
N TYR K 59 7.28 33.09 -25.14
CA TYR K 59 6.10 33.59 -25.81
C TYR K 59 5.14 34.16 -24.78
N LEU K 60 4.64 35.36 -25.05
CA LEU K 60 3.70 36.06 -24.17
C LEU K 60 2.51 36.50 -24.98
N TYR K 61 1.34 35.95 -24.67
CA TYR K 61 0.10 36.30 -25.34
C TYR K 61 -0.57 37.40 -24.52
N ILE K 62 -1.04 38.44 -25.20
CA ILE K 62 -1.62 39.60 -24.55
C ILE K 62 -3.03 39.84 -25.05
N ASN K 63 -3.99 39.80 -24.13
CA ASN K 63 -5.40 40.10 -24.40
C ASN K 63 -5.87 40.84 -23.16
N SER K 64 -5.82 42.18 -23.20
CA SER K 64 -6.20 42.94 -22.02
C SER K 64 -6.59 44.35 -22.40
N PRO K 65 -7.49 44.98 -21.66
CA PRO K 65 -7.84 46.38 -21.92
C PRO K 65 -6.96 47.38 -21.19
N GLY K 66 -5.84 46.93 -20.62
CA GLY K 66 -4.93 47.80 -19.92
C GLY K 66 -5.27 47.92 -18.45
N GLY K 67 -4.45 48.69 -17.74
CA GLY K 67 -4.65 48.90 -16.33
C GLY K 67 -3.59 49.78 -15.71
N VAL K 68 -3.15 49.40 -14.50
CA VAL K 68 -2.15 50.19 -13.80
C VAL K 68 -0.86 50.24 -14.62
N ILE K 69 -0.13 51.33 -14.46
CA ILE K 69 1.12 51.54 -15.19
C ILE K 69 2.29 50.90 -14.47
N THR K 70 2.43 51.18 -13.18
CA THR K 70 3.53 50.65 -12.37
C THR K 70 3.67 49.15 -12.54
N ALA K 71 2.55 48.43 -12.52
CA ALA K 71 2.57 46.99 -12.74
C ALA K 71 3.12 46.65 -14.12
N GLY K 72 2.81 47.47 -15.12
CA GLY K 72 3.30 47.22 -16.45
C GLY K 72 4.78 47.48 -16.57
N MET K 73 5.28 48.49 -15.87
CA MET K 73 6.70 48.80 -15.93
C MET K 73 7.51 47.66 -15.34
N SER K 74 7.00 47.03 -14.29
CA SER K 74 7.70 45.90 -13.69
C SER K 74 7.82 44.77 -14.70
N ILE K 75 6.74 44.49 -15.42
CA ILE K 75 6.77 43.46 -16.45
C ILE K 75 7.71 43.87 -17.57
N TYR K 76 7.62 45.14 -18.00
CA TYR K 76 8.46 45.64 -19.07
C TYR K 76 9.93 45.56 -18.72
N ASP K 77 10.28 46.01 -17.52
CA ASP K 77 11.66 46.00 -17.08
C ASP K 77 12.19 44.58 -17.00
N THR K 78 11.34 43.65 -16.55
CA THR K 78 11.74 42.26 -16.46
C THR K 78 12.04 41.69 -17.85
N MET K 79 11.26 42.08 -18.84
CA MET K 79 11.47 41.58 -20.20
C MET K 79 12.77 42.11 -20.79
N GLN K 80 13.04 43.40 -20.59
CA GLN K 80 14.25 44.02 -21.08
C GLN K 80 15.47 43.60 -20.27
N PHE K 81 15.28 42.99 -19.11
CA PHE K 81 16.37 42.55 -18.26
C PHE K 81 16.85 41.16 -18.64
N ILE K 82 15.93 40.21 -18.70
CA ILE K 82 16.30 38.84 -19.03
C ILE K 82 16.94 38.74 -20.41
N LYS K 83 17.72 37.68 -20.59
CA LYS K 83 18.42 37.37 -21.82
C LYS K 83 17.47 36.83 -22.89
N PRO K 84 16.57 35.90 -22.56
CA PRO K 84 15.63 35.40 -23.55
C PRO K 84 14.83 36.48 -24.26
N ASP K 85 14.58 36.23 -25.53
CA ASP K 85 13.79 37.15 -26.34
C ASP K 85 12.33 36.86 -26.07
N VAL K 86 11.63 37.85 -25.52
CA VAL K 86 10.23 37.70 -25.14
C VAL K 86 9.37 38.03 -26.35
N SER K 87 8.90 36.99 -27.03
CA SER K 87 8.04 37.16 -28.19
C SER K 87 6.64 37.48 -27.72
N THR K 88 6.18 38.70 -28.00
CA THR K 88 4.85 39.14 -27.61
C THR K 88 3.87 38.95 -28.74
N ILE K 89 2.69 38.45 -28.39
CA ILE K 89 1.61 38.19 -29.34
C ILE K 89 0.35 38.87 -28.82
N CYS K 90 -0.42 39.43 -29.75
CA CYS K 90 -1.65 40.15 -29.44
C CYS K 90 -2.86 39.31 -29.84
N MET K 91 -3.72 39.04 -28.87
CA MET K 91 -4.94 38.29 -29.06
C MET K 91 -6.10 39.14 -28.60
N GLY K 92 -7.06 39.39 -29.48
CA GLY K 92 -8.22 40.16 -29.09
C GLY K 92 -7.96 41.64 -29.13
N GLN K 93 -7.20 42.15 -28.17
CA GLN K 93 -6.88 43.56 -28.14
C GLN K 93 -5.66 43.80 -27.26
N ALA K 94 -5.18 45.04 -27.32
CA ALA K 94 -4.04 45.48 -26.53
C ALA K 94 -4.18 46.99 -26.35
N ALA K 95 -4.55 47.41 -25.15
CA ALA K 95 -4.73 48.81 -24.83
C ALA K 95 -3.36 49.41 -24.55
N SER K 96 -3.34 50.63 -24.01
CA SER K 96 -2.11 51.38 -23.72
C SER K 96 -1.02 50.53 -23.08
N MET K 97 -1.30 49.94 -21.92
CA MET K 97 -0.28 49.12 -21.29
C MET K 97 -0.02 47.85 -22.08
N GLY K 98 -1.09 47.22 -22.59
CA GLY K 98 -0.93 46.04 -23.41
C GLY K 98 -0.09 46.31 -24.64
N ALA K 99 -0.35 47.45 -25.29
CA ALA K 99 0.38 47.82 -26.49
C ALA K 99 1.83 48.15 -26.17
N PHE K 100 2.06 48.85 -25.05
CA PHE K 100 3.42 49.17 -24.65
C PHE K 100 4.21 47.90 -24.42
N LEU K 101 3.57 46.88 -23.84
CA LEU K 101 4.23 45.62 -23.62
C LEU K 101 4.36 44.84 -24.92
N LEU K 102 3.40 44.99 -25.83
CA LEU K 102 3.47 44.31 -27.12
C LEU K 102 4.65 44.81 -27.93
N THR K 103 4.76 46.14 -28.08
CA THR K 103 5.88 46.71 -28.81
C THR K 103 7.20 46.54 -28.07
N ALA K 104 7.15 46.32 -26.76
CA ALA K 104 8.37 46.15 -25.97
C ALA K 104 9.04 44.79 -26.18
N GLY K 105 8.41 43.88 -26.90
CA GLY K 105 9.01 42.58 -27.12
C GLY K 105 10.30 42.65 -27.91
N ALA K 106 10.94 41.49 -28.09
CA ALA K 106 12.19 41.44 -28.83
C ALA K 106 11.95 41.84 -30.28
N LYS K 107 12.92 42.58 -30.83
CA LYS K 107 12.81 43.02 -32.21
C LYS K 107 12.74 41.83 -33.14
N GLY K 108 11.76 41.85 -34.04
CA GLY K 108 11.57 40.77 -34.98
C GLY K 108 10.79 39.59 -34.43
N LYS K 109 10.37 39.63 -33.17
CA LYS K 109 9.61 38.55 -32.54
C LYS K 109 8.30 39.05 -31.95
N ARG K 110 7.76 40.13 -32.49
CA ARG K 110 6.49 40.70 -32.06
C ARG K 110 5.49 40.38 -33.15
N PHE K 111 4.40 39.73 -32.78
CA PHE K 111 3.37 39.32 -33.73
C PHE K 111 2.00 39.77 -33.28
N CYS K 112 1.09 39.79 -34.24
CA CYS K 112 -0.29 40.17 -34.02
C CYS K 112 -1.17 39.30 -34.91
N LEU K 113 -2.35 39.03 -34.44
CA LEU K 113 -3.26 38.20 -35.19
C LEU K 113 -4.01 39.03 -36.23
N PRO K 114 -4.45 38.41 -37.34
CA PRO K 114 -5.12 39.18 -38.40
C PRO K 114 -6.28 40.07 -37.96
N ASN K 115 -7.07 39.67 -36.97
CA ASN K 115 -8.22 40.45 -36.54
C ASN K 115 -8.02 41.10 -35.17
N SER K 116 -6.78 41.26 -34.73
CA SER K 116 -6.53 41.93 -33.47
C SER K 116 -6.62 43.44 -33.67
N ARG K 117 -6.79 44.17 -32.56
CA ARG K 117 -6.91 45.62 -32.60
C ARG K 117 -6.15 46.22 -31.43
N VAL K 118 -5.15 47.03 -31.74
CA VAL K 118 -4.34 47.70 -30.74
C VAL K 118 -4.90 49.09 -30.51
N MET K 119 -4.75 49.57 -29.28
CA MET K 119 -5.21 50.89 -28.88
C MET K 119 -4.14 51.56 -28.05
N ILE K 120 -3.86 52.83 -28.36
CA ILE K 120 -2.85 53.61 -27.65
C ILE K 120 -3.44 54.95 -27.26
N HIS K 121 -3.13 55.39 -26.05
CA HIS K 121 -3.60 56.67 -25.54
C HIS K 121 -2.69 57.10 -24.41
N GLN K 122 -2.81 58.37 -24.03
CA GLN K 122 -1.96 58.89 -22.97
C GLN K 122 -2.41 58.34 -21.62
N PRO K 123 -1.52 58.32 -20.63
CA PRO K 123 -1.90 57.82 -19.31
C PRO K 123 -3.10 58.55 -18.71
N LEU K 124 -3.75 57.87 -17.77
CA LEU K 124 -4.91 58.38 -17.06
C LEU K 124 -4.59 58.45 -15.58
N GLY K 125 -5.18 59.44 -14.91
CA GLY K 125 -4.95 59.58 -13.49
C GLY K 125 -5.84 60.64 -12.88
N GLY K 126 -5.45 61.07 -11.70
CA GLY K 126 -6.19 62.08 -10.97
C GLY K 126 -5.81 62.10 -9.52
N TYR K 127 -6.13 63.22 -8.87
CA TYR K 127 -5.83 63.38 -7.45
C TYR K 127 -6.77 64.43 -6.88
N GLN K 128 -7.01 64.35 -5.58
CA GLN K 128 -7.87 65.27 -4.86
C GLN K 128 -7.18 65.70 -3.58
N GLY K 129 -7.04 67.00 -3.40
CA GLY K 129 -6.41 67.54 -2.21
C GLY K 129 -6.01 68.98 -2.44
N GLN K 130 -4.99 69.40 -1.69
CA GLN K 130 -4.50 70.76 -1.81
C GLN K 130 -3.86 70.99 -3.18
N ALA K 131 -3.68 72.26 -3.51
CA ALA K 131 -3.08 72.60 -4.80
C ALA K 131 -1.63 72.13 -4.90
N THR K 132 -0.90 72.17 -3.78
CA THR K 132 0.49 71.75 -3.79
C THR K 132 0.61 70.28 -4.18
N ASP K 133 -0.15 69.42 -3.50
CA ASP K 133 -0.11 67.99 -3.81
C ASP K 133 -0.59 67.72 -5.23
N ILE K 134 -1.58 68.48 -5.70
CA ILE K 134 -2.08 68.31 -7.06
C ILE K 134 -0.97 68.57 -8.06
N GLU K 135 -0.20 69.65 -7.84
CA GLU K 135 0.89 69.96 -8.75
C GLU K 135 1.94 68.86 -8.76
N ILE K 136 2.23 68.29 -7.59
CA ILE K 136 3.21 67.21 -7.50
C ILE K 136 2.76 66.02 -8.33
N HIS K 137 1.53 65.55 -8.07
CA HIS K 137 1.01 64.40 -8.80
C HIS K 137 0.90 64.68 -10.29
N ALA K 138 0.61 65.93 -10.65
CA ALA K 138 0.50 66.29 -12.06
C ALA K 138 1.85 66.13 -12.75
N ARG K 139 2.91 66.65 -12.13
CA ARG K 139 4.24 66.54 -12.71
C ARG K 139 4.66 65.09 -12.87
N GLU K 140 4.30 64.25 -11.89
CA GLU K 140 4.68 62.84 -11.95
C GLU K 140 4.04 62.14 -13.14
N ILE K 141 2.72 62.32 -13.32
CA ILE K 141 2.06 61.67 -14.44
C ILE K 141 2.59 62.23 -15.75
N LEU K 142 2.97 63.49 -15.77
CA LEU K 142 3.54 64.07 -16.98
C LEU K 142 4.89 63.42 -17.28
N LYS K 143 5.71 63.22 -16.25
CA LYS K 143 7.00 62.56 -16.44
C LYS K 143 6.79 61.13 -16.93
N VAL K 144 5.76 60.47 -16.40
CA VAL K 144 5.43 59.12 -16.83
C VAL K 144 5.04 59.13 -18.30
N LYS K 145 4.22 60.10 -18.70
CA LYS K 145 3.80 60.20 -20.08
C LYS K 145 5.01 60.41 -20.98
N GLY K 146 5.94 61.27 -20.57
CA GLY K 146 7.14 61.48 -21.37
C GLY K 146 7.97 60.22 -21.47
N ARG K 147 8.16 59.52 -20.35
CA ARG K 147 8.93 58.29 -20.36
C ARG K 147 8.26 57.23 -21.21
N MET K 148 6.94 57.10 -21.10
CA MET K 148 6.22 56.10 -21.89
C MET K 148 6.32 56.42 -23.37
N ASN K 149 6.18 57.68 -23.75
CA ASN K 149 6.27 58.06 -25.15
C ASN K 149 7.66 57.82 -25.70
N GLU K 150 8.70 58.10 -24.91
CA GLU K 150 10.06 57.87 -25.36
C GLU K 150 10.31 56.40 -25.66
N LEU K 151 9.86 55.52 -24.78
CA LEU K 151 10.05 54.10 -24.99
C LEU K 151 9.26 53.60 -26.20
N MET K 152 8.04 54.08 -26.37
CA MET K 152 7.24 53.67 -27.52
C MET K 152 7.94 54.07 -28.81
N ALA K 153 8.52 55.26 -28.84
CA ALA K 153 9.24 55.71 -30.02
C ALA K 153 10.49 54.87 -30.26
N LEU K 154 11.15 54.44 -29.18
CA LEU K 154 12.37 53.65 -29.32
C LEU K 154 12.10 52.29 -29.94
N HIS K 155 11.02 51.63 -29.51
CA HIS K 155 10.69 50.32 -30.04
C HIS K 155 10.07 50.40 -31.42
N THR K 156 9.13 51.31 -31.62
CA THR K 156 8.48 51.44 -32.92
C THR K 156 9.40 52.07 -33.95
N GLY K 157 10.35 52.89 -33.50
CA GLY K 157 11.24 53.57 -34.41
C GLY K 157 10.68 54.86 -34.97
N GLN K 158 9.52 55.29 -34.47
CA GLN K 158 8.89 56.51 -34.92
C GLN K 158 9.49 57.70 -34.19
N SER K 159 9.09 58.90 -34.61
CA SER K 159 9.57 60.12 -34.00
C SER K 159 8.73 60.46 -32.79
N LEU K 160 9.40 60.95 -31.74
CA LEU K 160 8.73 61.34 -30.50
C LEU K 160 7.57 62.30 -30.78
N GLU K 161 7.73 63.20 -31.76
CA GLU K 161 6.67 64.14 -32.07
C GLU K 161 5.43 63.42 -32.60
N GLN K 162 5.64 62.43 -33.47
CA GLN K 162 4.53 61.67 -34.02
C GLN K 162 3.79 60.91 -32.92
N ILE K 163 4.54 60.32 -31.99
CA ILE K 163 3.93 59.57 -30.89
C ILE K 163 3.09 60.49 -30.03
N GLU K 164 3.60 61.68 -29.72
CA GLU K 164 2.88 62.62 -28.87
C GLU K 164 1.57 63.05 -29.51
N ARG K 165 1.58 63.26 -30.83
CA ARG K 165 0.36 63.67 -31.52
C ARG K 165 -0.67 62.56 -31.53
N ASP K 166 -0.21 61.32 -31.67
CA ASP K 166 -1.12 60.18 -31.73
C ASP K 166 -1.59 59.72 -30.36
N THR K 167 -0.88 60.05 -29.29
CA THR K 167 -1.27 59.65 -27.94
C THR K 167 -2.14 60.66 -27.23
N GLU K 168 -2.34 61.85 -27.81
CA GLU K 168 -3.19 62.85 -27.17
C GLU K 168 -4.64 62.38 -27.03
N ARG K 169 -5.06 61.43 -27.87
CA ARG K 169 -6.41 60.90 -27.82
C ARG K 169 -6.38 59.45 -28.22
N ASP K 170 -7.46 58.73 -27.86
CA ASP K 170 -7.58 57.31 -28.14
C ASP K 170 -7.39 57.05 -29.64
N ARG K 171 -6.39 56.25 -29.98
CA ARG K 171 -6.10 55.87 -31.35
C ARG K 171 -6.15 54.36 -31.47
N PHE K 172 -6.97 53.87 -32.39
CA PHE K 172 -7.15 52.44 -32.64
C PHE K 172 -6.35 52.04 -33.87
N LEU K 173 -5.83 50.81 -33.84
CA LEU K 173 -5.04 50.29 -34.92
C LEU K 173 -5.29 48.80 -35.09
N SER K 174 -5.40 48.38 -36.33
CA SER K 174 -5.59 46.97 -36.68
C SER K 174 -4.22 46.35 -36.90
N ALA K 175 -4.20 45.05 -37.17
CA ALA K 175 -2.93 44.37 -37.41
C ALA K 175 -2.12 45.01 -38.53
N PRO K 176 -2.67 45.31 -39.71
CA PRO K 176 -1.85 45.96 -40.75
C PRO K 176 -1.37 47.35 -40.34
N GLU K 177 -2.24 48.14 -39.69
CA GLU K 177 -1.86 49.47 -39.26
C GLU K 177 -0.70 49.41 -38.28
N ALA K 178 -0.69 48.40 -37.41
CA ALA K 178 0.37 48.25 -36.44
C ALA K 178 1.71 47.94 -37.11
N VAL K 179 1.68 47.12 -38.15
CA VAL K 179 2.91 46.75 -38.85
C VAL K 179 3.58 47.97 -39.47
N GLU K 180 2.79 48.85 -40.10
CA GLU K 180 3.35 50.04 -40.71
C GLU K 180 3.73 51.10 -39.69
N TYR K 181 3.14 51.06 -38.49
CA TYR K 181 3.43 52.00 -37.43
C TYR K 181 4.64 51.59 -36.60
N GLY K 182 5.08 50.35 -36.71
CA GLY K 182 6.22 49.84 -35.96
C GLY K 182 5.86 49.19 -34.65
N LEU K 183 4.58 49.10 -34.30
CA LEU K 183 4.18 48.45 -33.06
C LEU K 183 4.52 46.96 -33.11
N VAL K 184 4.29 46.33 -34.26
CA VAL K 184 4.51 44.91 -34.47
C VAL K 184 5.37 44.72 -35.71
N ASP K 185 6.06 43.59 -35.74
CA ASP K 185 6.96 43.28 -36.85
C ASP K 185 6.25 42.54 -37.99
N SER K 186 5.48 41.51 -37.67
CA SER K 186 4.79 40.72 -38.68
C SER K 186 3.47 40.22 -38.12
N ILE K 187 2.64 39.67 -39.00
CA ILE K 187 1.35 39.11 -38.65
C ILE K 187 1.46 37.59 -38.73
N LEU K 188 0.66 36.91 -37.90
CA LEU K 188 0.62 35.45 -37.83
C LEU K 188 -0.74 35.00 -38.34
N THR K 189 -0.83 34.77 -39.65
CA THR K 189 -2.09 34.33 -40.24
C THR K 189 -2.26 32.82 -40.15
N HIS K 190 -1.15 32.08 -40.14
CA HIS K 190 -1.20 30.62 -40.03
C HIS K 190 0.13 30.15 -39.46
N ARG K 191 0.18 28.87 -39.11
CA ARG K 191 1.36 28.26 -38.53
C ARG K 191 2.23 27.50 -39.52
N ASN K 192 1.65 26.97 -40.61
CA ASN K 192 2.41 26.15 -41.55
C ASN K 192 2.74 26.87 -42.86
N GLU K 193 2.71 28.20 -42.87
CA GLU K 193 3.11 28.97 -44.04
C GLU K 193 4.03 30.13 -43.69
N ASN K 194 4.32 30.36 -42.41
CA ASN K 194 5.21 31.41 -41.95
C ASN K 194 6.43 30.84 -41.26
N LEU K 195 6.22 29.89 -40.35
CA LEU K 195 7.29 29.21 -39.62
C LEU K 195 8.28 30.18 -38.99
N TYR K 196 7.77 31.30 -38.48
CA TYR K 196 8.65 32.26 -37.81
C TYR K 196 9.30 31.65 -36.58
N PHE K 197 8.65 30.69 -35.95
CA PHE K 197 9.17 30.04 -34.75
C PHE K 197 10.28 29.06 -35.11
N LEU L 1 -20.93 21.24 -8.97
CA LEU L 1 -19.92 20.21 -8.77
C LEU L 1 -19.60 19.50 -10.07
N VAL L 2 -18.36 19.05 -10.22
CA VAL L 2 -17.88 18.36 -11.41
C VAL L 2 -17.66 16.89 -11.04
N PRO L 3 -18.41 15.94 -11.61
CA PRO L 3 -18.17 14.54 -11.28
C PRO L 3 -16.87 14.03 -11.89
N MET L 4 -16.17 13.22 -11.12
CA MET L 4 -14.94 12.60 -11.57
C MET L 4 -15.27 11.35 -12.37
N VAL L 5 -14.35 10.94 -13.23
CA VAL L 5 -14.53 9.78 -14.09
C VAL L 5 -13.22 9.03 -14.17
N ILE L 6 -13.29 7.71 -14.01
CA ILE L 6 -12.13 6.84 -14.08
C ILE L 6 -11.92 6.40 -15.51
N GLU L 7 -10.68 6.52 -15.98
CA GLU L 7 -10.29 6.11 -17.32
C GLU L 7 -9.39 4.90 -17.15
N GLN L 8 -9.73 3.81 -17.85
CA GLN L 8 -8.98 2.57 -17.74
C GLN L 8 -7.86 2.58 -18.77
N THR L 9 -6.65 2.83 -18.29
CA THR L 9 -5.45 2.84 -19.11
C THR L 9 -4.89 1.43 -19.12
N SER L 10 -3.68 1.26 -19.64
CA SER L 10 -3.05 -0.06 -19.70
C SER L 10 -2.99 -0.69 -18.32
N ARG L 11 -2.27 -0.07 -17.39
CA ARG L 11 -2.13 -0.55 -16.03
C ARG L 11 -2.72 0.39 -14.99
N GLY L 12 -2.36 1.67 -15.03
CA GLY L 12 -2.81 2.60 -14.02
C GLY L 12 -4.13 3.30 -14.22
N GLU L 13 -5.14 2.90 -13.45
CA GLU L 13 -6.43 3.56 -13.48
C GLU L 13 -6.22 5.03 -13.11
N ARG L 14 -6.71 5.92 -13.95
CA ARG L 14 -6.54 7.35 -13.76
C ARG L 14 -7.87 8.03 -13.51
N SER L 15 -7.91 8.90 -12.50
CA SER L 15 -9.10 9.66 -12.18
C SER L 15 -9.04 10.98 -12.94
N PHE L 16 -10.12 11.30 -13.62
CA PHE L 16 -10.22 12.51 -14.43
C PHE L 16 -11.49 13.26 -14.12
N ASP L 17 -11.44 14.56 -14.34
CA ASP L 17 -12.65 15.35 -14.22
C ASP L 17 -13.45 15.14 -15.49
N ILE L 18 -14.75 15.41 -15.42
CA ILE L 18 -15.59 15.20 -16.58
C ILE L 18 -15.17 16.09 -17.75
N TYR L 19 -14.63 17.27 -17.47
CA TYR L 19 -14.21 18.17 -18.53
C TYR L 19 -12.81 17.85 -19.02
N SER L 20 -11.95 17.34 -18.14
CA SER L 20 -10.60 16.97 -18.55
C SER L 20 -10.60 15.69 -19.37
N ARG L 21 -11.49 14.75 -19.04
CA ARG L 21 -11.58 13.52 -19.79
C ARG L 21 -11.89 13.80 -21.25
N LEU L 22 -12.80 14.73 -21.48
CA LEU L 22 -13.18 15.09 -22.84
C LEU L 22 -12.06 15.83 -23.53
N LEU L 23 -11.33 16.67 -22.80
CA LEU L 23 -10.19 17.37 -23.38
C LEU L 23 -9.18 16.38 -23.93
N LYS L 24 -8.97 15.27 -23.21
CA LYS L 24 -8.06 14.24 -23.68
C LYS L 24 -8.52 13.64 -25.00
N GLU L 25 -9.80 13.80 -25.34
CA GLU L 25 -10.37 13.35 -26.59
C GLU L 25 -10.58 14.49 -27.57
N ARG L 26 -9.89 15.62 -27.37
CA ARG L 26 -9.96 16.77 -28.25
C ARG L 26 -11.37 17.34 -28.35
N VAL L 27 -11.94 17.67 -27.19
CA VAL L 27 -13.28 18.23 -27.10
C VAL L 27 -13.22 19.41 -26.14
N ILE L 28 -13.61 20.58 -26.63
CA ILE L 28 -13.61 21.81 -25.87
C ILE L 28 -15.04 22.30 -25.77
N PHE L 29 -15.35 22.97 -24.67
CA PHE L 29 -16.66 23.52 -24.39
C PHE L 29 -16.58 25.03 -24.28
N LEU L 30 -17.53 25.70 -24.91
CA LEU L 30 -17.64 27.16 -24.90
C LEU L 30 -19.05 27.45 -24.38
N THR L 31 -19.17 27.56 -23.06
CA THR L 31 -20.43 27.80 -22.40
C THR L 31 -20.43 29.16 -21.71
N GLY L 32 -21.62 29.76 -21.63
CA GLY L 32 -21.77 31.04 -20.98
C GLY L 32 -21.29 32.19 -21.84
N GLN L 33 -21.39 33.39 -21.27
CA GLN L 33 -20.97 34.58 -21.97
C GLN L 33 -19.49 34.50 -22.33
N VAL L 34 -19.13 35.12 -23.45
CA VAL L 34 -17.76 35.11 -23.92
C VAL L 34 -17.05 36.29 -23.28
N GLU L 35 -16.09 36.00 -22.42
CA GLU L 35 -15.26 36.98 -21.73
C GLU L 35 -13.80 36.70 -22.06
N ASP L 36 -12.90 37.45 -21.43
CA ASP L 36 -11.48 37.30 -21.71
C ASP L 36 -10.88 36.08 -21.01
N HIS L 37 -11.29 35.81 -19.77
CA HIS L 37 -10.73 34.70 -19.03
C HIS L 37 -11.13 33.36 -19.64
N MET L 38 -12.43 33.15 -19.86
CA MET L 38 -12.87 31.90 -20.47
C MET L 38 -12.26 31.74 -21.86
N ALA L 39 -12.15 32.85 -22.61
CA ALA L 39 -11.57 32.79 -23.93
C ALA L 39 -10.10 32.39 -23.87
N ASN L 40 -9.38 32.92 -22.88
CA ASN L 40 -7.99 32.55 -22.70
C ASN L 40 -7.88 31.06 -22.41
N LEU L 41 -8.82 30.52 -21.64
CA LEU L 41 -8.81 29.11 -21.31
C LEU L 41 -9.01 28.27 -22.57
N ILE L 42 -9.97 28.66 -23.41
CA ILE L 42 -10.23 27.92 -24.64
C ILE L 42 -9.01 27.97 -25.54
N VAL L 43 -8.35 29.11 -25.60
CA VAL L 43 -7.15 29.25 -26.42
C VAL L 43 -6.06 28.31 -25.92
N ALA L 44 -5.88 28.24 -24.61
CA ALA L 44 -4.87 27.36 -24.04
C ALA L 44 -5.16 25.91 -24.39
N GLN L 45 -6.44 25.51 -24.31
CA GLN L 45 -6.81 24.16 -24.67
C GLN L 45 -6.49 23.87 -26.13
N MET L 46 -6.77 24.81 -27.02
CA MET L 46 -6.48 24.63 -28.44
C MET L 46 -4.98 24.45 -28.66
N LEU L 47 -4.17 25.32 -28.05
CA LEU L 47 -2.73 25.24 -28.22
C LEU L 47 -2.19 23.94 -27.66
N PHE L 48 -2.69 23.50 -26.51
CA PHE L 48 -2.23 22.25 -25.93
C PHE L 48 -2.55 21.07 -26.83
N LEU L 49 -3.77 21.03 -27.36
CA LEU L 49 -4.17 19.94 -28.24
C LEU L 49 -3.34 19.94 -29.52
N GLU L 50 -3.01 21.13 -30.02
CA GLU L 50 -2.21 21.23 -31.23
C GLU L 50 -0.81 20.65 -31.00
N ALA L 51 -0.21 20.94 -29.86
CA ALA L 51 1.13 20.46 -29.57
C ALA L 51 1.15 18.94 -29.47
N GLU L 52 0.15 18.35 -28.82
CA GLU L 52 0.10 16.91 -28.66
C GLU L 52 0.06 16.20 -30.01
N ASN L 53 -0.97 16.49 -30.80
CA ASN L 53 -1.13 15.91 -32.13
C ASN L 53 -1.75 16.97 -33.04
N PRO L 54 -0.95 17.63 -33.88
CA PRO L 54 -1.52 18.68 -34.74
C PRO L 54 -2.31 18.18 -35.95
N GLU L 55 -2.32 16.88 -36.24
CA GLU L 55 -3.06 16.37 -37.39
C GLU L 55 -4.44 15.82 -37.04
N LYS L 56 -4.81 15.80 -35.76
CA LYS L 56 -6.11 15.30 -35.32
C LYS L 56 -7.08 16.46 -35.18
N ASP L 57 -8.32 16.24 -35.60
CA ASP L 57 -9.32 17.29 -35.56
C ASP L 57 -9.78 17.59 -34.13
N ILE L 58 -10.11 18.86 -33.91
CA ILE L 58 -10.57 19.36 -32.62
C ILE L 58 -12.06 19.65 -32.75
N TYR L 59 -12.77 19.53 -31.62
CA TYR L 59 -14.20 19.76 -31.54
C TYR L 59 -14.46 20.82 -30.47
N LEU L 60 -15.34 21.76 -30.81
CA LEU L 60 -15.70 22.88 -29.94
C LEU L 60 -17.21 22.95 -29.85
N TYR L 61 -17.75 22.75 -28.66
CA TYR L 61 -19.19 22.79 -28.44
C TYR L 61 -19.55 24.19 -28.01
N ILE L 62 -20.64 24.71 -28.56
CA ILE L 62 -21.05 26.10 -28.34
C ILE L 62 -22.47 26.18 -27.81
N ASN L 63 -22.61 26.72 -26.60
CA ASN L 63 -23.91 27.01 -25.98
C ASN L 63 -23.64 28.32 -25.25
N SER L 64 -23.93 29.45 -25.89
CA SER L 64 -23.63 30.72 -25.26
C SER L 64 -24.49 31.83 -25.82
N PRO L 65 -24.90 32.81 -25.02
CA PRO L 65 -25.66 33.94 -25.55
C PRO L 65 -24.79 35.08 -26.05
N GLY L 66 -23.49 34.87 -26.22
CA GLY L 66 -22.59 35.89 -26.73
C GLY L 66 -21.94 36.72 -25.65
N GLY L 67 -21.11 37.64 -26.11
CA GLY L 67 -20.42 38.53 -25.20
C GLY L 67 -19.49 39.51 -25.91
N VAL L 68 -18.35 39.81 -25.29
CA VAL L 68 -17.41 40.74 -25.88
C VAL L 68 -16.92 40.20 -27.21
N ILE L 69 -16.52 41.12 -28.10
CA ILE L 69 -16.09 40.78 -29.45
C ILE L 69 -14.61 40.44 -29.50
N THR L 70 -13.77 41.23 -28.81
CA THR L 70 -12.33 41.00 -28.83
C THR L 70 -11.98 39.57 -28.42
N ALA L 71 -12.65 39.07 -27.38
CA ALA L 71 -12.43 37.70 -26.93
C ALA L 71 -12.81 36.71 -28.01
N GLY L 72 -13.96 36.93 -28.65
CA GLY L 72 -14.40 36.03 -29.70
C GLY L 72 -13.45 36.03 -30.88
N MET L 73 -12.91 37.20 -31.23
CA MET L 73 -11.98 37.27 -32.35
C MET L 73 -10.68 36.54 -32.02
N SER L 74 -10.26 36.58 -30.76
CA SER L 74 -9.05 35.86 -30.36
C SER L 74 -9.24 34.37 -30.56
N ILE L 75 -10.41 33.86 -30.18
CA ILE L 75 -10.71 32.45 -30.38
C ILE L 75 -10.76 32.15 -31.87
N TYR L 76 -11.38 33.04 -32.65
CA TYR L 76 -11.51 32.85 -34.09
C TYR L 76 -10.15 32.83 -34.76
N ASP L 77 -9.29 33.80 -34.42
CA ASP L 77 -7.97 33.87 -35.03
C ASP L 77 -7.15 32.63 -34.67
N THR L 78 -7.30 32.14 -33.45
CA THR L 78 -6.57 30.95 -33.04
C THR L 78 -7.01 29.72 -33.83
N MET L 79 -8.31 29.60 -34.08
CA MET L 79 -8.82 28.45 -34.83
C MET L 79 -8.29 28.48 -36.25
N GLN L 80 -8.24 29.65 -36.86
CA GLN L 80 -7.72 29.80 -38.22
C GLN L 80 -6.21 29.75 -38.27
N PHE L 81 -5.53 29.88 -37.12
CA PHE L 81 -4.08 29.84 -37.05
C PHE L 81 -3.54 28.43 -36.89
N ILE L 82 -4.15 27.63 -36.03
CA ILE L 82 -3.65 26.28 -35.80
C ILE L 82 -3.94 25.40 -37.01
N LYS L 83 -3.23 24.29 -37.06
CA LYS L 83 -3.35 23.31 -38.14
C LYS L 83 -4.61 22.46 -37.99
N PRO L 84 -4.91 21.92 -36.81
CA PRO L 84 -6.12 21.11 -36.65
C PRO L 84 -7.39 21.84 -37.06
N ASP L 85 -8.27 21.10 -37.73
CA ASP L 85 -9.55 21.64 -38.15
C ASP L 85 -10.47 21.67 -36.94
N VAL L 86 -10.99 22.85 -36.63
CA VAL L 86 -11.83 23.05 -35.46
C VAL L 86 -13.28 22.84 -35.88
N SER L 87 -13.82 21.67 -35.52
CA SER L 87 -15.21 21.34 -35.81
C SER L 87 -16.10 21.94 -34.74
N THR L 88 -16.94 22.90 -35.12
CA THR L 88 -17.83 23.57 -34.19
C THR L 88 -19.20 22.92 -34.21
N ILE L 89 -19.76 22.72 -33.01
CA ILE L 89 -21.08 22.15 -32.84
C ILE L 89 -21.89 23.11 -31.97
N CYS L 90 -23.14 23.31 -32.34
CA CYS L 90 -24.05 24.20 -31.63
C CYS L 90 -25.04 23.39 -30.82
N MET L 91 -25.05 23.62 -29.51
CA MET L 91 -25.93 22.93 -28.59
C MET L 91 -26.71 23.99 -27.83
N GLY L 92 -28.03 23.94 -27.90
CA GLY L 92 -28.84 24.91 -27.21
C GLY L 92 -29.00 26.19 -27.99
N GLN L 93 -27.95 27.00 -28.07
CA GLN L 93 -28.04 28.24 -28.82
C GLN L 93 -26.65 28.76 -29.17
N ALA L 94 -26.64 29.75 -30.05
CA ALA L 94 -25.41 30.39 -30.49
C ALA L 94 -25.78 31.80 -30.93
N ALA L 95 -25.43 32.79 -30.11
CA ALA L 95 -25.71 34.19 -30.40
C ALA L 95 -24.67 34.72 -31.37
N SER L 96 -24.64 36.04 -31.55
CA SER L 96 -23.73 36.72 -32.48
C SER L 96 -22.31 36.20 -32.43
N MET L 97 -21.66 36.28 -31.27
CA MET L 97 -20.29 35.78 -31.17
C MET L 97 -20.25 34.27 -31.30
N GLY L 98 -21.21 33.57 -30.67
CA GLY L 98 -21.27 32.13 -30.80
C GLY L 98 -21.45 31.69 -32.24
N ALA L 99 -22.31 32.40 -32.97
CA ALA L 99 -22.57 32.08 -34.37
C ALA L 99 -21.35 32.37 -35.24
N PHE L 100 -20.69 33.50 -34.98
CA PHE L 100 -19.49 33.82 -35.74
C PHE L 100 -18.44 32.74 -35.56
N LEU L 101 -18.33 32.22 -34.35
CA LEU L 101 -17.39 31.13 -34.08
C LEU L 101 -17.90 29.84 -34.68
N LEU L 102 -19.22 29.64 -34.67
CA LEU L 102 -19.80 28.43 -35.23
C LEU L 102 -19.51 28.33 -36.72
N THR L 103 -19.85 29.38 -37.47
CA THR L 103 -19.60 29.39 -38.90
C THR L 103 -18.12 29.43 -39.24
N ALA L 104 -17.27 29.82 -38.29
CA ALA L 104 -15.84 29.91 -38.52
C ALA L 104 -15.15 28.56 -38.52
N GLY L 105 -15.84 27.49 -38.13
CA GLY L 105 -15.23 26.18 -38.14
C GLY L 105 -14.77 25.75 -39.51
N ALA L 106 -14.07 24.62 -39.53
CA ALA L 106 -13.57 24.08 -40.78
C ALA L 106 -14.72 23.73 -41.70
N LYS L 107 -14.53 23.98 -43.00
CA LYS L 107 -15.55 23.68 -43.98
C LYS L 107 -15.89 22.21 -43.96
N GLY L 108 -17.18 21.90 -43.86
CA GLY L 108 -17.65 20.55 -43.80
C GLY L 108 -17.61 19.92 -42.42
N LYS L 109 -17.15 20.64 -41.40
CA LYS L 109 -17.06 20.15 -40.04
C LYS L 109 -17.83 21.04 -39.06
N ARG L 110 -18.83 21.75 -39.55
CA ARG L 110 -19.67 22.62 -38.73
C ARG L 110 -21.02 21.96 -38.63
N PHE L 111 -21.41 21.58 -37.41
CA PHE L 111 -22.66 20.90 -37.17
C PHE L 111 -23.53 21.66 -36.18
N CYS L 112 -24.80 21.29 -36.16
CA CYS L 112 -25.76 21.88 -35.24
C CYS L 112 -26.85 20.87 -34.97
N LEU L 113 -27.32 20.83 -33.73
CA LEU L 113 -28.36 19.91 -33.36
C LEU L 113 -29.70 20.38 -33.94
N PRO L 114 -30.66 19.47 -34.12
CA PRO L 114 -31.94 19.86 -34.72
C PRO L 114 -32.69 20.97 -34.01
N ASN L 115 -32.77 20.93 -32.68
CA ASN L 115 -33.51 21.93 -31.92
C ASN L 115 -32.66 23.10 -31.48
N SER L 116 -31.49 23.29 -32.09
CA SER L 116 -30.65 24.42 -31.74
C SER L 116 -31.21 25.69 -32.37
N ARG L 117 -30.75 26.83 -31.86
CA ARG L 117 -31.22 28.13 -32.33
C ARG L 117 -30.04 29.09 -32.44
N VAL L 118 -29.83 29.62 -33.63
CA VAL L 118 -28.76 30.57 -33.90
C VAL L 118 -29.35 31.97 -33.97
N MET L 119 -28.55 32.96 -33.56
CA MET L 119 -28.95 34.36 -33.58
C MET L 119 -27.78 35.19 -34.03
N ILE L 120 -28.03 36.12 -34.96
CA ILE L 120 -27.00 37.01 -35.48
C ILE L 120 -27.54 38.43 -35.43
N HIS L 121 -26.67 39.37 -35.05
CA HIS L 121 -27.05 40.77 -34.95
C HIS L 121 -25.78 41.60 -35.04
N GLN L 122 -25.97 42.90 -35.23
CA GLN L 122 -24.85 43.80 -35.34
C GLN L 122 -24.17 43.98 -33.98
N PRO L 123 -22.90 44.41 -33.97
CA PRO L 123 -22.24 44.65 -32.69
C PRO L 123 -22.95 45.71 -31.86
N LEU L 124 -22.64 45.69 -30.56
CA LEU L 124 -23.19 46.62 -29.59
C LEU L 124 -22.05 47.36 -28.91
N GLY L 125 -22.32 48.59 -28.51
CA GLY L 125 -21.30 49.38 -27.85
C GLY L 125 -21.88 50.65 -27.28
N GLY L 126 -20.97 51.57 -26.99
CA GLY L 126 -21.35 52.84 -26.41
C GLY L 126 -20.16 53.54 -25.81
N TYR L 127 -20.30 54.85 -25.65
CA TYR L 127 -19.24 55.66 -25.09
C TYR L 127 -19.85 56.91 -24.47
N GLN L 128 -19.16 57.46 -23.50
CA GLN L 128 -19.56 58.69 -22.82
C GLN L 128 -18.33 59.57 -22.70
N GLY L 129 -18.36 60.75 -23.28
CA GLY L 129 -17.23 61.65 -23.22
C GLY L 129 -17.36 62.74 -24.26
N GLN L 130 -16.20 63.29 -24.64
CA GLN L 130 -16.17 64.34 -25.63
C GLN L 130 -16.59 63.82 -27.00
N ALA L 131 -16.90 64.76 -27.89
CA ALA L 131 -17.30 64.41 -29.25
C ALA L 131 -16.17 63.77 -30.04
N THR L 132 -14.93 64.20 -29.80
CA THR L 132 -13.80 63.65 -30.56
C THR L 132 -13.65 62.16 -30.29
N ASP L 133 -13.60 61.77 -29.02
CA ASP L 133 -13.46 60.36 -28.69
C ASP L 133 -14.66 59.56 -29.18
N ILE L 134 -15.85 60.17 -29.15
CA ILE L 134 -17.06 59.49 -29.62
C ILE L 134 -16.93 59.17 -31.10
N GLU L 135 -16.48 60.15 -31.89
CA GLU L 135 -16.32 59.94 -33.31
C GLU L 135 -15.29 58.85 -33.59
N ILE L 136 -14.21 58.82 -32.82
CA ILE L 136 -13.18 57.80 -32.98
C ILE L 136 -13.75 56.42 -32.69
N HIS L 137 -14.38 56.27 -31.53
CA HIS L 137 -14.94 54.99 -31.14
C HIS L 137 -16.02 54.52 -32.09
N ALA L 138 -16.77 55.45 -32.68
CA ALA L 138 -17.82 55.08 -33.62
C ALA L 138 -17.21 54.42 -34.85
N ARG L 139 -16.13 55.00 -35.37
CA ARG L 139 -15.46 54.42 -36.53
C ARG L 139 -14.94 53.02 -36.22
N GLU L 140 -14.41 52.81 -35.01
CA GLU L 140 -13.87 51.51 -34.64
C GLU L 140 -14.96 50.44 -34.63
N ILE L 141 -16.08 50.70 -33.98
CA ILE L 141 -17.15 49.72 -33.96
C ILE L 141 -17.70 49.50 -35.35
N LEU L 142 -17.71 50.56 -36.17
CA LEU L 142 -18.17 50.42 -37.54
C LEU L 142 -17.19 49.57 -38.34
N LYS L 143 -15.90 49.78 -38.16
CA LYS L 143 -14.91 48.97 -38.84
C LYS L 143 -15.03 47.52 -38.43
N VAL L 144 -15.28 47.28 -37.14
CA VAL L 144 -15.47 45.93 -36.64
C VAL L 144 -16.69 45.29 -37.28
N LYS L 145 -17.79 46.05 -37.36
CA LYS L 145 -19.01 45.53 -37.95
C LYS L 145 -18.78 45.14 -39.40
N GLY L 146 -18.08 46.00 -40.15
CA GLY L 146 -17.77 45.67 -41.53
C GLY L 146 -16.88 44.44 -41.63
N ARG L 147 -15.87 44.37 -40.77
CA ARG L 147 -14.96 43.22 -40.79
C ARG L 147 -15.68 41.94 -40.43
N MET L 148 -16.54 41.99 -39.41
CA MET L 148 -17.29 40.81 -39.00
C MET L 148 -18.20 40.33 -40.13
N ASN L 149 -18.85 41.25 -40.82
CA ASN L 149 -19.74 40.88 -41.92
C ASN L 149 -18.96 40.22 -43.05
N GLU L 150 -17.76 40.72 -43.34
CA GLU L 150 -16.93 40.12 -44.38
C GLU L 150 -16.62 38.67 -44.04
N LEU L 151 -16.21 38.43 -42.80
CA LEU L 151 -15.88 37.07 -42.37
C LEU L 151 -17.12 36.18 -42.37
N MET L 152 -18.27 36.72 -41.96
CA MET L 152 -19.49 35.93 -41.98
C MET L 152 -19.85 35.54 -43.39
N ALA L 153 -19.68 36.47 -44.33
CA ALA L 153 -19.97 36.21 -45.73
C ALA L 153 -18.96 35.23 -46.32
N LEU L 154 -17.70 35.30 -45.87
CA LEU L 154 -16.67 34.42 -46.41
C LEU L 154 -16.91 32.97 -46.02
N HIS L 155 -17.35 32.72 -44.79
CA HIS L 155 -17.58 31.35 -44.35
C HIS L 155 -18.90 30.82 -44.87
N THR L 156 -19.95 31.65 -44.86
CA THR L 156 -21.25 31.22 -45.35
C THR L 156 -21.31 31.22 -46.87
N GLY L 157 -20.48 32.03 -47.53
CA GLY L 157 -20.50 32.12 -48.96
C GLY L 157 -21.57 33.04 -49.52
N GLN L 158 -22.24 33.79 -48.66
CA GLN L 158 -23.30 34.70 -49.06
C GLN L 158 -22.70 36.05 -49.47
N SER L 159 -23.57 36.91 -49.99
CA SER L 159 -23.15 38.23 -50.42
C SER L 159 -23.09 39.18 -49.22
N LEU L 160 -21.98 39.93 -49.12
CA LEU L 160 -21.78 40.88 -48.05
C LEU L 160 -22.98 41.81 -47.88
N GLU L 161 -23.61 42.20 -48.98
CA GLU L 161 -24.78 43.06 -48.91
C GLU L 161 -25.92 42.36 -48.18
N GLN L 162 -26.17 41.10 -48.51
CA GLN L 162 -27.23 40.35 -47.85
C GLN L 162 -26.97 40.20 -46.35
N ILE L 163 -25.71 39.94 -45.99
CA ILE L 163 -25.37 39.79 -44.58
C ILE L 163 -25.61 41.09 -43.83
N GLU L 164 -25.23 42.21 -44.43
CA GLU L 164 -25.44 43.50 -43.78
C GLU L 164 -26.93 43.78 -43.56
N ARG L 165 -27.76 43.44 -44.54
CA ARG L 165 -29.19 43.69 -44.42
C ARG L 165 -29.81 42.82 -43.33
N ASP L 166 -29.31 41.60 -43.16
CA ASP L 166 -29.85 40.69 -42.16
C ASP L 166 -29.31 40.96 -40.76
N THR L 167 -28.19 41.66 -40.63
CA THR L 167 -27.60 41.95 -39.34
C THR L 167 -27.99 43.30 -38.75
N GLU L 168 -28.74 44.13 -39.49
CA GLU L 168 -29.17 45.42 -38.93
C GLU L 168 -30.02 45.24 -37.68
N ARG L 169 -30.68 44.08 -37.54
CA ARG L 169 -31.51 43.80 -36.38
C ARG L 169 -31.38 42.33 -36.07
N ASP L 170 -31.80 41.98 -34.85
CA ASP L 170 -31.75 40.60 -34.38
C ASP L 170 -32.45 39.66 -35.36
N ARG L 171 -31.71 38.64 -35.80
CA ARG L 171 -32.22 37.65 -36.74
C ARG L 171 -32.03 36.27 -36.12
N PHE L 172 -33.12 35.53 -35.99
CA PHE L 172 -33.11 34.20 -35.43
C PHE L 172 -33.17 33.17 -36.55
N LEU L 173 -32.49 32.05 -36.33
CA LEU L 173 -32.44 30.98 -37.32
C LEU L 173 -32.43 29.64 -36.61
N SER L 174 -33.22 28.72 -37.14
CA SER L 174 -33.29 27.36 -36.64
C SER L 174 -32.18 26.56 -37.31
N ALA L 175 -32.04 25.30 -36.91
CA ALA L 175 -31.03 24.46 -37.54
C ALA L 175 -31.22 24.32 -39.04
N PRO L 176 -32.42 24.00 -39.56
CA PRO L 176 -32.57 23.93 -41.02
C PRO L 176 -32.26 25.25 -41.72
N GLU L 177 -32.72 26.36 -41.15
CA GLU L 177 -32.46 27.67 -41.74
C GLU L 177 -30.97 27.94 -41.85
N ALA L 178 -30.22 27.60 -40.81
CA ALA L 178 -28.79 27.81 -40.83
C ALA L 178 -28.12 26.99 -41.92
N VAL L 179 -28.63 25.78 -42.17
CA VAL L 179 -28.04 24.92 -43.20
C VAL L 179 -28.15 25.57 -44.58
N GLU L 180 -29.30 26.19 -44.86
CA GLU L 180 -29.48 26.86 -46.15
C GLU L 180 -28.84 28.24 -46.21
N TYR L 181 -28.41 28.77 -45.06
CA TYR L 181 -27.73 30.05 -44.98
C TYR L 181 -26.21 29.92 -45.11
N GLY L 182 -25.69 28.70 -45.03
CA GLY L 182 -24.26 28.46 -45.08
C GLY L 182 -23.57 28.54 -43.74
N LEU L 183 -24.31 28.73 -42.65
CA LEU L 183 -23.72 28.81 -41.33
C LEU L 183 -23.19 27.45 -40.89
N VAL L 184 -23.99 26.41 -41.10
CA VAL L 184 -23.68 25.05 -40.65
C VAL L 184 -23.78 24.09 -41.81
N ASP L 185 -22.81 23.18 -41.88
CA ASP L 185 -22.76 22.21 -42.98
C ASP L 185 -23.87 21.17 -42.90
N SER L 186 -24.07 20.56 -41.74
CA SER L 186 -25.07 19.51 -41.61
C SER L 186 -25.63 19.44 -40.19
N ILE L 187 -26.76 18.78 -40.06
CA ILE L 187 -27.46 18.59 -38.80
C ILE L 187 -27.26 17.14 -38.33
N LEU L 188 -27.02 16.98 -37.04
CA LEU L 188 -26.87 15.65 -36.42
C LEU L 188 -28.19 15.33 -35.72
N THR L 189 -29.10 14.72 -36.45
CA THR L 189 -30.40 14.38 -35.88
C THR L 189 -30.31 13.19 -34.94
N HIS L 190 -29.64 12.13 -35.37
CA HIS L 190 -29.49 10.91 -34.58
C HIS L 190 -28.11 10.33 -34.87
N ARG L 191 -27.80 9.23 -34.22
CA ARG L 191 -26.53 8.55 -34.40
C ARG L 191 -26.74 7.33 -35.28
N GLU M 268 21.55 -49.37 2.30
CA GLU M 268 20.06 -49.30 2.27
C GLU M 268 19.58 -48.00 2.90
N ASN M 269 20.02 -46.88 2.33
CA ASN M 269 19.66 -45.57 2.85
C ASN M 269 18.22 -45.22 2.47
N TYR M 270 17.63 -44.32 3.25
CA TYR M 270 16.26 -43.90 3.04
C TYR M 270 16.18 -42.89 1.89
N ALA M 271 14.95 -42.65 1.46
CA ALA M 271 14.71 -41.70 0.39
C ALA M 271 14.83 -40.26 0.88
N LEU M 272 14.99 -39.36 -0.07
CA LEU M 272 15.15 -37.94 0.23
C LEU M 272 13.85 -37.34 0.77
N ALA M 273 14.01 -36.39 1.69
CA ALA M 273 12.90 -35.69 2.32
C ALA M 273 13.12 -34.19 2.23
N ALA M 274 12.08 -33.46 1.86
CA ALA M 274 12.16 -32.01 1.73
C ALA M 274 11.92 -31.31 3.06
N LEU N 28 -19.96 -53.24 -22.67
CA LEU N 28 -21.03 -54.19 -22.40
C LEU N 28 -22.15 -53.64 -21.50
N PRO N 29 -21.83 -53.03 -20.35
CA PRO N 29 -22.89 -52.51 -19.51
C PRO N 29 -23.61 -51.34 -20.18
N THR N 30 -24.87 -51.26 -19.94
CA THR N 30 -25.71 -50.23 -20.50
C THR N 30 -25.78 -49.03 -19.55
N PRO N 31 -25.87 -47.79 -20.05
CA PRO N 31 -25.92 -46.65 -19.12
C PRO N 31 -27.11 -46.69 -18.19
N HIS N 32 -28.26 -47.16 -18.65
CA HIS N 32 -29.42 -47.27 -17.78
C HIS N 32 -29.10 -48.20 -16.62
N GLU N 33 -28.43 -49.31 -16.90
CA GLU N 33 -28.05 -50.25 -15.85
C GLU N 33 -27.10 -49.60 -14.87
N ILE N 34 -26.12 -48.85 -15.38
CA ILE N 34 -25.16 -48.17 -14.52
C ILE N 34 -25.87 -47.17 -13.61
N ARG N 35 -26.76 -46.36 -14.19
CA ARG N 35 -27.48 -45.38 -13.39
C ARG N 35 -28.40 -46.06 -12.40
N ASN N 36 -29.00 -47.17 -12.79
CA ASN N 36 -29.87 -47.89 -11.87
C ASN N 36 -29.09 -48.44 -10.69
N HIS N 37 -27.93 -49.04 -10.95
CA HIS N 37 -27.11 -49.56 -9.87
C HIS N 37 -26.59 -48.42 -8.99
N LEU N 38 -26.25 -47.28 -9.60
CA LEU N 38 -25.78 -46.15 -8.83
C LEU N 38 -26.88 -45.56 -7.98
N ASP N 39 -28.10 -45.48 -8.54
CA ASP N 39 -29.22 -44.91 -7.79
C ASP N 39 -29.52 -45.74 -6.55
N ASP N 40 -29.33 -47.06 -6.64
CA ASP N 40 -29.56 -47.93 -5.50
C ASP N 40 -28.73 -47.55 -4.29
N TYR N 41 -27.51 -47.03 -4.53
CA TYR N 41 -26.61 -46.64 -3.46
C TYR N 41 -26.35 -45.14 -3.36
N VAL N 42 -26.61 -44.37 -4.42
CA VAL N 42 -26.38 -42.93 -4.44
C VAL N 42 -27.73 -42.24 -4.62
N ILE N 43 -27.86 -41.07 -4.01
CA ILE N 43 -29.10 -40.30 -4.03
C ILE N 43 -28.81 -38.83 -4.30
N GLY N 44 -29.51 -38.25 -5.26
CA GLY N 44 -29.42 -36.83 -5.54
C GLY N 44 -28.36 -36.35 -6.50
N GLN N 45 -27.87 -37.20 -7.38
CA GLN N 45 -26.84 -36.83 -8.35
C GLN N 45 -27.23 -37.34 -9.73
N GLU N 46 -28.48 -37.09 -10.11
CA GLU N 46 -29.03 -37.57 -11.37
C GLU N 46 -28.16 -37.20 -12.56
N GLN N 47 -27.80 -35.92 -12.68
CA GLN N 47 -27.00 -35.50 -13.82
C GLN N 47 -25.61 -36.13 -13.80
N ALA N 48 -24.96 -36.13 -12.64
CA ALA N 48 -23.63 -36.72 -12.55
C ALA N 48 -23.64 -38.20 -12.89
N LYS N 49 -24.67 -38.92 -12.45
CA LYS N 49 -24.77 -40.34 -12.77
C LYS N 49 -24.90 -40.55 -14.26
N LYS N 50 -25.70 -39.71 -14.93
CA LYS N 50 -25.85 -39.79 -16.37
C LYS N 50 -24.52 -39.60 -17.07
N VAL N 51 -23.78 -38.56 -16.67
CA VAL N 51 -22.49 -38.26 -17.29
C VAL N 51 -21.52 -39.40 -17.09
N LEU N 52 -21.47 -39.95 -15.87
CA LEU N 52 -20.57 -41.05 -15.61
C LEU N 52 -20.93 -42.28 -16.44
N ALA N 53 -22.22 -42.60 -16.50
CA ALA N 53 -22.66 -43.76 -17.26
C ALA N 53 -22.35 -43.60 -18.75
N VAL N 54 -22.65 -42.42 -19.29
CA VAL N 54 -22.38 -42.17 -20.70
C VAL N 54 -20.89 -42.24 -20.99
N ALA N 55 -20.09 -41.61 -20.14
CA ALA N 55 -18.64 -41.59 -20.34
C ALA N 55 -18.05 -43.00 -20.22
N VAL N 56 -18.49 -43.76 -19.25
CA VAL N 56 -17.97 -45.11 -19.06
C VAL N 56 -18.34 -45.99 -20.25
N TYR N 57 -19.61 -45.95 -20.65
CA TYR N 57 -20.05 -46.76 -21.79
C TYR N 57 -19.30 -46.40 -23.06
N ASN N 58 -19.19 -45.11 -23.35
CA ASN N 58 -18.52 -44.67 -24.57
C ASN N 58 -17.06 -45.06 -24.56
N HIS N 59 -16.41 -44.98 -23.40
CA HIS N 59 -15.01 -45.34 -23.31
C HIS N 59 -14.81 -46.82 -23.64
N TYR N 60 -15.67 -47.68 -23.11
CA TYR N 60 -15.55 -49.11 -23.38
C TYR N 60 -15.88 -49.43 -24.83
N LYS N 61 -16.85 -48.73 -25.41
CA LYS N 61 -17.16 -48.96 -26.82
C LYS N 61 -15.98 -48.55 -27.70
N ARG N 62 -15.23 -47.55 -27.26
CA ARG N 62 -14.06 -47.09 -27.99
C ARG N 62 -12.98 -48.15 -27.99
N LEU N 63 -12.81 -48.86 -26.86
CA LEU N 63 -11.79 -49.90 -26.78
C LEU N 63 -12.10 -51.08 -27.68
N ARG N 64 -13.38 -51.45 -27.79
CA ARG N 64 -13.74 -52.58 -28.63
C ARG N 64 -13.43 -52.29 -30.09
N ASN N 65 -13.87 -51.13 -30.58
CA ASN N 65 -13.63 -50.71 -31.95
C ASN N 65 -12.41 -49.78 -31.94
N GLY N 66 -11.23 -50.40 -31.85
CA GLY N 66 -10.00 -49.62 -31.83
C GLY N 66 -9.81 -48.83 -33.10
N ASP N 67 -9.96 -49.49 -34.24
CA ASP N 67 -9.82 -48.78 -35.52
C ASP N 67 -11.02 -47.87 -35.76
N THR N 68 -12.20 -48.29 -35.35
CA THR N 68 -13.45 -47.54 -35.49
C THR N 68 -13.80 -47.28 -36.96
N SER N 69 -13.23 -48.06 -37.87
CA SER N 69 -13.44 -47.97 -39.32
C SER N 69 -13.50 -46.51 -39.81
N ASN N 70 -12.53 -45.71 -39.38
CA ASN N 70 -12.50 -44.32 -39.79
C ASN N 70 -11.16 -43.71 -39.41
N GLY N 71 -10.78 -42.67 -40.15
CA GLY N 71 -9.55 -41.96 -39.87
C GLY N 71 -9.65 -41.08 -38.64
N VAL N 72 -10.86 -40.62 -38.32
CA VAL N 72 -11.06 -39.74 -37.17
C VAL N 72 -10.86 -40.54 -35.89
N GLU N 73 -10.20 -39.91 -34.92
CA GLU N 73 -9.93 -40.51 -33.62
C GLU N 73 -10.76 -39.80 -32.56
N LEU N 74 -11.51 -40.58 -31.79
CA LEU N 74 -12.36 -40.02 -30.76
C LEU N 74 -11.55 -39.54 -29.57
N GLY N 75 -11.92 -38.39 -29.03
CA GLY N 75 -11.22 -37.87 -27.86
C GLY N 75 -11.47 -38.74 -26.65
N LYS N 76 -10.41 -38.92 -25.86
CA LYS N 76 -10.50 -39.74 -24.65
C LYS N 76 -11.40 -39.05 -23.63
N SER N 77 -12.32 -39.82 -23.05
CA SER N 77 -13.27 -39.31 -22.08
C SER N 77 -12.84 -39.71 -20.68
N ASN N 78 -12.19 -38.79 -19.98
CA ASN N 78 -11.76 -38.99 -18.60
C ASN N 78 -12.60 -38.06 -17.74
N ILE N 79 -13.27 -38.62 -16.76
CA ILE N 79 -14.17 -37.86 -15.91
C ILE N 79 -13.40 -37.05 -14.88
N LEU N 80 -13.98 -35.90 -14.55
CA LEU N 80 -13.47 -34.98 -13.53
C LEU N 80 -14.65 -34.68 -12.62
N LEU N 81 -14.60 -35.16 -11.39
CA LEU N 81 -15.68 -34.96 -10.44
C LEU N 81 -15.41 -33.74 -9.58
N ILE N 82 -16.37 -32.84 -9.54
CA ILE N 82 -16.28 -31.61 -8.77
C ILE N 82 -17.56 -31.51 -7.98
N GLY N 83 -17.43 -31.49 -6.66
CA GLY N 83 -18.59 -31.38 -5.82
C GLY N 83 -18.24 -31.02 -4.39
N PRO N 84 -19.19 -30.49 -3.65
CA PRO N 84 -18.90 -30.14 -2.25
C PRO N 84 -18.69 -31.35 -1.38
N THR N 85 -18.41 -31.10 -0.11
CA THR N 85 -18.19 -32.18 0.83
C THR N 85 -19.50 -32.92 1.09
N GLY N 86 -19.40 -34.25 1.17
CA GLY N 86 -20.55 -35.08 1.42
C GLY N 86 -21.62 -34.98 0.36
N SER N 87 -21.24 -35.27 -0.89
CA SER N 87 -22.15 -35.22 -2.02
C SER N 87 -22.15 -36.47 -2.88
N GLY N 88 -21.30 -37.45 -2.59
CA GLY N 88 -21.25 -38.69 -3.34
C GLY N 88 -20.06 -38.89 -4.26
N LYS N 89 -19.01 -38.08 -4.15
CA LYS N 89 -17.85 -38.26 -5.01
C LYS N 89 -17.16 -39.59 -4.73
N THR N 90 -16.70 -39.78 -3.49
CA THR N 90 -16.03 -40.99 -3.09
C THR N 90 -16.97 -42.18 -3.01
N LEU N 91 -18.28 -41.96 -3.11
CA LEU N 91 -19.27 -43.02 -3.07
C LEU N 91 -19.61 -43.51 -4.46
N LEU N 92 -19.70 -42.59 -5.43
CA LEU N 92 -19.99 -42.98 -6.80
C LEU N 92 -18.91 -43.90 -7.33
N ALA N 93 -17.66 -43.58 -7.03
CA ALA N 93 -16.54 -44.41 -7.48
C ALA N 93 -16.63 -45.82 -6.92
N GLU N 94 -16.88 -45.95 -5.62
CA GLU N 94 -16.97 -47.26 -4.99
C GLU N 94 -18.13 -48.06 -5.57
N THR N 95 -19.29 -47.42 -5.72
CA THR N 95 -20.46 -48.11 -6.27
C THR N 95 -20.19 -48.59 -7.68
N LEU N 96 -19.50 -47.78 -8.47
CA LEU N 96 -19.15 -48.17 -9.83
C LEU N 96 -18.30 -49.42 -9.83
N ALA N 97 -17.29 -49.47 -8.95
CA ALA N 97 -16.42 -50.63 -8.86
C ALA N 97 -17.20 -51.91 -8.53
N ARG N 98 -18.14 -51.81 -7.59
CA ARG N 98 -18.95 -52.97 -7.21
C ARG N 98 -19.69 -53.53 -8.41
N LEU N 99 -20.24 -52.66 -9.25
CA LEU N 99 -21.00 -53.11 -10.41
C LEU N 99 -20.08 -53.72 -11.45
N LEU N 100 -19.14 -52.93 -11.95
CA LEU N 100 -18.24 -53.38 -12.98
C LEU N 100 -17.38 -54.54 -12.48
N ASP N 101 -16.82 -55.27 -13.44
CA ASP N 101 -15.96 -56.42 -13.18
C ASP N 101 -14.49 -56.10 -13.41
N VAL N 102 -14.20 -55.10 -14.24
CA VAL N 102 -12.85 -54.67 -14.54
C VAL N 102 -12.15 -54.25 -13.25
N PRO N 103 -10.82 -54.14 -13.24
CA PRO N 103 -10.15 -53.69 -12.03
C PRO N 103 -10.46 -52.23 -11.73
N PHE N 104 -10.40 -51.89 -10.45
CA PHE N 104 -10.66 -50.53 -10.00
C PHE N 104 -9.79 -50.26 -8.79
N THR N 105 -9.03 -49.17 -8.85
CA THR N 105 -8.16 -48.76 -7.77
C THR N 105 -8.52 -47.34 -7.35
N MET N 106 -8.48 -47.09 -6.05
CA MET N 106 -8.82 -45.80 -5.47
C MET N 106 -7.57 -45.23 -4.82
N ALA N 107 -6.88 -44.34 -5.54
CA ALA N 107 -5.68 -43.72 -5.02
C ALA N 107 -6.02 -42.43 -4.30
N ASP N 108 -4.99 -41.77 -3.78
CA ASP N 108 -5.14 -40.51 -3.07
C ASP N 108 -3.96 -39.61 -3.43
N ALA N 109 -4.28 -38.40 -3.86
CA ALA N 109 -3.25 -37.46 -4.27
C ALA N 109 -2.39 -37.00 -3.11
N THR N 110 -2.92 -37.03 -1.88
CA THR N 110 -2.15 -36.55 -0.73
C THR N 110 -0.90 -37.40 -0.52
N THR N 111 -1.03 -38.71 -0.67
CA THR N 111 0.12 -39.59 -0.49
C THR N 111 1.16 -39.39 -1.57
N LEU N 112 0.75 -39.08 -2.80
CA LEU N 112 1.66 -38.94 -3.91
C LEU N 112 2.65 -37.82 -3.69
N THR N 113 3.85 -38.01 -4.24
CA THR N 113 4.94 -37.06 -4.16
C THR N 113 5.79 -37.17 -5.42
N GLU N 114 6.67 -36.18 -5.58
CA GLU N 114 7.62 -36.21 -6.68
C GLU N 114 8.51 -37.43 -6.56
N ALA N 115 8.99 -37.91 -7.70
CA ALA N 115 9.85 -39.08 -7.75
C ALA N 115 11.05 -38.94 -6.84
N GLY N 116 11.46 -40.06 -6.25
CA GLY N 116 12.59 -40.10 -5.34
C GLY N 116 12.40 -39.43 -4.01
N TYR N 117 11.20 -39.51 -3.44
CA TYR N 117 10.89 -38.95 -2.14
C TYR N 117 10.21 -40.01 -1.29
N VAL N 118 10.16 -39.75 0.02
CA VAL N 118 9.66 -40.73 0.98
C VAL N 118 8.17 -40.99 0.81
N GLY N 119 7.38 -39.94 0.54
CA GLY N 119 5.94 -40.09 0.47
C GLY N 119 5.36 -41.19 -0.38
N GLU N 120 5.52 -41.11 -1.69
CA GLU N 120 5.01 -42.14 -2.58
C GLU N 120 5.47 -41.79 -3.99
N ASP N 121 5.12 -42.67 -4.93
CA ASP N 121 5.41 -42.50 -6.34
C ASP N 121 4.10 -42.67 -7.08
N VAL N 122 4.04 -42.13 -8.29
CA VAL N 122 2.84 -42.23 -9.10
C VAL N 122 2.76 -43.58 -9.79
N GLU N 123 3.90 -44.18 -10.11
CA GLU N 123 3.92 -45.49 -10.77
C GLU N 123 3.22 -46.54 -9.93
N ASN N 124 3.25 -46.41 -8.60
CA ASN N 124 2.60 -47.37 -7.71
C ASN N 124 1.13 -47.59 -8.05
N ILE N 125 0.49 -46.61 -8.67
CA ILE N 125 -0.92 -46.73 -9.04
C ILE N 125 -1.10 -47.93 -9.97
N ILE N 126 -0.29 -48.00 -11.02
CA ILE N 126 -0.39 -49.12 -11.96
C ILE N 126 -0.07 -50.42 -11.27
N GLN N 127 0.93 -50.40 -10.38
CA GLN N 127 1.30 -51.59 -9.62
C GLN N 127 0.11 -52.12 -8.85
N LYS N 128 -0.61 -51.23 -8.15
CA LYS N 128 -1.79 -51.64 -7.41
C LYS N 128 -2.87 -52.13 -8.35
N LEU N 129 -2.98 -51.51 -9.52
CA LEU N 129 -3.98 -51.91 -10.50
C LEU N 129 -3.74 -53.34 -10.97
N LEU N 130 -2.48 -53.69 -11.21
CA LEU N 130 -2.17 -55.05 -11.65
C LEU N 130 -2.47 -56.06 -10.56
N GLN N 131 -2.14 -55.74 -9.31
CA GLN N 131 -2.43 -56.62 -8.19
C GLN N 131 -3.91 -56.93 -8.13
N LYS N 132 -4.75 -55.93 -8.41
CA LYS N 132 -6.18 -56.13 -8.43
C LYS N 132 -6.60 -57.01 -9.60
N SER N 133 -5.90 -56.88 -10.73
CA SER N 133 -6.18 -57.64 -11.93
C SER N 133 -5.38 -58.94 -12.02
N ASP N 134 -4.69 -59.33 -10.95
CA ASP N 134 -3.90 -60.57 -10.90
C ASP N 134 -2.77 -60.54 -11.93
N TYR N 135 -2.16 -59.37 -12.09
CA TYR N 135 -1.02 -59.17 -13.00
C TYR N 135 -1.38 -59.51 -14.44
N ASP N 136 -2.62 -59.24 -14.83
CA ASP N 136 -3.11 -59.47 -16.19
C ASP N 136 -3.02 -58.14 -16.91
N VAL N 137 -1.84 -57.89 -17.52
CA VAL N 137 -1.57 -56.66 -18.25
C VAL N 137 -2.69 -56.34 -19.24
N GLN N 138 -3.20 -57.35 -19.94
CA GLN N 138 -4.28 -57.12 -20.89
C GLN N 138 -5.51 -56.57 -20.17
N LYS N 139 -5.81 -57.11 -18.99
CA LYS N 139 -6.97 -56.66 -18.23
C LYS N 139 -6.72 -55.31 -17.57
N ALA N 140 -5.48 -55.04 -17.15
CA ALA N 140 -5.16 -53.77 -16.52
C ALA N 140 -5.33 -52.61 -17.47
N GLN N 141 -4.92 -52.78 -18.73
CA GLN N 141 -5.05 -51.72 -19.72
C GLN N 141 -6.52 -51.36 -19.99
N ARG N 142 -7.46 -52.20 -19.56
CA ARG N 142 -8.88 -51.99 -19.70
C ARG N 142 -9.53 -51.56 -18.39
N GLY N 143 -8.72 -51.27 -17.37
CA GLY N 143 -9.23 -50.90 -16.07
C GLY N 143 -9.53 -49.43 -15.89
N ILE N 144 -10.05 -49.14 -14.71
CA ILE N 144 -10.41 -47.80 -14.27
C ILE N 144 -9.43 -47.38 -13.19
N VAL N 145 -9.31 -46.08 -12.98
CA VAL N 145 -8.46 -45.50 -11.97
C VAL N 145 -9.16 -44.28 -11.41
N TYR N 146 -9.33 -44.24 -10.09
CA TYR N 146 -9.99 -43.12 -9.42
C TYR N 146 -8.98 -42.47 -8.51
N ILE N 147 -8.76 -41.17 -8.73
CA ILE N 147 -7.83 -40.37 -7.96
C ILE N 147 -8.66 -39.37 -7.19
N ASP N 148 -8.61 -39.47 -5.86
CA ASP N 148 -9.38 -38.61 -4.98
C ASP N 148 -8.48 -37.54 -4.40
N GLU N 149 -9.11 -36.41 -4.06
CA GLU N 149 -8.40 -35.30 -3.46
C GLU N 149 -7.38 -34.73 -4.44
N ILE N 150 -7.78 -34.64 -5.71
CA ILE N 150 -6.89 -34.14 -6.75
C ILE N 150 -6.64 -32.65 -6.55
N ASP N 151 -7.60 -31.92 -5.99
CA ASP N 151 -7.42 -30.50 -5.72
C ASP N 151 -6.25 -30.23 -4.78
N LYS N 152 -5.86 -31.20 -3.97
CA LYS N 152 -4.79 -31.01 -3.00
C LYS N 152 -3.41 -30.86 -3.61
N ILE N 153 -3.21 -31.28 -4.86
CA ILE N 153 -1.92 -31.18 -5.52
C ILE N 153 -1.83 -29.90 -6.35
N SER N 154 -2.77 -28.99 -6.14
CA SER N 154 -2.79 -27.71 -6.84
C SER N 154 -1.47 -26.99 -6.71
N ARG N 155 -1.07 -26.34 -7.80
CA ARG N 155 0.17 -25.56 -7.83
C ARG N 155 0.12 -24.46 -6.79
N LYS N 156 1.25 -24.23 -6.13
CA LYS N 156 1.39 -23.21 -5.10
C LYS N 156 2.64 -22.40 -5.34
N SER N 157 2.65 -21.20 -4.79
CA SER N 157 3.81 -20.33 -4.92
C SER N 157 4.95 -20.84 -4.05
N ASP N 158 6.16 -20.56 -4.49
CA ASP N 158 7.34 -21.02 -3.76
C ASP N 158 7.42 -20.42 -2.37
N ASN N 159 7.77 -21.26 -1.38
CA ASN N 159 7.93 -20.91 0.02
C ASN N 159 9.40 -20.80 0.35
N PRO N 160 9.88 -19.72 0.97
CA PRO N 160 11.32 -19.67 1.29
C PRO N 160 11.76 -20.75 2.26
N SER N 161 10.99 -20.95 3.33
CA SER N 161 11.38 -21.88 4.37
C SER N 161 11.36 -23.33 3.91
N ILE N 162 10.36 -23.73 3.12
CA ILE N 162 10.30 -25.11 2.66
C ILE N 162 11.50 -25.40 1.78
N THR N 163 11.98 -26.64 1.85
CA THR N 163 13.11 -27.07 1.03
C THR N 163 12.72 -27.10 -0.44
N ARG N 164 11.60 -27.77 -0.77
CA ARG N 164 11.12 -27.87 -2.14
C ARG N 164 9.67 -28.33 -2.09
N ASP N 165 8.91 -27.93 -3.10
CA ASP N 165 7.48 -28.25 -3.22
C ASP N 165 7.35 -29.47 -4.13
N VAL N 166 7.24 -30.64 -3.52
CA VAL N 166 7.14 -31.89 -4.23
C VAL N 166 5.70 -32.34 -4.44
N SER N 167 4.83 -32.12 -3.45
CA SER N 167 3.43 -32.50 -3.57
C SER N 167 2.70 -31.37 -4.29
N GLY N 168 2.83 -31.37 -5.61
CA GLY N 168 2.25 -30.33 -6.42
C GLY N 168 2.40 -30.57 -7.90
N GLU N 169 2.74 -29.49 -8.62
CA GLU N 169 2.95 -29.51 -10.06
C GLU N 169 3.70 -30.75 -10.55
N GLY N 170 4.78 -31.10 -9.86
CA GLY N 170 5.53 -32.28 -10.21
C GLY N 170 4.67 -33.52 -10.28
N VAL N 171 3.81 -33.70 -9.29
CA VAL N 171 2.90 -34.84 -9.28
C VAL N 171 1.92 -34.75 -10.45
N GLN N 172 1.44 -33.54 -10.74
CA GLN N 172 0.51 -33.35 -11.84
C GLN N 172 1.14 -33.76 -13.16
N GLN N 173 2.41 -33.43 -13.35
CA GLN N 173 3.09 -33.79 -14.58
C GLN N 173 3.23 -35.29 -14.71
N ALA N 174 3.54 -35.97 -13.61
CA ALA N 174 3.65 -37.42 -13.63
C ALA N 174 2.31 -38.05 -13.98
N LEU N 175 1.23 -37.54 -13.40
CA LEU N 175 -0.09 -38.05 -13.73
C LEU N 175 -0.45 -37.72 -15.16
N LEU N 176 0.01 -36.59 -15.66
CA LEU N 176 -0.29 -36.18 -17.02
C LEU N 176 0.38 -37.12 -18.01
N LYS N 177 1.65 -37.44 -17.78
CA LYS N 177 2.33 -38.38 -18.67
C LYS N 177 1.69 -39.76 -18.56
N LEU N 178 1.08 -40.05 -17.43
CA LEU N 178 0.38 -41.32 -17.24
C LEU N 178 -0.94 -41.33 -17.98
N ILE N 179 -1.64 -40.18 -17.99
CA ILE N 179 -2.93 -40.08 -18.65
C ILE N 179 -2.81 -39.98 -20.16
N GLU N 180 -1.81 -39.23 -20.65
CA GLU N 180 -1.65 -39.06 -22.09
C GLU N 180 -1.47 -40.38 -22.81
N GLY N 181 -0.92 -41.38 -22.12
CA GLY N 181 -0.68 -42.70 -22.66
C GLY N 181 0.79 -42.98 -22.85
N THR N 182 1.34 -43.77 -21.93
CA THR N 182 2.74 -44.15 -21.97
C THR N 182 2.90 -45.51 -21.31
N VAL N 183 3.95 -46.22 -21.71
CA VAL N 183 4.22 -47.52 -21.13
C VAL N 183 4.74 -47.33 -19.71
N ALA N 184 4.31 -48.21 -18.82
CA ALA N 184 4.71 -48.17 -17.41
C ALA N 184 5.32 -49.51 -17.03
N ALA N 185 6.47 -49.45 -16.38
CA ALA N 185 7.19 -50.66 -15.97
C ALA N 185 6.76 -51.06 -14.57
N VAL N 186 6.30 -52.30 -14.42
CA VAL N 186 5.85 -52.84 -13.14
C VAL N 186 6.73 -54.04 -12.81
N PRO N 187 7.23 -54.19 -11.57
CA PRO N 187 8.04 -55.37 -11.26
C PRO N 187 7.22 -56.64 -11.38
N PRO N 188 7.83 -57.77 -11.76
CA PRO N 188 7.05 -59.02 -11.90
C PRO N 188 6.74 -59.72 -10.57
N GLN N 189 5.77 -59.17 -9.85
CA GLN N 189 5.27 -59.68 -8.58
C GLN N 189 6.25 -59.53 -7.42
N GLY N 190 7.40 -58.88 -7.62
CA GLY N 190 8.38 -58.72 -6.57
C GLY N 190 8.76 -60.03 -5.89
N GLY N 191 9.12 -61.02 -6.69
CA GLY N 191 9.46 -62.33 -6.15
C GLY N 191 10.55 -62.29 -5.09
N ARG N 192 11.61 -61.54 -5.35
CA ARG N 192 12.72 -61.41 -4.40
C ARG N 192 13.48 -60.13 -4.72
N LYS N 193 14.62 -59.95 -4.06
CA LYS N 193 15.48 -58.78 -4.28
C LYS N 193 15.73 -58.57 -5.78
N HIS N 194 16.12 -59.62 -6.47
CA HIS N 194 16.36 -59.60 -7.90
C HIS N 194 15.13 -60.22 -8.58
N PRO N 195 14.24 -59.44 -9.18
CA PRO N 195 13.06 -60.02 -9.85
C PRO N 195 13.31 -60.45 -11.30
N GLN N 196 14.57 -60.54 -11.72
CA GLN N 196 15.02 -60.88 -13.08
C GLN N 196 14.89 -59.69 -14.02
N GLN N 197 14.53 -58.51 -13.51
CA GLN N 197 14.44 -57.29 -14.32
C GLN N 197 13.51 -57.45 -15.52
N GLU N 198 12.41 -58.18 -15.32
CA GLU N 198 11.46 -58.33 -16.42
C GLU N 198 10.84 -56.98 -16.77
N PHE N 199 10.38 -56.26 -15.74
CA PHE N 199 9.79 -54.92 -15.86
C PHE N 199 8.77 -54.85 -17.00
N LEU N 200 7.74 -55.69 -16.86
CA LEU N 200 6.66 -55.76 -17.83
C LEU N 200 6.06 -54.38 -18.06
N GLN N 201 5.79 -54.07 -19.33
CA GLN N 201 5.25 -52.78 -19.74
C GLN N 201 3.73 -52.79 -19.76
N VAL N 202 3.13 -51.75 -19.17
CA VAL N 202 1.68 -51.56 -19.12
C VAL N 202 1.36 -50.25 -19.81
N ASP N 203 0.41 -50.29 -20.75
CA ASP N 203 0.00 -49.10 -21.49
C ASP N 203 -1.16 -48.42 -20.79
N THR N 204 -1.05 -47.09 -20.64
CA THR N 204 -2.07 -46.29 -19.99
C THR N 204 -2.95 -45.51 -20.95
N SER N 205 -2.86 -45.80 -22.25
CA SER N 205 -3.68 -45.08 -23.22
C SER N 205 -5.13 -45.50 -23.15
N LYS N 206 -5.38 -46.76 -22.80
CA LYS N 206 -6.73 -47.31 -22.72
C LYS N 206 -7.33 -47.27 -21.32
N ILE N 207 -6.59 -46.79 -20.33
CA ILE N 207 -7.10 -46.73 -18.97
C ILE N 207 -7.99 -45.51 -18.80
N LEU N 208 -9.01 -45.66 -17.96
CA LEU N 208 -9.96 -44.59 -17.66
C LEU N 208 -9.58 -43.98 -16.32
N PHE N 209 -9.50 -42.66 -16.29
CA PHE N 209 -9.16 -41.92 -15.09
C PHE N 209 -10.34 -41.09 -14.63
N ILE N 210 -10.57 -41.11 -13.32
CA ILE N 210 -11.64 -40.36 -12.69
C ILE N 210 -10.98 -39.55 -11.59
N CYS N 211 -10.70 -38.30 -11.85
CA CYS N 211 -10.06 -37.42 -10.89
C CYS N 211 -11.16 -36.62 -10.19
N GLY N 212 -11.15 -36.66 -8.86
CA GLY N 212 -12.16 -35.98 -8.09
C GLY N 212 -11.56 -35.20 -6.93
N GLY N 213 -12.42 -34.43 -6.30
CA GLY N 213 -12.04 -33.61 -5.18
C GLY N 213 -12.92 -32.38 -5.09
N ALA N 214 -13.12 -31.93 -3.85
CA ALA N 214 -13.92 -30.74 -3.59
C ALA N 214 -12.98 -29.56 -3.74
N PHE N 215 -13.13 -28.85 -4.85
CA PHE N 215 -12.28 -27.71 -5.14
C PHE N 215 -12.74 -26.53 -4.29
N ALA N 216 -12.38 -26.60 -3.01
CA ALA N 216 -12.74 -25.54 -2.08
C ALA N 216 -12.08 -24.24 -2.50
N GLY N 217 -12.88 -23.19 -2.56
CA GLY N 217 -12.39 -21.89 -3.00
C GLY N 217 -12.58 -21.65 -4.48
N LEU N 218 -13.08 -22.63 -5.22
CA LEU N 218 -13.32 -22.45 -6.65
C LEU N 218 -14.53 -21.57 -6.89
N ASP N 219 -15.53 -21.65 -6.00
CA ASP N 219 -16.72 -20.81 -6.11
C ASP N 219 -16.36 -19.33 -6.12
N LYS N 220 -15.32 -18.95 -5.37
CA LYS N 220 -14.89 -17.56 -5.35
C LYS N 220 -14.34 -17.14 -6.71
N VAL N 221 -13.51 -18.00 -7.30
CA VAL N 221 -12.92 -17.71 -8.60
C VAL N 221 -14.01 -17.60 -9.65
N ILE N 222 -14.96 -18.53 -9.63
CA ILE N 222 -16.06 -18.51 -10.58
C ILE N 222 -16.94 -17.28 -10.38
N SER N 223 -17.15 -16.90 -9.12
CA SER N 223 -18.02 -15.76 -8.82
C SER N 223 -17.48 -14.49 -9.46
N HIS N 224 -16.19 -14.24 -9.30
CA HIS N 224 -15.58 -13.04 -9.87
C HIS N 224 -15.73 -13.01 -11.39
N ARG N 225 -15.48 -14.14 -12.03
CA ARG N 225 -15.57 -14.22 -13.48
C ARG N 225 -16.97 -13.92 -14.01
N VAL N 226 -18.00 -14.52 -13.40
CA VAL N 226 -19.36 -14.41 -13.93
C VAL N 226 -20.25 -13.41 -13.22
N GLU N 227 -19.77 -12.72 -12.18
CA GLU N 227 -20.58 -11.73 -11.47
C GLU N 227 -20.02 -10.35 -11.70
N THR N 228 -20.89 -9.45 -12.16
CA THR N 228 -20.55 -8.06 -12.44
C THR N 228 -21.00 -7.11 -11.34
N GLY N 229 -21.49 -7.63 -10.23
CA GLY N 229 -21.97 -6.79 -9.14
C GLY N 229 -23.40 -6.38 -9.36
N SER N 230 -23.79 -5.31 -8.67
CA SER N 230 -25.13 -4.76 -8.72
C SER N 230 -25.07 -3.26 -8.91
N GLY N 231 -26.17 -2.71 -9.40
CA GLY N 231 -26.28 -1.28 -9.64
C GLY N 231 -26.74 -0.58 -8.39
N ILE N 232 -27.02 0.72 -8.54
CA ILE N 232 -27.41 1.56 -7.41
C ILE N 232 -28.72 2.30 -7.63
N GLY N 233 -29.19 2.51 -8.85
CA GLY N 233 -30.40 3.26 -9.04
C GLY N 233 -31.67 2.51 -8.70
N PHE N 234 -32.79 3.13 -9.06
CA PHE N 234 -34.08 2.51 -8.85
C PHE N 234 -34.25 1.28 -9.72
N GLY N 235 -34.08 1.47 -11.03
CA GLY N 235 -34.20 0.38 -11.98
C GLY N 235 -33.20 -0.74 -11.78
N ALA N 236 -32.06 -0.44 -11.18
CA ALA N 236 -31.03 -1.44 -10.96
C ALA N 236 -31.53 -2.56 -10.06
N THR N 237 -31.04 -3.77 -10.36
CA THR N 237 -31.43 -4.98 -9.62
C THR N 237 -30.45 -5.20 -8.47
N VAL N 238 -30.90 -4.91 -7.27
CA VAL N 238 -30.09 -5.11 -6.08
C VAL N 238 -30.08 -6.58 -5.72
N LYS N 239 -28.91 -7.10 -5.39
CA LYS N 239 -28.72 -8.50 -5.05
C LYS N 239 -28.36 -8.63 -3.58
N ALA N 240 -29.12 -9.45 -2.86
CA ALA N 240 -28.91 -9.70 -1.45
C ALA N 240 -27.99 -10.89 -1.26
N LYS N 241 -27.70 -11.21 0.01
CA LYS N 241 -26.86 -12.36 0.33
C LYS N 241 -27.52 -13.66 -0.10
N SER N 242 -28.85 -13.74 -0.01
CA SER N 242 -29.55 -14.96 -0.40
C SER N 242 -29.37 -15.26 -1.88
N ASP N 243 -29.05 -14.25 -2.69
CA ASP N 243 -28.80 -14.40 -4.11
C ASP N 243 -27.31 -14.52 -4.43
N LYS N 244 -26.49 -14.84 -3.42
CA LYS N 244 -25.05 -14.95 -3.60
C LYS N 244 -24.65 -15.98 -4.64
N ALA N 245 -25.52 -16.94 -4.98
CA ALA N 245 -25.19 -17.95 -5.97
C ALA N 245 -23.95 -18.74 -5.58
N SER N 246 -24.06 -19.46 -4.47
CA SER N 246 -22.94 -20.21 -3.92
C SER N 246 -22.66 -21.43 -4.80
N GLU N 247 -21.70 -22.25 -4.36
CA GLU N 247 -21.19 -23.42 -5.08
C GLU N 247 -22.29 -24.27 -5.71
N GLY N 248 -23.43 -24.39 -5.04
CA GLY N 248 -24.55 -25.10 -5.62
C GLY N 248 -25.06 -24.27 -6.77
N GLU N 249 -25.03 -24.84 -7.98
CA GLU N 249 -25.43 -24.22 -9.25
C GLU N 249 -24.38 -23.25 -9.77
N LEU N 250 -23.24 -23.09 -9.10
CA LEU N 250 -22.17 -22.21 -9.55
C LEU N 250 -20.98 -22.96 -10.12
N LEU N 251 -20.91 -24.27 -9.95
CA LEU N 251 -19.80 -25.06 -10.47
C LEU N 251 -20.05 -25.56 -11.88
N ALA N 252 -21.27 -25.41 -12.40
CA ALA N 252 -21.56 -25.85 -13.75
C ALA N 252 -20.96 -24.88 -14.77
N GLN N 253 -20.94 -23.59 -14.44
CA GLN N 253 -20.39 -22.57 -15.30
C GLN N 253 -18.87 -22.59 -15.37
N VAL N 254 -18.21 -23.39 -14.54
CA VAL N 254 -16.76 -23.46 -14.50
C VAL N 254 -16.16 -23.70 -15.89
N GLU N 255 -15.03 -23.06 -16.13
CA GLU N 255 -14.28 -23.14 -17.36
C GLU N 255 -12.83 -23.50 -17.02
N PRO N 256 -12.05 -23.95 -18.00
CA PRO N 256 -10.64 -24.28 -17.71
C PRO N 256 -9.82 -23.15 -17.13
N GLU N 257 -10.17 -21.90 -17.41
CA GLU N 257 -9.41 -20.79 -16.87
C GLU N 257 -9.54 -20.71 -15.35
N ASP N 258 -10.70 -21.05 -14.81
CA ASP N 258 -10.89 -21.00 -13.37
C ASP N 258 -10.06 -22.08 -12.66
N LEU N 259 -10.00 -23.26 -13.27
CA LEU N 259 -9.22 -24.35 -12.67
C LEU N 259 -7.74 -24.01 -12.66
N ILE N 260 -7.25 -23.35 -13.72
CA ILE N 260 -5.85 -22.97 -13.77
C ILE N 260 -5.53 -22.00 -12.66
N LYS N 261 -6.42 -21.05 -12.39
CA LYS N 261 -6.19 -20.14 -11.29
C LYS N 261 -6.18 -20.88 -9.96
N PHE N 262 -6.98 -21.95 -9.86
CA PHE N 262 -7.00 -22.74 -8.64
C PHE N 262 -5.69 -23.47 -8.42
N GLY N 263 -4.90 -23.69 -9.46
CA GLY N 263 -3.61 -24.34 -9.35
C GLY N 263 -3.38 -25.52 -10.26
N LEU N 264 -4.36 -25.88 -11.08
CA LEU N 264 -4.17 -26.99 -11.99
C LEU N 264 -3.43 -26.54 -13.24
N ILE N 265 -2.94 -27.52 -13.99
CA ILE N 265 -2.17 -27.29 -15.21
C ILE N 265 -3.15 -27.17 -16.37
N PRO N 266 -2.90 -26.32 -17.36
CA PRO N 266 -3.84 -26.24 -18.49
C PRO N 266 -3.93 -27.55 -19.27
N GLU N 267 -2.78 -28.14 -19.59
CA GLU N 267 -2.77 -29.39 -20.33
C GLU N 267 -3.48 -30.50 -19.59
N PHE N 268 -3.38 -30.49 -18.25
CA PHE N 268 -4.05 -31.50 -17.44
C PHE N 268 -5.56 -31.45 -17.65
N ILE N 269 -6.12 -30.25 -17.71
CA ILE N 269 -7.57 -30.11 -17.88
C ILE N 269 -7.99 -30.63 -19.25
N GLY N 270 -7.22 -30.32 -20.29
CA GLY N 270 -7.56 -30.76 -21.62
C GLY N 270 -7.66 -32.26 -21.73
N ARG N 271 -6.89 -32.99 -20.91
CA ARG N 271 -6.95 -34.44 -20.93
C ARG N 271 -8.22 -34.96 -20.30
N LEU N 272 -8.88 -34.17 -19.45
CA LEU N 272 -10.15 -34.52 -18.82
C LEU N 272 -11.25 -33.65 -19.40
N PRO N 273 -11.85 -34.01 -20.54
CA PRO N 273 -12.93 -33.17 -21.08
C PRO N 273 -14.19 -33.25 -20.28
N VAL N 274 -14.55 -34.46 -19.85
CA VAL N 274 -15.78 -34.66 -19.10
C VAL N 274 -15.63 -34.05 -17.71
N VAL N 275 -16.63 -33.28 -17.30
CA VAL N 275 -16.65 -32.60 -16.02
C VAL N 275 -18.00 -32.89 -15.38
N ALA N 276 -18.05 -33.89 -14.51
CA ALA N 276 -19.27 -34.25 -13.82
C ALA N 276 -19.34 -33.43 -12.55
N THR N 277 -20.39 -32.62 -12.44
CA THR N 277 -20.57 -31.73 -11.29
C THR N 277 -21.66 -32.28 -10.41
N LEU N 278 -21.40 -32.28 -9.11
CA LEU N 278 -22.32 -32.77 -8.10
C LEU N 278 -22.89 -31.57 -7.35
N ASN N 279 -24.21 -31.43 -7.39
CA ASN N 279 -24.84 -30.32 -6.70
C ASN N 279 -24.98 -30.66 -5.23
N GLU N 280 -25.16 -29.62 -4.42
CA GLU N 280 -25.32 -29.82 -3.00
C GLU N 280 -26.58 -30.62 -2.72
N LEU N 281 -26.52 -31.46 -1.69
CA LEU N 281 -27.63 -32.32 -1.35
C LEU N 281 -28.80 -31.51 -0.81
N SER N 282 -29.97 -31.68 -1.41
CA SER N 282 -31.17 -31.00 -0.98
C SER N 282 -31.79 -31.74 0.20
N GLU N 283 -32.77 -31.08 0.84
CA GLU N 283 -33.43 -31.67 2.00
C GLU N 283 -34.10 -32.99 1.65
N GLU N 284 -34.70 -33.08 0.47
CA GLU N 284 -35.35 -34.32 0.06
C GLU N 284 -34.35 -35.46 -0.02
N ALA N 285 -33.18 -35.19 -0.60
CA ALA N 285 -32.15 -36.23 -0.70
C ALA N 285 -31.64 -36.63 0.67
N LEU N 286 -31.48 -35.66 1.56
CA LEU N 286 -30.98 -35.96 2.90
C LEU N 286 -31.95 -36.83 3.67
N ILE N 287 -33.26 -36.59 3.51
CA ILE N 287 -34.25 -37.38 4.21
C ILE N 287 -34.20 -38.83 3.74
N GLN N 288 -33.99 -39.02 2.43
CA GLN N 288 -33.88 -40.38 1.92
C GLN N 288 -32.67 -41.09 2.51
N ILE N 289 -31.57 -40.37 2.65
CA ILE N 289 -30.34 -40.95 3.20
C ILE N 289 -30.54 -41.38 4.64
N LEU N 290 -31.37 -40.66 5.37
CA LEU N 290 -31.61 -40.99 6.77
C LEU N 290 -32.28 -42.36 6.93
N LYS N 291 -33.19 -42.71 6.01
CA LYS N 291 -33.94 -43.95 6.11
C LYS N 291 -33.73 -44.95 4.98
N GLU N 292 -33.66 -44.52 3.73
CA GLU N 292 -33.60 -45.48 2.62
C GLU N 292 -32.36 -46.38 2.59
N PRO N 293 -31.14 -45.92 2.85
CA PRO N 293 -29.98 -46.83 2.79
C PRO N 293 -30.05 -47.96 3.80
N LYS N 294 -29.38 -49.06 3.46
CA LYS N 294 -29.33 -50.22 4.33
C LYS N 294 -28.59 -49.91 5.62
N ASN N 295 -27.59 -49.05 5.55
CA ASN N 295 -26.77 -48.65 6.70
C ASN N 295 -27.00 -47.18 7.01
N ALA N 296 -28.25 -46.75 6.89
CA ALA N 296 -28.63 -45.39 7.15
C ALA N 296 -28.40 -45.02 8.61
N LEU N 297 -28.28 -43.71 8.82
CA LEU N 297 -28.05 -43.17 10.16
C LEU N 297 -29.09 -43.64 11.16
N THR N 298 -30.37 -43.62 10.76
CA THR N 298 -31.42 -44.03 11.68
C THR N 298 -31.31 -45.51 12.01
N LYS N 299 -30.97 -46.33 11.03
CA LYS N 299 -30.83 -47.77 11.26
C LYS N 299 -29.67 -48.05 12.20
N GLN N 300 -28.61 -47.26 12.11
CA GLN N 300 -27.45 -47.46 12.98
C GLN N 300 -27.82 -47.24 14.43
N TYR N 301 -28.50 -46.14 14.72
CA TYR N 301 -28.90 -45.84 16.09
C TYR N 301 -29.93 -46.84 16.59
N GLN N 302 -30.83 -47.28 15.71
CA GLN N 302 -31.81 -48.28 16.11
C GLN N 302 -31.10 -49.56 16.52
N ALA N 303 -30.10 -49.97 15.74
CA ALA N 303 -29.34 -51.16 16.08
C ALA N 303 -28.58 -50.96 17.38
N LEU N 304 -28.05 -49.75 17.57
CA LEU N 304 -27.33 -49.42 18.79
C LEU N 304 -28.24 -49.57 20.01
N PHE N 305 -29.45 -49.02 19.91
CA PHE N 305 -30.43 -49.14 20.98
C PHE N 305 -30.94 -50.57 21.10
N ASN N 306 -31.15 -51.24 19.96
CA ASN N 306 -31.68 -52.60 19.96
C ASN N 306 -30.79 -53.56 20.72
N LEU N 307 -29.48 -53.45 20.55
CA LEU N 307 -28.59 -54.33 21.31
C LEU N 307 -28.54 -53.92 22.78
N GLU N 308 -29.08 -52.76 23.12
CA GLU N 308 -29.14 -52.24 24.47
C GLU N 308 -30.48 -52.55 25.13
N GLY N 309 -31.34 -53.33 24.47
CA GLY N 309 -32.64 -53.67 25.01
C GLY N 309 -33.72 -52.63 24.80
N VAL N 310 -33.46 -51.63 23.96
CA VAL N 310 -34.42 -50.55 23.71
C VAL N 310 -34.73 -50.47 22.22
N ASP N 311 -35.91 -49.94 21.92
CA ASP N 311 -36.41 -49.74 20.57
C ASP N 311 -36.44 -48.25 20.29
N LEU N 312 -35.90 -47.84 19.16
CA LEU N 312 -35.82 -46.44 18.76
C LEU N 312 -36.74 -46.19 17.58
N GLU N 313 -37.55 -45.13 17.69
CA GLU N 313 -38.48 -44.74 16.65
C GLU N 313 -38.26 -43.28 16.30
N PHE N 314 -38.14 -43.00 15.01
CA PHE N 314 -37.95 -41.65 14.49
C PHE N 314 -39.24 -41.23 13.79
N ARG N 315 -39.76 -40.08 14.17
CA ARG N 315 -40.96 -39.58 13.55
C ARG N 315 -40.62 -38.91 12.23
N ASP N 316 -41.62 -38.82 11.35
CA ASP N 316 -41.41 -38.24 10.03
C ASP N 316 -41.03 -36.77 10.14
N GLU N 317 -41.66 -36.03 11.04
CA GLU N 317 -41.35 -34.62 11.20
C GLU N 317 -39.91 -34.43 11.65
N ALA N 318 -39.41 -35.31 12.51
CA ALA N 318 -38.05 -35.20 13.01
C ALA N 318 -37.02 -35.27 11.89
N LEU N 319 -37.24 -36.16 10.92
CA LEU N 319 -36.30 -36.30 9.81
C LEU N 319 -36.22 -35.02 9.00
N ASP N 320 -37.35 -34.35 8.81
CA ASP N 320 -37.35 -33.11 8.06
C ASP N 320 -36.57 -32.03 8.80
N ALA N 321 -36.72 -31.97 10.12
CA ALA N 321 -35.99 -30.99 10.92
C ALA N 321 -34.50 -31.24 10.88
N ILE N 322 -34.10 -32.51 10.95
CA ILE N 322 -32.69 -32.85 10.93
C ILE N 322 -32.06 -32.42 9.61
N ALA N 323 -32.77 -32.65 8.51
CA ALA N 323 -32.25 -32.28 7.20
C ALA N 323 -32.08 -30.78 7.06
N LYS N 324 -33.02 -30.01 7.62
CA LYS N 324 -32.91 -28.55 7.55
C LYS N 324 -31.68 -28.08 8.30
N LYS N 325 -31.42 -28.65 9.48
CA LYS N 325 -30.26 -28.27 10.25
C LYS N 325 -28.97 -28.69 9.55
N ALA N 326 -28.97 -29.90 8.98
CA ALA N 326 -27.79 -30.40 8.30
C ALA N 326 -27.47 -29.57 7.06
N MET N 327 -28.49 -29.16 6.32
CA MET N 327 -28.29 -28.34 5.14
C MET N 327 -27.65 -27.01 5.50
N ALA N 328 -28.07 -26.44 6.63
CA ALA N 328 -27.51 -25.18 7.09
C ALA N 328 -26.03 -25.28 7.39
N ARG N 329 -25.60 -26.42 7.95
CA ARG N 329 -24.20 -26.61 8.30
C ARG N 329 -23.30 -26.57 7.08
N LYS N 330 -23.81 -26.94 5.92
CA LYS N 330 -23.05 -26.95 4.67
C LYS N 330 -21.90 -27.95 4.77
N THR N 331 -22.17 -29.06 5.44
CA THR N 331 -21.22 -30.15 5.62
C THR N 331 -21.64 -31.39 4.83
N GLY N 332 -22.70 -31.31 4.04
CA GLY N 332 -23.15 -32.45 3.28
C GLY N 332 -23.98 -33.40 4.13
N ALA N 333 -23.92 -34.67 3.76
CA ALA N 333 -24.65 -35.69 4.48
C ALA N 333 -24.00 -36.02 5.82
N ARG N 334 -22.70 -35.74 5.96
CA ARG N 334 -22.02 -35.99 7.22
C ARG N 334 -22.61 -35.17 8.35
N GLY N 335 -23.19 -34.02 8.03
CA GLY N 335 -23.81 -33.17 9.03
C GLY N 335 -24.90 -33.87 9.82
N LEU N 336 -25.58 -34.82 9.18
CA LEU N 336 -26.68 -35.54 9.82
C LEU N 336 -26.25 -36.18 11.14
N ARG N 337 -25.07 -36.80 11.15
CA ARG N 337 -24.59 -37.44 12.38
C ARG N 337 -24.44 -36.43 13.50
N SER N 338 -24.00 -35.21 13.18
CA SER N 338 -23.83 -34.19 14.19
C SER N 338 -25.15 -33.82 14.83
N ILE N 339 -26.20 -33.70 14.02
CA ILE N 339 -27.51 -33.33 14.54
C ILE N 339 -28.10 -34.44 15.39
N VAL N 340 -28.05 -35.67 14.89
CA VAL N 340 -28.62 -36.79 15.62
C VAL N 340 -27.87 -37.02 16.92
N GLU N 341 -26.54 -36.97 16.88
CA GLU N 341 -25.75 -37.19 18.09
C GLU N 341 -26.11 -36.21 19.19
N ALA N 342 -26.32 -34.95 18.84
CA ALA N 342 -26.65 -33.93 19.82
C ALA N 342 -28.03 -34.16 20.42
N ALA N 343 -28.98 -34.59 19.61
CA ALA N 343 -30.34 -34.81 20.07
C ALA N 343 -30.42 -35.97 21.06
N LEU N 344 -29.69 -37.05 20.79
CA LEU N 344 -29.71 -38.24 21.62
C LEU N 344 -28.54 -38.31 22.60
N LEU N 345 -27.79 -37.22 22.77
CA LEU N 345 -26.66 -37.22 23.68
C LEU N 345 -27.11 -37.48 25.10
N ASP N 346 -28.11 -36.73 25.56
CA ASP N 346 -28.58 -36.89 26.93
C ASP N 346 -29.27 -38.24 27.11
N THR N 347 -30.07 -38.64 26.12
CA THR N 347 -30.77 -39.92 26.21
C THR N 347 -29.80 -41.07 26.31
N MET N 348 -28.75 -41.09 25.48
CA MET N 348 -27.80 -42.18 25.52
C MET N 348 -27.03 -42.19 26.82
N TYR N 349 -26.75 -41.01 27.36
CA TYR N 349 -26.00 -40.92 28.61
C TYR N 349 -26.75 -41.56 29.77
N ASP N 350 -28.08 -41.40 29.83
CA ASP N 350 -28.87 -41.92 30.93
C ASP N 350 -29.78 -43.09 30.57
N LEU N 351 -29.69 -43.62 29.36
CA LEU N 351 -30.52 -44.77 29.03
C LEU N 351 -30.04 -46.04 29.70
N PRO N 352 -28.73 -46.33 29.75
CA PRO N 352 -28.29 -47.55 30.46
C PRO N 352 -28.69 -47.58 31.92
N SER N 353 -28.64 -46.43 32.59
CA SER N 353 -29.03 -46.39 33.99
C SER N 353 -30.53 -46.58 34.14
N MET N 354 -31.30 -45.99 33.22
CA MET N 354 -32.74 -46.16 33.25
C MET N 354 -33.07 -47.63 33.03
N GLU N 355 -34.02 -48.12 33.80
CA GLU N 355 -34.46 -49.51 33.73
C GLU N 355 -35.94 -49.57 33.40
N ASP N 356 -36.34 -50.70 32.84
CA ASP N 356 -37.71 -50.97 32.43
C ASP N 356 -38.15 -50.11 31.25
N VAL N 357 -37.21 -49.59 30.47
CA VAL N 357 -37.51 -48.77 29.30
C VAL N 357 -37.38 -49.65 28.06
N GLU N 358 -38.47 -49.77 27.31
CA GLU N 358 -38.50 -50.59 26.11
C GLU N 358 -38.54 -49.81 24.80
N LYS N 359 -38.97 -48.55 24.81
CA LYS N 359 -39.08 -47.79 23.58
C LYS N 359 -38.80 -46.31 23.80
N VAL N 360 -38.22 -45.68 22.79
CA VAL N 360 -37.87 -44.26 22.78
C VAL N 360 -38.42 -43.65 21.50
N VAL N 361 -39.12 -42.54 21.63
CA VAL N 361 -39.71 -41.81 20.50
C VAL N 361 -39.12 -40.41 20.45
N ILE N 362 -38.70 -40.01 19.26
CA ILE N 362 -38.12 -38.70 19.02
C ILE N 362 -39.11 -37.87 18.19
N ASP N 363 -39.59 -36.78 18.78
CA ASP N 363 -40.49 -35.87 18.12
C ASP N 363 -39.69 -34.74 17.47
N GLU N 364 -40.40 -33.89 16.72
CA GLU N 364 -39.73 -32.77 16.07
C GLU N 364 -39.15 -31.79 17.08
N SER N 365 -39.83 -31.61 18.21
CA SER N 365 -39.35 -30.69 19.23
C SER N 365 -38.00 -31.10 19.78
N VAL N 366 -37.75 -32.41 19.89
CA VAL N 366 -36.50 -32.90 20.45
C VAL N 366 -35.30 -32.40 19.64
N ILE N 367 -35.45 -32.28 18.33
CA ILE N 367 -34.34 -31.82 17.51
C ILE N 367 -34.04 -30.36 17.78
N ASP N 368 -35.08 -29.57 18.01
CA ASP N 368 -34.91 -28.15 18.30
C ASP N 368 -34.41 -27.94 19.73
N GLY N 369 -34.70 -28.89 20.63
CA GLY N 369 -34.26 -28.85 22.00
C GLY N 369 -35.27 -28.38 23.03
N GLN N 370 -36.47 -27.97 22.60
CA GLN N 370 -37.46 -27.51 23.59
C GLN N 370 -37.95 -28.66 24.46
N SER N 371 -38.16 -29.82 23.86
CA SER N 371 -38.63 -30.99 24.60
C SER N 371 -37.55 -32.05 24.74
N GLU N 372 -37.86 -33.09 25.49
CA GLU N 372 -36.97 -34.24 25.62
C GLU N 372 -37.74 -35.54 25.38
N PRO N 373 -37.07 -36.54 24.79
CA PRO N 373 -37.76 -37.55 24.00
C PRO N 373 -38.62 -38.48 24.85
N LEU N 374 -39.87 -38.67 24.46
CA LEU N 374 -40.77 -39.55 25.20
C LEU N 374 -40.15 -40.94 25.35
N LEU N 375 -40.25 -41.49 26.56
CA LEU N 375 -39.74 -42.82 26.88
C LEU N 375 -40.87 -43.70 27.40
N ILE N 376 -41.07 -44.84 26.76
CA ILE N 376 -42.09 -45.79 27.18
C ILE N 376 -41.46 -46.69 28.26
N TYR N 377 -42.09 -46.74 29.42
CA TYR N 377 -41.61 -47.52 30.55
C TYR N 377 -42.20 -48.92 30.62
N GLY N 378 -43.03 -49.31 29.67
CA GLY N 378 -43.61 -50.64 29.69
C GLY N 378 -42.57 -51.73 29.52
#